data_1T3K
#
_entry.id   1T3K
#
_cell.length_a   1.000
_cell.length_b   1.000
_cell.length_c   1.000
_cell.angle_alpha   90.00
_cell.angle_beta   90.00
_cell.angle_gamma   90.00
#
_symmetry.space_group_name_H-M   'P 1'
#
loop_
_entity.id
_entity.type
_entity.pdbx_description
1 polymer 'Dual-specificity tyrosine phosphatase'
2 non-polymer 'ZINC ION'
#
_entity_poly.entity_id   1
_entity_poly.type   'polypeptide(L)'
_entity_poly.pdbx_seq_one_letter_code
;MGSSHHHHHHSSGLVPRGSHMAMARSISYITSTQLLPLHRRPNIAIIDVRDEERNYDGHIAGSLHYASGSFDDKISHLVQ
NVKDKDTLVFHSALSQVRGPTCARRLVNYLDEKKEDTGIKNIMILERGFNGWEASGKPVCRCAEVPCKGDCA
;
_entity_poly.pdbx_strand_id   A
#
# COMPACT_ATOMS: atom_id res chain seq x y z
N MET A 21 -0.15 0.81 24.01
CA MET A 21 0.55 -0.11 24.95
C MET A 21 1.12 -1.33 24.22
N ALA A 22 2.33 -1.19 23.71
CA ALA A 22 2.98 -2.28 22.98
C ALA A 22 2.17 -2.67 21.76
N MET A 23 2.31 -1.91 20.68
CA MET A 23 1.59 -2.19 19.45
C MET A 23 2.21 -1.44 18.27
N ALA A 24 3.53 -1.31 18.29
CA ALA A 24 4.25 -0.63 17.22
C ALA A 24 5.68 -1.15 17.09
N ARG A 25 5.82 -2.27 16.40
CA ARG A 25 7.14 -2.88 16.20
C ARG A 25 7.27 -3.45 14.79
N SER A 26 7.22 -2.56 13.80
CA SER A 26 7.33 -2.98 12.40
C SER A 26 6.19 -3.91 12.02
N ILE A 27 5.85 -3.95 10.74
CA ILE A 27 4.76 -4.81 10.27
C ILE A 27 3.48 -4.52 11.03
N SER A 28 3.12 -3.25 11.13
CA SER A 28 1.92 -2.86 11.86
C SER A 28 1.23 -1.63 11.26
N TYR A 29 -0.02 -1.42 11.66
CA TYR A 29 -0.81 -0.28 11.18
C TYR A 29 -0.57 0.95 12.03
N ILE A 30 -0.78 2.13 11.44
CA ILE A 30 -0.59 3.38 12.17
C ILE A 30 -1.85 4.24 12.08
N THR A 31 -2.25 4.81 13.21
CA THR A 31 -3.44 5.66 13.24
C THR A 31 -3.13 7.03 12.64
N SER A 32 -4.17 7.82 12.40
CA SER A 32 -4.01 9.16 11.82
C SER A 32 -2.87 9.91 12.51
N THR A 33 -2.86 9.86 13.83
CA THR A 33 -1.83 10.52 14.63
C THR A 33 -0.54 9.73 14.61
N GLN A 34 -0.64 8.40 14.61
CA GLN A 34 0.56 7.56 14.61
C GLN A 34 1.44 7.93 13.43
N LEU A 35 0.83 8.55 12.41
CA LEU A 35 1.56 8.97 11.25
C LEU A 35 2.38 10.23 11.55
N LEU A 36 1.96 11.01 12.55
CA LEU A 36 2.67 12.25 12.89
C LEU A 36 4.06 11.96 13.47
N PRO A 37 4.16 11.12 14.52
CA PRO A 37 5.44 10.79 15.16
C PRO A 37 6.46 10.20 14.19
N LEU A 38 5.98 9.54 13.14
CA LEU A 38 6.86 8.94 12.16
C LEU A 38 7.05 9.85 10.97
N HIS A 39 6.17 9.73 9.97
CA HIS A 39 6.26 10.54 8.75
C HIS A 39 7.71 10.69 8.32
N ARG A 40 8.35 9.55 8.12
CA ARG A 40 9.75 9.50 7.72
C ARG A 40 10.04 10.54 6.63
N ARG A 41 9.32 10.39 5.52
CA ARG A 41 9.43 11.29 4.36
C ARG A 41 8.91 10.54 3.12
N PRO A 42 9.04 11.11 1.91
CA PRO A 42 8.55 10.48 0.67
C PRO A 42 8.94 8.99 0.54
N ASN A 43 9.86 8.53 1.38
CA ASN A 43 10.28 7.13 1.35
C ASN A 43 9.10 6.17 1.54
N ILE A 44 7.93 6.71 1.87
CA ILE A 44 6.75 5.87 2.09
C ILE A 44 5.81 5.86 0.89
N ALA A 45 5.20 4.69 0.66
CA ALA A 45 4.26 4.49 -0.43
C ALA A 45 3.36 3.30 -0.11
N ILE A 46 2.12 3.32 -0.58
CA ILE A 46 1.18 2.24 -0.28
C ILE A 46 0.98 1.31 -1.47
N ILE A 47 1.19 0.01 -1.25
CA ILE A 47 1.02 -0.99 -2.29
C ILE A 47 -0.37 -1.63 -2.22
N ASP A 48 -0.96 -1.84 -3.39
CA ASP A 48 -2.26 -2.47 -3.50
C ASP A 48 -2.24 -3.47 -4.65
N VAL A 49 -3.09 -4.49 -4.59
CA VAL A 49 -3.14 -5.50 -5.64
C VAL A 49 -4.56 -6.02 -5.86
N ARG A 50 -4.97 -6.08 -7.13
CA ARG A 50 -6.30 -6.55 -7.49
C ARG A 50 -6.54 -6.47 -9.00
N ASP A 51 -5.93 -5.47 -9.65
CA ASP A 51 -6.06 -5.25 -11.08
C ASP A 51 -5.85 -3.77 -11.41
N GLU A 52 -6.02 -2.92 -10.41
CA GLU A 52 -5.84 -1.47 -10.57
C GLU A 52 -7.03 -0.85 -11.31
N GLU A 53 -7.28 -1.30 -12.54
CA GLU A 53 -8.37 -0.78 -13.34
C GLU A 53 -9.74 -1.22 -12.79
N ARG A 54 -9.78 -2.40 -12.18
CA ARG A 54 -11.02 -2.93 -11.64
C ARG A 54 -11.31 -2.41 -10.23
N ASN A 55 -10.30 -1.88 -9.55
CA ASN A 55 -10.48 -1.39 -8.20
C ASN A 55 -11.01 0.04 -8.16
N TYR A 56 -10.36 0.93 -8.88
CA TYR A 56 -10.75 2.34 -8.91
C TYR A 56 -12.13 2.55 -9.52
N ASP A 57 -12.33 2.05 -10.73
CA ASP A 57 -13.61 2.22 -11.41
C ASP A 57 -13.90 3.71 -11.63
N GLY A 58 -12.84 4.51 -11.61
CA GLY A 58 -12.96 5.95 -11.78
C GLY A 58 -11.63 6.65 -11.57
N HIS A 59 -11.50 7.34 -10.44
CA HIS A 59 -10.26 8.02 -10.12
C HIS A 59 -9.86 7.65 -8.69
N ILE A 60 -8.76 8.19 -8.20
CA ILE A 60 -8.32 7.87 -6.85
C ILE A 60 -7.18 8.76 -6.37
N ALA A 61 -6.69 8.44 -5.19
CA ALA A 61 -5.59 9.17 -4.55
C ALA A 61 -4.64 8.23 -3.81
N GLY A 62 -3.35 8.55 -3.81
CA GLY A 62 -2.36 7.71 -3.14
C GLY A 62 -2.53 6.22 -3.39
N SER A 63 -1.52 5.47 -2.97
CA SER A 63 -1.50 4.01 -3.11
C SER A 63 -1.63 3.57 -4.56
N LEU A 64 -0.75 2.65 -4.97
CA LEU A 64 -0.76 2.14 -6.34
C LEU A 64 -1.15 0.67 -6.37
N HIS A 65 -2.20 0.35 -7.13
CA HIS A 65 -2.69 -1.02 -7.26
C HIS A 65 -1.98 -1.73 -8.41
N TYR A 66 -1.76 -3.03 -8.26
CA TYR A 66 -1.10 -3.82 -9.30
C TYR A 66 -1.71 -5.21 -9.44
N ALA A 67 -1.34 -5.89 -10.51
CA ALA A 67 -1.83 -7.24 -10.81
C ALA A 67 -1.39 -8.25 -9.76
N SER A 68 -1.43 -9.52 -10.13
CA SER A 68 -1.04 -10.61 -9.26
C SER A 68 -0.92 -11.92 -10.03
N GLY A 69 -0.62 -11.80 -11.32
CA GLY A 69 -0.46 -12.98 -12.15
C GLY A 69 0.79 -13.76 -11.79
N SER A 70 1.74 -13.06 -11.15
CA SER A 70 2.98 -13.68 -10.73
C SER A 70 3.06 -13.72 -9.21
N PHE A 71 2.80 -12.57 -8.58
CA PHE A 71 2.86 -12.46 -7.11
C PHE A 71 4.30 -12.44 -6.62
N ASP A 72 5.20 -12.79 -7.49
CA ASP A 72 6.61 -12.81 -7.15
C ASP A 72 7.42 -11.92 -8.08
N ASP A 73 6.87 -11.63 -9.25
CA ASP A 73 7.55 -10.77 -10.20
C ASP A 73 7.30 -9.31 -9.87
N LYS A 74 6.56 -9.06 -8.79
CA LYS A 74 6.25 -7.69 -8.40
C LYS A 74 7.10 -7.22 -7.22
N ILE A 75 7.54 -8.15 -6.39
CA ILE A 75 8.34 -7.82 -5.22
C ILE A 75 9.84 -7.88 -5.52
N SER A 76 10.22 -8.49 -6.64
CA SER A 76 11.63 -8.56 -7.05
C SER A 76 11.94 -7.28 -7.75
N HIS A 77 10.85 -6.77 -8.24
CA HIS A 77 10.77 -5.54 -8.95
C HIS A 77 10.92 -4.39 -7.97
N LEU A 78 10.27 -4.55 -6.82
CA LEU A 78 10.35 -3.56 -5.75
C LEU A 78 11.66 -3.75 -4.98
N VAL A 79 12.12 -4.99 -4.92
CA VAL A 79 13.37 -5.31 -4.25
C VAL A 79 14.54 -4.73 -5.05
N GLN A 80 14.40 -4.79 -6.37
CA GLN A 80 15.42 -4.26 -7.26
C GLN A 80 15.43 -2.74 -7.23
N ASN A 81 14.30 -2.15 -6.86
CA ASN A 81 14.18 -0.70 -6.79
C ASN A 81 13.86 -0.24 -5.37
N VAL A 82 14.55 -0.82 -4.39
CA VAL A 82 14.33 -0.47 -2.99
C VAL A 82 14.56 1.03 -2.77
N LYS A 83 15.46 1.60 -3.55
CA LYS A 83 15.78 3.02 -3.45
C LYS A 83 16.32 3.38 -2.07
N ASP A 84 16.76 2.38 -1.31
CA ASP A 84 17.30 2.61 0.02
C ASP A 84 16.20 3.08 0.96
N LYS A 85 15.69 4.28 0.69
CA LYS A 85 14.61 4.86 1.49
C LYS A 85 13.28 4.28 1.04
N ASP A 86 12.69 3.43 1.87
CA ASP A 86 11.42 2.80 1.51
C ASP A 86 10.58 2.34 2.69
N THR A 87 9.39 2.91 2.77
CA THR A 87 8.39 2.56 3.76
C THR A 87 7.17 2.09 2.96
N LEU A 88 6.59 0.94 3.29
CA LEU A 88 5.47 0.45 2.51
C LEU A 88 4.23 0.20 3.36
N VAL A 89 3.11 0.73 2.89
CA VAL A 89 1.82 0.54 3.55
C VAL A 89 0.96 -0.30 2.62
N PHE A 90 0.40 -1.40 3.11
CA PHE A 90 -0.38 -2.25 2.21
C PHE A 90 -1.88 -2.06 2.38
N HIS A 91 -2.61 -2.39 1.30
CA HIS A 91 -4.07 -2.30 1.25
C HIS A 91 -4.54 -1.00 0.58
N SER A 92 -4.34 0.13 1.25
CA SER A 92 -4.74 1.45 0.74
C SER A 92 -6.06 1.90 1.35
N ALA A 93 -6.76 1.00 2.02
CA ALA A 93 -8.03 1.33 2.65
C ALA A 93 -7.93 1.26 4.17
N LEU A 94 -8.08 0.05 4.72
CA LEU A 94 -8.00 -0.13 6.18
C LEU A 94 -7.94 -1.60 6.55
N SER A 95 -7.26 -2.40 5.71
CA SER A 95 -7.12 -3.83 5.96
C SER A 95 -8.44 -4.45 6.42
N GLN A 96 -9.52 -4.10 5.72
CA GLN A 96 -10.84 -4.62 6.06
C GLN A 96 -10.85 -6.14 6.11
N VAL A 97 -9.90 -6.76 5.39
CA VAL A 97 -9.80 -8.22 5.35
C VAL A 97 -8.66 -8.67 4.46
N ARG A 98 -8.35 -7.87 3.45
CA ARG A 98 -7.28 -8.19 2.51
C ARG A 98 -5.89 -7.92 3.09
N GLY A 99 -5.80 -7.01 4.05
CA GLY A 99 -4.51 -6.71 4.66
C GLY A 99 -3.66 -7.95 4.86
N PRO A 100 -4.18 -8.94 5.61
CA PRO A 100 -3.47 -10.19 5.85
C PRO A 100 -3.10 -10.84 4.53
N THR A 101 -3.96 -10.66 3.53
CA THR A 101 -3.72 -11.19 2.20
C THR A 101 -2.49 -10.50 1.60
N CYS A 102 -2.36 -9.21 1.90
CA CYS A 102 -1.23 -8.43 1.42
C CYS A 102 0.06 -9.04 1.93
N ALA A 103 0.06 -9.40 3.20
CA ALA A 103 1.22 -10.03 3.80
C ALA A 103 1.36 -11.46 3.28
N ARG A 104 0.23 -12.07 2.94
CA ARG A 104 0.24 -13.43 2.41
C ARG A 104 1.10 -13.49 1.16
N ARG A 105 0.88 -12.56 0.24
CA ARG A 105 1.67 -12.52 -0.99
C ARG A 105 3.09 -12.09 -0.67
N LEU A 106 3.26 -11.26 0.36
CA LEU A 106 4.61 -10.85 0.75
C LEU A 106 5.40 -12.09 1.08
N VAL A 107 4.72 -13.01 1.77
CA VAL A 107 5.30 -14.29 2.15
C VAL A 107 5.58 -15.15 0.91
N ASN A 108 4.70 -15.06 -0.09
CA ASN A 108 4.86 -15.84 -1.31
C ASN A 108 6.19 -15.53 -1.99
N TYR A 109 6.47 -14.24 -2.18
CA TYR A 109 7.73 -13.87 -2.81
C TYR A 109 8.88 -14.20 -1.88
N LEU A 110 8.75 -13.81 -0.62
CA LEU A 110 9.81 -14.09 0.35
C LEU A 110 10.10 -15.59 0.35
N ASP A 111 9.06 -16.37 0.05
CA ASP A 111 9.17 -17.82 -0.03
C ASP A 111 10.01 -18.20 -1.25
N GLU A 112 9.80 -17.47 -2.35
CA GLU A 112 10.52 -17.73 -3.59
C GLU A 112 12.01 -17.41 -3.43
N LYS A 113 12.30 -16.35 -2.68
CA LYS A 113 13.68 -15.94 -2.47
C LYS A 113 14.12 -16.21 -1.02
N LYS A 114 13.63 -15.37 -0.10
CA LYS A 114 13.94 -15.48 1.33
C LYS A 114 14.36 -14.11 1.89
N GLU A 115 13.81 -13.75 3.05
CA GLU A 115 14.13 -12.47 3.68
C GLU A 115 14.02 -11.32 2.68
N ASP A 116 13.05 -11.44 1.77
CA ASP A 116 12.84 -10.42 0.74
C ASP A 116 12.65 -9.03 1.37
N THR A 117 11.39 -8.65 1.59
CA THR A 117 11.06 -7.34 2.17
C THR A 117 11.96 -6.24 1.63
N GLY A 118 11.75 -5.89 0.37
CA GLY A 118 12.53 -4.84 -0.23
C GLY A 118 12.28 -3.50 0.45
N ILE A 119 11.27 -3.48 1.29
CA ILE A 119 10.89 -2.27 2.03
C ILE A 119 11.62 -2.18 3.36
N LYS A 120 11.97 -0.95 3.71
CA LYS A 120 12.67 -0.68 4.96
C LYS A 120 11.74 -0.89 6.16
N ASN A 121 10.46 -0.58 5.96
CA ASN A 121 9.48 -0.72 7.02
C ASN A 121 8.08 -0.95 6.45
N ILE A 122 7.43 -2.05 6.87
CA ILE A 122 6.09 -2.36 6.39
C ILE A 122 5.02 -2.13 7.47
N MET A 123 4.02 -1.34 7.09
CA MET A 123 2.91 -1.00 7.97
C MET A 123 1.60 -0.98 7.18
N ILE A 124 0.47 -0.87 7.87
CA ILE A 124 -0.81 -0.81 7.20
C ILE A 124 -1.56 0.48 7.57
N LEU A 125 -2.21 1.07 6.57
CA LEU A 125 -2.93 2.33 6.76
C LEU A 125 -4.22 2.15 7.55
N GLU A 126 -4.46 3.09 8.45
CA GLU A 126 -5.65 3.07 9.30
C GLU A 126 -6.85 3.65 8.54
N ARG A 127 -6.58 4.63 7.69
CA ARG A 127 -7.63 5.28 6.92
C ARG A 127 -7.53 4.93 5.43
N GLY A 128 -6.32 5.02 4.89
CA GLY A 128 -6.13 4.72 3.48
C GLY A 128 -7.01 5.58 2.59
N PHE A 129 -8.21 5.09 2.29
CA PHE A 129 -9.17 5.81 1.48
C PHE A 129 -10.59 5.34 1.77
N ASN A 130 -10.76 4.74 2.95
CA ASN A 130 -12.06 4.23 3.37
C ASN A 130 -13.05 5.37 3.58
N GLY A 131 -12.56 6.47 4.14
CA GLY A 131 -13.43 7.61 4.36
C GLY A 131 -13.90 8.23 3.07
N TRP A 132 -13.01 8.28 2.08
CA TRP A 132 -13.36 8.86 0.78
C TRP A 132 -14.38 8.00 0.06
N GLU A 133 -14.12 6.71 -0.06
CA GLU A 133 -15.05 5.82 -0.74
C GLU A 133 -16.33 5.66 0.08
N ALA A 134 -16.16 5.34 1.35
CA ALA A 134 -17.27 5.12 2.27
C ALA A 134 -18.08 6.38 2.61
N SER A 135 -17.41 7.46 2.99
CA SER A 135 -18.12 8.69 3.36
C SER A 135 -17.55 9.94 2.71
N GLY A 136 -16.98 9.78 1.53
CA GLY A 136 -16.41 10.91 0.82
C GLY A 136 -16.69 10.83 -0.66
N LYS A 137 -17.97 10.74 -1.01
CA LYS A 137 -18.37 10.61 -2.41
C LYS A 137 -17.84 9.29 -2.93
N PRO A 138 -18.43 8.76 -4.02
CA PRO A 138 -17.99 7.48 -4.59
C PRO A 138 -16.46 7.35 -4.59
N VAL A 139 -15.81 7.72 -5.70
CA VAL A 139 -14.36 7.66 -5.79
C VAL A 139 -13.83 8.88 -6.53
N CYS A 140 -12.61 9.33 -6.21
CA CYS A 140 -12.04 10.51 -6.86
C CYS A 140 -12.55 10.67 -8.29
N ARG A 141 -12.83 11.90 -8.69
CA ARG A 141 -13.35 12.17 -10.03
C ARG A 141 -12.34 12.95 -10.86
N CYS A 142 -12.29 14.26 -10.68
CA CYS A 142 -11.36 15.12 -11.42
C CYS A 142 -11.30 14.73 -12.89
N ALA A 143 -10.24 15.17 -13.57
CA ALA A 143 -10.07 14.87 -15.00
C ALA A 143 -8.61 15.02 -15.41
N GLU A 144 -7.70 14.73 -14.47
CA GLU A 144 -6.27 14.82 -14.73
C GLU A 144 -5.63 13.45 -14.75
N VAL A 145 -4.32 13.41 -15.00
CA VAL A 145 -3.57 12.16 -15.04
C VAL A 145 -2.83 11.92 -13.74
N PRO A 146 -2.00 12.88 -13.30
CA PRO A 146 -1.22 12.75 -12.07
C PRO A 146 -1.99 13.24 -10.83
N CYS A 147 -3.32 13.37 -10.97
CA CYS A 147 -4.16 13.82 -9.87
C CYS A 147 -3.94 12.97 -8.62
N LYS A 148 -3.53 13.63 -7.53
CA LYS A 148 -3.33 12.94 -6.28
C LYS A 148 -2.26 11.88 -6.39
N GLY A 149 -1.97 11.26 -5.25
CA GLY A 149 -0.98 10.19 -5.22
C GLY A 149 -1.24 9.18 -6.32
N ASP A 150 -2.39 8.52 -6.26
CA ASP A 150 -2.75 7.57 -7.28
C ASP A 150 -4.23 7.69 -7.60
N CYS A 151 -4.51 8.08 -8.83
CA CYS A 151 -5.85 8.25 -9.34
C CYS A 151 -6.08 7.40 -10.58
N ALA A 152 -5.40 6.25 -10.63
CA ALA A 152 -5.50 5.34 -11.77
C ALA A 152 -4.64 5.82 -12.93
N MET A 21 0.56 0.00 26.19
CA MET A 21 0.90 -1.44 25.97
C MET A 21 -0.23 -2.16 25.26
N ALA A 22 -0.15 -3.49 25.22
CA ALA A 22 -1.17 -4.30 24.56
C ALA A 22 -1.20 -4.05 23.06
N MET A 23 -0.31 -4.72 22.33
CA MET A 23 -0.23 -4.57 20.89
C MET A 23 0.56 -5.70 20.25
N ALA A 24 -0.07 -6.42 19.33
CA ALA A 24 0.58 -7.54 18.65
C ALA A 24 1.09 -7.13 17.28
N ARG A 25 1.38 -8.12 16.44
CA ARG A 25 1.89 -7.86 15.08
C ARG A 25 3.33 -7.37 15.13
N SER A 26 4.07 -7.62 14.05
CA SER A 26 5.46 -7.20 13.96
C SER A 26 5.58 -5.85 13.26
N ILE A 27 4.96 -5.72 12.09
CA ILE A 27 4.99 -4.48 11.33
C ILE A 27 4.56 -3.29 12.20
N SER A 28 4.53 -2.09 11.63
CA SER A 28 4.14 -0.92 12.39
C SER A 28 3.02 -0.13 11.70
N TYR A 29 1.98 0.17 12.43
CA TYR A 29 0.84 0.94 11.91
C TYR A 29 1.04 2.42 12.17
N ILE A 30 0.43 3.27 11.34
CA ILE A 30 0.56 4.70 11.51
C ILE A 30 -0.80 5.40 11.60
N THR A 31 -0.93 6.28 12.59
CA THR A 31 -2.15 7.05 12.79
C THR A 31 -2.05 8.42 12.15
N SER A 32 -3.17 9.14 12.10
CA SER A 32 -3.18 10.47 11.52
C SER A 32 -2.27 11.40 12.34
N THR A 33 -2.31 11.22 13.65
CA THR A 33 -1.49 12.00 14.57
C THR A 33 -0.05 11.53 14.54
N GLN A 34 0.13 10.22 14.37
CA GLN A 34 1.47 9.66 14.33
C GLN A 34 2.27 10.35 13.23
N LEU A 35 1.56 10.96 12.28
CA LEU A 35 2.18 11.70 11.21
C LEU A 35 2.72 13.04 11.71
N LEU A 36 2.10 13.58 12.77
CA LEU A 36 2.55 14.88 13.31
C LEU A 36 4.02 14.82 13.73
N PRO A 37 4.40 13.85 14.58
CA PRO A 37 5.77 13.71 15.06
C PRO A 37 6.67 13.00 14.04
N LEU A 38 6.14 11.94 13.44
CA LEU A 38 6.90 11.18 12.44
C LEU A 38 7.32 12.06 11.26
N HIS A 39 6.57 13.13 11.04
CA HIS A 39 6.86 14.07 9.95
C HIS A 39 6.49 13.48 8.59
N ARG A 40 5.93 12.28 8.58
CA ARG A 40 5.52 11.60 7.35
C ARG A 40 6.67 10.80 6.72
N ARG A 41 7.90 11.23 6.98
CA ARG A 41 9.08 10.56 6.44
C ARG A 41 9.06 10.57 4.90
N PRO A 42 10.13 11.11 4.26
CA PRO A 42 10.21 11.16 2.80
C PRO A 42 10.08 9.79 2.16
N ASN A 43 10.94 8.86 2.58
CA ASN A 43 10.92 7.50 2.06
C ASN A 43 9.64 6.77 2.48
N ILE A 44 8.50 7.20 1.96
CA ILE A 44 7.21 6.59 2.31
C ILE A 44 6.32 6.34 1.09
N ALA A 45 5.67 5.18 1.09
CA ALA A 45 4.75 4.79 0.02
C ALA A 45 3.77 3.74 0.52
N ILE A 46 2.55 3.78 0.03
CA ILE A 46 1.53 2.83 0.45
C ILE A 46 1.24 1.75 -0.61
N ILE A 47 1.20 0.49 -0.16
CA ILE A 47 0.90 -0.63 -1.03
C ILE A 47 -0.59 -0.97 -0.97
N ASP A 48 -1.19 -1.19 -2.13
CA ASP A 48 -2.61 -1.51 -2.20
C ASP A 48 -2.85 -2.72 -3.12
N VAL A 49 -4.03 -3.33 -2.98
CA VAL A 49 -4.40 -4.48 -3.78
C VAL A 49 -5.87 -4.43 -4.17
N ARG A 50 -6.19 -4.79 -5.42
CA ARG A 50 -7.57 -4.78 -5.88
C ARG A 50 -7.72 -5.47 -7.23
N ASP A 51 -6.77 -5.24 -8.13
CA ASP A 51 -6.79 -5.86 -9.47
C ASP A 51 -7.62 -5.05 -10.47
N GLU A 52 -8.13 -5.73 -11.50
CA GLU A 52 -8.94 -5.12 -12.55
C GLU A 52 -9.80 -3.94 -12.07
N GLU A 53 -10.46 -4.12 -10.93
CA GLU A 53 -11.34 -3.08 -10.39
C GLU A 53 -10.59 -1.77 -10.16
N ARG A 54 -9.29 -1.86 -9.93
CA ARG A 54 -8.46 -0.70 -9.66
C ARG A 54 -7.97 -0.05 -10.95
N ASN A 55 -7.43 -0.86 -11.85
CA ASN A 55 -6.87 -0.36 -13.09
C ASN A 55 -7.91 -0.15 -14.20
N TYR A 56 -8.89 -1.04 -14.27
CA TYR A 56 -9.91 -0.97 -15.32
C TYR A 56 -11.05 -0.01 -15.01
N ASP A 57 -11.59 -0.07 -13.80
CA ASP A 57 -12.70 0.79 -13.41
C ASP A 57 -12.36 1.69 -12.24
N GLY A 58 -11.19 2.31 -12.31
CA GLY A 58 -10.77 3.21 -11.24
C GLY A 58 -9.44 3.88 -11.52
N HIS A 59 -9.27 5.09 -10.97
CA HIS A 59 -8.02 5.83 -11.15
C HIS A 59 -7.37 6.09 -9.79
N ILE A 60 -7.87 5.43 -8.74
CA ILE A 60 -7.33 5.60 -7.39
C ILE A 60 -5.80 5.59 -7.44
N ALA A 61 -5.27 6.78 -7.61
CA ALA A 61 -3.86 7.03 -7.75
C ALA A 61 -3.22 7.44 -6.43
N GLY A 62 -2.05 6.87 -6.16
CA GLY A 62 -1.32 7.20 -4.94
C GLY A 62 0.14 6.78 -5.01
N SER A 63 0.50 5.70 -4.33
CA SER A 63 1.88 5.22 -4.32
C SER A 63 2.06 3.98 -5.20
N LEU A 64 1.99 2.79 -4.61
CA LEU A 64 2.17 1.56 -5.37
C LEU A 64 1.01 0.58 -5.14
N HIS A 65 0.26 0.31 -6.20
CA HIS A 65 -0.87 -0.61 -6.12
C HIS A 65 -0.74 -1.74 -7.14
N TYR A 66 -1.26 -2.91 -6.76
CA TYR A 66 -1.25 -4.08 -7.63
C TYR A 66 -2.38 -5.04 -7.25
N ALA A 67 -2.22 -6.32 -7.54
CA ALA A 67 -3.25 -7.31 -7.24
C ALA A 67 -2.70 -8.73 -7.31
N SER A 68 -3.60 -9.70 -7.26
CA SER A 68 -3.19 -11.11 -7.33
C SER A 68 -3.25 -11.62 -8.77
N GLY A 69 -3.35 -10.69 -9.70
CA GLY A 69 -3.37 -11.04 -11.10
C GLY A 69 -1.98 -10.99 -11.69
N SER A 70 -1.10 -10.26 -11.00
CA SER A 70 0.28 -10.11 -11.41
C SER A 70 1.16 -9.93 -10.18
N PHE A 71 0.77 -10.57 -9.07
CA PHE A 71 1.51 -10.48 -7.83
C PHE A 71 2.95 -10.95 -8.06
N ASP A 72 3.12 -11.77 -9.08
CA ASP A 72 4.43 -12.29 -9.42
C ASP A 72 5.10 -11.45 -10.50
N ASP A 73 4.82 -10.15 -10.49
CA ASP A 73 5.40 -9.25 -11.48
C ASP A 73 6.09 -8.06 -10.83
N LYS A 74 5.95 -7.91 -9.50
CA LYS A 74 6.59 -6.78 -8.82
C LYS A 74 7.33 -7.25 -7.57
N ILE A 75 7.57 -8.55 -7.50
CA ILE A 75 8.25 -9.13 -6.36
C ILE A 75 9.75 -8.94 -6.47
N SER A 76 10.28 -9.40 -7.59
CA SER A 76 11.70 -9.27 -7.86
C SER A 76 12.04 -7.84 -8.22
N HIS A 77 10.99 -7.06 -8.40
CA HIS A 77 11.11 -5.65 -8.72
C HIS A 77 11.54 -4.87 -7.49
N LEU A 78 10.80 -5.09 -6.40
CA LEU A 78 11.11 -4.44 -5.14
C LEU A 78 12.42 -4.99 -4.60
N VAL A 79 12.63 -6.27 -4.84
CA VAL A 79 13.82 -6.96 -4.40
C VAL A 79 15.05 -6.53 -5.20
N GLN A 80 14.86 -6.29 -6.49
CA GLN A 80 15.94 -5.88 -7.39
C GLN A 80 16.23 -4.40 -7.32
N ASN A 81 15.41 -3.65 -6.62
CA ASN A 81 15.58 -2.21 -6.53
C ASN A 81 16.30 -1.81 -5.24
N VAL A 82 16.04 -2.55 -4.17
CA VAL A 82 16.66 -2.29 -2.86
C VAL A 82 15.88 -1.25 -2.07
N LYS A 83 15.23 -0.34 -2.78
CA LYS A 83 14.44 0.72 -2.16
C LYS A 83 15.17 1.32 -0.96
N ASP A 84 16.40 1.76 -1.20
CA ASP A 84 17.23 2.36 -0.15
C ASP A 84 16.38 3.25 0.77
N LYS A 85 15.68 4.21 0.17
CA LYS A 85 14.83 5.13 0.93
C LYS A 85 13.38 4.91 0.56
N ASP A 86 12.83 3.81 1.02
CA ASP A 86 11.43 3.51 0.73
C ASP A 86 10.80 2.62 1.78
N THR A 87 9.76 3.16 2.42
CA THR A 87 8.99 2.43 3.40
C THR A 87 7.60 2.22 2.83
N LEU A 88 7.04 1.04 3.01
CA LEU A 88 5.73 0.78 2.45
C LEU A 88 4.73 0.29 3.47
N VAL A 89 3.56 0.91 3.50
CA VAL A 89 2.51 0.49 4.39
C VAL A 89 1.41 -0.11 3.52
N PHE A 90 1.09 -1.37 3.73
CA PHE A 90 0.09 -2.03 2.88
C PHE A 90 -1.26 -2.15 3.55
N HIS A 91 -2.28 -2.25 2.68
CA HIS A 91 -3.68 -2.40 3.09
C HIS A 91 -4.59 -1.62 2.14
N SER A 92 -4.97 -0.40 2.53
CA SER A 92 -5.81 0.44 1.68
C SER A 92 -7.18 -0.20 1.41
N ALA A 93 -7.18 -1.22 0.55
CA ALA A 93 -8.40 -1.92 0.17
C ALA A 93 -9.37 -2.08 1.33
N LEU A 94 -8.98 -2.84 2.35
CA LEU A 94 -9.84 -3.06 3.50
C LEU A 94 -9.23 -2.47 4.77
N SER A 95 -8.02 -2.90 5.09
CA SER A 95 -7.33 -2.42 6.29
C SER A 95 -8.12 -2.79 7.54
N GLN A 96 -9.02 -3.76 7.40
CA GLN A 96 -9.84 -4.20 8.52
C GLN A 96 -9.46 -5.60 8.97
N VAL A 97 -9.94 -6.60 8.24
CA VAL A 97 -9.64 -7.99 8.57
C VAL A 97 -8.83 -8.68 7.47
N ARG A 98 -8.79 -8.05 6.29
CA ARG A 98 -8.04 -8.59 5.16
C ARG A 98 -6.55 -8.35 5.31
N GLY A 99 -6.19 -7.31 6.08
CA GLY A 99 -4.77 -6.99 6.28
C GLY A 99 -3.88 -8.22 6.21
N PRO A 100 -4.17 -9.26 7.00
CA PRO A 100 -3.40 -10.50 6.99
C PRO A 100 -3.34 -11.08 5.58
N THR A 101 -4.47 -11.02 4.86
CA THR A 101 -4.52 -11.53 3.50
C THR A 101 -3.52 -10.76 2.63
N CYS A 102 -3.46 -9.44 2.83
CA CYS A 102 -2.51 -8.62 2.09
C CYS A 102 -1.10 -9.10 2.39
N ALA A 103 -0.89 -9.51 3.63
CA ALA A 103 0.39 -10.04 4.06
C ALA A 103 0.64 -11.36 3.36
N ARG A 104 -0.45 -12.07 3.07
CA ARG A 104 -0.36 -13.35 2.36
C ARG A 104 0.23 -13.08 0.99
N ARG A 105 -0.11 -11.93 0.42
CA ARG A 105 0.42 -11.54 -0.88
C ARG A 105 1.91 -11.26 -0.75
N LEU A 106 2.29 -10.48 0.25
CA LEU A 106 3.70 -10.22 0.47
C LEU A 106 4.38 -11.52 0.85
N VAL A 107 3.59 -12.46 1.37
CA VAL A 107 4.10 -13.78 1.70
C VAL A 107 4.51 -14.43 0.39
N ASN A 108 3.72 -14.17 -0.66
CA ASN A 108 4.03 -14.68 -1.98
C ASN A 108 5.32 -14.02 -2.46
N TYR A 109 5.57 -12.82 -1.95
CA TYR A 109 6.77 -12.08 -2.31
C TYR A 109 8.00 -12.76 -1.73
N LEU A 110 8.10 -12.78 -0.41
CA LEU A 110 9.22 -13.44 0.23
C LEU A 110 9.31 -14.88 -0.28
N ASP A 111 8.15 -15.43 -0.59
CA ASP A 111 8.06 -16.79 -1.12
C ASP A 111 8.63 -16.85 -2.53
N GLU A 112 8.45 -15.78 -3.30
CA GLU A 112 8.93 -15.75 -4.67
C GLU A 112 10.43 -15.48 -4.75
N LYS A 113 10.85 -14.30 -4.29
CA LYS A 113 12.27 -13.95 -4.35
C LYS A 113 12.71 -13.15 -3.12
N LYS A 114 12.54 -13.73 -1.94
CA LYS A 114 12.95 -13.07 -0.71
C LYS A 114 14.44 -12.76 -0.73
N GLU A 115 14.78 -11.48 -0.85
CA GLU A 115 16.17 -11.05 -0.88
C GLU A 115 16.30 -9.57 -0.55
N ASP A 116 16.95 -9.29 0.59
CA ASP A 116 17.16 -7.91 1.03
C ASP A 116 15.87 -7.09 0.90
N THR A 117 15.09 -7.04 1.96
CA THR A 117 13.84 -6.28 1.97
C THR A 117 14.06 -4.87 1.46
N GLY A 118 13.73 -4.65 0.18
CA GLY A 118 13.91 -3.34 -0.42
C GLY A 118 13.30 -2.23 0.42
N ILE A 119 12.14 -2.51 1.01
CA ILE A 119 11.45 -1.53 1.85
C ILE A 119 12.24 -1.23 3.10
N LYS A 120 12.24 0.03 3.50
CA LYS A 120 12.93 0.46 4.70
C LYS A 120 12.13 0.07 5.94
N ASN A 121 10.81 0.25 5.87
CA ASN A 121 9.94 -0.07 6.98
C ASN A 121 8.53 -0.42 6.53
N ILE A 122 8.06 -1.60 6.92
CA ILE A 122 6.70 -2.04 6.60
C ILE A 122 5.72 -1.51 7.63
N MET A 123 4.59 -0.98 7.17
CA MET A 123 3.61 -0.42 8.09
C MET A 123 2.17 -0.79 7.73
N ILE A 124 1.24 -0.49 8.65
CA ILE A 124 -0.17 -0.78 8.43
C ILE A 124 -0.98 0.53 8.33
N LEU A 125 -1.88 0.57 7.35
CA LEU A 125 -2.73 1.74 7.10
C LEU A 125 -3.84 1.87 8.12
N GLU A 126 -4.09 3.10 8.56
CA GLU A 126 -5.16 3.38 9.50
C GLU A 126 -6.42 3.74 8.70
N ARG A 127 -7.17 2.72 8.30
CA ARG A 127 -8.39 2.88 7.48
C ARG A 127 -8.06 2.61 6.02
N GLY A 128 -6.82 2.90 5.64
CA GLY A 128 -6.38 2.66 4.28
C GLY A 128 -7.18 3.42 3.24
N PHE A 129 -8.12 2.74 2.60
CA PHE A 129 -8.94 3.34 1.57
C PHE A 129 -10.43 3.33 1.94
N ASN A 130 -10.75 2.74 3.08
CA ASN A 130 -12.14 2.68 3.53
C ASN A 130 -12.73 4.07 3.65
N GLY A 131 -11.93 4.99 4.15
CA GLY A 131 -12.37 6.35 4.30
C GLY A 131 -12.59 7.02 2.96
N TRP A 132 -11.73 6.72 1.99
CA TRP A 132 -11.85 7.31 0.66
C TRP A 132 -13.11 6.84 -0.04
N GLU A 133 -13.31 5.53 -0.10
CA GLU A 133 -14.50 4.98 -0.75
C GLU A 133 -15.75 5.33 0.05
N ALA A 134 -15.68 5.06 1.35
CA ALA A 134 -16.79 5.33 2.27
C ALA A 134 -17.04 6.82 2.44
N SER A 135 -15.97 7.62 2.34
CA SER A 135 -16.06 9.09 2.48
C SER A 135 -17.36 9.64 1.92
N GLY A 136 -17.89 8.96 0.92
CA GLY A 136 -19.12 9.39 0.28
C GLY A 136 -18.90 9.63 -1.19
N LYS A 137 -17.65 9.93 -1.54
CA LYS A 137 -17.27 10.15 -2.92
C LYS A 137 -16.45 8.97 -3.42
N PRO A 138 -16.93 8.25 -4.45
CA PRO A 138 -16.22 7.10 -5.00
C PRO A 138 -14.76 7.41 -5.32
N VAL A 139 -14.10 6.49 -6.00
CA VAL A 139 -12.70 6.67 -6.37
C VAL A 139 -12.61 7.31 -7.75
N CYS A 140 -11.59 8.14 -7.97
CA CYS A 140 -11.41 8.82 -9.24
C CYS A 140 -12.61 9.70 -9.56
N ARG A 141 -12.37 11.01 -9.59
CA ARG A 141 -13.42 11.98 -9.92
C ARG A 141 -13.14 12.62 -11.28
N CYS A 142 -11.87 12.62 -11.67
CA CYS A 142 -11.43 13.18 -12.94
C CYS A 142 -11.58 14.69 -12.96
N ALA A 143 -11.33 15.27 -14.13
CA ALA A 143 -11.34 16.70 -14.36
C ALA A 143 -9.94 17.09 -14.79
N GLU A 144 -9.09 16.05 -14.91
CA GLU A 144 -7.71 16.21 -15.31
C GLU A 144 -6.83 16.54 -14.12
N VAL A 145 -5.59 16.98 -14.41
CA VAL A 145 -4.60 17.34 -13.39
C VAL A 145 -4.96 16.87 -11.96
N PRO A 146 -5.92 17.53 -11.28
CA PRO A 146 -6.31 17.17 -9.90
C PRO A 146 -6.72 15.70 -9.73
N CYS A 147 -7.00 15.00 -10.83
CA CYS A 147 -7.42 13.60 -10.72
C CYS A 147 -6.22 12.66 -10.60
N LYS A 148 -6.22 11.89 -9.52
CA LYS A 148 -5.18 10.89 -9.27
C LYS A 148 -3.85 11.47 -8.82
N GLY A 149 -3.30 10.88 -7.76
CA GLY A 149 -1.99 11.26 -7.31
C GLY A 149 -1.01 10.56 -8.22
N ASP A 150 -1.18 9.25 -8.26
CA ASP A 150 -0.43 8.37 -9.13
C ASP A 150 -1.36 7.25 -9.64
N CYS A 151 -1.56 7.20 -10.96
CA CYS A 151 -2.42 6.18 -11.57
C CYS A 151 -1.98 4.78 -11.17
N ALA A 152 -0.71 4.47 -11.40
CA ALA A 152 -0.16 3.16 -11.08
C ALA A 152 1.34 3.13 -11.30
N MET A 21 -3.39 -2.12 25.32
CA MET A 21 -2.14 -1.32 25.25
C MET A 21 -0.98 -2.15 24.70
N ALA A 22 0.22 -1.60 24.76
CA ALA A 22 1.41 -2.28 24.27
C ALA A 22 1.35 -2.49 22.76
N MET A 23 2.41 -3.08 22.21
CA MET A 23 2.46 -3.35 20.77
C MET A 23 3.22 -4.65 20.50
N ALA A 24 3.79 -4.77 19.29
CA ALA A 24 4.53 -5.96 18.89
C ALA A 24 3.61 -7.08 18.43
N ARG A 25 3.55 -7.29 17.12
CA ARG A 25 2.71 -8.33 16.53
C ARG A 25 2.86 -8.34 15.01
N SER A 26 4.09 -8.50 14.55
CA SER A 26 4.39 -8.52 13.11
C SER A 26 4.07 -7.18 12.47
N ILE A 27 4.92 -6.78 11.53
CA ILE A 27 4.76 -5.51 10.81
C ILE A 27 4.43 -4.36 11.76
N SER A 28 4.26 -3.16 11.21
CA SER A 28 3.94 -1.99 12.03
C SER A 28 2.57 -1.43 11.67
N TYR A 29 2.08 -0.48 12.46
CA TYR A 29 0.78 0.12 12.22
C TYR A 29 0.87 1.64 12.38
N ILE A 30 0.34 2.38 11.41
CA ILE A 30 0.36 3.83 11.48
C ILE A 30 -0.93 4.46 10.97
N THR A 31 -1.44 5.41 11.74
CA THR A 31 -2.66 6.14 11.39
C THR A 31 -2.32 7.46 10.70
N SER A 32 -3.34 8.12 10.15
CA SER A 32 -3.14 9.40 9.47
C SER A 32 -2.30 10.37 10.30
N THR A 33 -2.67 10.56 11.57
CA THR A 33 -1.94 11.46 12.46
C THR A 33 -0.57 10.89 12.80
N GLN A 34 -0.50 9.58 12.96
CA GLN A 34 0.76 8.94 13.28
C GLN A 34 1.76 9.25 12.18
N LEU A 35 1.25 9.66 11.03
CA LEU A 35 2.08 10.06 9.92
C LEU A 35 2.79 11.37 10.27
N LEU A 36 2.16 12.16 11.16
CA LEU A 36 2.73 13.44 11.58
C LEU A 36 4.06 13.27 12.35
N PRO A 37 4.07 12.44 13.41
CA PRO A 37 5.29 12.22 14.22
C PRO A 37 6.46 11.66 13.39
N LEU A 38 6.17 11.18 12.19
CA LEU A 38 7.20 10.64 11.31
C LEU A 38 6.91 11.05 9.87
N HIS A 39 7.01 12.34 9.63
CA HIS A 39 6.78 12.93 8.32
C HIS A 39 7.99 12.75 7.43
N ARG A 40 8.55 11.55 7.46
CA ARG A 40 9.72 11.20 6.67
C ARG A 40 9.36 11.04 5.20
N ARG A 41 8.47 11.90 4.74
CA ARG A 41 7.99 11.90 3.35
C ARG A 41 9.07 11.44 2.36
N PRO A 42 10.27 12.04 2.40
CA PRO A 42 11.36 11.67 1.49
C PRO A 42 11.44 10.17 1.23
N ASN A 43 11.01 9.36 2.20
CA ASN A 43 11.02 7.91 2.06
C ASN A 43 9.72 7.28 2.60
N ILE A 44 8.58 7.59 1.97
CA ILE A 44 7.30 7.02 2.38
C ILE A 44 6.46 6.58 1.17
N ALA A 45 5.76 5.45 1.29
CA ALA A 45 4.91 4.96 0.20
C ALA A 45 3.83 4.01 0.70
N ILE A 46 2.67 4.00 0.02
CA ILE A 46 1.56 3.13 0.41
C ILE A 46 1.39 1.95 -0.57
N ILE A 47 1.23 0.75 -0.02
CA ILE A 47 1.04 -0.45 -0.84
C ILE A 47 -0.45 -0.78 -1.00
N ASP A 48 -0.83 -1.14 -2.22
CA ASP A 48 -2.23 -1.47 -2.51
C ASP A 48 -2.32 -2.72 -3.39
N VAL A 49 -2.96 -3.76 -2.87
CA VAL A 49 -3.14 -5.01 -3.60
C VAL A 49 -4.63 -5.36 -3.67
N ARG A 50 -5.13 -5.61 -4.88
CA ARG A 50 -6.54 -5.92 -5.05
C ARG A 50 -6.81 -6.88 -6.22
N ASP A 51 -6.75 -6.33 -7.46
CA ASP A 51 -7.02 -7.08 -8.69
C ASP A 51 -7.74 -6.17 -9.70
N GLU A 52 -8.84 -6.64 -10.28
CA GLU A 52 -9.60 -5.83 -11.23
C GLU A 52 -10.62 -4.94 -10.51
N GLU A 53 -10.57 -4.94 -9.18
CA GLU A 53 -11.47 -4.13 -8.37
C GLU A 53 -11.32 -2.65 -8.70
N ARG A 54 -10.19 -2.29 -9.31
CA ARG A 54 -9.93 -0.90 -9.66
C ARG A 54 -10.81 -0.45 -10.82
N ASN A 55 -11.46 -1.41 -11.48
CA ASN A 55 -12.32 -1.08 -12.61
C ASN A 55 -13.64 -0.47 -12.15
N TYR A 56 -14.35 -1.17 -11.28
CA TYR A 56 -15.63 -0.70 -10.76
C TYR A 56 -15.44 0.25 -9.58
N ASP A 57 -14.23 0.25 -9.00
CA ASP A 57 -13.94 1.11 -7.86
C ASP A 57 -13.22 2.37 -8.30
N GLY A 58 -13.57 2.86 -9.48
CA GLY A 58 -12.95 4.06 -10.00
C GLY A 58 -11.51 3.85 -10.41
N HIS A 59 -10.59 4.45 -9.65
CA HIS A 59 -9.17 4.33 -9.95
C HIS A 59 -8.35 4.44 -8.64
N ILE A 60 -7.22 5.17 -8.64
CA ILE A 60 -6.42 5.33 -7.41
C ILE A 60 -5.12 6.13 -7.64
N ALA A 61 -5.09 7.37 -7.15
CA ALA A 61 -3.93 8.25 -7.32
C ALA A 61 -2.99 8.27 -6.13
N GLY A 62 -1.76 7.86 -6.35
CA GLY A 62 -0.76 7.86 -5.29
C GLY A 62 -0.39 6.45 -4.85
N SER A 63 0.76 6.31 -4.20
CA SER A 63 1.22 5.02 -3.72
C SER A 63 1.22 3.97 -4.85
N LEU A 64 1.82 2.82 -4.59
CA LEU A 64 1.88 1.76 -5.58
C LEU A 64 0.63 0.87 -5.51
N HIS A 65 -0.05 0.74 -6.65
CA HIS A 65 -1.26 -0.07 -6.71
C HIS A 65 -1.10 -1.25 -7.67
N TYR A 66 -1.67 -2.38 -7.29
CA TYR A 66 -1.62 -3.60 -8.09
C TYR A 66 -2.41 -4.71 -7.41
N ALA A 67 -2.15 -5.96 -7.76
CA ALA A 67 -2.88 -7.08 -7.18
C ALA A 67 -2.04 -8.36 -7.13
N SER A 68 -2.73 -9.51 -7.11
CA SER A 68 -2.07 -10.80 -7.07
C SER A 68 -1.76 -11.30 -8.47
N GLY A 69 -1.69 -10.38 -9.42
CA GLY A 69 -1.38 -10.74 -10.79
C GLY A 69 0.11 -10.67 -11.04
N SER A 70 0.77 -9.77 -10.32
CA SER A 70 2.20 -9.60 -10.43
C SER A 70 2.86 -9.72 -9.05
N PHE A 71 2.09 -10.17 -8.07
CA PHE A 71 2.59 -10.36 -6.72
C PHE A 71 3.68 -11.43 -6.70
N ASP A 72 3.81 -12.15 -7.81
CA ASP A 72 4.80 -13.19 -7.93
C ASP A 72 5.76 -12.92 -9.10
N ASP A 73 5.58 -11.79 -9.75
CA ASP A 73 6.43 -11.41 -10.88
C ASP A 73 7.18 -10.12 -10.58
N LYS A 74 6.88 -9.50 -9.44
CA LYS A 74 7.53 -8.26 -9.04
C LYS A 74 8.41 -8.50 -7.81
N ILE A 75 8.74 -9.77 -7.58
CA ILE A 75 9.56 -10.14 -6.45
C ILE A 75 11.02 -9.78 -6.69
N SER A 76 11.41 -9.89 -7.94
CA SER A 76 12.77 -9.55 -8.35
C SER A 76 12.86 -8.06 -8.66
N HIS A 77 11.70 -7.45 -8.73
CA HIS A 77 11.59 -6.03 -8.98
C HIS A 77 11.98 -5.25 -7.73
N LEU A 78 11.39 -5.63 -6.61
CA LEU A 78 11.70 -5.00 -5.35
C LEU A 78 13.09 -5.43 -4.91
N VAL A 79 13.48 -6.62 -5.36
CA VAL A 79 14.80 -7.16 -5.06
C VAL A 79 15.84 -6.37 -5.84
N GLN A 80 15.47 -6.00 -7.07
CA GLN A 80 16.34 -5.23 -7.94
C GLN A 80 16.54 -3.83 -7.37
N ASN A 81 15.60 -3.40 -6.54
CA ASN A 81 15.67 -2.07 -5.94
C ASN A 81 16.19 -2.15 -4.51
N VAL A 82 15.35 -2.64 -3.60
CA VAL A 82 15.72 -2.76 -2.19
C VAL A 82 16.53 -1.57 -1.70
N LYS A 83 16.18 -0.39 -2.21
CA LYS A 83 16.88 0.84 -1.86
C LYS A 83 16.87 1.11 -0.36
N ASP A 84 15.97 0.46 0.37
CA ASP A 84 15.87 0.67 1.81
C ASP A 84 15.55 2.12 2.10
N LYS A 85 14.90 2.77 1.14
CA LYS A 85 14.53 4.18 1.25
C LYS A 85 13.29 4.39 2.09
N ASP A 86 12.13 4.25 1.46
CA ASP A 86 10.84 4.52 2.07
C ASP A 86 10.16 3.39 2.81
N THR A 87 9.34 3.82 3.77
CA THR A 87 8.52 2.93 4.57
C THR A 87 7.17 2.83 3.89
N LEU A 88 6.69 1.61 3.69
CA LEU A 88 5.42 1.44 3.00
C LEU A 88 4.36 0.77 3.84
N VAL A 89 3.17 1.35 3.85
CA VAL A 89 2.05 0.78 4.58
C VAL A 89 1.13 0.08 3.60
N PHE A 90 0.95 -1.21 3.78
CA PHE A 90 0.11 -1.97 2.85
C PHE A 90 -1.27 -2.26 3.43
N HIS A 91 -2.23 -2.45 2.50
CA HIS A 91 -3.63 -2.77 2.82
C HIS A 91 -4.59 -1.82 2.12
N SER A 92 -4.83 -0.65 2.74
CA SER A 92 -5.73 0.39 2.23
C SER A 92 -6.99 0.46 3.09
N ALA A 93 -6.93 -0.13 4.28
CA ALA A 93 -8.07 -0.13 5.21
C ALA A 93 -9.34 -0.64 4.55
N LEU A 94 -9.57 -1.95 4.66
CA LEU A 94 -10.76 -2.58 4.10
C LEU A 94 -10.65 -2.75 2.59
N SER A 95 -9.43 -3.01 2.11
CA SER A 95 -9.22 -3.21 0.69
C SER A 95 -10.24 -4.20 0.15
N GLN A 96 -10.58 -5.19 0.98
CA GLN A 96 -11.56 -6.23 0.65
C GLN A 96 -11.39 -7.43 1.58
N VAL A 97 -11.02 -7.17 2.83
CA VAL A 97 -10.80 -8.24 3.81
C VAL A 97 -9.50 -8.99 3.51
N ARG A 98 -8.80 -8.61 2.44
CA ARG A 98 -7.55 -9.24 2.05
C ARG A 98 -6.40 -8.77 2.92
N GLY A 99 -6.30 -7.46 3.14
CA GLY A 99 -5.21 -6.91 3.97
C GLY A 99 -4.17 -7.95 4.36
N PRO A 100 -4.50 -8.84 5.31
CA PRO A 100 -3.59 -9.91 5.75
C PRO A 100 -3.18 -10.78 4.57
N THR A 101 -4.14 -11.12 3.69
CA THR A 101 -3.86 -11.92 2.52
C THR A 101 -2.83 -11.22 1.65
N CYS A 102 -2.94 -9.90 1.56
CA CYS A 102 -1.99 -9.11 0.79
C CYS A 102 -0.59 -9.35 1.33
N ALA A 103 -0.51 -9.40 2.66
CA ALA A 103 0.75 -9.66 3.31
C ALA A 103 1.22 -11.07 2.96
N ARG A 104 0.27 -11.96 2.72
CA ARG A 104 0.59 -13.32 2.32
C ARG A 104 1.28 -13.26 0.97
N ARG A 105 0.85 -12.30 0.15
CA ARG A 105 1.44 -12.10 -1.16
C ARG A 105 2.91 -11.71 -1.00
N LEU A 106 3.17 -10.73 -0.12
CA LEU A 106 4.55 -10.34 0.14
C LEU A 106 5.25 -11.52 0.81
N VAL A 107 4.47 -12.37 1.48
CA VAL A 107 5.01 -13.57 2.07
C VAL A 107 5.50 -14.46 0.94
N ASN A 108 4.74 -14.45 -0.16
CA ASN A 108 5.13 -15.22 -1.34
C ASN A 108 6.41 -14.61 -1.91
N TYR A 109 6.64 -13.34 -1.59
CA TYR A 109 7.81 -12.60 -2.04
C TYR A 109 9.05 -13.07 -1.29
N LEU A 110 9.03 -12.93 0.04
CA LEU A 110 10.14 -13.37 0.86
C LEU A 110 10.40 -14.84 0.58
N ASP A 111 9.33 -15.59 0.49
CA ASP A 111 9.39 -17.00 0.20
C ASP A 111 9.82 -17.22 -1.25
N GLU A 112 9.46 -16.27 -2.12
CA GLU A 112 9.81 -16.38 -3.53
C GLU A 112 11.32 -16.47 -3.73
N LYS A 113 12.07 -15.61 -3.06
CA LYS A 113 13.52 -15.63 -3.22
C LYS A 113 14.26 -15.10 -1.99
N LYS A 114 13.71 -15.39 -0.83
CA LYS A 114 14.31 -14.96 0.44
C LYS A 114 14.65 -13.47 0.41
N GLU A 115 13.69 -12.64 0.82
CA GLU A 115 13.89 -11.19 0.85
C GLU A 115 12.59 -10.48 1.21
N ASP A 116 12.58 -9.16 1.03
CA ASP A 116 11.41 -8.32 1.31
C ASP A 116 11.84 -6.91 1.69
N THR A 117 13.07 -6.79 2.20
CA THR A 117 13.61 -5.49 2.60
C THR A 117 13.47 -4.47 1.48
N GLY A 118 14.04 -3.28 1.68
CA GLY A 118 13.96 -2.25 0.67
C GLY A 118 13.20 -1.03 1.17
N ILE A 119 12.26 -1.28 2.07
CA ILE A 119 11.45 -0.20 2.64
C ILE A 119 12.09 0.36 3.90
N LYS A 120 12.02 1.68 4.08
CA LYS A 120 12.58 2.28 5.30
C LYS A 120 12.02 1.53 6.51
N ASN A 121 10.69 1.38 6.51
CA ASN A 121 9.98 0.68 7.56
C ASN A 121 8.66 0.12 7.03
N ILE A 122 8.43 -1.18 7.26
CA ILE A 122 7.20 -1.83 6.82
C ILE A 122 6.08 -1.59 7.84
N MET A 123 5.00 -0.97 7.38
CA MET A 123 3.88 -0.65 8.25
C MET A 123 2.54 -1.02 7.61
N ILE A 124 1.47 -0.90 8.40
CA ILE A 124 0.13 -1.22 7.92
C ILE A 124 -0.85 -0.11 8.33
N LEU A 125 -1.51 0.49 7.35
CA LEU A 125 -2.46 1.56 7.60
C LEU A 125 -3.79 1.03 8.10
N GLU A 126 -4.37 1.71 9.08
CA GLU A 126 -5.65 1.29 9.66
C GLU A 126 -6.80 2.06 9.02
N ARG A 127 -6.63 3.38 8.91
CA ARG A 127 -7.66 4.23 8.31
C ARG A 127 -7.66 4.09 6.80
N GLY A 128 -6.47 4.14 6.21
CA GLY A 128 -6.34 4.01 4.77
C GLY A 128 -7.33 4.85 4.01
N PHE A 129 -8.44 4.24 3.60
CA PHE A 129 -9.47 4.95 2.85
C PHE A 129 -10.84 4.32 3.08
N ASN A 130 -11.03 3.74 4.26
CA ASN A 130 -12.31 3.11 4.59
C ASN A 130 -13.43 4.15 4.55
N GLY A 131 -13.22 5.26 5.24
CA GLY A 131 -14.20 6.33 5.24
C GLY A 131 -14.31 6.97 3.88
N TRP A 132 -13.19 7.00 3.16
CA TRP A 132 -13.16 7.59 1.82
C TRP A 132 -14.15 6.90 0.91
N GLU A 133 -14.04 5.59 0.80
CA GLU A 133 -14.96 4.82 -0.02
C GLU A 133 -16.36 4.78 0.58
N ALA A 134 -16.38 4.47 1.88
CA ALA A 134 -17.61 4.30 2.63
C ALA A 134 -18.44 5.56 2.84
N SER A 135 -17.84 6.66 3.29
CA SER A 135 -18.65 7.86 3.58
C SER A 135 -18.28 9.12 2.82
N GLY A 136 -17.03 9.31 2.46
CA GLY A 136 -16.66 10.53 1.76
C GLY A 136 -16.70 10.37 0.26
N LYS A 137 -16.48 9.14 -0.18
CA LYS A 137 -16.45 8.79 -1.59
C LYS A 137 -15.75 9.84 -2.46
N PRO A 138 -14.65 10.46 -2.00
CA PRO A 138 -13.92 11.45 -2.80
C PRO A 138 -12.98 10.76 -3.80
N VAL A 139 -13.48 9.73 -4.47
CA VAL A 139 -12.68 8.99 -5.43
C VAL A 139 -12.82 9.57 -6.84
N CYS A 140 -11.72 9.55 -7.58
CA CYS A 140 -11.67 10.06 -8.96
C CYS A 140 -12.41 11.37 -9.21
N ARG A 141 -11.94 12.05 -10.23
CA ARG A 141 -12.49 13.32 -10.69
C ARG A 141 -11.63 13.86 -11.83
N CYS A 142 -11.17 12.95 -12.70
CA CYS A 142 -10.34 13.36 -13.83
C CYS A 142 -11.08 14.30 -14.75
N ALA A 143 -10.31 15.13 -15.45
CA ALA A 143 -10.83 16.10 -16.38
C ALA A 143 -9.66 16.87 -16.95
N GLU A 144 -8.65 17.04 -16.10
CA GLU A 144 -7.45 17.73 -16.46
C GLU A 144 -6.28 17.20 -15.65
N VAL A 145 -5.07 17.62 -16.03
CA VAL A 145 -3.88 17.16 -15.34
C VAL A 145 -3.89 15.63 -15.28
N PRO A 146 -2.94 14.99 -14.58
CA PRO A 146 -2.92 13.55 -14.48
C PRO A 146 -3.80 13.04 -13.34
N CYS A 147 -5.01 13.60 -13.20
CA CYS A 147 -5.94 13.19 -12.14
C CYS A 147 -5.17 12.87 -10.84
N LYS A 148 -4.54 13.88 -10.22
CA LYS A 148 -3.78 13.66 -8.99
C LYS A 148 -2.51 12.88 -9.27
N GLY A 149 -1.93 12.31 -8.21
CA GLY A 149 -0.75 11.48 -8.37
C GLY A 149 -1.03 10.48 -9.46
N ASP A 150 -1.95 9.56 -9.17
CA ASP A 150 -2.36 8.61 -10.20
C ASP A 150 -3.87 8.47 -10.26
N CYS A 151 -4.45 8.88 -11.35
CA CYS A 151 -5.87 8.77 -11.54
C CYS A 151 -6.65 8.94 -10.23
N ALA A 152 -6.85 10.19 -9.84
CA ALA A 152 -7.62 10.55 -8.63
C ALA A 152 -7.47 12.04 -8.29
N MET A 21 3.47 -2.59 23.83
CA MET A 21 1.99 -2.55 23.66
C MET A 21 1.56 -3.36 22.45
N ALA A 22 1.93 -2.90 21.26
CA ALA A 22 1.58 -3.59 20.02
C ALA A 22 2.23 -2.91 18.82
N MET A 23 3.52 -2.61 18.94
CA MET A 23 4.26 -1.96 17.87
C MET A 23 5.74 -1.87 18.20
N ALA A 24 6.55 -2.69 17.54
CA ALA A 24 7.99 -2.69 17.77
C ALA A 24 8.70 -3.66 16.83
N ARG A 25 8.26 -3.69 15.57
CA ARG A 25 8.87 -4.56 14.58
C ARG A 25 8.83 -3.93 13.19
N SER A 26 9.14 -4.73 12.18
CA SER A 26 9.13 -4.24 10.80
C SER A 26 7.76 -3.70 10.41
N ILE A 27 6.79 -4.60 10.31
CA ILE A 27 5.43 -4.22 9.95
C ILE A 27 4.72 -3.59 11.14
N SER A 28 4.15 -2.40 10.93
CA SER A 28 3.45 -1.70 12.00
C SER A 28 2.27 -0.90 11.47
N TYR A 29 1.16 -0.95 12.21
CA TYR A 29 -0.06 -0.23 11.85
C TYR A 29 0.00 1.20 12.42
N ILE A 30 -0.73 2.12 11.80
CA ILE A 30 -0.72 3.50 12.28
C ILE A 30 -2.13 3.99 12.58
N THR A 31 -2.28 4.62 13.73
CA THR A 31 -3.56 5.16 14.18
C THR A 31 -3.69 6.64 13.81
N SER A 32 -4.89 7.18 14.00
CA SER A 32 -5.17 8.59 13.69
C SER A 32 -4.02 9.49 14.19
N THR A 33 -3.64 9.30 15.45
CA THR A 33 -2.55 10.09 16.03
C THR A 33 -1.23 9.75 15.36
N GLN A 34 -1.05 8.48 15.03
CA GLN A 34 0.17 8.04 14.35
C GLN A 34 0.32 8.81 13.05
N LEU A 35 -0.80 9.37 12.58
CA LEU A 35 -0.80 10.19 11.39
C LEU A 35 -0.19 11.55 11.71
N LEU A 36 -0.29 11.98 12.98
CA LEU A 36 0.25 13.26 13.41
C LEU A 36 1.75 13.35 13.14
N PRO A 37 2.54 12.37 13.63
CA PRO A 37 3.99 12.35 13.40
C PRO A 37 4.31 12.73 11.97
N LEU A 38 3.91 11.88 11.03
CA LEU A 38 4.12 12.15 9.61
C LEU A 38 5.60 12.36 9.33
N HIS A 39 6.33 11.24 9.26
CA HIS A 39 7.76 11.26 9.00
C HIS A 39 8.12 12.36 8.01
N ARG A 40 7.30 12.45 6.95
CA ARG A 40 7.46 13.46 5.91
C ARG A 40 8.45 13.04 4.81
N ARG A 41 8.96 11.82 4.90
CA ARG A 41 9.90 11.33 3.90
C ARG A 41 9.22 11.17 2.54
N PRO A 42 9.98 11.31 1.43
CA PRO A 42 9.44 11.18 0.08
C PRO A 42 9.34 9.72 -0.34
N ASN A 43 10.23 8.89 0.20
CA ASN A 43 10.26 7.47 -0.08
C ASN A 43 9.08 6.74 0.61
N ILE A 44 7.85 7.14 0.30
CA ILE A 44 6.67 6.52 0.92
C ILE A 44 5.56 6.25 -0.10
N ALA A 45 4.87 5.11 0.06
CA ALA A 45 3.75 4.76 -0.83
C ALA A 45 2.79 3.75 -0.18
N ILE A 46 1.53 3.77 -0.61
CA ILE A 46 0.52 2.85 -0.08
C ILE A 46 0.19 1.73 -1.07
N ILE A 47 0.15 0.49 -0.59
CA ILE A 47 -0.18 -0.65 -1.44
C ILE A 47 -1.66 -0.99 -1.33
N ASP A 48 -2.26 -1.35 -2.45
CA ASP A 48 -3.67 -1.70 -2.47
C ASP A 48 -3.93 -2.96 -3.30
N VAL A 49 -4.42 -4.01 -2.65
CA VAL A 49 -4.72 -5.27 -3.34
C VAL A 49 -5.48 -4.97 -4.62
N ARG A 50 -5.14 -5.66 -5.71
CA ARG A 50 -5.80 -5.38 -6.98
C ARG A 50 -5.95 -6.65 -7.83
N ASP A 51 -6.27 -6.41 -9.12
CA ASP A 51 -6.50 -7.47 -10.11
C ASP A 51 -7.41 -6.87 -11.17
N GLU A 52 -8.38 -6.12 -10.68
CA GLU A 52 -9.33 -5.40 -11.51
C GLU A 52 -9.26 -3.92 -11.15
N GLU A 53 -8.03 -3.48 -10.85
CA GLU A 53 -7.76 -2.10 -10.46
C GLU A 53 -8.34 -1.08 -11.43
N ARG A 54 -8.78 -1.54 -12.59
CA ARG A 54 -9.37 -0.65 -13.58
C ARG A 54 -10.46 0.18 -12.94
N ASN A 55 -11.30 -0.48 -12.15
CA ASN A 55 -12.39 0.20 -11.48
C ASN A 55 -11.95 0.80 -10.14
N TYR A 56 -11.27 -0.01 -9.34
CA TYR A 56 -10.80 0.41 -8.01
C TYR A 56 -9.70 1.48 -8.09
N ASP A 57 -9.17 1.70 -9.29
CA ASP A 57 -8.10 2.69 -9.50
C ASP A 57 -8.27 3.92 -8.63
N GLY A 58 -9.52 4.32 -8.41
CA GLY A 58 -9.80 5.48 -7.58
C GLY A 58 -8.98 6.70 -7.98
N HIS A 59 -9.12 7.79 -7.24
CA HIS A 59 -8.37 9.01 -7.54
C HIS A 59 -7.89 9.69 -6.25
N ILE A 60 -7.32 10.90 -6.38
CA ILE A 60 -6.78 11.60 -5.21
C ILE A 60 -5.84 10.65 -4.49
N ALA A 61 -5.16 9.85 -5.28
CA ALA A 61 -4.22 8.86 -4.80
C ALA A 61 -2.99 8.74 -5.71
N GLY A 62 -1.84 8.54 -5.10
CA GLY A 62 -0.60 8.39 -5.84
C GLY A 62 0.07 7.06 -5.53
N SER A 63 -0.45 6.34 -4.54
CA SER A 63 0.09 5.05 -4.13
C SER A 63 0.16 4.07 -5.30
N LEU A 64 0.34 2.80 -4.99
CA LEU A 64 0.43 1.77 -6.02
C LEU A 64 -0.60 0.66 -5.80
N HIS A 65 -1.30 0.32 -6.88
CA HIS A 65 -2.31 -0.73 -6.86
C HIS A 65 -1.72 -1.99 -7.49
N TYR A 66 -1.59 -3.06 -6.71
CA TYR A 66 -1.01 -4.28 -7.22
C TYR A 66 -1.90 -5.50 -6.95
N ALA A 67 -1.84 -6.48 -7.86
CA ALA A 67 -2.65 -7.70 -7.75
C ALA A 67 -1.83 -8.85 -7.16
N SER A 68 -2.18 -10.09 -7.53
CA SER A 68 -1.48 -11.27 -7.02
C SER A 68 -1.62 -12.47 -7.95
N GLY A 69 -1.71 -12.22 -9.25
CA GLY A 69 -1.84 -13.30 -10.21
C GLY A 69 -0.48 -13.90 -10.56
N SER A 70 0.54 -13.06 -10.51
CA SER A 70 1.91 -13.45 -10.80
C SER A 70 2.86 -12.42 -10.20
N PHE A 71 2.45 -11.85 -9.08
CA PHE A 71 3.25 -10.83 -8.42
C PHE A 71 4.32 -11.42 -7.52
N ASP A 72 4.39 -12.72 -7.51
CA ASP A 72 5.43 -13.43 -6.78
C ASP A 72 6.75 -13.26 -7.52
N ASP A 73 6.68 -12.56 -8.64
CA ASP A 73 7.83 -12.33 -9.49
C ASP A 73 8.16 -10.83 -9.60
N LYS A 74 7.41 -9.97 -8.90
CA LYS A 74 7.69 -8.53 -8.96
C LYS A 74 8.08 -7.96 -7.60
N ILE A 75 7.56 -8.57 -6.53
CA ILE A 75 7.88 -8.12 -5.18
C ILE A 75 9.40 -8.04 -5.01
N SER A 76 10.12 -8.87 -5.77
CA SER A 76 11.57 -8.88 -5.73
C SER A 76 12.14 -7.86 -6.68
N HIS A 77 11.30 -7.37 -7.55
CA HIS A 77 11.68 -6.28 -8.42
C HIS A 77 11.98 -5.14 -7.47
N LEU A 78 11.15 -5.12 -6.42
CA LEU A 78 11.30 -4.18 -5.34
C LEU A 78 12.52 -4.61 -4.54
N VAL A 79 12.76 -5.94 -4.53
CA VAL A 79 13.94 -6.48 -3.86
C VAL A 79 15.18 -5.86 -4.50
N GLN A 80 15.08 -5.64 -5.82
CA GLN A 80 16.16 -5.05 -6.60
C GLN A 80 16.32 -3.58 -6.27
N ASN A 81 15.26 -2.96 -5.78
CA ASN A 81 15.29 -1.55 -5.44
C ASN A 81 15.98 -1.29 -4.09
N VAL A 82 16.77 -2.26 -3.63
CA VAL A 82 17.52 -2.16 -2.37
C VAL A 82 16.65 -1.77 -1.16
N LYS A 83 15.34 -1.66 -1.36
CA LYS A 83 14.41 -1.32 -0.27
C LYS A 83 15.03 -0.37 0.74
N ASP A 84 15.84 0.54 0.24
CA ASP A 84 16.53 1.53 1.08
C ASP A 84 15.94 2.92 0.92
N LYS A 85 14.62 3.01 0.80
CA LYS A 85 13.97 4.31 0.66
C LYS A 85 12.50 4.28 0.99
N ASP A 86 11.77 3.50 0.23
CA ASP A 86 10.32 3.49 0.31
C ASP A 86 9.71 2.67 1.43
N THR A 87 8.96 3.39 2.26
CA THR A 87 8.20 2.81 3.33
C THR A 87 6.78 2.75 2.80
N LEU A 88 6.12 1.61 2.90
CA LEU A 88 4.79 1.51 2.33
C LEU A 88 3.78 0.88 3.28
N VAL A 89 2.57 1.43 3.26
CA VAL A 89 1.48 0.91 4.08
C VAL A 89 0.47 0.27 3.14
N PHE A 90 0.21 -1.01 3.35
CA PHE A 90 -0.71 -1.75 2.48
C PHE A 90 -2.04 -2.06 3.14
N HIS A 91 -2.97 -2.53 2.30
CA HIS A 91 -4.34 -2.92 2.71
C HIS A 91 -5.39 -2.27 1.80
N SER A 92 -5.85 -1.07 2.18
CA SER A 92 -6.86 -0.33 1.41
C SER A 92 -8.25 -0.56 1.96
N ALA A 93 -8.85 0.50 2.50
CA ALA A 93 -10.19 0.43 3.08
C ALA A 93 -10.34 -0.79 3.99
N LEU A 94 -10.79 -1.90 3.42
CA LEU A 94 -10.95 -3.13 4.17
C LEU A 94 -11.15 -4.27 3.18
N SER A 95 -10.06 -4.69 2.54
CA SER A 95 -10.13 -5.76 1.55
C SER A 95 -10.61 -7.05 2.19
N GLN A 96 -11.85 -7.03 2.70
CA GLN A 96 -12.45 -8.19 3.36
C GLN A 96 -11.42 -8.89 4.25
N VAL A 97 -10.82 -8.10 5.14
CA VAL A 97 -9.80 -8.59 6.06
C VAL A 97 -8.69 -9.36 5.35
N ARG A 98 -8.60 -9.17 4.03
CA ARG A 98 -7.58 -9.83 3.21
C ARG A 98 -6.24 -9.14 3.35
N GLY A 99 -6.25 -7.85 3.70
CA GLY A 99 -5.01 -7.10 3.85
C GLY A 99 -3.85 -7.97 4.29
N PRO A 100 -4.01 -8.68 5.43
CA PRO A 100 -2.98 -9.58 5.96
C PRO A 100 -2.59 -10.61 4.91
N THR A 101 -3.59 -11.13 4.18
CA THR A 101 -3.33 -12.10 3.13
C THR A 101 -2.46 -11.47 2.07
N CYS A 102 -2.70 -10.19 1.80
CA CYS A 102 -1.92 -9.45 0.81
C CYS A 102 -0.46 -9.46 1.21
N ALA A 103 -0.21 -9.17 2.50
CA ALA A 103 1.15 -9.18 3.01
C ALA A 103 1.70 -10.58 2.85
N ARG A 104 0.83 -11.57 2.99
CA ARG A 104 1.21 -12.96 2.81
C ARG A 104 1.73 -13.13 1.39
N ARG A 105 1.14 -12.38 0.47
CA ARG A 105 1.58 -12.41 -0.92
C ARG A 105 3.03 -11.95 -0.98
N LEU A 106 3.33 -10.91 -0.21
CA LEU A 106 4.70 -10.43 -0.15
C LEU A 106 5.56 -11.61 0.30
N VAL A 107 4.96 -12.44 1.18
CA VAL A 107 5.60 -13.63 1.68
C VAL A 107 5.79 -14.65 0.55
N ASN A 108 4.84 -14.72 -0.40
CA ASN A 108 4.96 -15.68 -1.49
C ASN A 108 6.24 -15.46 -2.26
N TYR A 109 6.60 -14.20 -2.51
CA TYR A 109 7.87 -13.96 -3.21
C TYR A 109 9.01 -14.19 -2.23
N LEU A 110 8.77 -13.83 -0.97
CA LEU A 110 9.75 -14.05 0.08
C LEU A 110 10.13 -15.53 0.10
N ASP A 111 9.12 -16.36 -0.16
CA ASP A 111 9.27 -17.80 -0.21
C ASP A 111 10.05 -18.23 -1.43
N GLU A 112 9.93 -17.46 -2.51
CA GLU A 112 10.59 -17.77 -3.77
C GLU A 112 12.06 -17.33 -3.82
N LYS A 113 12.28 -16.01 -3.89
CA LYS A 113 13.63 -15.47 -3.99
C LYS A 113 14.28 -15.24 -2.63
N LYS A 114 13.60 -15.60 -1.55
CA LYS A 114 14.15 -15.40 -0.21
C LYS A 114 14.35 -13.92 0.07
N GLU A 115 13.94 -13.48 1.26
CA GLU A 115 14.07 -12.09 1.67
C GLU A 115 13.50 -11.15 0.61
N ASP A 116 12.40 -10.49 0.93
CA ASP A 116 11.76 -9.57 0.01
C ASP A 116 11.80 -8.13 0.52
N THR A 117 10.91 -7.81 1.46
CA THR A 117 10.85 -6.47 2.03
C THR A 117 10.43 -5.45 0.98
N GLY A 118 11.33 -5.15 0.04
CA GLY A 118 11.03 -4.19 -1.00
C GLY A 118 10.98 -2.76 -0.47
N ILE A 119 10.08 -2.52 0.47
CA ILE A 119 9.94 -1.20 1.07
C ILE A 119 10.85 -1.02 2.27
N LYS A 120 11.42 0.17 2.41
CA LYS A 120 12.28 0.45 3.55
C LYS A 120 11.59 0.00 4.85
N ASN A 121 10.27 0.23 4.92
CA ASN A 121 9.49 -0.17 6.10
C ASN A 121 8.01 -0.39 5.75
N ILE A 122 7.51 -1.59 6.06
CA ILE A 122 6.11 -1.95 5.80
C ILE A 122 5.21 -1.52 6.97
N MET A 123 4.05 -0.95 6.64
CA MET A 123 3.11 -0.46 7.64
C MET A 123 1.67 -0.80 7.24
N ILE A 124 0.73 -0.56 8.16
CA ILE A 124 -0.68 -0.84 7.93
C ILE A 124 -1.52 0.42 8.11
N LEU A 125 -2.60 0.52 7.34
CA LEU A 125 -3.50 1.68 7.42
C LEU A 125 -4.75 1.36 8.21
N GLU A 126 -5.17 2.30 9.05
CA GLU A 126 -6.36 2.11 9.87
C GLU A 126 -7.61 2.55 9.13
N ARG A 127 -7.45 3.50 8.22
CA ARG A 127 -8.58 4.01 7.43
C ARG A 127 -8.50 3.51 6.00
N GLY A 128 -7.42 3.86 5.30
CA GLY A 128 -7.26 3.42 3.93
C GLY A 128 -8.03 4.27 2.95
N PHE A 129 -9.20 3.79 2.53
CA PHE A 129 -10.02 4.51 1.56
C PHE A 129 -11.51 4.16 1.67
N ASN A 130 -11.88 3.31 2.64
CA ASN A 130 -13.27 2.91 2.82
C ASN A 130 -14.12 4.10 3.25
N GLY A 131 -13.62 4.83 4.23
CA GLY A 131 -14.32 6.00 4.72
C GLY A 131 -14.37 7.08 3.66
N TRP A 132 -13.34 7.13 2.83
CA TRP A 132 -13.28 8.14 1.78
C TRP A 132 -14.38 7.94 0.75
N GLU A 133 -14.49 6.73 0.20
CA GLU A 133 -15.55 6.48 -0.77
C GLU A 133 -16.91 6.55 -0.09
N ALA A 134 -17.01 5.88 1.05
CA ALA A 134 -18.25 5.83 1.82
C ALA A 134 -18.65 7.18 2.42
N SER A 135 -17.73 7.86 3.10
CA SER A 135 -18.06 9.13 3.75
C SER A 135 -17.35 10.34 3.15
N GLY A 136 -16.06 10.22 2.88
CA GLY A 136 -15.31 11.33 2.31
C GLY A 136 -15.20 11.23 0.82
N LYS A 137 -16.29 10.80 0.18
CA LYS A 137 -16.35 10.61 -1.27
C LYS A 137 -15.35 11.48 -2.04
N PRO A 138 -15.41 12.81 -1.89
CA PRO A 138 -14.55 13.76 -2.56
C PRO A 138 -13.24 13.17 -3.09
N VAL A 139 -13.35 12.38 -4.16
CA VAL A 139 -12.20 11.76 -4.81
C VAL A 139 -12.02 12.39 -6.20
N CYS A 140 -10.78 12.48 -6.68
CA CYS A 140 -10.51 13.11 -7.98
C CYS A 140 -11.32 12.47 -9.09
N ARG A 141 -12.52 12.99 -9.32
CA ARG A 141 -13.38 12.48 -10.39
C ARG A 141 -12.66 12.53 -11.73
N CYS A 142 -12.18 13.72 -12.08
CA CYS A 142 -11.45 13.95 -13.33
C CYS A 142 -12.00 13.13 -14.49
N ALA A 143 -11.10 12.78 -15.41
CA ALA A 143 -11.44 12.00 -16.58
C ALA A 143 -10.25 11.89 -17.53
N GLU A 144 -9.06 11.73 -16.95
CA GLU A 144 -7.84 11.63 -17.73
C GLU A 144 -6.93 10.53 -17.18
N VAL A 145 -5.91 10.19 -17.96
CA VAL A 145 -4.96 9.15 -17.56
C VAL A 145 -3.96 9.63 -16.52
N PRO A 146 -3.48 10.90 -16.59
CA PRO A 146 -2.53 11.42 -15.61
C PRO A 146 -3.07 11.38 -14.19
N CYS A 147 -4.37 11.64 -14.04
CA CYS A 147 -5.01 11.64 -12.72
C CYS A 147 -4.15 12.41 -11.71
N LYS A 148 -4.05 11.93 -10.47
CA LYS A 148 -3.25 12.62 -9.46
C LYS A 148 -1.88 12.01 -9.30
N GLY A 149 -1.83 10.72 -9.03
CA GLY A 149 -0.55 10.11 -8.73
C GLY A 149 -0.09 10.73 -7.44
N ASP A 150 -1.09 11.29 -6.78
CA ASP A 150 -0.97 11.95 -5.51
C ASP A 150 -2.19 11.62 -4.66
N CYS A 151 -1.94 11.47 -3.39
CA CYS A 151 -2.99 11.13 -2.42
C CYS A 151 -3.18 12.26 -1.41
N ALA A 152 -2.88 13.50 -1.83
CA ALA A 152 -3.01 14.65 -0.95
C ALA A 152 -4.46 15.14 -0.92
N MET A 21 0.97 -2.35 23.62
CA MET A 21 0.37 -3.65 23.24
C MET A 21 0.07 -3.70 21.75
N ALA A 22 0.92 -3.05 20.95
CA ALA A 22 0.74 -3.03 19.50
C ALA A 22 2.08 -2.86 18.80
N MET A 23 2.06 -2.96 17.46
CA MET A 23 3.27 -2.82 16.66
C MET A 23 4.43 -3.62 17.26
N ALA A 24 4.13 -4.79 17.79
CA ALA A 24 5.14 -5.65 18.39
C ALA A 24 5.63 -6.69 17.39
N ARG A 25 5.86 -6.25 16.16
CA ARG A 25 6.33 -7.14 15.10
C ARG A 25 6.87 -6.35 13.91
N SER A 26 7.23 -7.06 12.85
CA SER A 26 7.75 -6.42 11.65
C SER A 26 6.79 -5.37 11.11
N ILE A 27 5.63 -5.82 10.65
CA ILE A 27 4.62 -4.91 10.11
C ILE A 27 3.85 -4.21 11.22
N SER A 28 3.51 -2.94 11.00
CA SER A 28 2.77 -2.17 11.99
C SER A 28 1.84 -1.17 11.33
N TYR A 29 0.63 -1.05 11.85
CA TYR A 29 -0.35 -0.11 11.30
C TYR A 29 -0.20 1.28 11.89
N ILE A 30 -0.62 2.28 11.14
CA ILE A 30 -0.53 3.67 11.58
C ILE A 30 -1.88 4.38 11.46
N THR A 31 -2.15 5.28 12.41
CA THR A 31 -3.41 6.02 12.41
C THR A 31 -3.26 7.36 11.68
N SER A 32 -4.38 8.04 11.45
CA SER A 32 -4.38 9.32 10.76
C SER A 32 -3.40 10.29 11.43
N THR A 33 -3.65 10.62 12.68
CA THR A 33 -2.78 11.52 13.43
C THR A 33 -1.39 10.95 13.56
N GLN A 34 -1.29 9.63 13.71
CA GLN A 34 0.00 8.98 13.85
C GLN A 34 0.87 9.34 12.64
N LEU A 35 0.21 9.75 11.55
CA LEU A 35 0.92 10.16 10.36
C LEU A 35 1.56 11.54 10.55
N LEU A 36 0.98 12.37 11.44
CA LEU A 36 1.52 13.70 11.66
C LEU A 36 2.94 13.65 12.23
N PRO A 37 3.14 12.92 13.35
CA PRO A 37 4.45 12.79 13.99
C PRO A 37 5.18 11.53 13.56
N LEU A 38 4.78 10.98 12.41
CA LEU A 38 5.41 9.77 11.89
C LEU A 38 6.87 10.00 11.57
N HIS A 39 7.10 10.73 10.48
CA HIS A 39 8.45 11.05 10.03
C HIS A 39 8.39 12.01 8.86
N ARG A 40 7.37 11.85 8.02
CA ARG A 40 7.18 12.69 6.84
C ARG A 40 8.39 12.61 5.91
N ARG A 41 9.19 11.57 6.07
CA ARG A 41 10.38 11.38 5.23
C ARG A 41 9.98 11.03 3.79
N PRO A 42 10.67 11.62 2.79
CA PRO A 42 10.37 11.36 1.38
C PRO A 42 10.71 9.92 0.96
N ASN A 43 10.01 8.96 1.56
CA ASN A 43 10.23 7.55 1.24
C ASN A 43 9.04 6.70 1.67
N ILE A 44 7.83 7.24 1.52
CA ILE A 44 6.62 6.50 1.91
C ILE A 44 5.60 6.41 0.78
N ALA A 45 4.96 5.24 0.67
CA ALA A 45 3.94 5.00 -0.34
C ALA A 45 3.04 3.83 0.06
N ILE A 46 1.73 4.06 0.02
CA ILE A 46 0.75 3.03 0.38
C ILE A 46 0.43 2.10 -0.79
N ILE A 47 0.50 0.79 -0.55
CA ILE A 47 0.22 -0.21 -1.56
C ILE A 47 -1.23 -0.68 -1.51
N ASP A 48 -1.82 -0.87 -2.69
CA ASP A 48 -3.18 -1.35 -2.81
C ASP A 48 -3.21 -2.61 -3.64
N VAL A 49 -3.63 -3.72 -3.04
CA VAL A 49 -3.68 -5.00 -3.72
C VAL A 49 -4.90 -5.09 -4.64
N ARG A 50 -4.77 -5.91 -5.69
CA ARG A 50 -5.85 -6.12 -6.66
C ARG A 50 -5.85 -5.06 -7.75
N ASP A 51 -6.26 -5.48 -8.95
CA ASP A 51 -6.35 -4.57 -10.09
C ASP A 51 -7.79 -4.36 -10.48
N GLU A 52 -8.70 -5.12 -9.84
CA GLU A 52 -10.12 -4.97 -10.11
C GLU A 52 -10.52 -3.52 -9.83
N GLU A 53 -9.66 -2.82 -9.08
CA GLU A 53 -9.90 -1.42 -8.78
C GLU A 53 -9.75 -0.61 -10.05
N ARG A 54 -9.04 -1.17 -11.03
CA ARG A 54 -8.86 -0.51 -12.30
C ARG A 54 -10.19 -0.45 -13.06
N ASN A 55 -11.16 -1.22 -12.58
CA ASN A 55 -12.48 -1.26 -13.21
C ASN A 55 -13.36 -0.12 -12.69
N TYR A 56 -13.50 -0.04 -11.37
CA TYR A 56 -14.32 1.01 -10.74
C TYR A 56 -13.88 2.38 -11.23
N ASP A 57 -12.59 2.52 -11.50
CA ASP A 57 -12.00 3.78 -11.99
C ASP A 57 -11.63 4.72 -10.85
N GLY A 58 -12.08 4.42 -9.63
CA GLY A 58 -11.73 5.26 -8.50
C GLY A 58 -10.24 5.32 -8.30
N HIS A 59 -9.64 6.50 -8.41
CA HIS A 59 -8.19 6.63 -8.27
C HIS A 59 -7.77 7.62 -7.19
N ILE A 60 -8.50 7.67 -6.07
CA ILE A 60 -8.08 8.56 -4.98
C ILE A 60 -6.85 7.94 -4.34
N ALA A 61 -5.76 8.02 -5.08
CA ALA A 61 -4.49 7.44 -4.65
C ALA A 61 -3.29 8.30 -5.04
N GLY A 62 -2.32 8.37 -4.16
CA GLY A 62 -1.11 9.11 -4.41
C GLY A 62 0.13 8.25 -4.30
N SER A 63 -0.06 6.97 -3.97
CA SER A 63 1.06 6.04 -3.83
C SER A 63 1.06 4.99 -4.95
N LEU A 64 1.00 3.70 -4.61
CA LEU A 64 1.03 2.66 -5.62
C LEU A 64 -0.13 1.67 -5.49
N HIS A 65 -0.81 1.44 -6.61
CA HIS A 65 -1.94 0.50 -6.67
C HIS A 65 -1.67 -0.55 -7.73
N TYR A 66 -2.08 -1.80 -7.48
CA TYR A 66 -1.85 -2.87 -8.44
C TYR A 66 -2.48 -4.19 -7.99
N ALA A 67 -2.22 -5.24 -8.77
CA ALA A 67 -2.74 -6.58 -8.48
C ALA A 67 -1.64 -7.55 -8.17
N SER A 68 -0.65 -7.60 -9.07
CA SER A 68 0.45 -8.54 -8.98
C SER A 68 0.05 -9.78 -9.73
N GLY A 69 -0.14 -9.63 -11.05
CA GLY A 69 -0.52 -10.76 -11.89
C GLY A 69 0.14 -12.04 -11.46
N SER A 70 1.34 -11.92 -10.95
CA SER A 70 2.09 -13.07 -10.46
C SER A 70 2.06 -13.12 -8.94
N PHE A 71 1.87 -11.97 -8.29
CA PHE A 71 1.85 -11.92 -6.83
C PHE A 71 3.24 -12.25 -6.26
N ASP A 72 4.10 -12.77 -7.12
CA ASP A 72 5.45 -13.14 -6.72
C ASP A 72 6.46 -12.55 -7.70
N ASP A 73 6.02 -11.55 -8.46
CA ASP A 73 6.88 -10.91 -9.43
C ASP A 73 7.00 -9.40 -9.18
N LYS A 74 6.25 -8.90 -8.20
CA LYS A 74 6.29 -7.46 -7.89
C LYS A 74 7.07 -7.18 -6.61
N ILE A 75 6.78 -7.96 -5.57
CA ILE A 75 7.44 -7.80 -4.29
C ILE A 75 8.96 -7.69 -4.46
N SER A 76 9.53 -8.57 -5.27
CA SER A 76 10.96 -8.55 -5.51
C SER A 76 11.31 -7.59 -6.61
N HIS A 77 10.31 -7.08 -7.28
CA HIS A 77 10.53 -6.05 -8.28
C HIS A 77 11.10 -4.89 -7.47
N LEU A 78 10.59 -4.78 -6.25
CA LEU A 78 11.05 -3.82 -5.29
C LEU A 78 12.39 -4.31 -4.78
N VAL A 79 12.53 -5.64 -4.73
CA VAL A 79 13.80 -6.26 -4.33
C VAL A 79 14.89 -5.75 -5.27
N GLN A 80 14.49 -5.59 -6.53
CA GLN A 80 15.38 -5.13 -7.60
C GLN A 80 15.68 -3.66 -7.46
N ASN A 81 14.80 -2.93 -6.80
CA ASN A 81 14.99 -1.50 -6.59
C ASN A 81 15.92 -1.25 -5.42
N VAL A 82 15.54 -1.75 -4.24
CA VAL A 82 16.34 -1.58 -3.03
C VAL A 82 16.92 -0.17 -2.93
N LYS A 83 16.07 0.81 -3.19
CA LYS A 83 16.47 2.22 -3.15
C LYS A 83 16.71 2.72 -1.73
N ASP A 84 16.65 1.83 -0.74
CA ASP A 84 16.87 2.21 0.65
C ASP A 84 15.70 3.06 1.16
N LYS A 85 15.53 4.24 0.57
CA LYS A 85 14.45 5.13 0.96
C LYS A 85 13.13 4.58 0.46
N ASP A 86 12.52 3.76 1.28
CA ASP A 86 11.23 3.16 0.93
C ASP A 86 10.44 2.72 2.15
N THR A 87 9.27 3.33 2.30
CA THR A 87 8.35 2.99 3.37
C THR A 87 7.04 2.60 2.69
N LEU A 88 6.47 1.46 3.05
CA LEU A 88 5.23 1.05 2.40
C LEU A 88 4.16 0.59 3.36
N VAL A 89 2.96 1.13 3.19
CA VAL A 89 1.82 0.75 3.99
C VAL A 89 0.76 0.20 3.05
N PHE A 90 0.36 -1.06 3.24
CA PHE A 90 -0.61 -1.65 2.32
C PHE A 90 -1.89 -2.08 3.00
N HIS A 91 -2.96 -2.15 2.21
CA HIS A 91 -4.30 -2.57 2.68
C HIS A 91 -5.40 -1.91 1.85
N SER A 92 -5.68 -0.63 2.14
CA SER A 92 -6.72 0.14 1.45
C SER A 92 -8.03 0.10 2.24
N ALA A 93 -8.16 0.99 3.23
CA ALA A 93 -9.35 1.05 4.05
C ALA A 93 -9.52 -0.25 4.85
N LEU A 94 -9.90 -1.30 4.15
CA LEU A 94 -10.09 -2.61 4.75
C LEU A 94 -10.57 -3.57 3.68
N SER A 95 -9.62 -4.17 2.96
CA SER A 95 -9.94 -5.10 1.89
C SER A 95 -10.63 -6.37 2.41
N GLN A 96 -11.44 -6.23 3.44
CA GLN A 96 -12.17 -7.35 4.02
C GLN A 96 -11.21 -8.41 4.57
N VAL A 97 -10.34 -7.99 5.48
CA VAL A 97 -9.38 -8.90 6.09
C VAL A 97 -8.36 -9.42 5.08
N ARG A 98 -8.32 -8.80 3.90
CA ARG A 98 -7.39 -9.22 2.85
C ARG A 98 -5.99 -8.69 3.14
N GLY A 99 -5.90 -7.58 3.88
CA GLY A 99 -4.60 -7.00 4.21
C GLY A 99 -3.57 -8.08 4.49
N PRO A 100 -3.82 -8.95 5.49
CA PRO A 100 -2.93 -10.04 5.82
C PRO A 100 -2.64 -10.92 4.62
N THR A 101 -3.65 -11.10 3.76
CA THR A 101 -3.48 -11.89 2.55
C THR A 101 -2.44 -11.25 1.64
N CYS A 102 -2.47 -9.92 1.59
CA CYS A 102 -1.51 -9.17 0.78
C CYS A 102 -0.11 -9.44 1.33
N ALA A 103 0.01 -9.34 2.65
CA ALA A 103 1.28 -9.60 3.30
C ALA A 103 1.67 -11.05 3.03
N ARG A 104 0.66 -11.90 2.85
CA ARG A 104 0.89 -13.30 2.55
C ARG A 104 1.59 -13.41 1.21
N ARG A 105 1.26 -12.50 0.29
CA ARG A 105 1.88 -12.49 -1.02
C ARG A 105 3.33 -12.01 -0.88
N LEU A 106 3.56 -11.09 0.06
CA LEU A 106 4.91 -10.61 0.31
C LEU A 106 5.76 -11.77 0.78
N VAL A 107 5.16 -12.58 1.65
CA VAL A 107 5.79 -13.77 2.17
C VAL A 107 6.01 -14.76 1.03
N ASN A 108 5.05 -14.80 0.10
CA ASN A 108 5.12 -15.70 -1.04
C ASN A 108 6.39 -15.47 -1.85
N TYR A 109 6.63 -14.22 -2.24
CA TYR A 109 7.84 -13.91 -3.02
C TYR A 109 9.08 -14.16 -2.17
N LEU A 110 9.04 -13.70 -0.93
CA LEU A 110 10.16 -13.92 -0.02
C LEU A 110 10.44 -15.42 0.06
N ASP A 111 9.37 -16.20 -0.01
CA ASP A 111 9.47 -17.65 0.02
C ASP A 111 10.09 -18.18 -1.27
N GLU A 112 9.86 -17.44 -2.36
CA GLU A 112 10.37 -17.84 -3.68
C GLU A 112 11.86 -17.55 -3.84
N LYS A 113 12.23 -16.27 -3.86
CA LYS A 113 13.62 -15.90 -4.05
C LYS A 113 14.32 -15.47 -2.75
N LYS A 114 13.68 -15.71 -1.61
CA LYS A 114 14.29 -15.35 -0.33
C LYS A 114 14.75 -13.88 -0.33
N GLU A 115 13.88 -13.00 0.17
CA GLU A 115 14.20 -11.57 0.22
C GLU A 115 13.58 -10.92 1.45
N ASP A 116 14.20 -9.85 1.92
CA ASP A 116 13.70 -9.12 3.09
C ASP A 116 12.86 -7.92 2.67
N THR A 117 12.25 -8.02 1.49
CA THR A 117 11.40 -6.95 0.97
C THR A 117 12.22 -5.68 0.72
N GLY A 118 12.05 -5.09 -0.45
CA GLY A 118 12.76 -3.88 -0.80
C GLY A 118 12.41 -2.72 0.12
N ILE A 119 11.24 -2.79 0.73
CA ILE A 119 10.79 -1.74 1.64
C ILE A 119 11.64 -1.65 2.88
N LYS A 120 11.90 -0.43 3.32
CA LYS A 120 12.69 -0.19 4.52
C LYS A 120 11.83 -0.45 5.76
N ASN A 121 10.54 -0.13 5.65
CA ASN A 121 9.61 -0.32 6.74
C ASN A 121 8.20 -0.59 6.20
N ILE A 122 7.62 -1.70 6.63
CA ILE A 122 6.28 -2.10 6.20
C ILE A 122 5.25 -1.83 7.29
N MET A 123 4.12 -1.25 6.88
CA MET A 123 3.05 -0.92 7.81
C MET A 123 1.67 -1.20 7.21
N ILE A 124 0.63 -1.11 8.04
CA ILE A 124 -0.73 -1.35 7.58
C ILE A 124 -1.61 -0.11 7.85
N LEU A 125 -2.17 0.42 6.78
CA LEU A 125 -3.04 1.61 6.88
C LEU A 125 -4.47 1.22 7.21
N GLU A 126 -5.09 1.99 8.09
CA GLU A 126 -6.47 1.73 8.51
C GLU A 126 -7.46 2.57 7.70
N ARG A 127 -7.12 3.83 7.46
CA ARG A 127 -8.00 4.71 6.70
C ARG A 127 -7.90 4.42 5.21
N GLY A 128 -6.73 4.63 4.64
CA GLY A 128 -6.53 4.38 3.23
C GLY A 128 -7.64 4.92 2.34
N PHE A 129 -8.55 4.03 1.94
CA PHE A 129 -9.66 4.40 1.08
C PHE A 129 -10.94 4.70 1.87
N ASN A 130 -10.96 4.26 3.13
CA ASN A 130 -12.11 4.48 3.98
C ASN A 130 -12.44 5.96 4.09
N GLY A 131 -11.39 6.77 4.21
CA GLY A 131 -11.58 8.20 4.32
C GLY A 131 -12.13 8.80 3.04
N TRP A 132 -11.69 8.28 1.89
CA TRP A 132 -12.15 8.80 0.61
C TRP A 132 -13.63 8.49 0.41
N GLU A 133 -14.02 7.24 0.51
CA GLU A 133 -15.41 6.87 0.31
C GLU A 133 -16.29 7.43 1.44
N ALA A 134 -15.86 7.20 2.66
CA ALA A 134 -16.59 7.64 3.84
C ALA A 134 -16.64 9.15 4.02
N SER A 135 -15.48 9.81 3.94
CA SER A 135 -15.43 11.26 4.15
C SER A 135 -14.92 12.00 2.93
N GLY A 136 -15.43 11.62 1.77
CA GLY A 136 -15.03 12.29 0.55
C GLY A 136 -15.24 11.41 -0.66
N LYS A 137 -16.40 10.75 -0.71
CA LYS A 137 -16.73 9.84 -1.80
C LYS A 137 -16.13 10.28 -3.14
N PRO A 138 -16.35 11.54 -3.56
CA PRO A 138 -15.78 12.06 -4.82
C PRO A 138 -14.34 11.60 -5.04
N VAL A 139 -14.20 10.48 -5.73
CA VAL A 139 -12.88 9.92 -6.01
C VAL A 139 -12.55 10.01 -7.50
N CYS A 140 -11.26 10.18 -7.84
CA CYS A 140 -10.82 10.31 -9.23
C CYS A 140 -11.79 9.66 -10.21
N ARG A 141 -12.32 10.46 -11.14
CA ARG A 141 -13.27 9.96 -12.13
C ARG A 141 -12.71 10.07 -13.54
N CYS A 142 -11.60 9.39 -13.80
CA CYS A 142 -10.99 9.41 -15.12
C CYS A 142 -10.42 8.03 -15.46
N ALA A 143 -9.17 7.99 -15.89
CA ALA A 143 -8.52 6.73 -16.24
C ALA A 143 -7.02 6.92 -16.28
N GLU A 144 -6.61 8.11 -16.69
CA GLU A 144 -5.21 8.45 -16.79
C GLU A 144 -4.97 9.88 -16.29
N VAL A 145 -4.03 10.61 -16.91
CA VAL A 145 -3.73 11.98 -16.51
C VAL A 145 -3.43 12.05 -15.01
N PRO A 146 -3.02 13.23 -14.51
CA PRO A 146 -2.70 13.41 -13.09
C PRO A 146 -3.89 13.09 -12.19
N CYS A 147 -4.18 11.80 -12.03
CA CYS A 147 -5.30 11.36 -11.20
C CYS A 147 -5.40 12.19 -9.92
N LYS A 148 -4.64 11.81 -8.89
CA LYS A 148 -4.66 12.55 -7.63
C LYS A 148 -3.27 12.71 -7.05
N GLY A 149 -2.47 11.65 -7.09
CA GLY A 149 -1.18 11.71 -6.43
C GLY A 149 -1.46 11.91 -4.96
N ASP A 150 -2.73 11.64 -4.64
CA ASP A 150 -3.27 11.74 -3.30
C ASP A 150 -4.22 10.57 -3.08
N CYS A 151 -4.22 10.08 -1.88
CA CYS A 151 -5.06 8.96 -1.48
C CYS A 151 -6.16 9.43 -0.54
N ALA A 152 -6.56 10.69 -0.68
CA ALA A 152 -7.60 11.26 0.17
C ALA A 152 -8.43 12.27 -0.61
N MET A 21 -0.29 0.91 23.69
CA MET A 21 1.09 1.42 23.89
C MET A 21 2.07 0.79 22.90
N ALA A 22 2.12 -0.55 22.91
CA ALA A 22 3.01 -1.27 22.01
C ALA A 22 2.22 -1.98 20.92
N MET A 23 1.87 -1.24 19.87
CA MET A 23 1.11 -1.80 18.75
C MET A 23 1.14 -0.86 17.55
N ALA A 24 2.35 -0.45 17.15
CA ALA A 24 2.51 0.45 16.01
C ALA A 24 3.98 0.68 15.71
N ARG A 25 4.51 -0.09 14.75
CA ARG A 25 5.91 0.03 14.36
C ARG A 25 6.18 -0.71 13.05
N SER A 26 7.46 -0.94 12.76
CA SER A 26 7.85 -1.64 11.53
C SER A 26 7.10 -2.95 11.38
N ILE A 27 7.08 -3.49 10.15
CA ILE A 27 6.39 -4.74 9.84
C ILE A 27 5.12 -4.92 10.67
N SER A 28 4.43 -3.81 10.90
CA SER A 28 3.21 -3.85 11.72
C SER A 28 2.19 -2.80 11.27
N TYR A 29 0.99 -2.89 11.83
CA TYR A 29 -0.09 -1.95 11.52
C TYR A 29 0.05 -0.69 12.37
N ILE A 30 -0.48 0.42 11.88
CA ILE A 30 -0.37 1.69 12.57
C ILE A 30 -1.73 2.38 12.75
N THR A 31 -1.81 3.30 13.72
CA THR A 31 -3.06 4.01 14.03
C THR A 31 -3.16 5.35 13.30
N SER A 32 -4.33 5.97 13.37
CA SER A 32 -4.57 7.27 12.72
C SER A 32 -3.63 8.33 13.30
N THR A 33 -3.66 8.50 14.61
CA THR A 33 -2.80 9.47 15.28
C THR A 33 -1.36 9.12 15.05
N GLN A 34 -1.08 7.82 14.99
CA GLN A 34 0.28 7.36 14.75
C GLN A 34 0.79 7.99 13.45
N LEU A 35 -0.15 8.55 12.66
CA LEU A 35 0.21 9.22 11.44
C LEU A 35 0.94 10.53 11.77
N LEU A 36 0.56 11.18 12.89
CA LEU A 36 1.22 12.43 13.25
C LEU A 36 2.72 12.19 13.48
N PRO A 37 3.08 11.24 14.35
CA PRO A 37 4.47 10.90 14.63
C PRO A 37 4.93 9.69 13.83
N LEU A 38 4.42 9.56 12.61
CA LEU A 38 4.76 8.44 11.74
C LEU A 38 6.26 8.37 11.49
N HIS A 39 6.79 9.37 10.81
CA HIS A 39 8.21 9.43 10.49
C HIS A 39 8.50 10.53 9.48
N ARG A 40 7.55 10.76 8.58
CA ARG A 40 7.70 11.78 7.54
C ARG A 40 8.83 11.43 6.59
N ARG A 41 8.63 10.36 5.83
CA ARG A 41 9.64 9.91 4.87
C ARG A 41 9.11 9.99 3.44
N PRO A 42 9.96 10.43 2.48
CA PRO A 42 9.58 10.55 1.08
C PRO A 42 9.57 9.20 0.34
N ASN A 43 10.06 8.17 1.01
CA ASN A 43 10.11 6.82 0.43
C ASN A 43 8.85 6.04 0.80
N ILE A 44 7.77 6.73 1.14
CA ILE A 44 6.54 6.05 1.56
C ILE A 44 5.48 5.96 0.48
N ALA A 45 4.85 4.78 0.40
CA ALA A 45 3.78 4.52 -0.56
C ALA A 45 2.92 3.36 -0.05
N ILE A 46 1.62 3.45 -0.29
CA ILE A 46 0.68 2.42 0.15
C ILE A 46 0.31 1.49 -0.99
N ILE A 47 0.34 0.18 -0.74
CA ILE A 47 0.01 -0.80 -1.76
C ILE A 47 -1.46 -1.24 -1.66
N ASP A 48 -2.07 -1.41 -2.84
CA ASP A 48 -3.46 -1.83 -2.94
C ASP A 48 -3.61 -2.94 -3.99
N VAL A 49 -4.16 -4.07 -3.55
CA VAL A 49 -4.39 -5.21 -4.44
C VAL A 49 -5.84 -5.27 -4.90
N ARG A 50 -6.06 -5.41 -6.20
CA ARG A 50 -7.43 -5.48 -6.71
C ARG A 50 -7.49 -5.70 -8.22
N ASP A 51 -6.54 -6.46 -8.76
CA ASP A 51 -6.50 -6.75 -10.19
C ASP A 51 -6.66 -5.47 -11.01
N GLU A 52 -6.98 -5.62 -12.29
CA GLU A 52 -7.15 -4.48 -13.21
C GLU A 52 -7.76 -3.26 -12.53
N GLU A 53 -8.67 -3.49 -11.57
CA GLU A 53 -9.35 -2.41 -10.85
C GLU A 53 -8.35 -1.53 -10.08
N ARG A 54 -7.12 -1.99 -9.93
CA ARG A 54 -6.10 -1.24 -9.21
C ARG A 54 -5.74 0.05 -9.94
N ASN A 55 -6.04 0.11 -11.23
CA ASN A 55 -5.72 1.30 -12.01
C ASN A 55 -6.44 2.54 -11.48
N TYR A 56 -7.76 2.45 -11.38
CA TYR A 56 -8.55 3.56 -10.89
C TYR A 56 -8.43 3.68 -9.38
N ASP A 57 -8.69 2.56 -8.70
CA ASP A 57 -8.61 2.51 -7.23
C ASP A 57 -9.16 3.79 -6.60
N GLY A 58 -10.17 4.37 -7.25
CA GLY A 58 -10.77 5.59 -6.74
C GLY A 58 -9.86 6.79 -6.94
N HIS A 59 -10.45 7.98 -7.00
CA HIS A 59 -9.67 9.20 -7.20
C HIS A 59 -9.25 9.81 -5.86
N ILE A 60 -8.98 11.12 -5.82
CA ILE A 60 -8.52 11.78 -4.57
C ILE A 60 -7.60 10.85 -3.79
N ALA A 61 -6.91 10.00 -4.54
CA ALA A 61 -6.02 8.98 -3.99
C ALA A 61 -4.75 8.75 -4.81
N GLY A 62 -3.66 8.47 -4.12
CA GLY A 62 -2.40 8.17 -4.77
C GLY A 62 -2.02 6.72 -4.59
N SER A 63 -1.38 6.40 -3.47
CA SER A 63 -0.97 5.03 -3.16
C SER A 63 -0.38 4.32 -4.38
N LEU A 64 -0.44 2.99 -4.36
CA LEU A 64 0.08 2.17 -5.45
C LEU A 64 -0.99 1.20 -5.94
N HIS A 65 -0.93 0.88 -7.23
CA HIS A 65 -1.90 -0.02 -7.83
C HIS A 65 -1.23 -1.33 -8.26
N TYR A 66 -1.67 -2.44 -7.66
CA TYR A 66 -1.09 -3.73 -8.00
C TYR A 66 -2.12 -4.87 -7.83
N ALA A 67 -1.78 -6.03 -8.37
CA ALA A 67 -2.67 -7.19 -8.31
C ALA A 67 -2.12 -8.28 -7.41
N SER A 68 -2.73 -9.46 -7.48
CA SER A 68 -2.32 -10.60 -6.69
C SER A 68 -2.76 -11.90 -7.35
N GLY A 69 -2.62 -11.95 -8.67
CA GLY A 69 -2.99 -13.14 -9.41
C GLY A 69 -1.87 -14.15 -9.39
N SER A 70 -0.65 -13.65 -9.54
CA SER A 70 0.53 -14.48 -9.50
C SER A 70 1.00 -14.64 -8.07
N PHE A 71 0.91 -13.54 -7.31
CA PHE A 71 1.31 -13.53 -5.91
C PHE A 71 2.82 -13.51 -5.77
N ASP A 72 3.51 -13.98 -6.79
CA ASP A 72 4.95 -14.00 -6.79
C ASP A 72 5.48 -13.31 -8.03
N ASP A 73 4.68 -12.42 -8.58
CA ASP A 73 5.06 -11.68 -9.76
C ASP A 73 5.15 -10.20 -9.46
N LYS A 74 4.71 -9.78 -8.27
CA LYS A 74 4.75 -8.35 -7.92
C LYS A 74 5.71 -8.06 -6.77
N ILE A 75 6.10 -9.09 -6.03
CA ILE A 75 7.00 -8.90 -4.89
C ILE A 75 8.46 -9.11 -5.25
N SER A 76 8.76 -9.46 -6.50
CA SER A 76 10.17 -9.62 -6.93
C SER A 76 10.66 -8.26 -7.30
N HIS A 77 9.77 -7.60 -7.97
CA HIS A 77 9.94 -6.25 -8.43
C HIS A 77 9.99 -5.34 -7.19
N LEU A 78 9.14 -5.69 -6.23
CA LEU A 78 9.10 -4.97 -4.96
C LEU A 78 10.24 -5.48 -4.09
N VAL A 79 10.69 -6.70 -4.38
CA VAL A 79 11.82 -7.31 -3.68
C VAL A 79 13.10 -6.58 -4.08
N GLN A 80 13.13 -6.16 -5.34
CA GLN A 80 14.28 -5.45 -5.92
C GLN A 80 14.36 -4.04 -5.38
N ASN A 81 13.46 -3.18 -5.86
CA ASN A 81 13.40 -1.78 -5.42
C ASN A 81 14.80 -1.24 -5.14
N VAL A 82 15.73 -1.57 -6.04
CA VAL A 82 17.13 -1.16 -5.91
C VAL A 82 17.25 0.31 -5.47
N LYS A 83 16.24 1.11 -5.78
CA LYS A 83 16.23 2.53 -5.40
C LYS A 83 16.58 2.73 -3.93
N ASP A 84 16.37 1.69 -3.12
CA ASP A 84 16.65 1.75 -1.68
C ASP A 84 15.51 2.44 -0.94
N LYS A 85 15.26 3.70 -1.30
CA LYS A 85 14.19 4.47 -0.67
C LYS A 85 12.85 3.80 -0.91
N ASP A 86 12.40 3.04 0.06
CA ASP A 86 11.11 2.36 -0.08
C ASP A 86 10.44 2.03 1.25
N THR A 87 9.27 2.63 1.44
CA THR A 87 8.43 2.37 2.59
C THR A 87 7.09 1.91 2.04
N LEU A 88 6.56 0.81 2.54
CA LEU A 88 5.29 0.33 1.99
C LEU A 88 4.26 -0.01 3.07
N VAL A 89 3.05 0.47 2.85
CA VAL A 89 1.94 0.19 3.75
C VAL A 89 0.82 -0.44 2.95
N PHE A 90 0.36 -1.62 3.36
CA PHE A 90 -0.70 -2.29 2.60
C PHE A 90 -2.05 -2.09 3.23
N HIS A 91 -3.09 -2.20 2.41
CA HIS A 91 -4.48 -2.04 2.87
C HIS A 91 -5.07 -0.72 2.42
N SER A 92 -4.69 0.36 3.10
CA SER A 92 -5.19 1.68 2.79
C SER A 92 -6.62 1.82 3.28
N ALA A 93 -6.83 1.54 4.57
CA ALA A 93 -8.15 1.63 5.19
C ALA A 93 -8.97 0.37 4.96
N LEU A 94 -8.96 -0.14 3.72
CA LEU A 94 -9.69 -1.34 3.37
C LEU A 94 -9.72 -1.50 1.85
N SER A 95 -8.54 -1.58 1.24
CA SER A 95 -8.47 -1.75 -0.21
C SER A 95 -9.36 -2.92 -0.62
N GLN A 96 -9.48 -3.87 0.30
CA GLN A 96 -10.31 -5.06 0.09
C GLN A 96 -10.17 -6.04 1.25
N VAL A 97 -9.85 -5.53 2.44
CA VAL A 97 -9.68 -6.38 3.62
C VAL A 97 -8.42 -7.25 3.53
N ARG A 98 -7.82 -7.30 2.35
CA ARG A 98 -6.61 -8.10 2.14
C ARG A 98 -5.37 -7.42 2.70
N GLY A 99 -5.40 -6.09 2.79
CA GLY A 99 -4.25 -5.34 3.31
C GLY A 99 -3.20 -6.23 3.98
N PRO A 100 -3.57 -6.87 5.11
CA PRO A 100 -2.68 -7.78 5.83
C PRO A 100 -2.26 -8.96 4.96
N THR A 101 -3.23 -9.50 4.22
CA THR A 101 -2.96 -10.61 3.32
C THR A 101 -1.95 -10.19 2.26
N CYS A 102 -1.98 -8.92 1.88
CA CYS A 102 -1.04 -8.39 0.89
C CYS A 102 0.35 -8.53 1.45
N ALA A 103 0.50 -8.23 2.74
CA ALA A 103 1.78 -8.37 3.39
C ALA A 103 2.15 -9.84 3.45
N ARG A 104 1.14 -10.69 3.59
CA ARG A 104 1.35 -12.13 3.61
C ARG A 104 1.92 -12.55 2.26
N ARG A 105 1.45 -11.86 1.21
CA ARG A 105 1.92 -12.13 -0.14
C ARG A 105 3.39 -11.77 -0.24
N LEU A 106 3.78 -10.67 0.42
CA LEU A 106 5.17 -10.27 0.41
C LEU A 106 6.00 -11.40 1.00
N VAL A 107 5.47 -12.00 2.05
CA VAL A 107 6.11 -13.12 2.71
C VAL A 107 6.15 -14.32 1.78
N ASN A 108 5.08 -14.49 1.00
CA ASN A 108 4.98 -15.60 0.06
C ASN A 108 6.09 -15.58 -0.99
N TYR A 109 6.25 -14.45 -1.65
CA TYR A 109 7.28 -14.33 -2.68
C TYR A 109 8.67 -14.43 -2.07
N LEU A 110 8.93 -13.62 -1.04
CA LEU A 110 10.24 -13.68 -0.40
C LEU A 110 10.52 -15.11 0.03
N ASP A 111 9.44 -15.86 0.31
CA ASP A 111 9.55 -17.25 0.70
C ASP A 111 10.01 -18.09 -0.47
N GLU A 112 9.53 -17.75 -1.67
CA GLU A 112 9.89 -18.50 -2.87
C GLU A 112 11.30 -18.15 -3.35
N LYS A 113 11.49 -16.88 -3.70
CA LYS A 113 12.79 -16.41 -4.18
C LYS A 113 13.83 -16.40 -3.06
N LYS A 114 13.64 -15.52 -2.09
CA LYS A 114 14.56 -15.40 -0.96
C LYS A 114 14.06 -14.36 0.04
N GLU A 115 14.55 -14.44 1.28
CA GLU A 115 14.15 -13.51 2.33
C GLU A 115 14.39 -12.06 1.90
N ASP A 116 14.26 -11.15 2.86
CA ASP A 116 14.47 -9.73 2.58
C ASP A 116 13.35 -9.19 1.69
N THR A 117 12.33 -8.62 2.32
CA THR A 117 11.18 -8.07 1.59
C THR A 117 11.64 -6.98 0.61
N GLY A 118 12.69 -6.26 0.99
CA GLY A 118 13.20 -5.20 0.13
C GLY A 118 12.76 -3.83 0.60
N ILE A 119 11.56 -3.76 1.16
CA ILE A 119 11.02 -2.50 1.66
C ILE A 119 11.81 -2.00 2.86
N LYS A 120 12.03 -0.69 2.91
CA LYS A 120 12.73 -0.11 4.03
C LYS A 120 11.94 -0.36 5.32
N ASN A 121 10.62 -0.18 5.22
CA ASN A 121 9.73 -0.41 6.35
C ASN A 121 8.32 -0.76 5.87
N ILE A 122 7.80 -1.92 6.30
CA ILE A 122 6.47 -2.35 5.91
C ILE A 122 5.47 -2.25 7.08
N MET A 123 4.30 -1.68 6.80
CA MET A 123 3.28 -1.52 7.82
C MET A 123 1.88 -1.76 7.23
N ILE A 124 0.88 -1.84 8.11
CA ILE A 124 -0.50 -2.04 7.68
C ILE A 124 -1.39 -0.95 8.28
N LEU A 125 -2.04 -0.19 7.42
CA LEU A 125 -2.91 0.90 7.88
C LEU A 125 -4.37 0.51 7.78
N GLU A 126 -5.13 0.83 8.82
CA GLU A 126 -6.55 0.50 8.89
C GLU A 126 -7.42 1.73 8.66
N ARG A 127 -6.85 2.76 8.05
CA ARG A 127 -7.58 3.99 7.76
C ARG A 127 -6.87 4.82 6.71
N GLY A 128 -6.21 4.13 5.78
CA GLY A 128 -5.50 4.78 4.70
C GLY A 128 -6.33 5.83 3.97
N PHE A 129 -7.63 5.90 4.28
CA PHE A 129 -8.54 6.85 3.63
C PHE A 129 -8.95 6.35 2.25
N ASN A 130 -8.41 5.19 1.86
CA ASN A 130 -8.71 4.59 0.58
C ASN A 130 -10.16 4.17 0.53
N GLY A 131 -10.74 3.82 1.68
CA GLY A 131 -12.11 3.43 1.69
C GLY A 131 -12.96 4.55 1.13
N TRP A 132 -12.66 5.78 1.52
CA TRP A 132 -13.37 6.95 1.03
C TRP A 132 -13.09 7.17 -0.46
N GLU A 133 -11.80 7.23 -0.82
CA GLU A 133 -11.43 7.47 -2.22
C GLU A 133 -11.81 6.30 -3.11
N ALA A 134 -11.39 5.11 -2.71
CA ALA A 134 -11.66 3.89 -3.46
C ALA A 134 -13.15 3.65 -3.63
N SER A 135 -13.89 3.72 -2.55
CA SER A 135 -15.34 3.49 -2.64
C SER A 135 -16.06 3.81 -1.34
N GLY A 136 -15.84 5.01 -0.82
CA GLY A 136 -16.49 5.41 0.41
C GLY A 136 -17.37 6.64 0.25
N LYS A 137 -16.83 7.67 -0.41
CA LYS A 137 -17.57 8.91 -0.62
C LYS A 137 -17.08 9.64 -1.87
N PRO A 138 -17.52 10.90 -2.11
CA PRO A 138 -17.10 11.68 -3.28
C PRO A 138 -15.63 11.50 -3.64
N VAL A 139 -15.35 11.53 -4.93
CA VAL A 139 -13.99 11.35 -5.44
C VAL A 139 -13.71 12.33 -6.59
N CYS A 140 -12.43 12.74 -6.72
CA CYS A 140 -12.02 13.70 -7.77
C CYS A 140 -13.19 14.34 -8.52
N ARG A 141 -13.68 13.61 -9.53
CA ARG A 141 -14.77 14.02 -10.43
C ARG A 141 -14.26 14.03 -11.88
N CYS A 142 -13.04 13.50 -12.09
CA CYS A 142 -12.43 13.42 -13.42
C CYS A 142 -12.31 11.99 -13.88
N ALA A 143 -11.54 11.79 -14.95
CA ALA A 143 -11.33 10.47 -15.51
C ALA A 143 -10.17 10.47 -16.51
N GLU A 144 -9.02 10.96 -16.08
CA GLU A 144 -7.84 11.00 -16.95
C GLU A 144 -6.58 11.47 -16.23
N VAL A 145 -5.52 11.69 -17.00
CA VAL A 145 -4.23 12.13 -16.47
C VAL A 145 -4.35 13.22 -15.39
N PRO A 146 -5.21 14.26 -15.58
CA PRO A 146 -5.36 15.34 -14.59
C PRO A 146 -5.67 14.85 -13.17
N CYS A 147 -5.75 13.54 -12.97
CA CYS A 147 -6.05 12.98 -11.65
C CYS A 147 -5.02 13.44 -10.60
N LYS A 148 -4.67 12.58 -9.62
CA LYS A 148 -3.74 12.99 -8.58
C LYS A 148 -2.58 12.04 -8.34
N GLY A 149 -2.89 10.77 -8.03
CA GLY A 149 -1.84 9.88 -7.61
C GLY A 149 -1.44 10.41 -6.26
N ASP A 150 -2.46 11.06 -5.68
CA ASP A 150 -2.41 11.70 -4.39
C ASP A 150 -3.74 11.48 -3.65
N CYS A 151 -3.62 11.36 -2.35
CA CYS A 151 -4.77 11.16 -1.48
C CYS A 151 -5.40 12.48 -1.09
N ALA A 152 -4.57 13.52 -1.01
CA ALA A 152 -5.05 14.86 -0.64
C ALA A 152 -5.72 14.85 0.72
N MET A 21 -0.76 -3.61 24.45
CA MET A 21 -1.74 -3.72 23.33
C MET A 21 -1.03 -3.91 21.99
N ALA A 22 -0.05 -3.05 21.71
CA ALA A 22 0.69 -3.13 20.46
C ALA A 22 2.19 -2.94 20.70
N MET A 23 2.91 -2.53 19.65
CA MET A 23 4.36 -2.32 19.75
C MET A 23 5.07 -3.63 20.02
N ALA A 24 4.68 -4.67 19.28
CA ALA A 24 5.28 -5.99 19.43
C ALA A 24 5.25 -6.76 18.13
N ARG A 25 5.30 -6.03 17.01
CA ARG A 25 5.28 -6.64 15.70
C ARG A 25 6.37 -6.04 14.81
N SER A 26 7.44 -5.56 15.43
CA SER A 26 8.55 -4.96 14.70
C SER A 26 8.15 -3.63 14.06
N ILE A 27 7.21 -3.69 13.12
CA ILE A 27 6.78 -2.48 12.42
C ILE A 27 5.52 -1.86 13.04
N SER A 28 4.76 -1.01 12.30
CA SER A 28 3.61 -0.37 12.95
C SER A 28 2.44 0.01 12.05
N TYR A 29 1.35 0.43 12.70
CA TYR A 29 0.16 0.91 12.03
C TYR A 29 0.12 2.43 12.12
N ILE A 30 -0.35 3.12 11.09
CA ILE A 30 -0.37 4.58 11.14
C ILE A 30 -1.75 5.16 10.85
N THR A 31 -2.14 6.10 11.70
CA THR A 31 -3.40 6.81 11.57
C THR A 31 -3.19 8.13 10.84
N SER A 32 -4.28 8.80 10.48
CA SER A 32 -4.21 10.08 9.77
C SER A 32 -3.18 11.02 10.42
N THR A 33 -3.22 11.12 11.75
CA THR A 33 -2.30 11.99 12.48
C THR A 33 -0.91 11.38 12.57
N GLN A 34 -0.83 10.07 12.71
CA GLN A 34 0.45 9.40 12.79
C GLN A 34 1.30 9.73 11.56
N LEU A 35 0.62 10.22 10.53
CA LEU A 35 1.29 10.63 9.31
C LEU A 35 2.01 11.96 9.52
N LEU A 36 1.51 12.77 10.48
CA LEU A 36 2.12 14.07 10.74
C LEU A 36 3.60 13.93 11.13
N PRO A 37 3.91 13.10 12.15
CA PRO A 37 5.29 12.89 12.60
C PRO A 37 6.11 12.07 11.62
N LEU A 38 5.44 11.46 10.64
CA LEU A 38 6.12 10.64 9.64
C LEU A 38 7.02 11.49 8.74
N HIS A 39 6.90 12.80 8.84
CA HIS A 39 7.69 13.72 8.03
C HIS A 39 9.16 13.28 7.94
N ARG A 40 9.63 12.57 8.97
CA ARG A 40 11.01 12.09 8.99
C ARG A 40 11.09 10.64 8.50
N ARG A 41 10.24 10.28 7.55
CA ARG A 41 10.22 8.93 7.01
C ARG A 41 10.02 8.92 5.50
N PRO A 42 10.95 9.52 4.74
CA PRO A 42 10.87 9.57 3.28
C PRO A 42 11.09 8.20 2.65
N ASN A 43 10.12 7.32 2.82
CA ASN A 43 10.19 5.97 2.29
C ASN A 43 8.90 5.19 2.60
N ILE A 44 7.75 5.63 2.05
CA ILE A 44 6.48 4.93 2.29
C ILE A 44 5.61 4.77 1.04
N ALA A 45 4.84 3.68 1.01
CA ALA A 45 3.92 3.40 -0.08
C ALA A 45 2.83 2.44 0.40
N ILE A 46 1.61 2.61 -0.11
CA ILE A 46 0.48 1.76 0.30
C ILE A 46 0.12 0.71 -0.76
N ILE A 47 0.30 -0.56 -0.44
CA ILE A 47 -0.04 -1.65 -1.36
C ILE A 47 -1.41 -2.25 -1.04
N ASP A 48 -2.19 -2.56 -2.08
CA ASP A 48 -3.51 -3.16 -1.86
C ASP A 48 -3.77 -4.41 -2.70
N VAL A 49 -4.71 -5.23 -2.25
CA VAL A 49 -5.09 -6.44 -2.97
C VAL A 49 -6.34 -6.15 -3.81
N ARG A 50 -6.12 -5.82 -5.07
CA ARG A 50 -7.21 -5.48 -5.96
C ARG A 50 -7.36 -6.51 -7.08
N ASP A 51 -6.99 -6.14 -8.33
CA ASP A 51 -7.09 -7.04 -9.48
C ASP A 51 -7.27 -6.23 -10.76
N GLU A 52 -8.52 -5.97 -11.12
CA GLU A 52 -8.82 -5.18 -12.30
C GLU A 52 -9.17 -3.76 -11.89
N GLU A 53 -8.61 -3.33 -10.75
CA GLU A 53 -8.85 -1.99 -10.23
C GLU A 53 -8.60 -0.92 -11.30
N ARG A 54 -7.83 -1.29 -12.32
CA ARG A 54 -7.54 -0.37 -13.41
C ARG A 54 -8.85 0.04 -14.09
N ASN A 55 -9.86 -0.81 -13.95
CA ASN A 55 -11.17 -0.54 -14.54
C ASN A 55 -11.75 0.74 -13.94
N TYR A 56 -11.73 0.82 -12.61
CA TYR A 56 -12.22 2.00 -11.90
C TYR A 56 -11.32 3.18 -12.20
N ASP A 57 -10.02 2.99 -11.92
CA ASP A 57 -8.98 4.01 -12.15
C ASP A 57 -8.61 4.75 -10.87
N GLY A 58 -9.61 4.98 -10.01
CA GLY A 58 -9.36 5.69 -8.76
C GLY A 58 -8.68 7.03 -8.98
N HIS A 59 -9.03 8.04 -8.17
CA HIS A 59 -8.43 9.35 -8.32
C HIS A 59 -8.11 9.97 -6.95
N ILE A 60 -7.36 11.09 -6.97
CA ILE A 60 -6.95 11.77 -5.73
C ILE A 60 -6.57 10.75 -4.66
N ALA A 61 -6.11 9.61 -5.15
CA ALA A 61 -5.70 8.49 -4.34
C ALA A 61 -4.49 7.80 -4.96
N GLY A 62 -3.59 7.34 -4.12
CA GLY A 62 -2.41 6.65 -4.61
C GLY A 62 -2.47 5.17 -4.32
N SER A 63 -1.46 4.64 -3.62
CA SER A 63 -1.42 3.22 -3.30
C SER A 63 -1.44 2.38 -4.58
N LEU A 64 -0.62 1.34 -4.58
CA LEU A 64 -0.51 0.46 -5.74
C LEU A 64 -1.76 -0.40 -5.88
N HIS A 65 -2.04 -0.81 -7.13
CA HIS A 65 -3.18 -1.67 -7.46
C HIS A 65 -2.70 -2.95 -8.12
N TYR A 66 -2.90 -4.12 -7.49
CA TYR A 66 -2.41 -5.36 -8.08
C TYR A 66 -3.46 -6.47 -8.16
N ALA A 67 -3.04 -7.60 -8.70
CA ALA A 67 -3.88 -8.79 -8.84
C ALA A 67 -3.13 -10.03 -8.36
N SER A 68 -3.74 -11.19 -8.51
CA SER A 68 -3.10 -12.44 -8.10
C SER A 68 -2.63 -13.22 -9.32
N GLY A 69 -2.42 -12.51 -10.42
CA GLY A 69 -1.93 -13.14 -11.63
C GLY A 69 -0.41 -13.12 -11.66
N SER A 70 0.16 -12.15 -10.95
CA SER A 70 1.60 -12.00 -10.85
C SER A 70 1.96 -11.45 -9.47
N PHE A 71 1.27 -11.96 -8.45
CA PHE A 71 1.49 -11.54 -7.08
C PHE A 71 2.96 -11.62 -6.70
N ASP A 72 3.69 -12.43 -7.43
CA ASP A 72 5.10 -12.60 -7.17
C ASP A 72 5.92 -11.77 -8.15
N ASP A 73 5.42 -10.59 -8.50
CA ASP A 73 6.11 -9.75 -9.45
C ASP A 73 6.24 -8.29 -8.99
N LYS A 74 5.60 -7.92 -7.88
CA LYS A 74 5.68 -6.53 -7.43
C LYS A 74 6.43 -6.39 -6.09
N ILE A 75 7.05 -7.47 -5.65
CA ILE A 75 7.79 -7.44 -4.40
C ILE A 75 9.29 -7.27 -4.66
N SER A 76 9.71 -7.58 -5.90
CA SER A 76 11.12 -7.41 -6.32
C SER A 76 11.32 -5.97 -6.59
N HIS A 77 10.38 -5.54 -7.36
CA HIS A 77 10.24 -4.20 -7.82
C HIS A 77 10.05 -3.26 -6.63
N LEU A 78 9.30 -3.74 -5.65
CA LEU A 78 9.09 -2.99 -4.43
C LEU A 78 10.32 -3.14 -3.55
N VAL A 79 11.00 -4.28 -3.72
CA VAL A 79 12.23 -4.56 -2.98
C VAL A 79 13.35 -3.61 -3.43
N GLN A 80 13.34 -3.28 -4.72
CA GLN A 80 14.34 -2.40 -5.31
C GLN A 80 14.03 -0.93 -5.05
N ASN A 81 12.84 -0.50 -5.44
CA ASN A 81 12.38 0.86 -5.23
C ASN A 81 13.46 1.91 -5.53
N VAL A 82 14.46 1.52 -6.32
CA VAL A 82 15.55 2.42 -6.72
C VAL A 82 16.61 2.63 -5.64
N LYS A 83 16.31 2.32 -4.38
CA LYS A 83 17.30 2.53 -3.32
C LYS A 83 16.81 2.08 -1.95
N ASP A 84 16.72 0.77 -1.75
CA ASP A 84 16.31 0.17 -0.47
C ASP A 84 15.07 0.85 0.13
N LYS A 85 15.19 2.15 0.45
CA LYS A 85 14.08 2.92 1.04
C LYS A 85 12.73 2.41 0.57
N ASP A 86 12.12 1.59 1.39
CA ASP A 86 10.80 1.04 1.08
C ASP A 86 10.03 0.60 2.31
N THR A 87 8.92 1.27 2.55
CA THR A 87 7.99 0.93 3.63
C THR A 87 6.65 0.68 2.97
N LEU A 88 5.99 -0.43 3.28
CA LEU A 88 4.72 -0.71 2.65
C LEU A 88 3.61 -0.87 3.65
N VAL A 89 2.50 -0.15 3.43
CA VAL A 89 1.36 -0.27 4.29
C VAL A 89 0.28 -0.94 3.48
N PHE A 90 -0.29 -2.02 4.00
CA PHE A 90 -1.27 -2.75 3.21
C PHE A 90 -2.69 -2.46 3.63
N HIS A 91 -3.58 -2.63 2.65
CA HIS A 91 -5.03 -2.44 2.83
C HIS A 91 -5.63 -1.61 1.68
N SER A 92 -5.76 -0.29 1.91
CA SER A 92 -6.32 0.61 0.90
C SER A 92 -7.61 0.04 0.28
N ALA A 93 -7.43 -0.79 -0.75
CA ALA A 93 -8.55 -1.41 -1.46
C ALA A 93 -9.62 -1.94 -0.52
N LEU A 94 -9.26 -2.90 0.34
CA LEU A 94 -10.20 -3.49 1.26
C LEU A 94 -10.15 -2.79 2.61
N SER A 95 -8.97 -2.79 3.23
CA SER A 95 -8.82 -2.17 4.54
C SER A 95 -9.66 -2.92 5.56
N GLN A 96 -10.09 -4.12 5.20
CA GLN A 96 -10.90 -4.95 6.08
C GLN A 96 -10.04 -5.97 6.81
N VAL A 97 -9.73 -7.07 6.14
CA VAL A 97 -8.92 -8.12 6.75
C VAL A 97 -7.92 -8.73 5.76
N ARG A 98 -7.94 -8.25 4.52
CA ARG A 98 -7.02 -8.76 3.51
C ARG A 98 -5.62 -8.17 3.66
N GLY A 99 -5.54 -6.97 4.26
CA GLY A 99 -4.24 -6.34 4.45
C GLY A 99 -3.19 -7.33 4.93
N PRO A 100 -3.49 -8.06 6.02
CA PRO A 100 -2.57 -9.07 6.55
C PRO A 100 -2.19 -10.07 5.47
N THR A 101 -3.17 -10.42 4.62
CA THR A 101 -2.91 -11.34 3.52
C THR A 101 -1.90 -10.69 2.57
N CYS A 102 -2.00 -9.37 2.48
CA CYS A 102 -1.10 -8.59 1.64
C CYS A 102 0.33 -8.81 2.09
N ALA A 103 0.55 -8.70 3.40
CA ALA A 103 1.87 -8.93 3.96
C ALA A 103 2.28 -10.37 3.70
N ARG A 104 1.30 -11.27 3.77
CA ARG A 104 1.55 -12.68 3.48
C ARG A 104 2.11 -12.80 2.08
N ARG A 105 1.62 -11.91 1.21
CA ARG A 105 2.07 -11.86 -0.17
C ARG A 105 3.54 -11.48 -0.22
N LEU A 106 3.94 -10.53 0.62
CA LEU A 106 5.33 -10.12 0.69
C LEU A 106 6.16 -11.35 1.02
N VAL A 107 5.61 -12.17 1.92
CA VAL A 107 6.24 -13.41 2.32
C VAL A 107 6.28 -14.36 1.13
N ASN A 108 5.23 -14.31 0.31
CA ASN A 108 5.11 -15.17 -0.87
C ASN A 108 6.30 -14.98 -1.81
N TYR A 109 6.57 -13.73 -2.18
CA TYR A 109 7.70 -13.45 -3.07
C TYR A 109 8.99 -13.82 -2.38
N LEU A 110 9.12 -13.40 -1.13
CA LEU A 110 10.32 -13.70 -0.36
C LEU A 110 10.52 -15.21 -0.35
N ASP A 111 9.41 -15.94 -0.34
CA ASP A 111 9.42 -17.39 -0.37
C ASP A 111 9.89 -17.89 -1.74
N GLU A 112 9.56 -17.13 -2.78
CA GLU A 112 9.91 -17.50 -4.14
C GLU A 112 11.39 -17.24 -4.44
N LYS A 113 12.01 -16.30 -3.74
CA LYS A 113 13.42 -15.99 -3.98
C LYS A 113 14.24 -16.01 -2.70
N LYS A 114 13.79 -15.26 -1.69
CA LYS A 114 14.50 -15.19 -0.41
C LYS A 114 15.98 -14.88 -0.61
N GLU A 115 16.30 -14.12 -1.65
CA GLU A 115 17.68 -13.76 -1.95
C GLU A 115 17.79 -12.34 -2.47
N ASP A 116 16.87 -11.49 -2.04
CA ASP A 116 16.86 -10.10 -2.48
C ASP A 116 15.87 -9.27 -1.67
N THR A 117 16.26 -8.91 -0.46
CA THR A 117 15.40 -8.11 0.41
C THR A 117 15.26 -6.70 -0.16
N GLY A 118 14.37 -5.90 0.43
CA GLY A 118 14.18 -4.55 -0.06
C GLY A 118 13.33 -3.69 0.86
N ILE A 119 12.27 -4.27 1.41
CA ILE A 119 11.39 -3.53 2.31
C ILE A 119 12.11 -3.17 3.59
N LYS A 120 11.86 -1.96 4.08
CA LYS A 120 12.47 -1.49 5.31
C LYS A 120 11.48 -1.60 6.47
N ASN A 121 10.26 -1.11 6.27
CA ASN A 121 9.25 -1.15 7.32
C ASN A 121 7.82 -1.16 6.76
N ILE A 122 7.04 -2.17 7.14
CA ILE A 122 5.66 -2.28 6.68
C ILE A 122 4.66 -1.80 7.75
N MET A 123 3.68 -1.01 7.32
CA MET A 123 2.67 -0.49 8.21
C MET A 123 1.28 -0.88 7.75
N ILE A 124 0.29 -0.62 8.60
CA ILE A 124 -1.10 -0.94 8.27
C ILE A 124 -2.00 0.27 8.54
N LEU A 125 -2.69 0.73 7.49
CA LEU A 125 -3.57 1.90 7.60
C LEU A 125 -4.90 1.55 8.26
N GLU A 126 -5.37 2.44 9.12
CA GLU A 126 -6.62 2.22 9.85
C GLU A 126 -7.82 2.75 9.05
N ARG A 127 -7.59 3.19 7.81
CA ARG A 127 -8.67 3.72 6.98
C ARG A 127 -8.38 3.52 5.49
N GLY A 128 -7.14 3.81 5.09
CA GLY A 128 -6.78 3.65 3.70
C GLY A 128 -7.58 4.54 2.76
N PHE A 129 -8.59 3.98 2.11
CA PHE A 129 -9.43 4.72 1.18
C PHE A 129 -10.91 4.39 1.34
N ASN A 130 -11.22 3.45 2.24
CA ASN A 130 -12.60 3.04 2.47
C ASN A 130 -13.45 4.24 2.88
N GLY A 131 -12.98 4.99 3.86
CA GLY A 131 -13.68 6.16 4.32
C GLY A 131 -13.73 7.25 3.28
N TRP A 132 -12.68 7.36 2.47
CA TRP A 132 -12.66 8.40 1.45
C TRP A 132 -13.74 8.19 0.42
N GLU A 133 -13.78 7.00 -0.17
CA GLU A 133 -14.81 6.70 -1.16
C GLU A 133 -16.18 6.63 -0.50
N ALA A 134 -16.26 5.87 0.58
CA ALA A 134 -17.51 5.65 1.32
C ALA A 134 -18.03 6.90 2.05
N SER A 135 -17.14 7.74 2.57
CA SER A 135 -17.58 8.93 3.31
C SER A 135 -17.93 10.10 2.41
N GLY A 136 -18.48 9.79 1.25
CA GLY A 136 -18.87 10.83 0.32
C GLY A 136 -18.23 10.65 -1.03
N LYS A 137 -17.13 9.92 -1.05
CA LYS A 137 -16.41 9.65 -2.28
C LYS A 137 -15.96 10.94 -2.96
N PRO A 138 -15.18 11.79 -2.27
CA PRO A 138 -14.67 13.02 -2.84
C PRO A 138 -13.42 12.75 -3.68
N VAL A 139 -13.59 11.89 -4.67
CA VAL A 139 -12.48 11.50 -5.56
C VAL A 139 -12.43 12.44 -6.77
N CYS A 140 -11.21 12.68 -7.29
CA CYS A 140 -10.99 13.59 -8.44
C CYS A 140 -12.29 13.95 -9.18
N ARG A 141 -12.51 13.34 -10.36
CA ARG A 141 -13.71 13.61 -11.16
C ARG A 141 -13.56 13.03 -12.57
N CYS A 142 -12.44 13.37 -13.20
CA CYS A 142 -12.15 12.92 -14.56
C CYS A 142 -12.12 11.39 -14.66
N ALA A 143 -11.10 10.87 -15.33
CA ALA A 143 -10.95 9.43 -15.50
C ALA A 143 -9.65 9.11 -16.26
N GLU A 144 -8.59 9.88 -15.99
CA GLU A 144 -7.32 9.66 -16.66
C GLU A 144 -6.14 10.23 -15.87
N VAL A 145 -4.98 10.31 -16.53
CA VAL A 145 -3.74 10.81 -15.92
C VAL A 145 -3.95 11.99 -14.97
N PRO A 146 -4.71 13.04 -15.38
CA PRO A 146 -4.96 14.23 -14.55
C PRO A 146 -5.08 13.93 -13.05
N CYS A 147 -5.52 12.73 -12.71
CA CYS A 147 -5.68 12.33 -11.32
C CYS A 147 -4.38 12.48 -10.53
N LYS A 148 -4.18 11.67 -9.48
CA LYS A 148 -2.96 11.79 -8.68
C LYS A 148 -2.16 10.51 -8.54
N GLY A 149 -2.81 9.41 -8.17
CA GLY A 149 -2.06 8.21 -7.87
C GLY A 149 -1.36 8.52 -6.57
N ASP A 150 -1.97 9.51 -5.93
CA ASP A 150 -1.59 10.06 -4.67
C ASP A 150 -2.88 10.34 -3.90
N CYS A 151 -2.83 10.16 -2.60
CA CYS A 151 -3.98 10.38 -1.73
C CYS A 151 -3.93 11.76 -1.08
N ALA A 152 -2.73 12.28 -0.89
CA ALA A 152 -2.55 13.60 -0.28
C ALA A 152 -1.32 14.30 -0.84
N MET A 21 5.14 1.23 24.89
CA MET A 21 3.96 0.76 25.67
C MET A 21 3.20 -0.34 24.94
N ALA A 22 3.66 -0.71 23.74
CA ALA A 22 3.02 -1.75 22.95
C ALA A 22 3.89 -2.19 21.79
N MET A 23 3.82 -3.47 21.46
CA MET A 23 4.61 -4.03 20.36
C MET A 23 3.82 -5.11 19.62
N ALA A 24 4.07 -5.22 18.31
CA ALA A 24 3.39 -6.21 17.49
C ALA A 24 4.28 -6.70 16.36
N ARG A 25 5.37 -7.38 16.73
CA ARG A 25 6.31 -7.92 15.75
C ARG A 25 6.63 -6.89 14.67
N SER A 26 7.28 -7.34 13.59
CA SER A 26 7.63 -6.46 12.49
C SER A 26 6.38 -5.74 11.96
N ILE A 27 6.55 -4.94 10.90
CA ILE A 27 5.45 -4.20 10.29
C ILE A 27 4.58 -3.52 11.36
N SER A 28 4.59 -2.20 11.38
CA SER A 28 3.80 -1.43 12.34
C SER A 28 2.68 -0.65 11.64
N TYR A 29 1.51 -0.65 12.25
CA TYR A 29 0.35 0.06 11.71
C TYR A 29 0.34 1.52 12.15
N ILE A 30 -0.33 2.37 11.38
CA ILE A 30 -0.41 3.78 11.72
C ILE A 30 -1.88 4.23 11.79
N THR A 31 -2.20 4.95 12.86
CA THR A 31 -3.56 5.45 13.06
C THR A 31 -3.69 6.90 12.58
N SER A 32 -4.92 7.39 12.54
CA SER A 32 -5.17 8.77 12.10
C SER A 32 -4.28 9.75 12.86
N THR A 33 -4.27 9.63 14.18
CA THR A 33 -3.46 10.50 15.03
C THR A 33 -1.98 10.29 14.75
N GLN A 34 -1.60 9.04 14.50
CA GLN A 34 -0.21 8.72 14.21
C GLN A 34 0.24 9.55 13.01
N LEU A 35 -0.73 9.96 12.21
CA LEU A 35 -0.47 10.79 11.05
C LEU A 35 -0.16 12.23 11.47
N LEU A 36 -0.68 12.65 12.65
CA LEU A 36 -0.44 14.02 13.10
C LEU A 36 1.05 14.30 13.27
N PRO A 37 1.78 13.46 14.04
CA PRO A 37 3.22 13.62 14.25
C PRO A 37 3.96 13.80 12.92
N LEU A 38 3.89 12.78 12.08
CA LEU A 38 4.56 12.82 10.77
C LEU A 38 6.04 12.54 10.92
N HIS A 39 6.39 11.26 10.94
CA HIS A 39 7.78 10.83 11.08
C HIS A 39 8.71 11.67 10.20
N ARG A 40 8.20 12.15 9.07
CA ARG A 40 8.98 12.96 8.15
C ARG A 40 9.95 12.10 7.35
N ARG A 41 9.42 11.38 6.37
CA ARG A 41 10.23 10.51 5.52
C ARG A 41 9.73 10.52 4.08
N PRO A 42 10.64 10.69 3.11
CA PRO A 42 10.28 10.72 1.68
C PRO A 42 9.72 9.38 1.21
N ASN A 43 10.43 8.31 1.52
CA ASN A 43 10.01 6.96 1.15
C ASN A 43 8.58 6.68 1.63
N ILE A 44 7.57 7.03 0.84
CA ILE A 44 6.18 6.80 1.25
C ILE A 44 5.30 6.22 0.13
N ALA A 45 4.69 5.07 0.41
CA ALA A 45 3.79 4.41 -0.54
C ALA A 45 2.84 3.45 0.18
N ILE A 46 1.59 3.39 -0.28
CA ILE A 46 0.60 2.50 0.33
C ILE A 46 0.34 1.27 -0.56
N ILE A 47 0.32 0.10 0.06
CA ILE A 47 0.09 -1.14 -0.67
C ILE A 47 -1.38 -1.53 -0.64
N ASP A 48 -1.90 -1.94 -1.80
CA ASP A 48 -3.30 -2.35 -1.92
C ASP A 48 -3.40 -3.66 -2.70
N VAL A 49 -3.98 -4.67 -2.04
CA VAL A 49 -4.13 -5.98 -2.66
C VAL A 49 -4.93 -5.90 -3.97
N ARG A 50 -4.61 -6.78 -4.91
CA ARG A 50 -5.29 -6.83 -6.21
C ARG A 50 -5.23 -5.48 -6.90
N ASP A 51 -5.64 -5.45 -8.17
CA ASP A 51 -5.68 -4.23 -8.94
C ASP A 51 -7.08 -4.03 -9.46
N GLU A 52 -8.07 -4.38 -8.62
CA GLU A 52 -9.47 -4.25 -8.98
C GLU A 52 -9.75 -2.87 -9.57
N GLU A 53 -8.93 -1.90 -9.19
CA GLU A 53 -9.09 -0.54 -9.69
C GLU A 53 -8.75 -0.47 -11.17
N ARG A 54 -8.13 -1.52 -11.70
CA ARG A 54 -7.78 -1.56 -13.12
C ARG A 54 -9.03 -1.72 -13.96
N ASN A 55 -10.08 -2.24 -13.36
CA ASN A 55 -11.34 -2.45 -14.07
C ASN A 55 -12.18 -1.18 -14.08
N TYR A 56 -12.44 -0.64 -12.89
CA TYR A 56 -13.24 0.57 -12.75
C TYR A 56 -12.63 1.72 -13.55
N ASP A 57 -11.31 1.71 -13.70
CA ASP A 57 -10.60 2.74 -14.44
C ASP A 57 -10.49 4.04 -13.63
N GLY A 58 -10.84 3.98 -12.35
CA GLY A 58 -10.75 5.17 -11.51
C GLY A 58 -9.34 5.70 -11.44
N HIS A 59 -9.06 6.58 -10.48
CA HIS A 59 -7.72 7.14 -10.34
C HIS A 59 -7.23 7.02 -8.90
N ILE A 60 -7.08 5.78 -8.43
CA ILE A 60 -6.60 5.56 -7.08
C ILE A 60 -5.14 6.02 -6.99
N ALA A 61 -4.98 7.34 -6.95
CA ALA A 61 -3.70 7.97 -6.92
C ALA A 61 -3.27 8.33 -5.51
N GLY A 62 -2.16 7.75 -5.09
CA GLY A 62 -1.62 7.99 -3.76
C GLY A 62 -1.67 6.71 -2.94
N SER A 63 -1.15 5.63 -3.52
CA SER A 63 -1.14 4.32 -2.89
C SER A 63 -0.84 3.25 -3.96
N LEU A 64 0.36 2.69 -3.92
CA LEU A 64 0.76 1.69 -4.89
C LEU A 64 0.01 0.38 -4.66
N HIS A 65 -0.87 0.04 -5.60
CA HIS A 65 -1.65 -1.21 -5.51
C HIS A 65 -1.09 -2.26 -6.46
N TYR A 66 -1.10 -3.52 -6.03
CA TYR A 66 -0.59 -4.60 -6.84
C TYR A 66 -1.65 -5.69 -7.01
N ALA A 67 -1.59 -6.42 -8.11
CA ALA A 67 -2.55 -7.47 -8.39
C ALA A 67 -2.00 -8.85 -8.02
N SER A 68 -2.65 -9.90 -8.51
CA SER A 68 -2.23 -11.27 -8.24
C SER A 68 -2.27 -12.12 -9.49
N GLY A 69 -1.81 -11.54 -10.60
CA GLY A 69 -1.77 -12.26 -11.86
C GLY A 69 -0.38 -12.74 -12.15
N SER A 70 0.26 -13.27 -11.11
CA SER A 70 1.64 -13.76 -11.17
C SER A 70 2.57 -12.67 -10.66
N PHE A 71 2.00 -11.73 -9.90
CA PHE A 71 2.77 -10.64 -9.33
C PHE A 71 3.73 -11.17 -8.29
N ASP A 72 3.54 -12.43 -7.91
CA ASP A 72 4.44 -13.06 -6.97
C ASP A 72 5.77 -13.32 -7.67
N ASP A 73 5.73 -13.28 -9.01
CA ASP A 73 6.90 -13.47 -9.84
C ASP A 73 7.63 -12.14 -10.06
N LYS A 74 6.99 -11.03 -9.66
CA LYS A 74 7.58 -9.71 -9.83
C LYS A 74 7.71 -8.99 -8.50
N ILE A 75 6.94 -9.47 -7.51
CA ILE A 75 6.96 -8.89 -6.18
C ILE A 75 8.37 -8.75 -5.64
N SER A 76 9.19 -9.78 -5.90
CA SER A 76 10.57 -9.82 -5.43
C SER A 76 11.31 -8.54 -5.78
N HIS A 77 11.03 -8.11 -6.96
CA HIS A 77 11.57 -6.91 -7.53
C HIS A 77 10.95 -5.61 -7.01
N LEU A 78 9.64 -5.64 -6.78
CA LEU A 78 8.93 -4.46 -6.35
C LEU A 78 9.36 -4.04 -4.96
N VAL A 79 9.49 -5.01 -4.09
CA VAL A 79 9.91 -4.75 -2.74
C VAL A 79 11.39 -4.36 -2.68
N GLN A 80 12.23 -4.98 -3.52
CA GLN A 80 13.65 -4.67 -3.52
C GLN A 80 13.95 -3.36 -4.24
N ASN A 81 13.84 -3.37 -5.57
CA ASN A 81 14.06 -2.21 -6.41
C ASN A 81 15.30 -1.39 -6.02
N VAL A 82 16.15 -1.95 -5.16
CA VAL A 82 17.39 -1.30 -4.71
C VAL A 82 17.28 0.21 -4.69
N LYS A 83 16.10 0.70 -4.28
CA LYS A 83 15.86 2.14 -4.22
C LYS A 83 16.44 2.76 -2.96
N ASP A 84 16.52 1.97 -1.88
CA ASP A 84 17.06 2.46 -0.62
C ASP A 84 16.17 3.54 0.00
N LYS A 85 14.96 3.70 -0.54
CA LYS A 85 14.02 4.70 -0.03
C LYS A 85 12.60 4.30 -0.37
N ASP A 86 12.07 3.41 0.44
CA ASP A 86 10.70 2.97 0.25
C ASP A 86 10.07 2.44 1.53
N THR A 87 9.01 3.11 1.97
CA THR A 87 8.26 2.67 3.13
C THR A 87 6.83 2.44 2.66
N LEU A 88 6.26 1.29 2.98
CA LEU A 88 4.91 1.01 2.51
C LEU A 88 3.99 0.49 3.59
N VAL A 89 2.76 1.00 3.59
CA VAL A 89 1.75 0.53 4.52
C VAL A 89 0.71 -0.24 3.72
N PHE A 90 0.53 -1.51 4.02
CA PHE A 90 -0.41 -2.33 3.25
C PHE A 90 -1.72 -2.55 3.98
N HIS A 91 -2.76 -2.81 3.18
CA HIS A 91 -4.13 -3.08 3.70
C HIS A 91 -5.17 -2.74 2.64
N SER A 92 -5.28 -1.45 2.33
CA SER A 92 -6.24 -0.92 1.35
C SER A 92 -7.38 -0.22 2.07
N ALA A 93 -8.50 -0.02 1.36
CA ALA A 93 -9.66 0.65 1.95
C ALA A 93 -9.98 0.08 3.34
N LEU A 94 -10.11 -1.24 3.42
CA LEU A 94 -10.40 -1.92 4.65
C LEU A 94 -10.62 -3.39 4.36
N SER A 95 -9.52 -4.12 4.15
CA SER A 95 -9.59 -5.55 3.85
C SER A 95 -10.56 -6.27 4.79
N GLN A 96 -10.85 -5.63 5.91
CA GLN A 96 -11.78 -6.19 6.91
C GLN A 96 -11.31 -7.52 7.49
N VAL A 97 -10.08 -7.94 7.15
CA VAL A 97 -9.52 -9.20 7.65
C VAL A 97 -8.45 -9.73 6.69
N ARG A 98 -8.49 -9.27 5.45
CA ARG A 98 -7.54 -9.70 4.43
C ARG A 98 -6.18 -9.02 4.60
N GLY A 99 -6.15 -7.86 5.25
CA GLY A 99 -4.89 -7.15 5.46
C GLY A 99 -3.74 -8.11 5.74
N PRO A 100 -3.89 -9.01 6.73
CA PRO A 100 -2.89 -10.01 7.06
C PRO A 100 -2.55 -10.82 5.82
N THR A 101 -3.57 -11.08 5.00
CA THR A 101 -3.39 -11.81 3.76
C THR A 101 -2.42 -11.04 2.87
N CYS A 102 -2.51 -9.70 2.94
CA CYS A 102 -1.60 -8.86 2.18
C CYS A 102 -0.17 -9.14 2.64
N ALA A 103 -0.04 -9.41 3.93
CA ALA A 103 1.26 -9.74 4.48
C ALA A 103 1.70 -11.08 3.93
N ARG A 104 0.73 -11.97 3.71
CA ARG A 104 1.00 -13.27 3.14
C ARG A 104 1.58 -13.07 1.74
N ARG A 105 1.09 -12.03 1.07
CA ARG A 105 1.59 -11.69 -0.26
C ARG A 105 3.07 -11.36 -0.14
N LEU A 106 3.43 -10.68 0.96
CA LEU A 106 4.82 -10.37 1.21
C LEU A 106 5.59 -11.68 1.35
N VAL A 107 4.90 -12.69 1.90
CA VAL A 107 5.47 -14.00 2.04
C VAL A 107 5.70 -14.57 0.66
N ASN A 108 4.78 -14.24 -0.26
CA ASN A 108 4.91 -14.69 -1.65
C ASN A 108 6.21 -14.13 -2.22
N TYR A 109 6.62 -12.98 -1.70
CA TYR A 109 7.86 -12.34 -2.14
C TYR A 109 9.06 -13.13 -1.68
N LEU A 110 9.26 -13.17 -0.38
CA LEU A 110 10.39 -13.91 0.15
C LEU A 110 10.34 -15.34 -0.39
N ASP A 111 9.11 -15.81 -0.58
CA ASP A 111 8.89 -17.13 -1.12
C ASP A 111 9.26 -17.16 -2.58
N GLU A 112 9.04 -16.04 -3.28
CA GLU A 112 9.42 -15.97 -4.68
C GLU A 112 10.89 -16.34 -4.80
N LYS A 113 11.61 -16.18 -3.67
CA LYS A 113 13.04 -16.52 -3.59
C LYS A 113 13.89 -15.32 -3.89
N LYS A 114 13.60 -14.25 -3.19
CA LYS A 114 14.36 -13.01 -3.38
C LYS A 114 14.52 -12.25 -2.06
N GLU A 115 15.24 -12.88 -1.12
CA GLU A 115 15.49 -12.26 0.18
C GLU A 115 14.21 -11.71 0.80
N ASP A 116 14.36 -11.09 1.96
CA ASP A 116 13.21 -10.52 2.67
C ASP A 116 13.45 -9.05 2.97
N THR A 117 12.38 -8.33 3.28
CA THR A 117 12.47 -6.90 3.59
C THR A 117 12.95 -6.11 2.37
N GLY A 118 13.55 -4.94 2.62
CA GLY A 118 14.03 -4.10 1.54
C GLY A 118 13.48 -2.69 1.66
N ILE A 119 12.25 -2.59 2.16
CA ILE A 119 11.59 -1.31 2.35
C ILE A 119 12.24 -0.53 3.49
N LYS A 120 12.38 0.78 3.31
CA LYS A 120 12.95 1.61 4.36
C LYS A 120 12.21 1.31 5.67
N ASN A 121 10.88 1.25 5.57
CA ASN A 121 10.05 0.93 6.73
C ASN A 121 8.72 0.30 6.30
N ILE A 122 8.45 -0.89 6.84
CA ILE A 122 7.21 -1.61 6.54
C ILE A 122 6.17 -1.35 7.63
N MET A 123 4.96 -1.00 7.21
CA MET A 123 3.88 -0.69 8.14
C MET A 123 2.55 -1.22 7.61
N ILE A 124 1.51 -1.20 8.44
CA ILE A 124 0.20 -1.67 8.00
C ILE A 124 -0.87 -0.59 8.25
N LEU A 125 -1.52 -0.20 7.15
CA LEU A 125 -2.55 0.84 7.16
C LEU A 125 -3.92 0.30 7.58
N GLU A 126 -4.62 1.07 8.40
CA GLU A 126 -5.94 0.69 8.88
C GLU A 126 -7.04 1.57 8.26
N ARG A 127 -6.66 2.76 7.80
CA ARG A 127 -7.61 3.68 7.19
C ARG A 127 -7.68 3.47 5.68
N GLY A 128 -6.61 3.83 4.99
CA GLY A 128 -6.58 3.68 3.54
C GLY A 128 -7.49 4.65 2.83
N PHE A 129 -8.74 4.24 2.62
CA PHE A 129 -9.71 5.08 1.95
C PHE A 129 -11.13 4.57 2.14
N ASN A 130 -11.38 3.88 3.27
CA ASN A 130 -12.72 3.37 3.55
C ASN A 130 -13.69 4.54 3.69
N GLY A 131 -13.30 5.50 4.52
CA GLY A 131 -14.12 6.69 4.71
C GLY A 131 -14.16 7.51 3.45
N TRP A 132 -13.07 7.48 2.69
CA TRP A 132 -12.99 8.22 1.45
C TRP A 132 -14.09 7.80 0.50
N GLU A 133 -14.18 6.50 0.25
CA GLU A 133 -15.20 5.96 -0.65
C GLU A 133 -16.60 6.13 -0.05
N ALA A 134 -16.73 5.70 1.21
CA ALA A 134 -18.01 5.77 1.91
C ALA A 134 -18.48 7.19 2.19
N SER A 135 -17.60 8.01 2.76
CA SER A 135 -17.97 9.38 3.10
C SER A 135 -18.62 10.09 1.94
N GLY A 136 -17.90 10.11 0.85
CA GLY A 136 -18.39 10.75 -0.36
C GLY A 136 -17.58 10.33 -1.56
N LYS A 137 -16.87 9.21 -1.39
CA LYS A 137 -16.02 8.66 -2.45
C LYS A 137 -15.39 9.75 -3.34
N PRO A 138 -14.71 10.75 -2.76
CA PRO A 138 -14.08 11.81 -3.55
C PRO A 138 -12.93 11.28 -4.39
N VAL A 139 -13.19 10.19 -5.11
CA VAL A 139 -12.17 9.56 -5.96
C VAL A 139 -12.23 10.10 -7.37
N CYS A 140 -11.06 10.34 -7.95
CA CYS A 140 -10.93 10.88 -9.30
C CYS A 140 -12.03 11.90 -9.62
N ARG A 141 -13.10 11.47 -10.30
CA ARG A 141 -14.19 12.36 -10.67
C ARG A 141 -13.62 13.68 -11.21
N CYS A 142 -12.51 13.56 -11.93
CA CYS A 142 -11.83 14.71 -12.49
C CYS A 142 -12.07 14.88 -13.98
N ALA A 143 -11.06 15.40 -14.65
CA ALA A 143 -11.08 15.63 -16.08
C ALA A 143 -9.71 16.12 -16.54
N GLU A 144 -9.02 16.83 -15.64
CA GLU A 144 -7.71 17.36 -15.89
C GLU A 144 -6.62 16.46 -15.31
N VAL A 145 -5.39 16.65 -15.79
CA VAL A 145 -4.26 15.86 -15.33
C VAL A 145 -3.93 16.09 -13.85
N PRO A 146 -4.01 17.35 -13.34
CA PRO A 146 -3.70 17.65 -11.94
C PRO A 146 -4.29 16.63 -10.97
N CYS A 147 -5.41 16.01 -11.37
CA CYS A 147 -6.04 15.01 -10.51
C CYS A 147 -5.10 13.82 -10.28
N LYS A 148 -5.29 13.15 -9.15
CA LYS A 148 -4.49 11.97 -8.80
C LYS A 148 -3.12 12.30 -8.22
N GLY A 149 -2.87 11.88 -6.98
CA GLY A 149 -1.57 12.05 -6.41
C GLY A 149 -0.63 11.18 -7.19
N ASP A 150 -1.04 9.93 -7.32
CA ASP A 150 -0.30 8.93 -8.10
C ASP A 150 -1.27 8.03 -8.89
N CYS A 151 -1.14 8.06 -10.22
CA CYS A 151 -1.98 7.25 -11.11
C CYS A 151 -1.83 7.70 -12.56
N ALA A 152 -0.60 7.79 -13.02
CA ALA A 152 -0.32 8.21 -14.40
C ALA A 152 0.78 7.35 -15.02
N MET A 21 -1.05 -0.61 24.43
CA MET A 21 0.10 -1.12 25.22
C MET A 21 1.32 -1.33 24.34
N ALA A 22 1.21 -2.26 23.40
CA ALA A 22 2.32 -2.57 22.49
C ALA A 22 1.80 -3.16 21.18
N MET A 23 2.07 -2.46 20.08
CA MET A 23 1.65 -2.92 18.76
C MET A 23 2.20 -1.99 17.68
N ALA A 24 1.88 -2.29 16.43
CA ALA A 24 2.35 -1.48 15.31
C ALA A 24 3.88 -1.46 15.25
N ARG A 25 4.46 -2.55 14.79
CA ARG A 25 5.92 -2.65 14.68
C ARG A 25 6.32 -3.48 13.47
N SER A 26 6.56 -2.80 12.35
CA SER A 26 6.96 -3.46 11.12
C SER A 26 5.85 -4.38 10.63
N ILE A 27 5.63 -4.39 9.31
CA ILE A 27 4.60 -5.21 8.69
C ILE A 27 3.32 -5.20 9.52
N SER A 28 2.92 -4.02 9.99
CA SER A 28 1.73 -3.89 10.82
C SER A 28 1.02 -2.56 10.58
N TYR A 29 -0.18 -2.43 11.16
CA TYR A 29 -0.97 -1.20 11.02
C TYR A 29 -0.59 -0.16 12.05
N ILE A 30 -0.83 1.10 11.72
CA ILE A 30 -0.51 2.22 12.61
C ILE A 30 -1.73 3.12 12.83
N THR A 31 -1.71 3.95 13.89
CA THR A 31 -2.87 4.81 14.22
C THR A 31 -2.78 6.25 13.67
N SER A 32 -3.88 6.98 13.79
CA SER A 32 -3.95 8.36 13.32
C SER A 32 -2.87 9.22 14.01
N THR A 33 -2.83 9.16 15.34
CA THR A 33 -1.84 9.92 16.10
C THR A 33 -0.44 9.47 15.73
N GLN A 34 -0.30 8.18 15.45
CA GLN A 34 0.99 7.64 15.04
C GLN A 34 1.47 8.41 13.81
N LEU A 35 0.53 9.06 13.14
CA LEU A 35 0.84 9.86 11.97
C LEU A 35 1.52 11.17 12.39
N LEU A 36 1.30 11.61 13.63
CA LEU A 36 1.92 12.85 14.08
C LEU A 36 3.44 12.72 14.20
N PRO A 37 3.96 11.71 14.94
CA PRO A 37 5.39 11.53 15.14
C PRO A 37 6.02 10.45 14.26
N LEU A 38 5.42 10.15 13.11
CA LEU A 38 5.98 9.11 12.22
C LEU A 38 7.26 9.58 11.53
N HIS A 39 7.63 10.85 11.73
CA HIS A 39 8.85 11.41 11.12
C HIS A 39 8.59 11.87 9.68
N ARG A 40 7.53 11.37 9.07
CA ARG A 40 7.17 11.73 7.69
C ARG A 40 8.36 11.61 6.74
N ARG A 41 9.10 10.51 6.86
CA ARG A 41 10.26 10.27 6.01
C ARG A 41 9.85 10.21 4.55
N PRO A 42 10.64 10.85 3.65
CA PRO A 42 10.35 10.85 2.21
C PRO A 42 10.16 9.44 1.65
N ASN A 43 10.73 8.47 2.35
CA ASN A 43 10.63 7.06 1.94
C ASN A 43 9.19 6.55 2.15
N ILE A 44 8.20 7.17 1.52
CA ILE A 44 6.82 6.74 1.73
C ILE A 44 6.01 6.59 0.43
N ALA A 45 5.30 5.47 0.31
CA ALA A 45 4.44 5.17 -0.83
C ALA A 45 3.39 4.13 -0.44
N ILE A 46 2.23 4.18 -1.08
CA ILE A 46 1.15 3.25 -0.77
C ILE A 46 1.01 2.17 -1.85
N ILE A 47 1.10 0.90 -1.44
CA ILE A 47 0.97 -0.22 -2.37
C ILE A 47 -0.45 -0.78 -2.40
N ASP A 48 -0.89 -1.16 -3.59
CA ASP A 48 -2.23 -1.71 -3.78
C ASP A 48 -2.16 -2.97 -4.64
N VAL A 49 -2.54 -4.11 -4.05
CA VAL A 49 -2.51 -5.38 -4.76
C VAL A 49 -3.84 -5.63 -5.47
N ARG A 50 -4.22 -4.73 -6.36
CA ARG A 50 -5.47 -4.86 -7.10
C ARG A 50 -5.30 -4.44 -8.56
N ASP A 51 -5.71 -5.32 -9.46
CA ASP A 51 -5.62 -5.05 -10.90
C ASP A 51 -7.02 -4.90 -11.49
N GLU A 52 -7.94 -5.74 -11.03
CA GLU A 52 -9.32 -5.69 -11.51
C GLU A 52 -9.88 -4.29 -11.36
N GLU A 53 -9.31 -3.53 -10.42
CA GLU A 53 -9.74 -2.15 -10.19
C GLU A 53 -9.42 -1.28 -11.39
N ARG A 54 -8.55 -1.77 -12.27
CA ARG A 54 -8.16 -1.04 -13.46
C ARG A 54 -9.31 -0.97 -14.46
N ASN A 55 -10.34 -1.80 -14.24
CA ASN A 55 -11.49 -1.82 -15.12
C ASN A 55 -12.23 -0.49 -15.05
N TYR A 56 -12.62 -0.10 -13.85
CA TYR A 56 -13.32 1.16 -13.64
C TYR A 56 -12.32 2.31 -13.75
N ASP A 57 -11.23 2.20 -12.99
CA ASP A 57 -10.16 3.19 -12.97
C ASP A 57 -10.36 4.19 -11.84
N GLY A 58 -11.62 4.60 -11.64
CA GLY A 58 -11.95 5.56 -10.59
C GLY A 58 -10.85 6.58 -10.35
N HIS A 59 -10.80 7.16 -9.16
CA HIS A 59 -9.76 8.13 -8.84
C HIS A 59 -9.87 8.49 -7.36
N ILE A 60 -9.09 7.82 -6.52
CA ILE A 60 -9.13 8.08 -5.09
C ILE A 60 -7.82 8.68 -4.55
N ALA A 61 -6.78 7.85 -4.49
CA ALA A 61 -5.46 8.24 -3.96
C ALA A 61 -4.29 7.63 -4.76
N GLY A 62 -3.17 8.37 -4.87
CA GLY A 62 -2.00 7.90 -5.61
C GLY A 62 -1.78 6.39 -5.52
N SER A 63 -0.84 5.97 -4.66
CA SER A 63 -0.54 4.55 -4.50
C SER A 63 -0.28 3.87 -5.85
N LEU A 64 0.05 2.58 -5.80
CA LEU A 64 0.32 1.82 -7.02
C LEU A 64 -0.53 0.56 -7.05
N HIS A 65 -1.38 0.44 -8.07
CA HIS A 65 -2.26 -0.72 -8.22
C HIS A 65 -1.64 -1.77 -9.12
N TYR A 66 -1.66 -3.02 -8.65
CA TYR A 66 -1.10 -4.13 -9.42
C TYR A 66 -1.82 -5.44 -9.07
N ALA A 67 -1.81 -6.39 -10.00
CA ALA A 67 -2.46 -7.67 -9.80
C ALA A 67 -1.71 -8.54 -8.80
N SER A 68 -2.21 -9.75 -8.61
CA SER A 68 -1.60 -10.70 -7.68
C SER A 68 -1.90 -12.13 -8.10
N GLY A 69 -2.20 -12.31 -9.38
CA GLY A 69 -2.47 -13.63 -9.90
C GLY A 69 -1.20 -14.42 -10.09
N SER A 70 -0.11 -13.68 -10.31
CA SER A 70 1.20 -14.29 -10.49
C SER A 70 1.87 -14.48 -9.14
N PHE A 71 1.90 -13.43 -8.33
CA PHE A 71 2.52 -13.46 -7.02
C PHE A 71 3.92 -14.05 -7.10
N ASP A 72 4.45 -14.02 -8.31
CA ASP A 72 5.78 -14.50 -8.58
C ASP A 72 6.38 -13.79 -9.78
N ASP A 73 5.78 -12.66 -10.16
CA ASP A 73 6.25 -11.89 -11.29
C ASP A 73 6.74 -10.50 -10.85
N LYS A 74 6.38 -10.09 -9.63
CA LYS A 74 6.80 -8.79 -9.12
C LYS A 74 7.68 -8.95 -7.87
N ILE A 75 8.03 -10.19 -7.58
CA ILE A 75 8.85 -10.51 -6.43
C ILE A 75 10.33 -10.23 -6.73
N SER A 76 10.74 -10.62 -7.93
CA SER A 76 12.10 -10.40 -8.38
C SER A 76 12.24 -8.99 -8.92
N HIS A 77 11.12 -8.33 -9.04
CA HIS A 77 11.05 -6.96 -9.51
C HIS A 77 11.52 -6.03 -8.40
N LEU A 78 10.95 -6.22 -7.22
CA LEU A 78 11.33 -5.41 -6.07
C LEU A 78 12.70 -5.84 -5.59
N VAL A 79 13.08 -7.07 -5.93
CA VAL A 79 14.38 -7.59 -5.56
C VAL A 79 15.47 -6.90 -6.36
N GLN A 80 15.15 -6.61 -7.62
CA GLN A 80 16.08 -5.93 -8.51
C GLN A 80 16.10 -4.43 -8.24
N ASN A 81 15.07 -3.94 -7.55
CA ASN A 81 14.97 -2.53 -7.22
C ASN A 81 14.31 -2.35 -5.85
N VAL A 82 14.89 -2.99 -4.84
CA VAL A 82 14.36 -2.91 -3.48
C VAL A 82 14.08 -1.46 -3.07
N LYS A 83 14.95 -0.56 -3.50
CA LYS A 83 14.79 0.85 -3.17
C LYS A 83 15.05 1.09 -1.69
N ASP A 84 16.33 1.09 -1.31
CA ASP A 84 16.75 1.29 0.08
C ASP A 84 15.81 2.23 0.84
N LYS A 85 15.59 3.42 0.29
CA LYS A 85 14.71 4.40 0.92
C LYS A 85 13.28 4.21 0.45
N ASP A 86 12.59 3.31 1.09
CA ASP A 86 11.21 3.05 0.74
C ASP A 86 10.40 2.42 1.87
N THR A 87 9.37 3.14 2.30
CA THR A 87 8.42 2.64 3.29
C THR A 87 7.07 2.64 2.61
N LEU A 88 6.36 1.53 2.67
CA LEU A 88 5.08 1.46 1.99
C LEU A 88 3.96 0.91 2.86
N VAL A 89 2.79 1.49 2.69
CA VAL A 89 1.60 1.05 3.38
C VAL A 89 0.69 0.40 2.37
N PHE A 90 0.14 -0.76 2.66
CA PHE A 90 -0.70 -1.43 1.68
C PHE A 90 -2.17 -1.25 1.99
N HIS A 91 -2.98 -1.34 0.94
CA HIS A 91 -4.44 -1.20 1.05
C HIS A 91 -4.83 0.26 1.23
N SER A 92 -4.61 0.77 2.44
CA SER A 92 -4.94 2.15 2.82
C SER A 92 -5.94 2.09 3.97
N ALA A 93 -6.86 1.16 3.85
CA ALA A 93 -7.87 0.94 4.87
C ALA A 93 -7.71 -0.47 5.41
N LEU A 94 -8.81 -1.13 5.72
CA LEU A 94 -8.75 -2.50 6.20
C LEU A 94 -9.54 -3.37 5.25
N SER A 95 -9.07 -3.43 3.99
CA SER A 95 -9.76 -4.21 2.94
C SER A 95 -10.31 -5.52 3.49
N GLN A 96 -11.38 -5.42 4.26
CA GLN A 96 -12.02 -6.61 4.85
C GLN A 96 -10.96 -7.52 5.49
N VAL A 97 -10.17 -6.94 6.38
CA VAL A 97 -9.11 -7.66 7.09
C VAL A 97 -8.19 -8.44 6.14
N ARG A 98 -8.20 -8.08 4.86
CA ARG A 98 -7.33 -8.73 3.88
C ARG A 98 -5.91 -8.22 3.99
N GLY A 99 -5.75 -6.99 4.52
CA GLY A 99 -4.43 -6.41 4.68
C GLY A 99 -3.37 -7.46 4.98
N PRO A 100 -3.57 -8.26 6.05
CA PRO A 100 -2.62 -9.32 6.41
C PRO A 100 -2.43 -10.27 5.25
N THR A 101 -3.50 -10.50 4.49
CA THR A 101 -3.42 -11.37 3.31
C THR A 101 -2.42 -10.79 2.32
N CYS A 102 -2.46 -9.48 2.15
CA CYS A 102 -1.53 -8.79 1.26
C CYS A 102 -0.11 -9.06 1.73
N ALA A 103 0.08 -8.92 3.04
CA ALA A 103 1.38 -9.20 3.64
C ALA A 103 1.73 -10.66 3.39
N ARG A 104 0.70 -11.49 3.32
CA ARG A 104 0.89 -12.91 3.04
C ARG A 104 1.56 -13.07 1.69
N ARG A 105 1.21 -12.18 0.77
CA ARG A 105 1.81 -12.19 -0.55
C ARG A 105 3.27 -11.78 -0.43
N LEU A 106 3.53 -10.80 0.44
CA LEU A 106 4.90 -10.39 0.69
C LEU A 106 5.65 -11.54 1.33
N VAL A 107 4.91 -12.41 2.04
CA VAL A 107 5.51 -13.58 2.64
C VAL A 107 5.99 -14.48 1.51
N ASN A 108 5.20 -14.53 0.44
CA ASN A 108 5.57 -15.30 -0.74
C ASN A 108 6.85 -14.70 -1.32
N TYR A 109 7.06 -13.42 -1.03
CA TYR A 109 8.23 -12.70 -1.50
C TYR A 109 9.47 -13.10 -0.72
N LEU A 110 9.43 -12.94 0.60
CA LEU A 110 10.55 -13.33 1.44
C LEU A 110 10.88 -14.79 1.16
N ASP A 111 9.85 -15.58 0.93
CA ASP A 111 10.00 -16.99 0.64
C ASP A 111 10.61 -17.19 -0.75
N GLU A 112 10.31 -16.28 -1.68
CA GLU A 112 10.84 -16.40 -3.04
C GLU A 112 12.31 -16.03 -3.10
N LYS A 113 12.63 -14.78 -2.80
CA LYS A 113 14.01 -14.30 -2.85
C LYS A 113 14.52 -13.95 -1.46
N LYS A 114 14.21 -14.81 -0.49
CA LYS A 114 14.64 -14.62 0.90
C LYS A 114 15.99 -13.89 0.99
N GLU A 115 16.16 -13.09 2.03
CA GLU A 115 17.39 -12.34 2.23
C GLU A 115 17.41 -11.13 1.30
N ASP A 116 16.23 -10.59 1.04
CA ASP A 116 16.10 -9.43 0.14
C ASP A 116 15.96 -8.13 0.94
N THR A 117 14.83 -7.95 1.61
CA THR A 117 14.57 -6.75 2.39
C THR A 117 14.80 -5.50 1.54
N GLY A 118 14.84 -4.35 2.21
CA GLY A 118 15.05 -3.10 1.50
C GLY A 118 14.09 -2.02 1.95
N ILE A 119 12.87 -2.43 2.28
CA ILE A 119 11.85 -1.49 2.74
C ILE A 119 12.23 -0.91 4.09
N LYS A 120 11.98 0.38 4.28
CA LYS A 120 12.27 1.01 5.54
C LYS A 120 11.20 0.65 6.55
N ASN A 121 9.93 0.73 6.12
CA ASN A 121 8.81 0.38 6.99
C ASN A 121 7.59 -0.08 6.20
N ILE A 122 7.11 -1.28 6.51
CA ILE A 122 5.92 -1.85 5.87
C ILE A 122 4.76 -1.83 6.86
N MET A 123 3.70 -1.09 6.53
CA MET A 123 2.57 -0.97 7.45
C MET A 123 1.22 -1.01 6.73
N ILE A 124 0.15 -1.11 7.52
CA ILE A 124 -1.20 -1.12 6.98
C ILE A 124 -2.07 -0.10 7.70
N LEU A 125 -2.74 0.75 6.92
CA LEU A 125 -3.58 1.81 7.47
C LEU A 125 -4.96 1.29 7.89
N GLU A 126 -5.43 1.76 9.04
CA GLU A 126 -6.73 1.33 9.56
C GLU A 126 -7.87 2.19 9.00
N ARG A 127 -7.55 3.43 8.62
CA ARG A 127 -8.55 4.35 8.07
C ARG A 127 -8.71 4.15 6.57
N GLY A 128 -7.66 4.48 5.81
CA GLY A 128 -7.72 4.32 4.37
C GLY A 128 -8.73 5.23 3.72
N PHE A 129 -9.89 4.67 3.38
CA PHE A 129 -10.94 5.43 2.73
C PHE A 129 -12.30 4.77 2.92
N ASN A 130 -12.47 4.01 4.00
CA ASN A 130 -13.74 3.37 4.25
C ASN A 130 -14.81 4.42 4.53
N GLY A 131 -14.52 5.29 5.47
CA GLY A 131 -15.43 6.36 5.82
C GLY A 131 -15.56 7.37 4.69
N TRP A 132 -14.46 7.57 3.97
CA TRP A 132 -14.43 8.52 2.86
C TRP A 132 -15.31 8.04 1.70
N GLU A 133 -15.11 6.82 1.24
CA GLU A 133 -15.92 6.31 0.15
C GLU A 133 -17.36 6.16 0.62
N ALA A 134 -17.52 5.54 1.79
CA ALA A 134 -18.83 5.32 2.38
C ALA A 134 -19.52 6.61 2.80
N SER A 135 -18.81 7.47 3.54
CA SER A 135 -19.40 8.72 4.03
C SER A 135 -18.81 9.99 3.40
N GLY A 136 -17.48 10.04 3.31
CA GLY A 136 -16.83 11.23 2.74
C GLY A 136 -16.69 11.17 1.24
N LYS A 137 -17.64 10.47 0.60
CA LYS A 137 -17.69 10.26 -0.85
C LYS A 137 -16.50 10.87 -1.63
N PRO A 138 -16.40 12.21 -1.68
CA PRO A 138 -15.37 12.95 -2.39
C PRO A 138 -14.16 12.12 -2.84
N VAL A 139 -14.36 11.32 -3.89
CA VAL A 139 -13.31 10.51 -4.49
C VAL A 139 -12.73 11.29 -5.66
N CYS A 140 -11.44 11.11 -5.99
CA CYS A 140 -10.88 11.87 -7.11
C CYS A 140 -11.62 11.50 -8.40
N ARG A 141 -11.74 12.45 -9.32
CA ARG A 141 -12.45 12.17 -10.57
C ARG A 141 -12.07 13.18 -11.65
N CYS A 142 -10.79 13.25 -11.95
CA CYS A 142 -10.30 14.17 -12.98
C CYS A 142 -10.36 13.52 -14.37
N ALA A 143 -9.72 14.16 -15.32
CA ALA A 143 -9.67 13.68 -16.70
C ALA A 143 -8.42 14.21 -17.38
N GLU A 144 -7.39 14.43 -16.58
CA GLU A 144 -6.12 14.95 -17.08
C GLU A 144 -5.21 13.81 -17.56
N VAL A 145 -4.16 13.55 -16.78
CA VAL A 145 -3.19 12.52 -17.08
C VAL A 145 -2.09 12.52 -16.02
N PRO A 146 -1.62 13.72 -15.60
CA PRO A 146 -0.61 13.85 -14.58
C PRO A 146 -1.23 13.94 -13.19
N CYS A 147 -2.58 14.02 -13.15
CA CYS A 147 -3.31 14.11 -11.88
C CYS A 147 -2.61 13.31 -10.76
N LYS A 148 -2.04 12.17 -11.13
CA LYS A 148 -1.35 11.25 -10.21
C LYS A 148 -2.06 9.92 -10.27
N GLY A 149 -1.68 9.01 -9.37
CA GLY A 149 -2.41 7.76 -9.30
C GLY A 149 -3.85 8.16 -9.18
N ASP A 150 -4.24 8.51 -7.98
CA ASP A 150 -5.55 9.06 -7.73
C ASP A 150 -5.42 10.15 -6.68
N CYS A 151 -5.69 11.38 -7.08
CA CYS A 151 -5.59 12.54 -6.19
C CYS A 151 -6.71 12.62 -5.16
N ALA A 152 -6.48 11.99 -4.02
CA ALA A 152 -7.44 12.01 -2.92
C ALA A 152 -7.61 13.42 -2.35
N MET A 21 1.59 1.01 26.74
CA MET A 21 1.61 0.86 25.26
C MET A 21 0.82 -0.37 24.82
N ALA A 22 0.35 -0.37 23.58
CA ALA A 22 -0.41 -1.48 23.04
C ALA A 22 -0.03 -1.76 21.59
N MET A 23 -0.87 -2.50 20.88
CA MET A 23 -0.62 -2.84 19.48
C MET A 23 0.51 -3.85 19.35
N ALA A 24 0.65 -4.44 18.17
CA ALA A 24 1.69 -5.43 17.91
C ALA A 24 3.00 -4.76 17.52
N ARG A 25 4.02 -5.58 17.24
CA ARG A 25 5.32 -5.07 16.85
C ARG A 25 5.61 -5.37 15.37
N SER A 26 6.86 -5.18 14.97
CA SER A 26 7.26 -5.43 13.58
C SER A 26 6.50 -4.49 12.63
N ILE A 27 7.19 -4.06 11.57
CA ILE A 27 6.58 -3.15 10.59
C ILE A 27 6.02 -1.91 11.28
N SER A 28 5.75 -0.86 10.50
CA SER A 28 5.20 0.36 11.08
C SER A 28 3.95 0.78 10.35
N TYR A 29 2.91 1.01 11.10
CA TYR A 29 1.63 1.42 10.54
C TYR A 29 1.29 2.82 11.00
N ILE A 30 0.47 3.54 10.24
CA ILE A 30 0.16 4.89 10.65
C ILE A 30 -1.34 5.14 10.78
N THR A 31 -1.71 5.74 11.91
CA THR A 31 -3.09 6.09 12.21
C THR A 31 -3.32 7.57 11.87
N SER A 32 -4.58 7.99 11.92
CA SER A 32 -4.92 9.38 11.63
C SER A 32 -4.08 10.35 12.47
N THR A 33 -3.96 10.04 13.76
CA THR A 33 -3.18 10.86 14.68
C THR A 33 -1.69 10.65 14.52
N GLN A 34 -1.28 9.43 14.22
CA GLN A 34 0.13 9.14 14.05
C GLN A 34 0.72 10.05 12.98
N LEU A 35 -0.15 10.64 12.16
CA LEU A 35 0.28 11.56 11.13
C LEU A 35 0.67 12.90 11.75
N LEU A 36 0.04 13.26 12.89
CA LEU A 36 0.33 14.53 13.53
C LEU A 36 1.81 14.63 13.91
N PRO A 37 2.35 13.64 14.63
CA PRO A 37 3.76 13.62 15.05
C PRO A 37 4.72 13.82 13.88
N LEU A 38 4.81 12.83 13.01
CA LEU A 38 5.71 12.90 11.85
C LEU A 38 5.00 12.50 10.56
N HIS A 39 4.79 11.19 10.38
CA HIS A 39 4.11 10.64 9.20
C HIS A 39 5.11 10.12 8.16
N ARG A 40 6.39 10.16 8.46
CA ARG A 40 7.42 9.70 7.53
C ARG A 40 7.43 10.56 6.28
N ARG A 41 7.94 11.79 6.43
CA ARG A 41 8.00 12.76 5.34
C ARG A 41 8.34 12.10 3.98
N PRO A 42 9.61 11.75 3.70
CA PRO A 42 9.98 11.13 2.42
C PRO A 42 9.86 9.62 2.41
N ASN A 43 10.52 9.01 1.44
CA ASN A 43 10.56 7.55 1.28
C ASN A 43 9.30 6.85 1.83
N ILE A 44 8.11 7.39 1.52
CA ILE A 44 6.86 6.81 2.00
C ILE A 44 5.80 6.75 0.89
N ALA A 45 5.14 5.60 0.75
CA ALA A 45 4.11 5.41 -0.27
C ALA A 45 3.14 4.29 0.10
N ILE A 46 1.92 4.32 -0.41
CA ILE A 46 0.93 3.28 -0.12
C ILE A 46 0.86 2.24 -1.24
N ILE A 47 1.03 0.97 -0.90
CA ILE A 47 0.98 -0.12 -1.87
C ILE A 47 -0.40 -0.78 -1.95
N ASP A 48 -0.78 -1.11 -3.17
CA ASP A 48 -2.05 -1.77 -3.46
C ASP A 48 -1.84 -2.87 -4.48
N VAL A 49 -2.67 -3.92 -4.41
CA VAL A 49 -2.55 -5.04 -5.34
C VAL A 49 -3.91 -5.41 -5.93
N ARG A 50 -3.95 -6.57 -6.61
CA ARG A 50 -5.18 -7.09 -7.24
C ARG A 50 -5.27 -6.71 -8.71
N ASP A 51 -4.52 -5.70 -9.13
CA ASP A 51 -4.53 -5.26 -10.53
C ASP A 51 -5.84 -4.55 -10.86
N GLU A 52 -6.96 -5.25 -10.69
CA GLU A 52 -8.27 -4.69 -10.98
C GLU A 52 -8.44 -3.33 -10.28
N GLU A 53 -7.71 -3.15 -9.19
CA GLU A 53 -7.77 -1.90 -8.44
C GLU A 53 -6.84 -0.85 -9.04
N ARG A 54 -5.95 -1.29 -9.93
CA ARG A 54 -5.02 -0.40 -10.60
C ARG A 54 -5.71 0.39 -11.70
N ASN A 55 -6.66 -0.26 -12.37
CA ASN A 55 -7.40 0.39 -13.44
C ASN A 55 -8.05 1.66 -12.93
N TYR A 56 -8.75 1.55 -11.81
CA TYR A 56 -9.40 2.70 -11.19
C TYR A 56 -8.41 3.44 -10.31
N ASP A 57 -7.56 2.69 -9.61
CA ASP A 57 -6.55 3.26 -8.72
C ASP A 57 -7.12 4.42 -7.90
N GLY A 58 -8.39 4.31 -7.53
CA GLY A 58 -9.03 5.37 -6.77
C GLY A 58 -9.04 6.67 -7.53
N HIS A 59 -9.49 7.74 -6.89
CA HIS A 59 -9.55 9.03 -7.52
C HIS A 59 -9.06 10.08 -6.51
N ILE A 60 -8.18 10.98 -6.93
CA ILE A 60 -7.59 11.95 -6.00
C ILE A 60 -6.80 11.17 -4.94
N ALA A 61 -6.34 10.02 -5.38
CA ALA A 61 -5.58 9.06 -4.60
C ALA A 61 -4.46 8.45 -5.43
N GLY A 62 -3.33 8.17 -4.79
CA GLY A 62 -2.21 7.59 -5.50
C GLY A 62 -2.03 6.11 -5.20
N SER A 63 -0.95 5.77 -4.51
CA SER A 63 -0.66 4.38 -4.18
C SER A 63 -0.35 3.58 -5.45
N LEU A 64 0.64 2.69 -5.35
CA LEU A 64 1.03 1.87 -6.49
C LEU A 64 0.25 0.56 -6.53
N HIS A 65 -0.61 0.42 -7.54
CA HIS A 65 -1.41 -0.79 -7.70
C HIS A 65 -0.79 -1.74 -8.71
N TYR A 66 -0.94 -3.04 -8.49
CA TYR A 66 -0.39 -4.03 -9.40
C TYR A 66 -1.09 -5.38 -9.25
N ALA A 67 -0.76 -6.32 -10.14
CA ALA A 67 -1.37 -7.65 -10.12
C ALA A 67 -0.57 -8.64 -9.29
N SER A 68 0.44 -9.22 -9.92
CA SER A 68 1.28 -10.24 -9.27
C SER A 68 2.14 -10.96 -10.28
N GLY A 69 1.70 -10.95 -11.52
CA GLY A 69 2.43 -11.63 -12.59
C GLY A 69 2.95 -12.97 -12.15
N SER A 70 2.23 -13.59 -11.21
CA SER A 70 2.56 -14.90 -10.62
C SER A 70 2.55 -14.81 -9.10
N PHE A 71 2.43 -13.58 -8.57
CA PHE A 71 2.40 -13.35 -7.12
C PHE A 71 3.82 -13.40 -6.55
N ASP A 72 4.72 -14.06 -7.26
CA ASP A 72 6.10 -14.17 -6.83
C ASP A 72 7.03 -13.56 -7.88
N ASP A 73 6.45 -13.03 -8.94
CA ASP A 73 7.20 -12.41 -10.01
C ASP A 73 7.19 -10.89 -9.86
N LYS A 74 6.52 -10.38 -8.83
CA LYS A 74 6.44 -8.93 -8.64
C LYS A 74 7.22 -8.45 -7.40
N ILE A 75 7.68 -9.37 -6.56
CA ILE A 75 8.43 -8.99 -5.36
C ILE A 75 9.93 -9.19 -5.54
N SER A 76 10.32 -9.91 -6.60
CA SER A 76 11.75 -10.13 -6.91
C SER A 76 12.21 -8.96 -7.69
N HIS A 77 11.26 -8.48 -8.42
CA HIS A 77 11.36 -7.34 -9.26
C HIS A 77 11.48 -6.11 -8.37
N LEU A 78 10.55 -6.03 -7.43
CA LEU A 78 10.54 -4.94 -6.45
C LEU A 78 11.81 -5.05 -5.63
N VAL A 79 12.26 -6.30 -5.46
CA VAL A 79 13.49 -6.59 -4.75
C VAL A 79 14.68 -6.07 -5.56
N GLN A 80 14.55 -6.19 -6.89
CA GLN A 80 15.59 -5.74 -7.81
C GLN A 80 15.72 -4.22 -7.80
N ASN A 81 14.76 -3.56 -7.18
CA ASN A 81 14.78 -2.10 -7.13
C ASN A 81 15.93 -1.59 -6.25
N VAL A 82 16.27 -2.34 -5.20
CA VAL A 82 17.35 -1.96 -4.29
C VAL A 82 17.23 -0.48 -3.91
N LYS A 83 16.11 -0.16 -3.27
CA LYS A 83 15.82 1.21 -2.84
C LYS A 83 16.56 1.56 -1.55
N ASP A 84 16.04 1.08 -0.42
CA ASP A 84 16.62 1.34 0.90
C ASP A 84 16.17 2.71 1.41
N LYS A 85 14.99 3.14 0.95
CA LYS A 85 14.45 4.43 1.35
C LYS A 85 12.95 4.36 1.63
N ASP A 86 12.22 3.92 0.62
CA ASP A 86 10.77 3.95 0.64
C ASP A 86 10.08 2.83 1.39
N THR A 87 9.32 3.28 2.38
CA THR A 87 8.50 2.41 3.17
C THR A 87 7.08 2.57 2.66
N LEU A 88 6.40 1.48 2.35
CA LEU A 88 5.05 1.59 1.83
C LEU A 88 4.06 0.91 2.75
N VAL A 89 2.91 1.54 2.88
CA VAL A 89 1.84 0.99 3.68
C VAL A 89 0.86 0.36 2.73
N PHE A 90 0.48 -0.87 2.96
CA PHE A 90 -0.42 -1.54 2.03
C PHE A 90 -1.83 -1.49 2.55
N HIS A 91 -2.77 -1.57 1.62
CA HIS A 91 -4.18 -1.49 2.00
C HIS A 91 -5.06 -2.44 1.21
N SER A 92 -6.33 -2.48 1.59
CA SER A 92 -7.31 -3.35 0.95
C SER A 92 -8.59 -3.42 1.77
N ALA A 93 -8.44 -3.46 3.09
CA ALA A 93 -9.60 -3.52 3.99
C ALA A 93 -9.34 -2.72 5.25
N LEU A 94 -8.68 -3.34 6.24
CA LEU A 94 -8.38 -2.66 7.49
C LEU A 94 -7.33 -3.43 8.29
N SER A 95 -6.53 -4.23 7.60
CA SER A 95 -5.47 -5.02 8.25
C SER A 95 -6.05 -6.06 9.20
N GLN A 96 -7.35 -6.32 9.10
CA GLN A 96 -8.00 -7.31 9.95
C GLN A 96 -8.79 -8.32 9.11
N VAL A 97 -8.32 -8.56 7.89
CA VAL A 97 -8.98 -9.50 7.00
C VAL A 97 -8.16 -9.72 5.73
N ARG A 98 -8.11 -8.71 4.86
CA ARG A 98 -7.35 -8.80 3.62
C ARG A 98 -5.86 -8.62 3.86
N GLY A 99 -5.51 -7.86 4.88
CA GLY A 99 -4.10 -7.64 5.19
C GLY A 99 -3.30 -8.93 5.09
N PRO A 100 -3.69 -9.95 5.86
CA PRO A 100 -3.03 -11.25 5.83
C PRO A 100 -3.10 -11.90 4.46
N THR A 101 -4.11 -11.53 3.65
CA THR A 101 -4.26 -12.09 2.32
C THR A 101 -3.17 -11.56 1.38
N CYS A 102 -2.99 -10.24 1.37
CA CYS A 102 -1.97 -9.64 0.54
C CYS A 102 -0.60 -10.06 1.03
N ALA A 103 -0.47 -10.16 2.35
CA ALA A 103 0.76 -10.59 2.97
C ALA A 103 0.96 -12.07 2.70
N ARG A 104 -0.16 -12.80 2.56
CA ARG A 104 -0.11 -14.22 2.28
C ARG A 104 0.60 -14.43 0.95
N ARG A 105 0.29 -13.58 -0.03
CA ARG A 105 0.94 -13.68 -1.32
C ARG A 105 2.41 -13.32 -1.16
N LEU A 106 2.69 -12.40 -0.24
CA LEU A 106 4.06 -12.01 0.06
C LEU A 106 4.81 -13.24 0.54
N VAL A 107 4.10 -14.06 1.31
CA VAL A 107 4.65 -15.31 1.82
C VAL A 107 4.95 -16.26 0.67
N ASN A 108 4.07 -16.24 -0.35
CA ASN A 108 4.24 -17.08 -1.51
C ASN A 108 5.58 -16.80 -2.18
N TYR A 109 5.84 -15.52 -2.42
CA TYR A 109 7.10 -15.13 -3.05
C TYR A 109 8.25 -15.49 -2.15
N LEU A 110 8.16 -15.11 -0.88
CA LEU A 110 9.21 -15.41 0.07
C LEU A 110 9.48 -16.91 0.05
N ASP A 111 8.42 -17.67 -0.22
CA ASP A 111 8.52 -19.11 -0.29
C ASP A 111 9.29 -19.53 -1.54
N GLU A 112 9.16 -18.74 -2.61
CA GLU A 112 9.84 -19.04 -3.87
C GLU A 112 11.12 -18.24 -4.02
N LYS A 113 11.59 -17.63 -2.92
CA LYS A 113 12.81 -16.84 -2.97
C LYS A 113 13.27 -16.43 -1.58
N LYS A 114 12.44 -15.66 -0.88
CA LYS A 114 12.76 -15.18 0.47
C LYS A 114 11.96 -13.93 0.81
N GLU A 115 11.82 -13.64 2.10
CA GLU A 115 11.07 -12.46 2.55
C GLU A 115 11.76 -11.17 2.13
N ASP A 116 10.98 -10.28 1.51
CA ASP A 116 11.50 -8.99 1.06
C ASP A 116 10.43 -8.24 0.26
N THR A 117 10.79 -7.07 -0.24
CA THR A 117 9.85 -6.26 -1.02
C THR A 117 10.50 -4.97 -1.51
N GLY A 118 9.80 -4.26 -2.38
CA GLY A 118 10.31 -3.02 -2.95
C GLY A 118 10.41 -1.90 -1.95
N ILE A 119 9.82 -2.09 -0.79
CA ILE A 119 9.81 -1.08 0.26
C ILE A 119 10.99 -1.20 1.21
N LYS A 120 11.56 -0.06 1.58
CA LYS A 120 12.63 -0.08 2.55
C LYS A 120 12.05 -0.53 3.89
N ASN A 121 10.75 -0.26 4.08
CA ASN A 121 10.04 -0.64 5.30
C ASN A 121 8.54 -0.84 5.03
N ILE A 122 8.00 -1.97 5.49
CA ILE A 122 6.58 -2.30 5.32
C ILE A 122 5.71 -1.64 6.39
N MET A 123 4.58 -1.08 5.97
CA MET A 123 3.66 -0.39 6.88
C MET A 123 2.21 -0.87 6.72
N ILE A 124 1.35 -0.50 7.68
CA ILE A 124 -0.07 -0.89 7.64
C ILE A 124 -0.99 0.33 7.54
N LEU A 125 -2.01 0.18 6.68
CA LEU A 125 -3.00 1.23 6.43
C LEU A 125 -3.99 1.38 7.59
N GLU A 126 -4.28 2.62 7.96
CA GLU A 126 -5.24 2.90 9.02
C GLU A 126 -6.62 3.16 8.42
N ARG A 127 -6.65 3.57 7.14
CA ARG A 127 -7.90 3.85 6.44
C ARG A 127 -7.67 3.98 4.94
N GLY A 128 -7.38 2.85 4.30
CA GLY A 128 -7.13 2.82 2.87
C GLY A 128 -8.03 3.75 2.06
N PHE A 129 -9.12 3.20 1.54
CA PHE A 129 -10.07 3.97 0.72
C PHE A 129 -11.46 3.99 1.36
N ASN A 130 -11.66 3.14 2.36
CA ASN A 130 -12.94 3.06 3.05
C ASN A 130 -13.31 4.42 3.63
N GLY A 131 -12.29 5.17 4.02
CA GLY A 131 -12.51 6.49 4.56
C GLY A 131 -13.08 7.43 3.52
N TRP A 132 -12.55 7.36 2.30
CA TRP A 132 -13.04 8.22 1.23
C TRP A 132 -14.48 7.88 0.86
N GLU A 133 -14.75 6.64 0.53
CA GLU A 133 -16.10 6.25 0.15
C GLU A 133 -17.07 6.45 1.33
N ALA A 134 -16.68 5.93 2.49
CA ALA A 134 -17.49 6.03 3.70
C ALA A 134 -17.60 7.45 4.23
N SER A 135 -16.47 8.14 4.38
CA SER A 135 -16.48 9.50 4.91
C SER A 135 -15.80 10.50 3.99
N GLY A 136 -16.02 10.34 2.70
CA GLY A 136 -15.42 11.27 1.73
C GLY A 136 -15.95 11.07 0.32
N LYS A 137 -17.19 10.59 0.22
CA LYS A 137 -17.85 10.34 -1.07
C LYS A 137 -17.19 11.06 -2.23
N PRO A 138 -17.12 12.41 -2.19
CA PRO A 138 -16.51 13.20 -3.26
C PRO A 138 -15.04 12.86 -3.54
N VAL A 139 -14.82 11.78 -4.30
CA VAL A 139 -13.46 11.38 -4.66
C VAL A 139 -13.09 12.04 -6.01
N CYS A 140 -11.80 12.36 -6.20
CA CYS A 140 -11.32 13.06 -7.43
C CYS A 140 -12.43 13.82 -8.17
N ARG A 141 -12.30 13.91 -9.50
CA ARG A 141 -13.26 14.61 -10.35
C ARG A 141 -12.66 14.74 -11.76
N CYS A 142 -12.18 13.60 -12.27
CA CYS A 142 -11.54 13.55 -13.57
C CYS A 142 -12.53 13.55 -14.74
N ALA A 143 -11.96 13.30 -15.92
CA ALA A 143 -12.69 13.22 -17.17
C ALA A 143 -11.82 12.34 -18.05
N GLU A 144 -10.53 12.68 -18.04
CA GLU A 144 -9.53 11.93 -18.73
C GLU A 144 -8.15 12.50 -18.48
N VAL A 145 -7.23 11.57 -18.29
CA VAL A 145 -5.84 11.85 -18.01
C VAL A 145 -5.59 12.98 -17.00
N PRO A 146 -6.53 13.33 -16.09
CA PRO A 146 -6.32 14.41 -15.14
C PRO A 146 -6.14 13.92 -13.71
N CYS A 147 -6.19 12.60 -13.50
CA CYS A 147 -6.05 12.04 -12.16
C CYS A 147 -4.78 12.52 -11.47
N LYS A 148 -4.52 12.01 -10.27
CA LYS A 148 -3.35 12.42 -9.52
C LYS A 148 -2.36 11.30 -9.26
N GLY A 149 -2.85 10.11 -8.92
CA GLY A 149 -1.91 9.08 -8.52
C GLY A 149 -1.30 9.62 -7.25
N ASP A 150 -2.14 10.47 -6.65
CA ASP A 150 -1.87 11.19 -5.43
C ASP A 150 -3.14 11.25 -4.59
N CYS A 151 -2.95 11.19 -3.29
CA CYS A 151 -4.05 11.24 -2.34
C CYS A 151 -4.47 12.68 -2.05
N ALA A 152 -3.52 13.60 -2.13
CA ALA A 152 -3.79 15.01 -1.88
C ALA A 152 -4.44 15.21 -0.51
N MET A 21 -1.40 0.05 24.93
CA MET A 21 -0.52 1.15 24.46
C MET A 21 0.87 0.61 24.07
N ALA A 22 1.69 1.49 23.50
CA ALA A 22 3.04 1.11 23.08
C ALA A 22 3.00 0.05 21.99
N MET A 23 3.64 0.35 20.86
CA MET A 23 3.68 -0.58 19.74
C MET A 23 5.08 -0.61 19.12
N ALA A 24 5.93 -1.51 19.62
CA ALA A 24 7.28 -1.65 19.11
C ALA A 24 7.58 -3.09 18.71
N ARG A 25 7.69 -3.33 17.40
CA ARG A 25 7.97 -4.65 16.88
C ARG A 25 8.38 -4.58 15.41
N SER A 26 8.46 -5.74 14.77
CA SER A 26 8.84 -5.81 13.36
C SER A 26 7.87 -5.01 12.50
N ILE A 27 6.70 -5.59 12.25
CA ILE A 27 5.68 -4.93 11.44
C ILE A 27 4.79 -4.06 12.32
N SER A 28 4.52 -2.83 11.86
CA SER A 28 3.68 -1.92 12.63
C SER A 28 2.68 -1.23 11.70
N TYR A 29 1.47 -1.00 12.19
CA TYR A 29 0.45 -0.37 11.36
C TYR A 29 -0.09 0.90 12.01
N ILE A 30 -0.49 1.85 11.17
CA ILE A 30 -1.03 3.11 11.66
C ILE A 30 -2.17 3.63 10.78
N THR A 31 -3.07 4.39 11.38
CA THR A 31 -4.20 4.97 10.67
C THR A 31 -3.73 6.20 9.89
N SER A 32 -4.60 6.72 9.02
CA SER A 32 -4.28 7.90 8.21
C SER A 32 -3.50 8.94 9.01
N THR A 33 -4.16 9.59 9.96
CA THR A 33 -3.52 10.62 10.79
C THR A 33 -2.39 10.03 11.60
N GLN A 34 -2.56 8.80 12.07
CA GLN A 34 -1.52 8.15 12.86
C GLN A 34 -0.23 8.12 12.06
N LEU A 35 -0.36 8.21 10.74
CA LEU A 35 0.79 8.23 9.85
C LEU A 35 1.48 9.59 9.90
N LEU A 36 0.73 10.65 10.25
CA LEU A 36 1.31 12.00 10.30
C LEU A 36 2.49 12.06 11.27
N PRO A 37 2.29 11.62 12.53
CA PRO A 37 3.33 11.63 13.55
C PRO A 37 4.24 10.40 13.47
N LEU A 38 3.76 9.34 12.84
CA LEU A 38 4.53 8.11 12.70
C LEU A 38 4.84 7.81 11.24
N HIS A 39 5.23 8.84 10.50
CA HIS A 39 5.55 8.69 9.08
C HIS A 39 5.84 10.05 8.45
N ARG A 40 7.04 10.56 8.68
CA ARG A 40 7.44 11.85 8.15
C ARG A 40 8.69 11.72 7.28
N ARG A 41 8.70 10.73 6.39
CA ARG A 41 9.82 10.49 5.51
C ARG A 41 9.35 10.27 4.07
N PRO A 42 10.21 10.56 3.07
CA PRO A 42 9.89 10.38 1.66
C PRO A 42 9.64 8.91 1.32
N ASN A 43 10.29 8.03 2.07
CA ASN A 43 10.14 6.59 1.87
C ASN A 43 8.72 6.15 2.21
N ILE A 44 7.71 6.59 1.47
CA ILE A 44 6.33 6.21 1.81
C ILE A 44 5.47 5.79 0.60
N ALA A 45 4.90 4.59 0.68
CA ALA A 45 4.01 4.09 -0.37
C ALA A 45 3.08 2.99 0.17
N ILE A 46 1.79 3.08 -0.18
CA ILE A 46 0.82 2.10 0.27
C ILE A 46 0.45 1.13 -0.87
N ILE A 47 0.75 -0.15 -0.64
CA ILE A 47 0.52 -1.18 -1.64
C ILE A 47 -0.79 -1.96 -1.46
N ASP A 48 -1.58 -2.01 -2.54
CA ASP A 48 -2.85 -2.75 -2.52
C ASP A 48 -2.84 -3.96 -3.47
N VAL A 49 -3.86 -4.82 -3.34
CA VAL A 49 -3.96 -6.02 -4.16
C VAL A 49 -5.13 -5.91 -5.15
N ARG A 50 -5.21 -4.78 -5.84
CA ARG A 50 -6.27 -4.56 -6.83
C ARG A 50 -5.69 -4.55 -8.24
N ASP A 51 -6.27 -5.36 -9.12
CA ASP A 51 -5.81 -5.45 -10.51
C ASP A 51 -5.57 -4.08 -11.12
N GLU A 52 -5.01 -4.07 -12.32
CA GLU A 52 -4.71 -2.84 -13.04
C GLU A 52 -5.93 -1.92 -13.12
N GLU A 53 -7.11 -2.52 -13.21
CA GLU A 53 -8.36 -1.76 -13.30
C GLU A 53 -8.70 -1.12 -11.97
N ARG A 54 -8.77 -1.94 -10.92
CA ARG A 54 -9.07 -1.43 -9.59
C ARG A 54 -7.90 -0.62 -9.06
N ASN A 55 -6.75 -0.73 -9.73
CA ASN A 55 -5.56 0.00 -9.32
C ASN A 55 -5.70 1.49 -9.63
N TYR A 56 -6.00 1.80 -10.89
CA TYR A 56 -6.17 3.20 -11.30
C TYR A 56 -7.51 3.75 -10.81
N ASP A 57 -8.45 2.84 -10.53
CA ASP A 57 -9.78 3.22 -10.06
C ASP A 57 -9.73 4.37 -9.06
N GLY A 58 -8.66 4.42 -8.28
CA GLY A 58 -8.52 5.49 -7.29
C GLY A 58 -8.67 6.87 -7.90
N HIS A 59 -9.16 7.83 -7.11
CA HIS A 59 -9.35 9.18 -7.59
C HIS A 59 -8.71 10.19 -6.61
N ILE A 60 -7.66 10.88 -7.08
CA ILE A 60 -6.95 11.86 -6.24
C ILE A 60 -6.36 11.15 -5.02
N ALA A 61 -6.22 9.83 -5.14
CA ALA A 61 -5.69 8.99 -4.10
C ALA A 61 -4.82 7.88 -4.69
N GLY A 62 -3.75 7.53 -4.00
CA GLY A 62 -2.86 6.48 -4.45
C GLY A 62 -2.98 5.26 -3.58
N SER A 63 -1.87 4.80 -2.99
CA SER A 63 -1.92 3.63 -2.12
C SER A 63 -2.52 2.44 -2.87
N LEU A 64 -1.94 2.12 -4.01
CA LEU A 64 -2.44 1.03 -4.85
C LEU A 64 -1.38 0.03 -5.27
N HIS A 65 -1.65 -1.24 -5.10
CA HIS A 65 -0.75 -2.30 -5.52
C HIS A 65 -1.50 -3.30 -6.39
N TYR A 66 -0.77 -3.94 -7.25
CA TYR A 66 -1.28 -4.94 -8.21
C TYR A 66 -2.39 -5.82 -7.62
N ALA A 67 -2.65 -6.95 -8.28
CA ALA A 67 -3.65 -7.88 -7.81
C ALA A 67 -2.99 -9.02 -7.03
N SER A 68 -3.71 -10.12 -6.85
CA SER A 68 -3.16 -11.26 -6.12
C SER A 68 -3.39 -12.55 -6.89
N GLY A 69 -3.67 -12.42 -8.17
CA GLY A 69 -3.86 -13.58 -9.02
C GLY A 69 -2.53 -14.18 -9.42
N SER A 70 -1.47 -13.40 -9.24
CA SER A 70 -0.13 -13.82 -9.57
C SER A 70 0.67 -14.10 -8.30
N PHE A 71 0.72 -13.10 -7.40
CA PHE A 71 1.47 -13.22 -6.16
C PHE A 71 2.86 -13.76 -6.41
N ASP A 72 3.29 -13.61 -7.64
CA ASP A 72 4.59 -14.04 -8.06
C ASP A 72 5.03 -13.26 -9.28
N ASP A 73 4.41 -12.11 -9.50
CA ASP A 73 4.73 -11.26 -10.63
C ASP A 73 5.37 -9.95 -10.17
N LYS A 74 5.13 -9.58 -8.91
CA LYS A 74 5.70 -8.35 -8.39
C LYS A 74 6.84 -8.62 -7.42
N ILE A 75 7.32 -9.86 -7.42
CA ILE A 75 8.42 -10.27 -6.55
C ILE A 75 9.75 -9.94 -7.21
N SER A 76 9.77 -10.04 -8.53
CA SER A 76 10.97 -9.72 -9.30
C SER A 76 11.00 -8.24 -9.58
N HIS A 77 9.87 -7.60 -9.34
CA HIS A 77 9.70 -6.18 -9.51
C HIS A 77 10.41 -5.45 -8.39
N LEU A 78 10.12 -5.86 -7.16
CA LEU A 78 10.74 -5.27 -5.99
C LEU A 78 12.22 -5.65 -5.97
N VAL A 79 12.51 -6.81 -6.55
CA VAL A 79 13.87 -7.30 -6.64
C VAL A 79 14.67 -6.45 -7.62
N GLN A 80 14.00 -6.02 -8.68
CA GLN A 80 14.63 -5.21 -9.72
C GLN A 80 14.87 -3.78 -9.23
N ASN A 81 14.01 -3.30 -8.35
CA ASN A 81 14.14 -1.95 -7.85
C ASN A 81 14.98 -1.91 -6.57
N VAL A 82 14.50 -2.60 -5.53
CA VAL A 82 15.21 -2.63 -4.25
C VAL A 82 15.73 -1.25 -3.87
N LYS A 83 14.88 -0.25 -4.03
CA LYS A 83 15.24 1.14 -3.74
C LYS A 83 15.36 1.40 -2.23
N ASP A 84 15.20 0.35 -1.41
CA ASP A 84 15.31 0.45 0.05
C ASP A 84 14.45 1.59 0.64
N LYS A 85 14.80 2.84 0.32
CA LYS A 85 14.08 4.00 0.83
C LYS A 85 12.57 3.90 0.59
N ASP A 86 11.94 3.01 1.30
CA ASP A 86 10.50 2.84 1.16
C ASP A 86 9.81 2.22 2.37
N THR A 87 8.91 2.97 2.95
CA THR A 87 8.07 2.47 4.04
C THR A 87 6.82 2.01 3.33
N LEU A 88 6.35 0.80 3.56
CA LEU A 88 5.19 0.33 2.84
C LEU A 88 4.05 -0.05 3.76
N VAL A 89 2.87 0.47 3.44
CA VAL A 89 1.67 0.16 4.17
C VAL A 89 0.71 -0.52 3.22
N PHE A 90 0.27 -1.72 3.55
CA PHE A 90 -0.62 -2.42 2.64
C PHE A 90 -2.06 -2.34 3.12
N HIS A 91 -2.98 -2.44 2.16
CA HIS A 91 -4.42 -2.41 2.43
C HIS A 91 -5.19 -1.63 1.36
N SER A 92 -5.24 -0.31 1.51
CA SER A 92 -5.98 0.52 0.56
C SER A 92 -7.46 0.17 0.62
N ALA A 93 -8.19 0.88 1.48
CA ALA A 93 -9.62 0.62 1.66
C ALA A 93 -9.82 -0.69 2.43
N LEU A 94 -8.78 -1.10 3.14
CA LEU A 94 -8.81 -2.34 3.92
C LEU A 94 -8.76 -3.54 2.99
N SER A 95 -8.46 -3.28 1.70
CA SER A 95 -8.40 -4.33 0.70
C SER A 95 -9.55 -5.30 0.85
N GLN A 96 -10.65 -4.82 1.43
CA GLN A 96 -11.82 -5.67 1.65
C GLN A 96 -11.44 -6.97 2.34
N VAL A 97 -10.61 -6.85 3.39
CA VAL A 97 -10.14 -8.01 4.16
C VAL A 97 -8.90 -8.65 3.55
N ARG A 98 -8.58 -8.28 2.31
CA ARG A 98 -7.40 -8.83 1.63
C ARG A 98 -6.11 -8.19 2.13
N GLY A 99 -6.21 -6.97 2.67
CA GLY A 99 -5.04 -6.27 3.18
C GLY A 99 -3.99 -7.23 3.73
N PRO A 100 -4.36 -8.05 4.73
CA PRO A 100 -3.45 -9.04 5.31
C PRO A 100 -2.91 -9.98 4.25
N THR A 101 -3.77 -10.36 3.31
CA THR A 101 -3.35 -11.23 2.22
C THR A 101 -2.27 -10.54 1.40
N CYS A 102 -2.37 -9.21 1.31
CA CYS A 102 -1.37 -8.43 0.59
C CYS A 102 -0.03 -8.63 1.25
N ALA A 103 -0.02 -8.56 2.57
CA ALA A 103 1.19 -8.77 3.33
C ALA A 103 1.63 -10.21 3.21
N ARG A 104 0.66 -11.11 3.04
CA ARG A 104 0.95 -12.52 2.87
C ARG A 104 1.75 -12.70 1.59
N ARG A 105 1.43 -11.87 0.60
CA ARG A 105 2.12 -11.89 -0.68
C ARG A 105 3.55 -11.40 -0.50
N LEU A 106 3.71 -10.30 0.23
CA LEU A 106 5.06 -9.79 0.49
C LEU A 106 5.86 -10.86 1.22
N VAL A 107 5.15 -11.63 2.04
CA VAL A 107 5.76 -12.71 2.78
C VAL A 107 6.24 -13.76 1.78
N ASN A 108 5.45 -13.96 0.72
CA ASN A 108 5.80 -14.89 -0.33
C ASN A 108 7.08 -14.40 -1.02
N TYR A 109 7.27 -13.08 -0.97
CA TYR A 109 8.45 -12.45 -1.58
C TYR A 109 9.68 -12.79 -0.76
N LEU A 110 9.73 -12.31 0.47
CA LEU A 110 10.86 -12.60 1.32
C LEU A 110 11.05 -14.11 1.40
N ASP A 111 9.94 -14.83 1.23
CA ASP A 111 9.94 -16.28 1.24
C ASP A 111 10.63 -16.85 0.01
N GLU A 112 10.45 -16.21 -1.15
CA GLU A 112 11.06 -16.71 -2.38
C GLU A 112 12.53 -16.33 -2.48
N LYS A 113 12.86 -15.15 -1.98
CA LYS A 113 14.25 -14.67 -2.02
C LYS A 113 15.02 -15.14 -0.79
N LYS A 114 14.30 -15.34 0.30
CA LYS A 114 14.91 -15.78 1.55
C LYS A 114 16.12 -14.92 1.91
N GLU A 115 16.11 -13.68 1.41
CA GLU A 115 17.19 -12.73 1.66
C GLU A 115 17.00 -11.47 0.82
N ASP A 116 16.69 -10.38 1.49
CA ASP A 116 16.48 -9.10 0.81
C ASP A 116 15.88 -8.07 1.76
N THR A 117 15.57 -6.89 1.24
CA THR A 117 14.99 -5.82 2.05
C THR A 117 13.86 -5.13 1.29
N GLY A 118 14.23 -4.34 0.29
CA GLY A 118 13.25 -3.63 -0.50
C GLY A 118 12.56 -2.54 0.30
N ILE A 119 11.75 -2.95 1.26
CA ILE A 119 11.03 -2.00 2.11
C ILE A 119 11.84 -1.63 3.33
N LYS A 120 11.77 -0.36 3.69
CA LYS A 120 12.45 0.14 4.85
C LYS A 120 11.68 -0.31 6.10
N ASN A 121 10.35 -0.28 5.99
CA ASN A 121 9.51 -0.70 7.10
C ASN A 121 8.13 -1.20 6.66
N ILE A 122 7.79 -2.42 7.06
CA ILE A 122 6.50 -3.03 6.73
C ILE A 122 5.42 -2.58 7.72
N MET A 123 4.31 -2.07 7.18
CA MET A 123 3.21 -1.59 8.01
C MET A 123 1.85 -1.91 7.38
N ILE A 124 0.78 -1.73 8.17
CA ILE A 124 -0.57 -1.97 7.67
C ILE A 124 -1.45 -0.73 7.90
N LEU A 125 -2.44 -0.56 7.04
CA LEU A 125 -3.34 0.59 7.12
C LEU A 125 -4.72 0.22 7.65
N GLU A 126 -5.15 0.92 8.69
CA GLU A 126 -6.46 0.68 9.29
C GLU A 126 -7.55 1.24 8.38
N ARG A 127 -7.25 2.38 7.76
CA ARG A 127 -8.18 3.03 6.85
C ARG A 127 -7.64 2.94 5.42
N GLY A 128 -6.58 3.67 5.15
CA GLY A 128 -5.96 3.66 3.84
C GLY A 128 -6.93 3.95 2.71
N PHE A 129 -7.54 5.14 2.73
CA PHE A 129 -8.46 5.56 1.69
C PHE A 129 -9.88 5.01 1.91
N ASN A 130 -10.04 4.06 2.81
CA ASN A 130 -11.35 3.49 3.09
C ASN A 130 -12.31 4.59 3.51
N GLY A 131 -11.84 5.45 4.40
CA GLY A 131 -12.64 6.56 4.87
C GLY A 131 -12.90 7.57 3.77
N TRP A 132 -11.93 7.78 2.89
CA TRP A 132 -12.08 8.74 1.80
C TRP A 132 -13.19 8.32 0.84
N GLU A 133 -13.11 7.09 0.35
CA GLU A 133 -14.11 6.57 -0.56
C GLU A 133 -15.46 6.40 0.16
N ALA A 134 -15.40 5.73 1.31
CA ALA A 134 -16.57 5.44 2.12
C ALA A 134 -17.21 6.70 2.71
N SER A 135 -16.38 7.62 3.23
CA SER A 135 -16.88 8.86 3.84
C SER A 135 -18.06 9.43 3.06
N GLY A 136 -18.06 9.20 1.75
CA GLY A 136 -19.11 9.71 0.91
C GLY A 136 -18.66 10.89 0.08
N LYS A 137 -17.64 11.59 0.57
CA LYS A 137 -17.10 12.74 -0.14
C LYS A 137 -16.66 12.34 -1.54
N PRO A 138 -16.67 13.29 -2.49
CA PRO A 138 -16.29 13.02 -3.88
C PRO A 138 -14.80 12.72 -4.06
N VAL A 139 -14.52 11.69 -4.84
CA VAL A 139 -13.16 11.28 -5.15
C VAL A 139 -12.72 11.99 -6.43
N CYS A 140 -11.43 12.29 -6.59
CA CYS A 140 -10.93 13.06 -7.77
C CYS A 140 -12.05 13.35 -8.77
N ARG A 141 -12.46 14.61 -8.82
CA ARG A 141 -13.50 15.03 -9.75
C ARG A 141 -12.97 14.89 -11.17
N CYS A 142 -13.04 13.67 -11.71
CA CYS A 142 -12.52 13.41 -13.04
C CYS A 142 -13.00 14.44 -14.05
N ALA A 143 -12.43 14.33 -15.24
CA ALA A 143 -12.69 15.22 -16.37
C ALA A 143 -11.44 15.18 -17.22
N GLU A 144 -10.94 13.96 -17.40
CA GLU A 144 -9.73 13.71 -18.12
C GLU A 144 -8.55 14.37 -17.41
N VAL A 145 -7.37 13.80 -17.62
CA VAL A 145 -6.15 14.28 -16.98
C VAL A 145 -6.42 14.63 -15.50
N PRO A 146 -7.25 13.81 -14.79
CA PRO A 146 -7.64 14.04 -13.42
C PRO A 146 -7.06 13.03 -12.43
N CYS A 147 -7.56 11.79 -12.50
CA CYS A 147 -7.13 10.71 -11.61
C CYS A 147 -5.64 10.78 -11.31
N LYS A 148 -5.23 10.20 -10.18
CA LYS A 148 -3.84 10.26 -9.79
C LYS A 148 -3.23 8.92 -9.41
N GLY A 149 -3.92 8.14 -8.58
CA GLY A 149 -3.29 6.94 -8.07
C GLY A 149 -2.22 7.44 -7.15
N ASP A 150 -2.51 8.66 -6.72
CA ASP A 150 -1.71 9.46 -5.83
C ASP A 150 -2.67 10.20 -4.91
N CYS A 151 -2.23 10.38 -3.68
CA CYS A 151 -3.03 11.05 -2.66
C CYS A 151 -2.60 12.50 -2.50
N ALA A 152 -1.31 12.75 -2.71
CA ALA A 152 -0.76 14.10 -2.59
C ALA A 152 -1.04 14.69 -1.21
N MET A 21 -0.78 -2.38 22.74
CA MET A 21 -1.18 -1.74 21.46
C MET A 21 -0.12 -1.93 20.38
N ALA A 22 1.11 -1.58 20.70
CA ALA A 22 2.22 -1.72 19.75
C ALA A 22 3.46 -2.27 20.44
N MET A 23 4.11 -3.24 19.79
CA MET A 23 5.32 -3.85 20.35
C MET A 23 6.56 -3.42 19.57
N ALA A 24 6.50 -2.22 19.00
CA ALA A 24 7.61 -1.67 18.22
C ALA A 24 8.21 -2.72 17.27
N ARG A 25 7.44 -3.08 16.26
CA ARG A 25 7.88 -4.07 15.27
C ARG A 25 7.44 -3.68 13.86
N SER A 26 7.53 -4.62 12.93
CA SER A 26 7.13 -4.37 11.56
C SER A 26 5.63 -4.44 11.39
N ILE A 27 5.15 -4.03 10.22
CA ILE A 27 3.71 -4.02 9.90
C ILE A 27 2.89 -3.42 11.03
N SER A 28 2.31 -2.25 10.76
CA SER A 28 1.48 -1.57 11.75
C SER A 28 0.34 -0.80 11.09
N TYR A 29 -0.77 -0.65 11.82
CA TYR A 29 -1.93 0.07 11.32
C TYR A 29 -1.89 1.52 11.80
N ILE A 30 -2.06 2.47 10.88
CA ILE A 30 -2.01 3.89 11.27
C ILE A 30 -3.11 4.70 10.58
N THR A 31 -3.78 5.53 11.36
CA THR A 31 -4.85 6.40 10.86
C THR A 31 -4.30 7.79 10.52
N SER A 32 -5.13 8.60 9.88
CA SER A 32 -4.76 9.97 9.48
C SER A 32 -3.78 10.62 10.47
N THR A 33 -4.24 10.85 11.70
CA THR A 33 -3.40 11.46 12.72
C THR A 33 -2.19 10.60 13.02
N GLN A 34 -2.38 9.29 13.01
CA GLN A 34 -1.28 8.37 13.26
C GLN A 34 -0.18 8.64 12.23
N LEU A 35 -0.56 9.28 11.13
CA LEU A 35 0.38 9.64 10.09
C LEU A 35 1.23 10.82 10.54
N LEU A 36 0.70 11.62 11.49
CA LEU A 36 1.44 12.78 11.99
C LEU A 36 2.79 12.34 12.57
N PRO A 37 2.79 11.37 13.51
CA PRO A 37 4.03 10.86 14.10
C PRO A 37 4.83 10.03 13.09
N LEU A 38 4.20 9.76 11.95
CA LEU A 38 4.83 9.00 10.88
C LEU A 38 5.35 9.97 9.83
N HIS A 39 6.08 10.97 10.30
CA HIS A 39 6.66 12.00 9.45
C HIS A 39 7.74 11.45 8.54
N ARG A 40 7.66 10.15 8.23
CA ARG A 40 8.63 9.51 7.35
C ARG A 40 8.14 9.58 5.90
N ARG A 41 7.56 10.72 5.56
CA ARG A 41 7.03 10.95 4.21
C ARG A 41 8.12 10.95 3.14
N PRO A 42 9.38 11.32 3.46
CA PRO A 42 10.47 11.35 2.46
C PRO A 42 10.62 10.01 1.75
N ASN A 43 10.10 8.95 2.36
CA ASN A 43 10.18 7.62 1.78
C ASN A 43 8.84 6.89 1.88
N ILE A 44 7.74 7.59 1.67
CA ILE A 44 6.41 6.98 1.78
C ILE A 44 5.74 6.70 0.43
N ALA A 45 5.08 5.54 0.35
CA ALA A 45 4.36 5.13 -0.85
C ALA A 45 3.30 4.09 -0.49
N ILE A 46 2.05 4.31 -0.93
CA ILE A 46 0.97 3.39 -0.61
C ILE A 46 0.59 2.49 -1.80
N ILE A 47 0.59 1.17 -1.58
CA ILE A 47 0.22 0.22 -2.62
C ILE A 47 -1.24 -0.20 -2.51
N ASP A 48 -1.90 -0.35 -3.65
CA ASP A 48 -3.29 -0.78 -3.69
C ASP A 48 -3.41 -2.02 -4.57
N VAL A 49 -3.81 -3.15 -3.97
CA VAL A 49 -3.96 -4.39 -4.70
C VAL A 49 -5.39 -4.92 -4.67
N ARG A 50 -5.84 -5.47 -5.79
CA ARG A 50 -7.18 -6.04 -5.88
C ARG A 50 -7.50 -6.49 -7.32
N ASP A 51 -6.89 -5.82 -8.31
CA ASP A 51 -7.06 -6.19 -9.73
C ASP A 51 -8.38 -5.65 -10.31
N GLU A 52 -9.49 -5.93 -9.65
CA GLU A 52 -10.80 -5.49 -10.14
C GLU A 52 -10.83 -3.99 -10.46
N GLU A 53 -9.80 -3.27 -10.03
CA GLU A 53 -9.71 -1.83 -10.27
C GLU A 53 -9.12 -1.54 -11.65
N ARG A 54 -8.55 -2.54 -12.28
CA ARG A 54 -7.97 -2.38 -13.60
C ARG A 54 -9.03 -2.03 -14.63
N ASN A 55 -10.30 -2.30 -14.31
CA ASN A 55 -11.38 -2.01 -15.23
C ASN A 55 -11.84 -0.56 -15.12
N TYR A 56 -12.23 -0.17 -13.91
CA TYR A 56 -12.69 1.19 -13.67
C TYR A 56 -11.51 2.12 -13.37
N ASP A 57 -10.61 1.64 -12.50
CA ASP A 57 -9.41 2.39 -12.11
C ASP A 57 -9.70 3.40 -11.00
N GLY A 58 -10.96 3.83 -10.88
CA GLY A 58 -11.30 4.81 -9.85
C GLY A 58 -10.32 5.97 -9.83
N HIS A 59 -10.34 6.78 -8.77
CA HIS A 59 -9.42 7.90 -8.69
C HIS A 59 -8.86 8.02 -7.28
N ILE A 60 -7.78 7.31 -7.04
CA ILE A 60 -7.12 7.31 -5.74
C ILE A 60 -5.78 6.59 -5.84
N ALA A 61 -4.89 7.11 -6.68
CA ALA A 61 -3.60 6.48 -6.89
C ALA A 61 -2.47 7.49 -7.04
N GLY A 62 -1.50 7.42 -6.14
CA GLY A 62 -0.34 8.29 -6.18
C GLY A 62 0.95 7.49 -6.14
N SER A 63 0.98 6.43 -5.33
CA SER A 63 2.18 5.61 -5.23
C SER A 63 2.11 4.45 -6.23
N LEU A 64 1.72 3.26 -5.77
CA LEU A 64 1.64 2.10 -6.66
C LEU A 64 0.29 1.40 -6.61
N HIS A 65 -0.29 1.17 -7.77
CA HIS A 65 -1.58 0.47 -7.86
C HIS A 65 -1.43 -0.76 -8.75
N TYR A 66 -2.17 -1.81 -8.42
CA TYR A 66 -2.10 -3.07 -9.17
C TYR A 66 -2.88 -4.19 -8.47
N ALA A 67 -2.36 -5.42 -8.59
CA ALA A 67 -2.98 -6.59 -7.97
C ALA A 67 -1.92 -7.54 -7.47
N SER A 68 -1.22 -8.15 -8.43
CA SER A 68 -0.18 -9.12 -8.14
C SER A 68 0.25 -9.83 -9.41
N GLY A 69 -0.68 -9.93 -10.33
CA GLY A 69 -0.44 -10.59 -11.61
C GLY A 69 0.47 -11.79 -11.47
N SER A 70 0.39 -12.42 -10.29
CA SER A 70 1.20 -13.59 -9.95
C SER A 70 1.35 -13.68 -8.44
N PHE A 71 1.26 -12.54 -7.75
CA PHE A 71 1.39 -12.49 -6.30
C PHE A 71 2.85 -12.63 -5.89
N ASP A 72 3.65 -13.22 -6.75
CA ASP A 72 5.05 -13.42 -6.50
C ASP A 72 5.89 -12.86 -7.63
N ASP A 73 5.28 -11.98 -8.41
CA ASP A 73 5.97 -11.37 -9.54
C ASP A 73 6.04 -9.85 -9.38
N LYS A 74 5.38 -9.32 -8.35
CA LYS A 74 5.39 -7.87 -8.14
C LYS A 74 6.28 -7.47 -6.96
N ILE A 75 6.55 -8.41 -6.05
CA ILE A 75 7.39 -8.12 -4.90
C ILE A 75 8.88 -8.27 -5.23
N SER A 76 9.18 -8.69 -6.47
CA SER A 76 10.58 -8.80 -6.93
C SER A 76 10.97 -7.45 -7.43
N HIS A 77 9.95 -6.79 -7.90
CA HIS A 77 10.02 -5.45 -8.39
C HIS A 77 10.19 -4.53 -7.19
N LEU A 78 9.45 -4.86 -6.14
CA LEU A 78 9.54 -4.14 -4.88
C LEU A 78 10.88 -4.52 -4.28
N VAL A 79 11.26 -5.77 -4.52
CA VAL A 79 12.54 -6.29 -4.09
C VAL A 79 13.64 -5.52 -4.84
N GLN A 80 13.33 -5.20 -6.10
CA GLN A 80 14.26 -4.49 -6.98
C GLN A 80 14.56 -3.10 -6.46
N ASN A 81 13.66 -2.56 -5.65
CA ASN A 81 13.85 -1.24 -5.10
C ASN A 81 14.87 -1.28 -3.98
N VAL A 82 14.45 -1.77 -2.81
CA VAL A 82 15.33 -1.88 -1.65
C VAL A 82 16.29 -0.70 -1.56
N LYS A 83 15.80 0.46 -1.98
CA LYS A 83 16.61 1.69 -1.96
C LYS A 83 16.64 2.33 -0.58
N ASP A 84 16.37 1.55 0.46
CA ASP A 84 16.38 2.06 1.84
C ASP A 84 15.25 3.05 2.03
N LYS A 85 15.30 4.16 1.30
CA LYS A 85 14.27 5.19 1.39
C LYS A 85 12.98 4.66 0.81
N ASP A 86 12.32 3.82 1.58
CA ASP A 86 11.07 3.24 1.15
C ASP A 86 10.17 2.81 2.29
N THR A 87 9.01 3.44 2.35
CA THR A 87 7.98 3.11 3.33
C THR A 87 6.74 2.73 2.54
N LEU A 88 6.13 1.61 2.86
CA LEU A 88 4.97 1.18 2.10
C LEU A 88 3.77 0.86 2.97
N VAL A 89 2.63 1.45 2.61
CA VAL A 89 1.39 1.18 3.30
C VAL A 89 0.40 0.64 2.29
N PHE A 90 -0.11 -0.56 2.51
CA PHE A 90 -1.03 -1.14 1.54
C PHE A 90 -2.47 -1.07 2.00
N HIS A 91 -3.38 -1.06 1.03
CA HIS A 91 -4.83 -1.01 1.31
C HIS A 91 -5.60 -0.55 0.07
N SER A 92 -6.79 0.03 0.29
CA SER A 92 -7.66 0.52 -0.79
C SER A 92 -8.74 -0.51 -1.12
N ALA A 93 -9.09 -1.33 -0.13
CA ALA A 93 -10.11 -2.34 -0.30
C ALA A 93 -11.11 -2.27 0.86
N LEU A 94 -10.86 -3.02 1.93
CA LEU A 94 -11.75 -3.03 3.09
C LEU A 94 -11.22 -3.91 4.22
N SER A 95 -9.90 -4.13 4.25
CA SER A 95 -9.26 -4.96 5.28
C SER A 95 -10.19 -6.06 5.79
N GLN A 96 -10.80 -6.79 4.86
CA GLN A 96 -11.72 -7.87 5.22
C GLN A 96 -11.09 -9.24 4.99
N VAL A 97 -10.02 -9.26 4.19
CA VAL A 97 -9.32 -10.52 3.89
C VAL A 97 -8.13 -10.27 2.97
N ARG A 98 -8.25 -9.27 2.10
CA ARG A 98 -7.19 -8.94 1.16
C ARG A 98 -6.04 -8.21 1.84
N GLY A 99 -6.33 -7.52 2.94
CA GLY A 99 -5.27 -6.82 3.65
C GLY A 99 -4.15 -7.78 4.03
N PRO A 100 -4.49 -8.82 4.82
CA PRO A 100 -3.55 -9.84 5.25
C PRO A 100 -3.03 -10.63 4.05
N THR A 101 -3.81 -10.67 2.98
CA THR A 101 -3.42 -11.39 1.77
C THR A 101 -2.30 -10.62 1.07
N CYS A 102 -2.38 -9.29 1.12
CA CYS A 102 -1.38 -8.44 0.52
C CYS A 102 -0.07 -8.63 1.26
N ALA A 103 -0.16 -8.65 2.59
CA ALA A 103 1.01 -8.86 3.41
C ALA A 103 1.47 -10.31 3.27
N ARG A 104 0.51 -11.19 3.01
CA ARG A 104 0.83 -12.60 2.81
C ARG A 104 1.65 -12.75 1.55
N ARG A 105 1.34 -11.90 0.56
CA ARG A 105 2.06 -11.91 -0.70
C ARG A 105 3.47 -11.38 -0.50
N LEU A 106 3.61 -10.35 0.34
CA LEU A 106 4.93 -9.80 0.63
C LEU A 106 5.80 -10.91 1.19
N VAL A 107 5.22 -11.65 2.13
CA VAL A 107 5.88 -12.79 2.74
C VAL A 107 6.14 -13.90 1.72
N ASN A 108 5.19 -14.05 0.80
CA ASN A 108 5.30 -15.09 -0.23
C ASN A 108 6.55 -14.92 -1.07
N TYR A 109 6.77 -13.72 -1.61
CA TYR A 109 7.95 -13.47 -2.41
C TYR A 109 9.19 -13.48 -1.54
N LEU A 110 9.10 -12.88 -0.36
CA LEU A 110 10.21 -12.88 0.56
C LEU A 110 10.60 -14.33 0.87
N ASP A 111 9.59 -15.20 0.82
CA ASP A 111 9.77 -16.61 1.06
C ASP A 111 10.55 -17.26 -0.09
N GLU A 112 10.17 -16.91 -1.32
CA GLU A 112 10.82 -17.47 -2.50
C GLU A 112 12.14 -16.74 -2.80
N LYS A 113 12.04 -15.48 -3.20
CA LYS A 113 13.22 -14.68 -3.52
C LYS A 113 14.30 -14.84 -2.46
N LYS A 114 13.90 -14.79 -1.20
CA LYS A 114 14.83 -14.94 -0.09
C LYS A 114 16.05 -14.04 -0.27
N GLU A 115 15.80 -12.73 -0.38
CA GLU A 115 16.87 -11.76 -0.56
C GLU A 115 16.35 -10.34 -0.39
N ASP A 116 16.90 -9.63 0.59
CA ASP A 116 16.50 -8.25 0.86
C ASP A 116 15.01 -8.19 1.21
N THR A 117 14.53 -6.98 1.49
CA THR A 117 13.13 -6.78 1.84
C THR A 117 12.47 -5.79 0.87
N GLY A 118 13.20 -4.73 0.52
CA GLY A 118 12.68 -3.75 -0.38
C GLY A 118 12.05 -2.58 0.36
N ILE A 119 11.08 -2.88 1.22
CA ILE A 119 10.39 -1.85 2.00
C ILE A 119 11.10 -1.61 3.33
N LYS A 120 11.16 -0.36 3.73
CA LYS A 120 11.78 -0.02 5.01
C LYS A 120 10.81 -0.23 6.16
N ASN A 121 9.53 0.09 5.92
CA ASN A 121 8.49 -0.08 6.93
C ASN A 121 7.13 -0.28 6.29
N ILE A 122 6.46 -1.38 6.64
CA ILE A 122 5.13 -1.68 6.10
C ILE A 122 4.03 -1.23 7.05
N MET A 123 2.99 -0.60 6.49
CA MET A 123 1.87 -0.10 7.27
C MET A 123 0.54 -0.50 6.64
N ILE A 124 -0.54 -0.35 7.40
CA ILE A 124 -1.87 -0.70 6.93
C ILE A 124 -2.89 0.39 7.25
N LEU A 125 -3.88 0.52 6.36
CA LEU A 125 -4.94 1.52 6.49
C LEU A 125 -6.02 1.07 7.45
N GLU A 126 -6.34 1.92 8.43
CA GLU A 126 -7.38 1.61 9.40
C GLU A 126 -8.74 1.92 8.79
N ARG A 127 -9.73 1.08 9.11
CA ARG A 127 -11.08 1.26 8.57
C ARG A 127 -11.16 0.77 7.14
N GLY A 128 -10.25 1.28 6.28
CA GLY A 128 -10.23 0.86 4.90
C GLY A 128 -11.27 1.54 4.04
N PHE A 129 -12.54 1.46 4.45
CA PHE A 129 -13.62 2.06 3.66
C PHE A 129 -14.05 3.41 4.22
N ASN A 130 -14.80 3.36 5.32
CA ASN A 130 -15.29 4.58 5.94
C ASN A 130 -14.12 5.50 6.29
N GLY A 131 -13.06 4.89 6.77
CA GLY A 131 -11.88 5.64 7.13
C GLY A 131 -11.20 6.23 5.92
N TRP A 132 -11.20 5.48 4.82
CA TRP A 132 -10.55 5.94 3.62
C TRP A 132 -11.26 7.17 3.04
N GLU A 133 -12.56 7.06 2.72
CA GLU A 133 -13.31 8.19 2.21
C GLU A 133 -13.48 9.31 3.24
N ALA A 134 -13.85 8.92 4.44
CA ALA A 134 -14.11 9.88 5.52
C ALA A 134 -12.88 10.63 6.02
N SER A 135 -11.80 9.92 6.32
CA SER A 135 -10.62 10.61 6.87
C SER A 135 -9.31 10.17 6.24
N GLY A 136 -9.28 10.16 4.93
CA GLY A 136 -8.05 9.81 4.23
C GLY A 136 -8.29 9.27 2.85
N LYS A 137 -9.15 9.95 2.09
CA LYS A 137 -9.45 9.48 0.73
C LYS A 137 -9.37 10.57 -0.32
N PRO A 138 -8.16 10.93 -0.74
CA PRO A 138 -8.00 11.89 -1.81
C PRO A 138 -8.44 11.23 -3.11
N VAL A 139 -9.72 10.82 -3.15
CA VAL A 139 -10.25 10.12 -4.31
C VAL A 139 -10.82 11.12 -5.30
N CYS A 140 -10.24 11.15 -6.50
CA CYS A 140 -10.63 12.08 -7.56
C CYS A 140 -11.88 11.61 -8.32
N ARG A 141 -12.38 12.48 -9.20
CA ARG A 141 -13.57 12.15 -9.99
C ARG A 141 -13.45 12.74 -11.40
N CYS A 142 -12.45 12.28 -12.16
CA CYS A 142 -12.25 12.75 -13.52
C CYS A 142 -12.37 11.61 -14.53
N ALA A 143 -11.53 11.65 -15.56
CA ALA A 143 -11.53 10.61 -16.59
C ALA A 143 -10.35 10.78 -17.55
N GLU A 144 -9.24 11.32 -17.05
CA GLU A 144 -8.05 11.52 -17.88
C GLU A 144 -6.90 12.14 -17.10
N VAL A 145 -5.84 12.48 -17.82
CA VAL A 145 -4.65 13.06 -17.20
C VAL A 145 -4.17 12.16 -16.06
N PRO A 146 -3.13 12.57 -15.30
CA PRO A 146 -2.63 11.74 -14.19
C PRO A 146 -3.75 11.26 -13.26
N CYS A 147 -4.96 11.81 -13.44
CA CYS A 147 -6.11 11.42 -12.63
C CYS A 147 -5.94 11.76 -11.14
N LYS A 148 -4.95 11.16 -10.50
CA LYS A 148 -4.72 11.39 -9.08
C LYS A 148 -3.30 11.70 -8.74
N GLY A 149 -2.44 10.71 -8.88
CA GLY A 149 -1.07 10.86 -8.45
C GLY A 149 -1.06 10.95 -6.94
N ASP A 150 -2.26 10.74 -6.38
CA ASP A 150 -2.49 10.73 -4.97
C ASP A 150 -3.50 9.63 -4.62
N CYS A 151 -3.11 8.79 -3.71
CA CYS A 151 -3.94 7.69 -3.24
C CYS A 151 -4.38 7.92 -1.80
N ALA A 152 -3.59 8.69 -1.05
CA ALA A 152 -3.90 8.98 0.34
C ALA A 152 -3.28 10.31 0.77
N MET A 21 -1.07 -2.60 25.56
CA MET A 21 -0.21 -1.50 26.09
C MET A 21 0.50 -0.78 24.96
N ALA A 22 -0.06 0.34 24.53
CA ALA A 22 0.52 1.13 23.46
C ALA A 22 0.60 0.33 22.16
N MET A 23 0.88 1.02 21.06
CA MET A 23 0.97 0.38 19.75
C MET A 23 2.43 0.19 19.35
N ALA A 24 2.87 -1.07 19.28
CA ALA A 24 4.25 -1.38 18.91
C ALA A 24 4.30 -2.29 17.69
N ARG A 25 5.42 -2.97 17.50
CA ARG A 25 5.60 -3.89 16.37
C ARG A 25 5.81 -3.12 15.06
N SER A 26 6.94 -3.38 14.41
CA SER A 26 7.27 -2.73 13.14
C SER A 26 6.24 -3.11 12.08
N ILE A 27 6.27 -4.37 11.67
CA ILE A 27 5.34 -4.87 10.66
C ILE A 27 3.91 -4.82 11.17
N SER A 28 3.38 -3.60 11.33
CA SER A 28 2.04 -3.41 11.85
C SER A 28 1.37 -2.17 11.27
N TYR A 29 0.08 -2.01 11.55
CA TYR A 29 -0.67 -0.87 11.08
C TYR A 29 -0.66 0.22 12.14
N ILE A 30 -0.86 1.47 11.73
CA ILE A 30 -0.78 2.57 12.69
C ILE A 30 -2.07 3.44 12.71
N THR A 31 -2.23 4.23 13.80
CA THR A 31 -3.46 5.03 14.05
C THR A 31 -3.40 6.51 13.66
N SER A 32 -4.56 7.17 13.72
CA SER A 32 -4.67 8.60 13.40
C SER A 32 -3.48 9.38 13.96
N THR A 33 -3.16 9.15 15.23
CA THR A 33 -2.02 9.82 15.87
C THR A 33 -0.75 9.46 15.13
N GLN A 34 -0.70 8.22 14.65
CA GLN A 34 0.44 7.73 13.91
C GLN A 34 0.71 8.67 12.73
N LEU A 35 -0.31 9.45 12.37
CA LEU A 35 -0.19 10.41 11.29
C LEU A 35 0.62 11.62 11.75
N LEU A 36 0.58 11.90 13.06
CA LEU A 36 1.31 13.07 13.58
C LEU A 36 2.82 12.94 13.29
N PRO A 37 3.45 11.83 13.69
CA PRO A 37 4.89 11.62 13.49
C PRO A 37 5.22 10.82 12.23
N LEU A 38 4.27 10.70 11.31
CA LEU A 38 4.50 9.94 10.08
C LEU A 38 5.83 10.30 9.42
N HIS A 39 6.20 11.58 9.51
CA HIS A 39 7.44 12.10 8.92
C HIS A 39 7.19 12.61 7.50
N ARG A 40 6.38 11.85 6.76
CA ARG A 40 5.99 12.21 5.39
C ARG A 40 7.06 11.84 4.35
N ARG A 41 8.29 11.64 4.79
CA ARG A 41 9.37 11.29 3.86
C ARG A 41 10.30 10.20 4.41
N PRO A 42 9.77 9.19 5.14
CA PRO A 42 10.59 8.12 5.68
C PRO A 42 10.65 6.90 4.76
N ASN A 43 11.20 7.07 3.56
CA ASN A 43 11.32 5.97 2.60
C ASN A 43 10.08 5.08 2.61
N ILE A 44 8.93 5.65 2.25
CA ILE A 44 7.68 4.88 2.26
C ILE A 44 6.90 4.92 0.97
N ALA A 45 6.18 3.83 0.73
CA ALA A 45 5.32 3.71 -0.42
C ALA A 45 4.21 2.70 -0.10
N ILE A 46 3.03 2.88 -0.69
CA ILE A 46 1.92 2.00 -0.40
C ILE A 46 1.65 0.99 -1.54
N ILE A 47 1.57 -0.28 -1.16
CA ILE A 47 1.29 -1.36 -2.11
C ILE A 47 -0.21 -1.69 -2.11
N ASP A 48 -0.76 -1.87 -3.29
CA ASP A 48 -2.18 -2.20 -3.44
C ASP A 48 -2.38 -3.29 -4.49
N VAL A 49 -2.92 -4.42 -4.07
CA VAL A 49 -3.18 -5.54 -4.98
C VAL A 49 -4.29 -6.43 -4.45
N ARG A 50 -5.34 -6.61 -5.25
CA ARG A 50 -6.46 -7.45 -4.82
C ARG A 50 -7.53 -7.62 -5.90
N ASP A 51 -7.18 -7.38 -7.16
CA ASP A 51 -8.14 -7.52 -8.24
C ASP A 51 -9.43 -6.73 -7.95
N GLU A 52 -10.36 -6.76 -8.90
CA GLU A 52 -11.64 -6.07 -8.75
C GLU A 52 -11.46 -4.56 -8.74
N GLU A 53 -10.71 -4.05 -7.75
CA GLU A 53 -10.46 -2.63 -7.62
C GLU A 53 -9.88 -2.04 -8.91
N ARG A 54 -9.35 -2.91 -9.78
CA ARG A 54 -8.78 -2.46 -11.03
C ARG A 54 -9.86 -1.87 -11.93
N ASN A 55 -11.11 -2.17 -11.61
CA ASN A 55 -12.24 -1.68 -12.39
C ASN A 55 -12.47 -0.20 -12.09
N TYR A 56 -12.61 0.13 -10.81
CA TYR A 56 -12.83 1.51 -10.39
C TYR A 56 -11.67 2.38 -10.85
N ASP A 57 -10.46 1.87 -10.65
CA ASP A 57 -9.25 2.57 -11.05
C ASP A 57 -9.17 3.99 -10.46
N GLY A 58 -9.75 4.17 -9.27
CA GLY A 58 -9.70 5.48 -8.63
C GLY A 58 -8.28 6.00 -8.59
N HIS A 59 -8.09 7.27 -8.23
CA HIS A 59 -6.74 7.82 -8.19
C HIS A 59 -6.60 9.03 -7.27
N ILE A 60 -7.52 9.23 -6.33
CA ILE A 60 -7.39 10.33 -5.37
C ILE A 60 -6.40 9.90 -4.29
N ALA A 61 -5.65 8.86 -4.64
CA ALA A 61 -4.65 8.22 -3.81
C ALA A 61 -3.46 7.78 -4.66
N GLY A 62 -2.26 7.85 -4.12
CA GLY A 62 -1.09 7.42 -4.88
C GLY A 62 -0.91 5.92 -4.80
N SER A 63 0.21 5.47 -4.22
CA SER A 63 0.46 4.03 -4.09
C SER A 63 0.42 3.34 -5.44
N LEU A 64 0.50 2.01 -5.43
CA LEU A 64 0.47 1.22 -6.65
C LEU A 64 -0.61 0.14 -6.57
N HIS A 65 -1.57 0.19 -7.49
CA HIS A 65 -2.66 -0.78 -7.51
C HIS A 65 -2.48 -1.81 -8.62
N TYR A 66 -2.75 -3.08 -8.29
CA TYR A 66 -2.64 -4.16 -9.27
C TYR A 66 -3.38 -5.42 -8.81
N ALA A 67 -3.07 -6.55 -9.44
CA ALA A 67 -3.75 -7.81 -9.13
C ALA A 67 -2.75 -8.92 -8.79
N SER A 68 -3.23 -10.16 -8.82
CA SER A 68 -2.39 -11.33 -8.54
C SER A 68 -1.73 -11.84 -9.80
N GLY A 69 -1.58 -10.97 -10.79
CA GLY A 69 -0.94 -11.34 -12.03
C GLY A 69 0.56 -11.10 -11.96
N SER A 70 0.94 -10.13 -11.12
CA SER A 70 2.34 -9.79 -10.93
C SER A 70 2.65 -9.71 -9.44
N PHE A 71 1.73 -10.21 -8.61
CA PHE A 71 1.92 -10.21 -7.17
C PHE A 71 3.08 -11.10 -6.77
N ASP A 72 3.61 -11.85 -7.73
CA ASP A 72 4.73 -12.72 -7.46
C ASP A 72 5.98 -12.27 -8.22
N ASP A 73 5.80 -11.35 -9.17
CA ASP A 73 6.90 -10.85 -9.96
C ASP A 73 7.09 -9.35 -9.75
N LYS A 74 6.47 -8.81 -8.70
CA LYS A 74 6.58 -7.38 -8.40
C LYS A 74 7.19 -7.15 -7.02
N ILE A 75 6.85 -8.02 -6.09
CA ILE A 75 7.37 -7.92 -4.72
C ILE A 75 8.87 -7.69 -4.75
N SER A 76 9.57 -8.57 -5.46
CA SER A 76 11.01 -8.48 -5.58
C SER A 76 11.43 -7.57 -6.71
N HIS A 77 10.47 -7.15 -7.49
CA HIS A 77 10.75 -6.18 -8.54
C HIS A 77 11.18 -4.92 -7.83
N LEU A 78 10.55 -4.71 -6.68
CA LEU A 78 10.88 -3.61 -5.80
C LEU A 78 12.10 -4.01 -5.02
N VAL A 79 12.26 -5.32 -4.80
CA VAL A 79 13.44 -5.84 -4.11
C VAL A 79 14.67 -5.42 -4.90
N GLN A 80 14.51 -5.42 -6.22
CA GLN A 80 15.55 -5.05 -7.15
C GLN A 80 15.76 -3.55 -7.15
N ASN A 81 14.70 -2.80 -6.87
CA ASN A 81 14.77 -1.35 -6.84
C ASN A 81 14.52 -0.82 -5.43
N VAL A 82 14.99 -1.56 -4.43
CA VAL A 82 14.82 -1.17 -3.05
C VAL A 82 15.47 0.18 -2.77
N LYS A 83 16.62 0.41 -3.42
CA LYS A 83 17.35 1.66 -3.24
C LYS A 83 17.63 1.93 -1.77
N ASP A 84 17.66 0.87 -0.96
CA ASP A 84 17.91 1.01 0.47
C ASP A 84 16.71 1.64 1.17
N LYS A 85 16.36 2.85 0.74
CA LYS A 85 15.22 3.57 1.31
C LYS A 85 13.91 3.02 0.78
N ASP A 86 13.30 2.12 1.54
CA ASP A 86 12.03 1.54 1.14
C ASP A 86 11.19 1.00 2.29
N THR A 87 10.02 1.60 2.44
CA THR A 87 9.03 1.18 3.44
C THR A 87 7.75 0.85 2.67
N LEU A 88 7.06 -0.22 3.02
CA LEU A 88 5.84 -0.56 2.29
C LEU A 88 4.62 -0.66 3.20
N VAL A 89 3.55 0.01 2.80
CA VAL A 89 2.30 -0.04 3.55
C VAL A 89 1.23 -0.56 2.61
N PHE A 90 0.52 -1.61 2.99
CA PHE A 90 -0.46 -2.18 2.08
C PHE A 90 -1.89 -1.79 2.40
N HIS A 91 -2.72 -1.83 1.35
CA HIS A 91 -4.16 -1.51 1.40
C HIS A 91 -4.54 -0.57 0.26
N SER A 92 -4.72 0.73 0.56
CA SER A 92 -5.09 1.72 -0.45
C SER A 92 -6.08 1.14 -1.46
N ALA A 93 -6.95 0.24 -1.00
CA ALA A 93 -7.94 -0.38 -1.87
C ALA A 93 -9.15 -0.87 -1.08
N LEU A 94 -8.90 -1.55 0.03
CA LEU A 94 -9.98 -2.07 0.86
C LEU A 94 -9.85 -1.55 2.29
N SER A 95 -8.71 -1.82 2.91
CA SER A 95 -8.46 -1.38 4.28
C SER A 95 -9.34 -2.15 5.26
N GLN A 96 -9.87 -3.28 4.81
CA GLN A 96 -10.73 -4.10 5.67
C GLN A 96 -9.92 -5.17 6.39
N VAL A 97 -9.55 -6.22 5.68
CA VAL A 97 -8.78 -7.31 6.28
C VAL A 97 -7.91 -8.04 5.25
N ARG A 98 -8.01 -7.64 3.97
CA ARG A 98 -7.22 -8.26 2.92
C ARG A 98 -5.79 -7.74 2.96
N GLY A 99 -5.62 -6.53 3.49
CA GLY A 99 -4.30 -5.94 3.58
C GLY A 99 -3.24 -6.97 3.97
N PRO A 100 -3.43 -7.68 5.10
CA PRO A 100 -2.50 -8.71 5.54
C PRO A 100 -2.35 -9.79 4.48
N THR A 101 -3.45 -10.10 3.79
CA THR A 101 -3.41 -11.11 2.74
C THR A 101 -2.43 -10.66 1.66
N CYS A 102 -2.43 -9.36 1.39
CA CYS A 102 -1.52 -8.79 0.40
C CYS A 102 -0.09 -9.02 0.88
N ALA A 103 0.11 -8.88 2.19
CA ALA A 103 1.41 -9.13 2.79
C ALA A 103 1.76 -10.59 2.62
N ARG A 104 0.74 -11.44 2.67
CA ARG A 104 0.93 -12.87 2.49
C ARG A 104 1.51 -13.12 1.11
N ARG A 105 1.09 -12.29 0.15
CA ARG A 105 1.60 -12.38 -1.21
C ARG A 105 3.06 -11.95 -1.23
N LEU A 106 3.38 -10.98 -0.37
CA LEU A 106 4.76 -10.51 -0.25
C LEU A 106 5.62 -11.71 0.14
N VAL A 107 5.04 -12.55 1.01
CA VAL A 107 5.68 -13.77 1.45
C VAL A 107 5.86 -14.71 0.28
N ASN A 108 4.87 -14.69 -0.62
CA ASN A 108 4.89 -15.54 -1.81
C ASN A 108 6.12 -15.28 -2.66
N TYR A 109 6.37 -14.01 -3.01
CA TYR A 109 7.52 -13.70 -3.83
C TYR A 109 8.81 -13.99 -3.06
N LEU A 110 8.95 -13.44 -1.86
CA LEU A 110 10.15 -13.68 -1.07
C LEU A 110 10.36 -15.18 -0.94
N ASP A 111 9.27 -15.93 -0.97
CA ASP A 111 9.34 -17.37 -0.92
C ASP A 111 9.96 -17.88 -2.21
N GLU A 112 9.59 -17.21 -3.31
CA GLU A 112 10.10 -17.55 -4.61
C GLU A 112 11.62 -17.45 -4.62
N LYS A 113 12.14 -16.25 -4.39
CA LYS A 113 13.60 -16.04 -4.35
C LYS A 113 13.96 -14.57 -4.29
N LYS A 114 13.64 -13.95 -3.18
CA LYS A 114 13.96 -12.54 -2.97
C LYS A 114 15.30 -12.39 -2.24
N GLU A 115 15.57 -11.18 -1.76
CA GLU A 115 16.81 -10.91 -1.04
C GLU A 115 16.53 -10.63 0.44
N ASP A 116 17.48 -9.99 1.11
CA ASP A 116 17.32 -9.67 2.54
C ASP A 116 16.25 -8.60 2.73
N THR A 117 14.99 -9.00 2.56
CA THR A 117 13.85 -8.09 2.72
C THR A 117 14.13 -6.72 2.10
N GLY A 118 13.68 -6.54 0.86
CA GLY A 118 13.87 -5.28 0.18
C GLY A 118 13.15 -4.14 0.88
N ILE A 119 12.17 -4.49 1.69
CA ILE A 119 11.38 -3.49 2.42
C ILE A 119 12.01 -3.18 3.76
N LYS A 120 11.96 -1.90 4.13
CA LYS A 120 12.50 -1.45 5.40
C LYS A 120 11.52 -1.70 6.53
N ASN A 121 10.26 -1.31 6.32
CA ASN A 121 9.21 -1.50 7.32
C ASN A 121 7.83 -1.62 6.69
N ILE A 122 7.12 -2.69 7.02
CA ILE A 122 5.77 -2.91 6.48
C ILE A 122 4.69 -2.49 7.48
N MET A 123 3.80 -1.60 7.04
CA MET A 123 2.72 -1.12 7.88
C MET A 123 1.42 -0.93 7.10
N ILE A 124 0.34 -0.67 7.82
CA ILE A 124 -0.96 -0.48 7.19
C ILE A 124 -1.52 0.91 7.50
N LEU A 125 -2.24 1.47 6.54
CA LEU A 125 -2.83 2.79 6.68
C LEU A 125 -4.03 2.75 7.63
N GLU A 126 -4.13 3.76 8.49
CA GLU A 126 -5.22 3.85 9.46
C GLU A 126 -6.56 3.53 8.81
N ARG A 127 -7.00 4.42 7.92
CA ARG A 127 -8.28 4.25 7.24
C ARG A 127 -8.10 4.20 5.72
N GLY A 128 -6.89 4.53 5.25
CA GLY A 128 -6.62 4.52 3.83
C GLY A 128 -7.57 5.43 3.06
N PHE A 129 -8.70 4.87 2.62
CA PHE A 129 -9.68 5.64 1.88
C PHE A 129 -11.09 5.06 2.07
N ASN A 130 -11.26 4.28 3.12
CA ASN A 130 -12.57 3.68 3.41
C ASN A 130 -13.58 4.77 3.72
N GLY A 131 -13.19 5.70 4.56
CA GLY A 131 -14.05 6.80 4.92
C GLY A 131 -14.31 7.71 3.74
N TRP A 132 -13.31 7.81 2.85
CA TRP A 132 -13.46 8.64 1.67
C TRP A 132 -14.52 8.08 0.74
N GLU A 133 -14.41 6.81 0.39
CA GLU A 133 -15.39 6.19 -0.49
C GLU A 133 -16.76 6.19 0.17
N ALA A 134 -16.80 5.71 1.40
CA ALA A 134 -18.04 5.63 2.16
C ALA A 134 -18.59 7.01 2.52
N SER A 135 -17.73 7.87 3.09
CA SER A 135 -18.18 9.19 3.50
C SER A 135 -17.51 10.32 2.71
N GLY A 136 -17.37 10.12 1.41
CA GLY A 136 -16.76 11.15 0.57
C GLY A 136 -16.35 10.61 -0.79
N LYS A 137 -17.15 9.70 -1.33
CA LYS A 137 -16.91 9.06 -2.63
C LYS A 137 -16.00 9.89 -3.54
N PRO A 138 -16.43 11.11 -3.92
CA PRO A 138 -15.71 12.01 -4.81
C PRO A 138 -14.21 11.74 -4.91
N VAL A 139 -13.87 10.67 -5.65
CA VAL A 139 -12.47 10.29 -5.86
C VAL A 139 -12.14 10.36 -7.35
N CYS A 140 -10.89 10.70 -7.66
CA CYS A 140 -10.40 10.84 -9.04
C CYS A 140 -11.53 10.92 -10.08
N ARG A 141 -12.04 9.75 -10.48
CA ARG A 141 -13.09 9.64 -11.51
C ARG A 141 -12.43 9.46 -12.87
N CYS A 142 -11.29 10.12 -13.04
CA CYS A 142 -10.51 10.07 -14.27
C CYS A 142 -11.16 10.86 -15.39
N ALA A 143 -10.41 10.98 -16.48
CA ALA A 143 -10.82 11.72 -17.66
C ALA A 143 -9.55 11.99 -18.44
N GLU A 144 -8.46 12.12 -17.67
CA GLU A 144 -7.13 12.35 -18.21
C GLU A 144 -6.25 13.02 -17.15
N VAL A 145 -6.78 14.08 -16.54
CA VAL A 145 -6.05 14.82 -15.53
C VAL A 145 -6.37 14.37 -14.10
N PRO A 146 -7.67 14.13 -13.77
CA PRO A 146 -8.09 13.71 -12.43
C PRO A 146 -7.14 12.72 -11.75
N CYS A 147 -6.67 11.70 -12.50
CA CYS A 147 -5.76 10.71 -11.95
C CYS A 147 -4.61 11.37 -11.19
N LYS A 148 -4.55 11.13 -9.88
CA LYS A 148 -3.52 11.74 -9.05
C LYS A 148 -2.29 10.87 -8.84
N GLY A 149 -2.48 9.62 -8.39
CA GLY A 149 -1.32 8.83 -8.03
C GLY A 149 -0.78 9.56 -6.82
N ASP A 150 -1.76 10.18 -6.18
CA ASP A 150 -1.59 11.02 -5.01
C ASP A 150 -2.75 10.79 -4.07
N CYS A 151 -2.45 10.86 -2.79
CA CYS A 151 -3.43 10.67 -1.73
C CYS A 151 -3.47 11.88 -0.81
N ALA A 152 -4.08 12.96 -1.28
CA ALA A 152 -4.18 14.19 -0.49
C ALA A 152 -5.53 14.87 -0.70
N MET A 21 -0.39 -0.49 25.19
CA MET A 21 1.06 -0.75 25.34
C MET A 21 1.68 -1.25 24.04
N ALA A 22 2.90 -1.78 24.13
CA ALA A 22 3.60 -2.29 22.96
C ALA A 22 2.76 -3.34 22.23
N MET A 23 3.21 -3.72 21.04
CA MET A 23 2.50 -4.71 20.24
C MET A 23 3.48 -5.55 19.43
N ALA A 24 3.72 -6.78 19.89
CA ALA A 24 4.64 -7.69 19.23
C ALA A 24 4.06 -8.18 17.90
N ARG A 25 4.84 -8.02 16.84
CA ARG A 25 4.41 -8.45 15.50
C ARG A 25 5.50 -8.16 14.47
N SER A 26 5.18 -8.37 13.19
CA SER A 26 6.14 -8.15 12.11
C SER A 26 6.13 -6.70 11.64
N ILE A 27 5.17 -6.34 10.80
CA ILE A 27 5.07 -4.99 10.27
C ILE A 27 4.52 -4.01 11.30
N SER A 28 4.48 -2.73 10.93
CA SER A 28 3.98 -1.69 11.83
C SER A 28 2.83 -0.93 11.17
N TYR A 29 1.94 -0.38 11.99
CA TYR A 29 0.79 0.36 11.46
C TYR A 29 1.01 1.87 11.55
N ILE A 30 0.36 2.60 10.63
CA ILE A 30 0.46 4.06 10.59
C ILE A 30 -0.91 4.68 10.31
N THR A 31 -1.23 5.74 11.02
CA THR A 31 -2.52 6.43 10.85
C THR A 31 -2.41 7.59 9.87
N SER A 32 -3.57 8.13 9.48
CA SER A 32 -3.60 9.26 8.56
C SER A 32 -2.87 10.45 9.18
N THR A 33 -3.19 10.73 10.44
CA THR A 33 -2.56 11.82 11.16
C THR A 33 -1.08 11.53 11.36
N GLN A 34 -0.77 10.25 11.56
CA GLN A 34 0.61 9.84 11.74
C GLN A 34 1.43 10.28 10.54
N LEU A 35 0.75 10.43 9.41
CA LEU A 35 1.38 10.88 8.18
C LEU A 35 1.64 12.39 8.26
N LEU A 36 0.89 13.10 9.11
CA LEU A 36 1.04 14.54 9.25
C LEU A 36 2.46 14.92 9.68
N PRO A 37 2.97 14.33 10.77
CA PRO A 37 4.34 14.62 11.25
C PRO A 37 5.39 14.14 10.27
N LEU A 38 5.02 13.18 9.43
CA LEU A 38 5.92 12.62 8.42
C LEU A 38 7.19 12.05 9.04
N HIS A 39 7.20 11.88 10.36
CA HIS A 39 8.36 11.32 11.07
C HIS A 39 9.68 11.87 10.54
N ARG A 40 9.67 13.09 10.04
CA ARG A 40 10.87 13.71 9.50
C ARG A 40 11.48 12.80 8.42
N ARG A 41 10.71 12.58 7.36
CA ARG A 41 11.12 11.72 6.24
C ARG A 41 10.61 10.30 6.49
N PRO A 42 9.35 10.03 6.11
CA PRO A 42 8.74 8.73 6.32
C PRO A 42 9.02 7.71 5.24
N ASN A 43 9.59 8.13 4.11
CA ASN A 43 9.89 7.21 3.01
C ASN A 43 8.75 6.21 2.88
N ILE A 44 7.54 6.69 2.59
CA ILE A 44 6.38 5.81 2.50
C ILE A 44 5.69 5.79 1.14
N ALA A 45 5.11 4.63 0.84
CA ALA A 45 4.37 4.39 -0.40
C ALA A 45 3.35 3.28 -0.13
N ILE A 46 2.09 3.56 -0.42
CA ILE A 46 1.01 2.60 -0.14
C ILE A 46 0.66 1.71 -1.33
N ILE A 47 0.84 0.40 -1.15
CA ILE A 47 0.53 -0.57 -2.21
C ILE A 47 -0.88 -1.15 -2.04
N ASP A 48 -1.56 -1.35 -3.15
CA ASP A 48 -2.91 -1.92 -3.14
C ASP A 48 -2.94 -3.26 -3.89
N VAL A 49 -3.35 -4.31 -3.19
CA VAL A 49 -3.41 -5.64 -3.79
C VAL A 49 -4.85 -6.16 -3.82
N ARG A 50 -5.28 -6.67 -4.98
CA ARG A 50 -6.63 -7.21 -5.12
C ARG A 50 -6.90 -7.71 -6.53
N ASP A 51 -6.88 -6.80 -7.50
CA ASP A 51 -7.14 -7.14 -8.89
C ASP A 51 -7.34 -5.87 -9.70
N GLU A 52 -6.92 -5.90 -10.96
CA GLU A 52 -7.04 -4.75 -11.86
C GLU A 52 -8.18 -3.81 -11.46
N GLU A 53 -9.39 -4.36 -11.36
CA GLU A 53 -10.57 -3.58 -11.00
C GLU A 53 -10.77 -3.44 -9.50
N ARG A 54 -10.25 -4.39 -8.73
CA ARG A 54 -10.42 -4.38 -7.27
C ARG A 54 -9.39 -3.51 -6.57
N ASN A 55 -8.20 -3.36 -7.14
CA ASN A 55 -7.17 -2.56 -6.51
C ASN A 55 -7.32 -1.09 -6.84
N TYR A 56 -8.06 -0.81 -7.92
CA TYR A 56 -8.28 0.58 -8.34
C TYR A 56 -9.36 1.24 -7.49
N ASP A 57 -10.50 0.54 -7.36
CA ASP A 57 -11.62 1.06 -6.57
C ASP A 57 -11.81 2.56 -6.80
N GLY A 58 -11.53 2.99 -8.03
CA GLY A 58 -11.65 4.39 -8.38
C GLY A 58 -10.37 4.92 -8.98
N HIS A 59 -9.52 5.49 -8.13
CA HIS A 59 -8.24 6.04 -8.58
C HIS A 59 -7.52 6.76 -7.44
N ILE A 60 -7.39 6.10 -6.29
CA ILE A 60 -6.70 6.70 -5.12
C ILE A 60 -5.45 7.48 -5.54
N ALA A 61 -4.97 8.39 -4.67
CA ALA A 61 -3.80 9.22 -5.02
C ALA A 61 -2.53 8.51 -4.62
N GLY A 62 -1.68 8.27 -5.60
CA GLY A 62 -0.43 7.58 -5.36
C GLY A 62 -0.60 6.08 -5.36
N SER A 63 -0.51 5.46 -4.18
CA SER A 63 -0.67 4.01 -4.01
C SER A 63 -0.62 3.22 -5.30
N LEU A 64 0.40 2.39 -5.45
CA LEU A 64 0.53 1.54 -6.63
C LEU A 64 -0.41 0.35 -6.53
N HIS A 65 -1.43 0.33 -7.38
CA HIS A 65 -2.41 -0.76 -7.36
C HIS A 65 -2.02 -1.90 -8.29
N TYR A 66 -2.37 -3.12 -7.89
CA TYR A 66 -2.08 -4.32 -8.67
C TYR A 66 -2.62 -5.57 -7.97
N ALA A 67 -2.56 -6.70 -8.66
CA ALA A 67 -3.06 -7.96 -8.10
C ALA A 67 -1.93 -8.94 -7.80
N SER A 68 -2.26 -10.22 -7.67
CA SER A 68 -1.26 -11.24 -7.39
C SER A 68 -1.48 -12.49 -8.23
N GLY A 69 -2.16 -12.31 -9.36
CA GLY A 69 -2.39 -13.43 -10.27
C GLY A 69 -1.11 -13.82 -10.98
N SER A 70 -0.48 -12.83 -11.60
CA SER A 70 0.78 -13.01 -12.29
C SER A 70 1.78 -11.96 -11.84
N PHE A 71 1.42 -11.20 -10.81
CA PHE A 71 2.27 -10.16 -10.28
C PHE A 71 3.24 -10.74 -9.26
N ASP A 72 3.23 -12.05 -9.13
CA ASP A 72 4.12 -12.76 -8.22
C ASP A 72 5.46 -13.03 -8.91
N ASP A 73 5.69 -12.34 -10.04
CA ASP A 73 6.92 -12.50 -10.80
C ASP A 73 7.71 -11.19 -10.83
N LYS A 74 7.04 -10.08 -10.49
CA LYS A 74 7.70 -8.78 -10.48
C LYS A 74 7.82 -8.24 -9.06
N ILE A 75 7.08 -8.86 -8.13
CA ILE A 75 7.10 -8.44 -6.74
C ILE A 75 8.53 -8.46 -6.19
N SER A 76 9.28 -9.53 -6.53
CA SER A 76 10.66 -9.68 -6.08
C SER A 76 11.45 -8.43 -6.41
N HIS A 77 11.04 -7.86 -7.49
CA HIS A 77 11.61 -6.64 -8.02
C HIS A 77 11.20 -5.38 -7.26
N LEU A 78 9.89 -5.29 -6.93
CA LEU A 78 9.35 -4.12 -6.25
C LEU A 78 10.16 -3.81 -5.03
N VAL A 79 10.44 -4.85 -4.28
CA VAL A 79 11.26 -4.72 -3.12
C VAL A 79 12.70 -4.45 -3.55
N GLN A 80 13.09 -5.08 -4.67
CA GLN A 80 14.42 -4.94 -5.22
C GLN A 80 14.72 -3.52 -5.69
N ASN A 81 13.76 -2.64 -5.55
CA ASN A 81 13.92 -1.26 -5.98
C ASN A 81 15.05 -0.58 -5.20
N VAL A 82 15.26 -1.00 -3.95
CA VAL A 82 16.32 -0.46 -3.10
C VAL A 82 16.40 1.06 -3.21
N LYS A 83 15.27 1.71 -2.97
CA LYS A 83 15.21 3.17 -3.02
C LYS A 83 15.81 3.83 -1.77
N ASP A 84 16.43 3.03 -0.91
CA ASP A 84 17.04 3.54 0.32
C ASP A 84 15.95 4.05 1.27
N LYS A 85 15.27 5.11 0.86
CA LYS A 85 14.20 5.68 1.67
C LYS A 85 12.86 5.21 1.11
N ASP A 86 12.41 4.06 1.61
CA ASP A 86 11.16 3.49 1.13
C ASP A 86 10.50 2.57 2.15
N THR A 87 9.31 2.94 2.56
CA THR A 87 8.50 2.13 3.46
C THR A 87 7.21 1.83 2.74
N LEU A 88 6.80 0.57 2.70
CA LEU A 88 5.58 0.25 1.97
C LEU A 88 4.44 -0.12 2.90
N VAL A 89 3.29 0.52 2.70
CA VAL A 89 2.10 0.22 3.47
C VAL A 89 1.09 -0.40 2.56
N PHE A 90 0.66 -1.61 2.86
CA PHE A 90 -0.28 -2.30 1.99
C PHE A 90 -1.71 -2.26 2.53
N HIS A 91 -2.65 -2.36 1.58
CA HIS A 91 -4.11 -2.38 1.88
C HIS A 91 -4.84 -1.30 1.05
N SER A 92 -5.07 -0.12 1.64
CA SER A 92 -5.77 0.97 0.95
C SER A 92 -6.90 0.45 0.05
N ALA A 93 -7.91 -0.14 0.67
CA ALA A 93 -9.04 -0.67 -0.09
C ALA A 93 -10.22 -1.05 0.79
N LEU A 94 -9.96 -1.79 1.86
CA LEU A 94 -11.03 -2.21 2.76
C LEU A 94 -10.71 -1.95 4.23
N SER A 95 -9.48 -2.24 4.64
CA SER A 95 -9.11 -2.04 6.04
C SER A 95 -10.11 -2.74 6.95
N GLN A 96 -10.61 -3.88 6.49
CA GLN A 96 -11.59 -4.66 7.25
C GLN A 96 -11.24 -6.14 7.31
N VAL A 97 -10.01 -6.43 7.76
CA VAL A 97 -9.51 -7.81 7.91
C VAL A 97 -8.77 -8.32 6.67
N ARG A 98 -8.96 -7.66 5.54
CA ARG A 98 -8.28 -8.07 4.31
C ARG A 98 -6.83 -7.61 4.33
N GLY A 99 -6.55 -6.56 5.09
CA GLY A 99 -5.20 -6.05 5.20
C GLY A 99 -4.18 -7.15 5.32
N PRO A 100 -4.34 -8.08 6.28
CA PRO A 100 -3.42 -9.21 6.44
C PRO A 100 -3.33 -10.00 5.14
N THR A 101 -4.44 -10.06 4.40
CA THR A 101 -4.45 -10.76 3.12
C THR A 101 -3.43 -10.11 2.20
N CYS A 102 -3.38 -8.77 2.25
CA CYS A 102 -2.42 -8.02 1.46
C CYS A 102 -1.02 -8.40 1.90
N ALA A 103 -0.86 -8.56 3.21
CA ALA A 103 0.41 -8.97 3.78
C ALA A 103 0.77 -10.34 3.22
N ARG A 104 -0.27 -11.15 2.98
CA ARG A 104 -0.09 -12.46 2.40
C ARG A 104 0.59 -12.30 1.05
N ARG A 105 0.25 -11.21 0.37
CA ARG A 105 0.86 -10.90 -0.91
C ARG A 105 2.35 -10.65 -0.69
N LEU A 106 2.66 -9.99 0.43
CA LEU A 106 4.05 -9.73 0.79
C LEU A 106 4.76 -11.07 0.89
N VAL A 107 4.03 -12.07 1.39
CA VAL A 107 4.54 -13.42 1.49
C VAL A 107 4.85 -13.91 0.09
N ASN A 108 4.03 -13.49 -0.87
CA ASN A 108 4.24 -13.86 -2.26
C ASN A 108 5.62 -13.38 -2.69
N TYR A 109 6.07 -12.28 -2.09
CA TYR A 109 7.39 -11.78 -2.40
C TYR A 109 8.42 -12.71 -1.81
N LEU A 110 8.19 -13.10 -0.57
CA LEU A 110 9.09 -14.00 0.10
C LEU A 110 9.25 -15.26 -0.73
N ASP A 111 8.15 -15.68 -1.35
CA ASP A 111 8.16 -16.85 -2.20
C ASP A 111 8.94 -16.55 -3.48
N GLU A 112 8.92 -15.28 -3.88
CA GLU A 112 9.62 -14.85 -5.09
C GLU A 112 11.13 -14.88 -4.93
N LYS A 113 11.66 -13.98 -4.09
CA LYS A 113 13.10 -13.90 -3.88
C LYS A 113 13.50 -14.27 -2.45
N LYS A 114 12.85 -15.29 -1.90
CA LYS A 114 13.14 -15.76 -0.54
C LYS A 114 13.55 -14.63 0.40
N GLU A 115 12.57 -14.10 1.13
CA GLU A 115 12.81 -13.01 2.07
C GLU A 115 13.36 -11.76 1.35
N ASP A 116 14.08 -10.93 2.09
CA ASP A 116 14.66 -9.69 1.54
C ASP A 116 13.64 -8.55 1.63
N THR A 117 13.66 -7.85 2.76
CA THR A 117 12.74 -6.74 2.99
C THR A 117 12.82 -5.70 1.88
N GLY A 118 13.93 -4.97 1.82
CA GLY A 118 14.09 -3.94 0.81
C GLY A 118 13.63 -2.58 1.30
N ILE A 119 12.33 -2.48 1.61
CA ILE A 119 11.77 -1.23 2.11
C ILE A 119 12.32 -0.89 3.47
N LYS A 120 12.58 0.39 3.70
CA LYS A 120 13.06 0.83 4.99
C LYS A 120 12.18 0.22 6.09
N ASN A 121 10.86 0.26 5.87
CA ASN A 121 9.93 -0.31 6.85
C ASN A 121 8.59 -0.74 6.23
N ILE A 122 8.22 -2.01 6.47
CA ILE A 122 6.94 -2.55 6.00
C ILE A 122 5.85 -2.19 7.01
N MET A 123 4.79 -1.54 6.52
CA MET A 123 3.69 -1.12 7.40
C MET A 123 2.32 -1.27 6.76
N ILE A 124 1.29 -1.05 7.58
CA ILE A 124 -0.10 -1.13 7.14
C ILE A 124 -0.84 0.12 7.58
N LEU A 125 -1.94 0.45 6.90
CA LEU A 125 -2.71 1.64 7.24
C LEU A 125 -3.96 1.28 8.05
N GLU A 126 -4.23 2.09 9.07
CA GLU A 126 -5.39 1.87 9.92
C GLU A 126 -6.62 2.57 9.33
N ARG A 127 -6.38 3.64 8.59
CA ARG A 127 -7.44 4.41 7.96
C ARG A 127 -7.06 4.77 6.52
N GLY A 128 -6.72 3.75 5.73
CA GLY A 128 -6.34 3.96 4.36
C GLY A 128 -7.51 4.42 3.50
N PHE A 129 -8.09 5.57 3.84
CA PHE A 129 -9.23 6.13 3.12
C PHE A 129 -10.20 5.03 2.67
N ASN A 130 -10.27 3.96 3.45
CA ASN A 130 -11.15 2.84 3.14
C ASN A 130 -12.61 3.26 3.25
N GLY A 131 -12.88 4.14 4.20
CA GLY A 131 -14.23 4.63 4.39
C GLY A 131 -14.67 5.46 3.21
N TRP A 132 -13.77 6.30 2.70
CA TRP A 132 -14.09 7.15 1.57
C TRP A 132 -14.30 6.32 0.30
N GLU A 133 -13.36 5.46 -0.02
CA GLU A 133 -13.49 4.63 -1.21
C GLU A 133 -14.69 3.71 -1.08
N ALA A 134 -14.74 3.01 0.05
CA ALA A 134 -15.82 2.08 0.33
C ALA A 134 -17.16 2.78 0.52
N SER A 135 -17.20 3.82 1.35
CA SER A 135 -18.45 4.53 1.60
C SER A 135 -18.28 6.05 1.61
N GLY A 136 -17.41 6.55 0.74
CA GLY A 136 -17.20 7.97 0.64
C GLY A 136 -17.83 8.55 -0.61
N LYS A 137 -17.51 7.93 -1.75
CA LYS A 137 -18.04 8.31 -3.08
C LYS A 137 -17.01 9.03 -3.97
N PRO A 138 -16.68 10.31 -3.68
CA PRO A 138 -15.75 11.09 -4.52
C PRO A 138 -14.31 10.56 -4.52
N VAL A 139 -14.02 9.64 -5.44
CA VAL A 139 -12.67 9.10 -5.57
C VAL A 139 -12.00 9.76 -6.77
N CYS A 140 -10.68 9.97 -6.69
CA CYS A 140 -9.93 10.63 -7.76
C CYS A 140 -10.72 11.78 -8.41
N ARG A 141 -11.57 11.44 -9.39
CA ARG A 141 -12.36 12.45 -10.09
C ARG A 141 -11.45 13.34 -10.94
N CYS A 142 -10.43 12.72 -11.52
CA CYS A 142 -9.46 13.43 -12.35
C CYS A 142 -10.12 14.40 -13.32
N ALA A 143 -9.26 15.18 -13.97
CA ALA A 143 -9.70 16.18 -14.94
C ALA A 143 -8.50 16.97 -15.46
N GLU A 144 -7.37 16.29 -15.60
CA GLU A 144 -6.14 16.90 -16.08
C GLU A 144 -5.31 15.93 -16.89
N VAL A 145 -4.12 16.35 -17.31
CA VAL A 145 -3.25 15.49 -18.09
C VAL A 145 -2.70 14.34 -17.24
N PRO A 146 -2.14 14.63 -16.05
CA PRO A 146 -1.60 13.61 -15.16
C PRO A 146 -2.70 12.87 -14.41
N CYS A 147 -3.64 13.63 -13.85
CA CYS A 147 -4.76 13.08 -13.09
C CYS A 147 -4.33 12.53 -11.74
N LYS A 148 -3.03 12.28 -11.54
CA LYS A 148 -2.54 11.71 -10.29
C LYS A 148 -3.33 10.48 -9.98
N GLY A 149 -3.08 9.92 -8.83
CA GLY A 149 -3.89 8.83 -8.42
C GLY A 149 -5.25 9.41 -8.12
N ASP A 150 -5.42 9.88 -6.88
CA ASP A 150 -6.63 10.58 -6.48
C ASP A 150 -6.31 11.66 -5.47
N CYS A 151 -6.51 12.89 -5.88
CA CYS A 151 -6.31 14.06 -5.01
C CYS A 151 -4.90 14.11 -4.42
N ALA A 152 -3.94 13.52 -5.11
CA ALA A 152 -2.55 13.52 -4.64
C ALA A 152 -2.45 13.07 -3.19
N MET A 21 0.29 0.93 26.22
CA MET A 21 1.73 1.07 25.88
C MET A 21 1.92 1.13 24.37
N ALA A 22 3.17 1.30 23.94
CA ALA A 22 3.50 1.37 22.52
C ALA A 22 3.85 0.00 21.96
N MET A 23 4.00 -0.08 20.65
CA MET A 23 4.34 -1.34 19.99
C MET A 23 4.83 -1.10 18.57
N ALA A 24 6.14 -1.13 18.39
CA ALA A 24 6.74 -0.92 17.07
C ALA A 24 7.19 -2.24 16.45
N ARG A 25 6.32 -2.83 15.64
CA ARG A 25 6.63 -4.09 14.98
C ARG A 25 6.39 -4.00 13.47
N SER A 26 6.71 -5.07 12.76
CA SER A 26 6.53 -5.11 11.32
C SER A 26 5.07 -5.28 10.95
N ILE A 27 4.68 -4.76 9.79
CA ILE A 27 3.30 -4.83 9.32
C ILE A 27 2.33 -4.29 10.36
N SER A 28 2.72 -3.18 10.98
CA SER A 28 1.89 -2.56 12.01
C SER A 28 1.04 -1.43 11.44
N TYR A 29 -0.21 -1.35 11.90
CA TYR A 29 -1.14 -0.30 11.43
C TYR A 29 -0.99 0.98 12.24
N ILE A 30 -1.34 2.10 11.62
CA ILE A 30 -1.24 3.39 12.29
C ILE A 30 -2.50 4.24 12.05
N THR A 31 -2.91 4.96 13.08
CA THR A 31 -4.09 5.84 12.99
C THR A 31 -3.69 7.22 12.48
N SER A 32 -4.69 8.01 12.09
CA SER A 32 -4.47 9.37 11.56
C SER A 32 -3.26 10.05 12.20
N THR A 33 -3.39 10.42 13.48
CA THR A 33 -2.30 11.08 14.20
C THR A 33 -1.07 10.21 14.26
N GLN A 34 -1.27 8.90 14.40
CA GLN A 34 -0.14 7.98 14.46
C GLN A 34 0.67 8.12 13.18
N LEU A 35 0.07 8.75 12.16
CA LEU A 35 0.74 9.00 10.91
C LEU A 35 1.73 10.15 11.08
N LEU A 36 1.44 11.08 12.01
CA LEU A 36 2.32 12.22 12.23
C LEU A 36 3.73 11.76 12.63
N PRO A 37 3.84 10.92 13.68
CA PRO A 37 5.14 10.40 14.12
C PRO A 37 5.83 9.56 13.04
N LEU A 38 5.08 9.20 12.01
CA LEU A 38 5.60 8.41 10.90
C LEU A 38 6.29 9.29 9.87
N HIS A 39 6.87 10.39 10.33
CA HIS A 39 7.59 11.32 9.45
C HIS A 39 9.08 11.05 9.52
N ARG A 40 9.44 9.77 9.52
CA ARG A 40 10.82 9.34 9.59
C ARG A 40 11.58 9.57 8.28
N ARG A 41 10.91 10.20 7.30
CA ARG A 41 11.50 10.49 5.98
C ARG A 41 10.51 10.15 4.87
N PRO A 42 10.40 10.99 3.83
CA PRO A 42 9.49 10.76 2.71
C PRO A 42 9.79 9.45 1.98
N ASN A 43 9.47 8.34 2.62
CA ASN A 43 9.68 7.01 2.06
C ASN A 43 8.41 6.17 2.15
N ILE A 44 7.25 6.83 2.15
CA ILE A 44 5.98 6.12 2.28
C ILE A 44 5.25 5.91 0.96
N ALA A 45 4.63 4.74 0.84
CA ALA A 45 3.86 4.37 -0.34
C ALA A 45 2.86 3.27 0.02
N ILE A 46 1.58 3.51 -0.28
CA ILE A 46 0.53 2.53 0.05
C ILE A 46 0.35 1.49 -1.06
N ILE A 47 0.55 0.22 -0.70
CA ILE A 47 0.40 -0.87 -1.65
C ILE A 47 -0.99 -1.52 -1.58
N ASP A 48 -1.52 -1.89 -2.75
CA ASP A 48 -2.80 -2.54 -2.84
C ASP A 48 -2.75 -3.68 -3.85
N VAL A 49 -2.96 -4.90 -3.38
CA VAL A 49 -2.93 -6.07 -4.25
C VAL A 49 -4.13 -6.99 -3.99
N ARG A 50 -4.89 -7.29 -5.06
CA ARG A 50 -6.06 -8.17 -4.93
C ARG A 50 -6.89 -8.18 -6.21
N ASP A 51 -7.22 -6.99 -6.72
CA ASP A 51 -8.04 -6.87 -7.93
C ASP A 51 -8.31 -5.40 -8.24
N GLU A 52 -9.44 -5.14 -8.92
CA GLU A 52 -9.81 -3.78 -9.28
C GLU A 52 -9.76 -2.82 -8.08
N GLU A 53 -10.39 -3.22 -6.98
CA GLU A 53 -10.41 -2.39 -5.77
C GLU A 53 -8.99 -2.02 -5.34
N ARG A 54 -8.10 -3.00 -5.34
CA ARG A 54 -6.72 -2.77 -4.96
C ARG A 54 -5.91 -2.25 -6.16
N ASN A 55 -6.49 -2.35 -7.34
CA ASN A 55 -5.84 -1.91 -8.57
C ASN A 55 -5.92 -0.40 -8.73
N TYR A 56 -7.04 0.19 -8.35
CA TYR A 56 -7.22 1.63 -8.46
C TYR A 56 -6.62 2.35 -7.25
N ASP A 57 -6.88 1.83 -6.04
CA ASP A 57 -6.35 2.43 -4.81
C ASP A 57 -6.37 3.94 -4.91
N GLY A 58 -7.46 4.47 -5.44
CA GLY A 58 -7.59 5.89 -5.63
C GLY A 58 -6.68 6.35 -6.75
N HIS A 59 -7.29 6.81 -7.85
CA HIS A 59 -6.51 7.26 -8.99
C HIS A 59 -5.84 8.60 -8.70
N ILE A 60 -6.59 9.55 -8.16
CA ILE A 60 -6.02 10.86 -7.83
C ILE A 60 -4.70 10.64 -7.08
N ALA A 61 -4.79 10.28 -5.81
CA ALA A 61 -3.64 9.98 -4.98
C ALA A 61 -3.40 8.50 -5.00
N GLY A 62 -2.15 8.07 -4.97
CA GLY A 62 -1.88 6.64 -5.05
C GLY A 62 -0.41 6.29 -5.10
N SER A 63 -0.05 5.16 -4.50
CA SER A 63 1.33 4.69 -4.51
C SER A 63 1.48 3.53 -5.50
N LEU A 64 1.27 2.30 -5.03
CA LEU A 64 1.36 1.12 -5.88
C LEU A 64 0.10 0.28 -5.77
N HIS A 65 -0.69 0.25 -6.83
CA HIS A 65 -1.95 -0.51 -6.83
C HIS A 65 -2.01 -1.52 -7.97
N TYR A 66 -2.66 -2.66 -7.72
CA TYR A 66 -2.82 -3.69 -8.74
C TYR A 66 -3.56 -4.91 -8.17
N ALA A 67 -3.75 -5.92 -9.01
CA ALA A 67 -4.46 -7.13 -8.63
C ALA A 67 -3.53 -8.25 -8.17
N SER A 68 -4.12 -9.42 -7.98
CA SER A 68 -3.36 -10.60 -7.55
C SER A 68 -3.24 -11.56 -8.73
N GLY A 69 -3.37 -11.03 -9.93
CA GLY A 69 -3.25 -11.85 -11.13
C GLY A 69 -1.82 -11.81 -11.64
N SER A 70 -1.08 -10.82 -11.17
CA SER A 70 0.31 -10.66 -11.55
C SER A 70 1.17 -10.31 -10.33
N PHE A 71 0.69 -10.70 -9.14
CA PHE A 71 1.41 -10.44 -7.91
C PHE A 71 2.83 -10.97 -8.02
N ASP A 72 3.02 -11.95 -8.91
CA ASP A 72 4.31 -12.55 -9.11
C ASP A 72 5.14 -11.75 -10.13
N ASP A 73 4.68 -10.53 -10.44
CA ASP A 73 5.38 -9.68 -11.40
C ASP A 73 5.92 -8.43 -10.73
N LYS A 74 5.51 -8.18 -9.49
CA LYS A 74 5.97 -7.00 -8.75
C LYS A 74 7.03 -7.39 -7.71
N ILE A 75 7.18 -8.69 -7.50
CA ILE A 75 8.15 -9.21 -6.54
C ILE A 75 9.56 -8.79 -6.93
N SER A 76 9.90 -9.05 -8.17
CA SER A 76 11.21 -8.69 -8.70
C SER A 76 11.30 -7.19 -8.91
N HIS A 77 10.17 -6.53 -8.76
CA HIS A 77 10.07 -5.10 -8.90
C HIS A 77 10.70 -4.43 -7.69
N LEU A 78 10.28 -4.87 -6.51
CA LEU A 78 10.82 -4.35 -5.28
C LEU A 78 12.26 -4.79 -5.14
N VAL A 79 12.55 -5.96 -5.70
CA VAL A 79 13.89 -6.51 -5.67
C VAL A 79 14.81 -5.71 -6.59
N GLN A 80 14.25 -5.26 -7.71
CA GLN A 80 15.02 -4.49 -8.69
C GLN A 80 15.20 -3.05 -8.25
N ASN A 81 14.47 -2.64 -7.22
CA ASN A 81 14.56 -1.27 -6.74
C ASN A 81 15.55 -1.16 -5.59
N VAL A 82 15.22 -1.77 -4.45
CA VAL A 82 16.08 -1.74 -3.27
C VAL A 82 16.68 -0.35 -3.06
N LYS A 83 15.84 0.66 -3.23
CA LYS A 83 16.26 2.05 -3.07
C LYS A 83 16.47 2.44 -1.62
N ASP A 84 16.38 1.48 -0.70
CA ASP A 84 16.57 1.77 0.73
C ASP A 84 15.39 2.57 1.26
N LYS A 85 15.25 3.79 0.77
CA LYS A 85 14.14 4.65 1.18
C LYS A 85 12.83 4.05 0.70
N ASP A 86 12.25 3.23 1.54
CA ASP A 86 10.99 2.59 1.19
C ASP A 86 10.17 2.17 2.40
N THR A 87 9.00 2.76 2.51
CA THR A 87 8.04 2.41 3.54
C THR A 87 6.77 2.00 2.83
N LEU A 88 6.19 0.86 3.19
CA LEU A 88 4.99 0.42 2.50
C LEU A 88 3.85 0.11 3.45
N VAL A 89 2.69 0.67 3.15
CA VAL A 89 1.50 0.42 3.94
C VAL A 89 0.45 -0.18 3.02
N PHE A 90 -0.05 -1.37 3.35
CA PHE A 90 -1.01 -2.00 2.46
C PHE A 90 -2.44 -1.85 2.95
N HIS A 91 -3.38 -1.90 2.00
CA HIS A 91 -4.83 -1.79 2.26
C HIS A 91 -5.45 -0.68 1.41
N SER A 92 -5.26 0.56 1.85
CA SER A 92 -5.81 1.73 1.17
C SER A 92 -7.32 1.83 1.37
N ALA A 93 -8.06 1.06 0.59
CA ALA A 93 -9.52 1.07 0.67
C ALA A 93 -10.03 0.22 1.83
N LEU A 94 -9.12 -0.38 2.60
CA LEU A 94 -9.50 -1.22 3.70
C LEU A 94 -9.93 -2.56 3.16
N SER A 95 -8.96 -3.41 2.89
CA SER A 95 -9.22 -4.75 2.37
C SER A 95 -10.30 -5.42 3.19
N GLN A 96 -10.54 -4.88 4.39
CA GLN A 96 -11.56 -5.42 5.30
C GLN A 96 -11.07 -6.68 6.02
N VAL A 97 -10.09 -7.35 5.43
CA VAL A 97 -9.55 -8.58 6.01
C VAL A 97 -8.50 -9.22 5.09
N ARG A 98 -8.40 -8.70 3.86
CA ARG A 98 -7.44 -9.21 2.88
C ARG A 98 -6.03 -8.71 3.18
N GLY A 99 -5.92 -7.56 3.86
CA GLY A 99 -4.60 -7.01 4.19
C GLY A 99 -3.61 -8.10 4.54
N PRO A 100 -3.93 -8.95 5.52
CA PRO A 100 -3.07 -10.07 5.92
C PRO A 100 -2.76 -10.94 4.71
N THR A 101 -3.76 -11.07 3.83
CA THR A 101 -3.59 -11.84 2.61
C THR A 101 -2.53 -11.18 1.75
N CYS A 102 -2.49 -9.84 1.80
CA CYS A 102 -1.49 -9.09 1.05
C CYS A 102 -0.11 -9.48 1.56
N ALA A 103 -0.03 -9.67 2.88
CA ALA A 103 1.21 -10.10 3.51
C ALA A 103 1.55 -11.49 3.01
N ARG A 104 0.52 -12.30 2.78
CA ARG A 104 0.73 -13.64 2.27
C ARG A 104 1.40 -13.53 0.91
N ARG A 105 1.05 -12.48 0.17
CA ARG A 105 1.64 -12.23 -1.12
C ARG A 105 3.12 -11.95 -0.93
N LEU A 106 3.45 -11.22 0.13
CA LEU A 106 4.84 -10.95 0.44
C LEU A 106 5.53 -12.27 0.72
N VAL A 107 4.76 -13.25 1.20
CA VAL A 107 5.30 -14.58 1.45
C VAL A 107 5.71 -15.16 0.10
N ASN A 108 4.90 -14.87 -0.93
CA ASN A 108 5.22 -15.31 -2.28
C ASN A 108 6.51 -14.62 -2.72
N TYR A 109 6.79 -13.47 -2.09
CA TYR A 109 7.99 -12.70 -2.37
C TYR A 109 9.22 -13.41 -1.79
N LEU A 110 9.22 -13.61 -0.48
CA LEU A 110 10.32 -14.31 0.16
C LEU A 110 10.51 -15.66 -0.53
N ASP A 111 9.39 -16.21 -0.99
CA ASP A 111 9.40 -17.48 -1.71
C ASP A 111 10.05 -17.31 -3.07
N GLU A 112 9.90 -16.12 -3.66
CA GLU A 112 10.46 -15.82 -4.97
C GLU A 112 11.96 -15.57 -4.90
N LYS A 113 12.35 -14.43 -4.30
CA LYS A 113 13.75 -14.07 -4.19
C LYS A 113 14.31 -14.39 -2.81
N LYS A 114 13.45 -14.38 -1.80
CA LYS A 114 13.87 -14.68 -0.43
C LYS A 114 14.78 -13.59 0.11
N GLU A 115 14.22 -12.72 0.95
CA GLU A 115 14.98 -11.62 1.56
C GLU A 115 14.07 -10.79 2.47
N ASP A 116 14.44 -9.54 2.70
CA ASP A 116 13.65 -8.66 3.57
C ASP A 116 12.53 -7.95 2.80
N THR A 117 12.29 -8.39 1.56
CA THR A 117 11.24 -7.82 0.72
C THR A 117 11.66 -6.49 0.10
N GLY A 118 12.68 -5.85 0.67
CA GLY A 118 13.15 -4.57 0.14
C GLY A 118 12.58 -3.39 0.89
N ILE A 119 11.38 -3.57 1.45
CA ILE A 119 10.71 -2.52 2.20
C ILE A 119 11.46 -2.18 3.48
N LYS A 120 11.52 -0.89 3.80
CA LYS A 120 12.18 -0.45 5.01
C LYS A 120 11.29 -0.77 6.22
N ASN A 121 10.01 -0.48 6.09
CA ASN A 121 9.05 -0.76 7.16
C ASN A 121 7.63 -0.96 6.61
N ILE A 122 7.04 -2.10 6.93
CA ILE A 122 5.69 -2.42 6.47
C ILE A 122 4.65 -2.07 7.54
N MET A 123 3.59 -1.38 7.13
CA MET A 123 2.52 -0.97 8.03
C MET A 123 1.16 -1.09 7.34
N ILE A 124 0.08 -0.92 8.13
CA ILE A 124 -1.27 -0.99 7.57
C ILE A 124 -2.08 0.23 8.02
N LEU A 125 -3.10 0.59 7.23
CA LEU A 125 -3.94 1.74 7.56
C LEU A 125 -5.37 1.32 7.83
N GLU A 126 -5.97 1.90 8.85
CA GLU A 126 -7.35 1.57 9.22
C GLU A 126 -8.33 2.57 8.62
N ARG A 127 -7.84 3.75 8.26
CA ARG A 127 -8.68 4.78 7.67
C ARG A 127 -8.11 5.27 6.35
N GLY A 128 -7.60 4.33 5.55
CA GLY A 128 -7.03 4.68 4.26
C GLY A 128 -7.95 5.54 3.42
N PHE A 129 -8.79 4.91 2.61
CA PHE A 129 -9.73 5.63 1.75
C PHE A 129 -11.06 4.90 1.66
N ASN A 130 -11.33 4.02 2.62
CA ASN A 130 -12.57 3.25 2.64
C ASN A 130 -13.77 4.18 2.74
N GLY A 131 -13.70 5.13 3.65
CA GLY A 131 -14.78 6.08 3.83
C GLY A 131 -14.94 6.98 2.63
N TRP A 132 -13.83 7.34 1.99
CA TRP A 132 -13.89 8.22 0.82
C TRP A 132 -14.59 7.54 -0.35
N GLU A 133 -14.13 6.35 -0.71
CA GLU A 133 -14.72 5.61 -1.81
C GLU A 133 -16.14 5.13 -1.46
N ALA A 134 -16.24 4.50 -0.29
CA ALA A 134 -17.50 3.93 0.18
C ALA A 134 -18.57 4.96 0.51
N SER A 135 -18.23 5.98 1.30
CA SER A 135 -19.23 6.98 1.67
C SER A 135 -18.60 8.31 2.07
N GLY A 136 -17.63 8.75 1.30
CA GLY A 136 -16.98 10.01 1.59
C GLY A 136 -17.10 10.99 0.44
N LYS A 137 -16.89 10.49 -0.78
CA LYS A 137 -16.98 11.30 -1.97
C LYS A 137 -16.37 10.56 -3.17
N PRO A 138 -16.77 10.92 -4.38
CA PRO A 138 -16.25 10.28 -5.60
C PRO A 138 -14.74 10.40 -5.70
N VAL A 139 -14.07 9.29 -5.99
CA VAL A 139 -12.63 9.26 -6.12
C VAL A 139 -12.24 9.53 -7.57
N CYS A 140 -11.09 10.19 -7.79
CA CYS A 140 -10.62 10.51 -9.14
C CYS A 140 -11.77 10.91 -10.08
N ARG A 141 -12.49 9.90 -10.59
CA ARG A 141 -13.62 10.11 -11.52
C ARG A 141 -13.13 10.18 -12.97
N CYS A 142 -11.81 10.28 -13.13
CA CYS A 142 -11.17 10.36 -14.43
C CYS A 142 -11.83 11.38 -15.34
N ALA A 143 -11.23 11.51 -16.52
CA ALA A 143 -11.64 12.43 -17.56
C ALA A 143 -10.36 12.91 -18.22
N GLU A 144 -9.47 11.93 -18.42
CA GLU A 144 -8.16 12.17 -18.97
C GLU A 144 -7.40 13.13 -18.09
N VAL A 145 -6.07 13.03 -18.17
CA VAL A 145 -5.19 13.85 -17.33
C VAL A 145 -5.76 13.97 -15.90
N PRO A 146 -6.32 12.87 -15.35
CA PRO A 146 -6.94 12.84 -14.05
C PRO A 146 -6.13 12.08 -13.00
N CYS A 147 -6.08 10.75 -13.15
CA CYS A 147 -5.34 9.89 -12.23
C CYS A 147 -3.97 10.49 -11.91
N LYS A 148 -3.50 10.34 -10.67
CA LYS A 148 -2.21 10.93 -10.30
C LYS A 148 -1.38 10.07 -9.38
N GLY A 149 -1.96 9.13 -8.62
CA GLY A 149 -1.13 8.44 -7.65
C GLY A 149 -0.51 9.55 -6.81
N ASP A 150 -1.32 10.62 -6.74
CA ASP A 150 -0.97 11.87 -6.07
C ASP A 150 -2.18 12.47 -5.35
N CYS A 151 -1.90 13.09 -4.24
CA CYS A 151 -2.93 13.72 -3.41
C CYS A 151 -3.39 15.03 -4.04
N ALA A 152 -2.49 15.71 -4.74
CA ALA A 152 -2.81 16.98 -5.38
C ALA A 152 -3.20 18.03 -4.35
N MET A 21 2.13 -4.87 25.40
CA MET A 21 0.99 -3.92 25.35
C MET A 21 0.92 -3.19 24.02
N ALA A 22 0.93 -3.96 22.93
CA ALA A 22 0.87 -3.39 21.59
C ALA A 22 2.04 -2.45 21.33
N MET A 23 1.98 -1.72 20.22
CA MET A 23 3.03 -0.78 19.86
C MET A 23 4.36 -1.51 19.62
N ALA A 24 4.97 -1.24 18.47
CA ALA A 24 6.24 -1.86 18.11
C ALA A 24 6.09 -3.37 17.96
N ARG A 25 6.26 -3.85 16.73
CA ARG A 25 6.15 -5.27 16.43
C ARG A 25 6.35 -5.53 14.94
N SER A 26 7.59 -5.38 14.48
CA SER A 26 7.91 -5.58 13.07
C SER A 26 7.14 -4.59 12.20
N ILE A 27 5.88 -4.93 11.91
CA ILE A 27 5.03 -4.06 11.11
C ILE A 27 4.22 -3.14 12.01
N SER A 28 4.25 -1.85 11.74
CA SER A 28 3.51 -0.89 12.56
C SER A 28 2.70 0.06 11.69
N TYR A 29 1.54 0.47 12.17
CA TYR A 29 0.69 1.36 11.41
C TYR A 29 0.23 2.53 12.25
N ILE A 30 -0.10 3.63 11.61
CA ILE A 30 -0.50 4.82 12.35
C ILE A 30 -1.86 5.36 11.92
N THR A 31 -2.69 5.69 12.91
CA THR A 31 -4.03 6.23 12.65
C THR A 31 -4.00 7.76 12.69
N SER A 32 -5.11 8.38 12.28
CA SER A 32 -5.26 9.84 12.23
C SER A 32 -4.26 10.56 13.14
N THR A 33 -4.58 10.61 14.44
CA THR A 33 -3.71 11.29 15.40
C THR A 33 -2.34 10.65 15.45
N GLN A 34 -2.28 9.32 15.33
CA GLN A 34 -0.99 8.64 15.35
C GLN A 34 -0.11 9.19 14.24
N LEU A 35 -0.74 9.91 13.30
CA LEU A 35 -0.01 10.54 12.22
C LEU A 35 0.78 11.72 12.77
N LEU A 36 0.27 12.36 13.83
CA LEU A 36 0.95 13.49 14.43
C LEU A 36 2.33 13.08 14.97
N PRO A 37 2.38 12.03 15.81
CA PRO A 37 3.62 11.53 16.40
C PRO A 37 4.82 11.58 15.46
N LEU A 38 4.79 10.78 14.38
CA LEU A 38 5.90 10.78 13.43
C LEU A 38 5.81 9.64 12.42
N HIS A 39 5.05 9.86 11.35
CA HIS A 39 4.89 8.87 10.30
C HIS A 39 4.85 9.53 8.92
N ARG A 40 5.92 10.23 8.57
CA ARG A 40 6.01 10.91 7.29
C ARG A 40 7.36 10.63 6.62
N ARG A 41 7.69 9.34 6.50
CA ARG A 41 8.95 8.93 5.88
C ARG A 41 8.96 9.23 4.38
N PRO A 42 10.15 9.52 3.81
CA PRO A 42 10.29 9.83 2.38
C PRO A 42 10.10 8.58 1.51
N ASN A 43 11.06 7.67 1.59
CA ASN A 43 11.02 6.43 0.81
C ASN A 43 9.78 5.61 1.18
N ILE A 44 8.61 6.01 0.65
CA ILE A 44 7.37 5.30 0.97
C ILE A 44 6.49 5.05 -0.25
N ALA A 45 5.74 3.95 -0.19
CA ALA A 45 4.82 3.55 -1.24
C ALA A 45 3.77 2.60 -0.64
N ILE A 46 2.50 2.83 -0.94
CA ILE A 46 1.44 2.00 -0.38
C ILE A 46 0.89 1.00 -1.39
N ILE A 47 0.88 -0.27 -1.01
CA ILE A 47 0.38 -1.34 -1.87
C ILE A 47 -1.08 -1.66 -1.59
N ASP A 48 -1.84 -1.91 -2.64
CA ASP A 48 -3.25 -2.24 -2.54
C ASP A 48 -3.60 -3.40 -3.45
N VAL A 49 -4.02 -4.52 -2.86
CA VAL A 49 -4.38 -5.70 -3.62
C VAL A 49 -5.89 -5.87 -3.68
N ARG A 50 -6.38 -6.50 -4.76
CA ARG A 50 -7.80 -6.71 -4.93
C ARG A 50 -8.10 -7.81 -5.94
N ASP A 51 -7.85 -7.51 -7.22
CA ASP A 51 -8.08 -8.45 -8.32
C ASP A 51 -8.41 -7.70 -9.61
N GLU A 52 -9.53 -7.00 -9.60
CA GLU A 52 -9.98 -6.24 -10.75
C GLU A 52 -9.83 -4.74 -10.53
N GLU A 53 -8.86 -4.36 -9.70
CA GLU A 53 -8.61 -2.95 -9.42
C GLU A 53 -8.31 -2.19 -10.71
N ARG A 54 -7.88 -2.91 -11.73
CA ARG A 54 -7.57 -2.31 -13.02
C ARG A 54 -8.85 -2.13 -13.84
N ASN A 55 -9.95 -2.74 -13.41
CA ASN A 55 -11.22 -2.64 -14.11
C ASN A 55 -11.93 -1.34 -13.79
N TYR A 56 -12.16 -1.06 -12.50
CA TYR A 56 -12.82 0.17 -12.11
C TYR A 56 -11.93 1.37 -12.43
N ASP A 57 -10.63 1.14 -12.44
CA ASP A 57 -9.66 2.18 -12.78
C ASP A 57 -9.76 3.41 -11.87
N GLY A 58 -10.32 3.25 -10.69
CA GLY A 58 -10.43 4.38 -9.77
C GLY A 58 -9.12 5.13 -9.66
N HIS A 59 -9.15 6.37 -9.19
CA HIS A 59 -7.93 7.15 -9.06
C HIS A 59 -7.71 7.65 -7.64
N ILE A 60 -7.78 6.74 -6.66
CA ILE A 60 -7.57 7.11 -5.25
C ILE A 60 -6.24 7.88 -5.11
N ALA A 61 -5.98 8.48 -3.94
CA ALA A 61 -4.74 9.26 -3.76
C ALA A 61 -3.63 8.38 -3.26
N GLY A 62 -2.57 8.29 -4.05
CA GLY A 62 -1.43 7.48 -3.68
C GLY A 62 -1.76 6.02 -3.57
N SER A 63 -0.72 5.19 -3.52
CA SER A 63 -0.87 3.74 -3.40
C SER A 63 -1.18 3.09 -4.75
N LEU A 64 -0.45 2.03 -5.07
CA LEU A 64 -0.63 1.31 -6.32
C LEU A 64 -1.66 0.20 -6.13
N HIS A 65 -2.38 -0.12 -7.20
CA HIS A 65 -3.40 -1.16 -7.15
C HIS A 65 -3.02 -2.36 -8.01
N TYR A 66 -3.40 -3.56 -7.56
CA TYR A 66 -3.11 -4.79 -8.29
C TYR A 66 -3.69 -6.01 -7.60
N ALA A 67 -3.23 -7.19 -8.00
CA ALA A 67 -3.69 -8.46 -7.44
C ALA A 67 -2.54 -9.43 -7.24
N SER A 68 -2.87 -10.70 -7.03
CA SER A 68 -1.86 -11.74 -6.87
C SER A 68 -1.44 -12.28 -8.22
N GLY A 69 -2.06 -11.75 -9.25
CA GLY A 69 -1.71 -12.12 -10.60
C GLY A 69 -0.40 -11.47 -10.98
N SER A 70 -0.13 -10.35 -10.29
CA SER A 70 1.09 -9.60 -10.49
C SER A 70 2.26 -10.33 -9.90
N PHE A 71 1.98 -11.24 -8.97
CA PHE A 71 3.05 -11.99 -8.31
C PHE A 71 3.84 -11.03 -7.48
N ASP A 72 3.12 -10.09 -6.87
CA ASP A 72 3.74 -9.06 -6.06
C ASP A 72 4.41 -8.10 -7.02
N ASP A 73 4.00 -8.20 -8.28
CA ASP A 73 4.57 -7.38 -9.33
C ASP A 73 6.08 -7.45 -9.18
N LYS A 74 6.56 -8.60 -8.72
CA LYS A 74 7.99 -8.78 -8.50
C LYS A 74 8.46 -7.83 -7.40
N ILE A 75 7.82 -7.94 -6.24
CA ILE A 75 8.12 -7.10 -5.07
C ILE A 75 9.60 -7.12 -4.74
N SER A 76 10.10 -8.26 -4.31
CA SER A 76 11.50 -8.36 -3.96
C SER A 76 12.41 -8.28 -5.17
N HIS A 77 11.81 -8.25 -6.34
CA HIS A 77 12.57 -8.12 -7.57
C HIS A 77 13.09 -6.69 -7.64
N LEU A 78 12.22 -5.75 -7.26
CA LEU A 78 12.66 -4.37 -7.22
C LEU A 78 13.50 -4.22 -5.98
N VAL A 79 13.35 -5.21 -5.10
CA VAL A 79 14.14 -5.27 -3.90
C VAL A 79 15.56 -5.64 -4.29
N GLN A 80 15.66 -6.52 -5.30
CA GLN A 80 16.94 -6.99 -5.80
C GLN A 80 17.68 -5.88 -6.52
N ASN A 81 16.94 -4.85 -6.90
CA ASN A 81 17.55 -3.72 -7.59
C ASN A 81 18.52 -2.97 -6.67
N VAL A 82 18.46 -3.27 -5.37
CA VAL A 82 19.34 -2.65 -4.37
C VAL A 82 19.46 -1.14 -4.55
N LYS A 83 18.40 -0.53 -5.09
CA LYS A 83 18.37 0.91 -5.30
C LYS A 83 16.93 1.34 -5.60
N ASP A 84 16.08 1.29 -4.59
CA ASP A 84 14.68 1.65 -4.76
C ASP A 84 14.21 2.70 -3.76
N LYS A 85 14.73 2.66 -2.53
CA LYS A 85 14.30 3.62 -1.52
C LYS A 85 12.79 3.48 -1.35
N ASP A 86 12.40 2.60 -0.45
CA ASP A 86 10.98 2.34 -0.25
C ASP A 86 10.59 1.75 1.09
N THR A 87 9.49 2.28 1.61
CA THR A 87 8.84 1.80 2.81
C THR A 87 7.46 1.40 2.33
N LEU A 88 6.98 0.21 2.63
CA LEU A 88 5.69 -0.20 2.10
C LEU A 88 4.57 -0.16 3.11
N VAL A 89 3.48 0.48 2.71
CA VAL A 89 2.29 0.56 3.53
C VAL A 89 1.20 -0.22 2.84
N PHE A 90 0.56 -1.14 3.53
CA PHE A 90 -0.46 -1.95 2.88
C PHE A 90 -1.85 -1.47 3.21
N HIS A 91 -2.78 -1.77 2.30
CA HIS A 91 -4.21 -1.40 2.44
C HIS A 91 -4.57 -0.28 1.47
N SER A 92 -5.02 0.88 1.98
CA SER A 92 -5.39 2.01 1.14
C SER A 92 -6.62 1.69 0.29
N ALA A 93 -7.37 0.66 0.67
CA ALA A 93 -8.58 0.30 -0.08
C ALA A 93 -9.21 -1.00 0.41
N LEU A 94 -8.45 -1.83 1.12
CA LEU A 94 -8.97 -3.10 1.62
C LEU A 94 -8.55 -3.35 3.06
N SER A 95 -8.20 -2.29 3.78
CA SER A 95 -7.79 -2.41 5.18
C SER A 95 -8.89 -3.10 6.00
N GLN A 96 -10.10 -3.12 5.45
CA GLN A 96 -11.23 -3.74 6.13
C GLN A 96 -10.90 -5.13 6.66
N VAL A 97 -10.13 -5.89 5.90
CA VAL A 97 -9.74 -7.24 6.31
C VAL A 97 -8.79 -7.90 5.32
N ARG A 98 -8.88 -7.52 4.05
CA ARG A 98 -8.01 -8.09 3.01
C ARG A 98 -6.62 -7.48 3.06
N GLY A 99 -6.50 -6.25 3.59
CA GLY A 99 -5.21 -5.60 3.69
C GLY A 99 -4.13 -6.57 4.12
N PRO A 100 -4.31 -7.24 5.26
CA PRO A 100 -3.36 -8.23 5.77
C PRO A 100 -3.09 -9.29 4.72
N THR A 101 -4.12 -9.64 3.94
CA THR A 101 -3.95 -10.62 2.87
C THR A 101 -2.95 -10.09 1.87
N CYS A 102 -2.99 -8.78 1.65
CA CYS A 102 -2.05 -8.13 0.74
C CYS A 102 -0.64 -8.36 1.25
N ALA A 103 -0.51 -8.35 2.59
CA ALA A 103 0.78 -8.60 3.21
C ALA A 103 1.18 -10.04 2.95
N ARG A 104 0.19 -10.93 2.91
CA ARG A 104 0.45 -12.33 2.62
C ARG A 104 1.05 -12.43 1.23
N ARG A 105 0.59 -11.54 0.33
CA ARG A 105 1.10 -11.50 -1.02
C ARG A 105 2.58 -11.14 -0.98
N LEU A 106 2.93 -10.17 -0.13
CA LEU A 106 4.34 -9.79 0.00
C LEU A 106 5.13 -11.04 0.38
N VAL A 107 4.49 -11.87 1.21
CA VAL A 107 5.07 -13.12 1.62
C VAL A 107 5.20 -14.04 0.41
N ASN A 108 4.22 -13.94 -0.51
CA ASN A 108 4.24 -14.78 -1.71
C ASN A 108 5.51 -14.52 -2.52
N TYR A 109 5.92 -13.25 -2.67
CA TYR A 109 7.15 -13.00 -3.41
C TYR A 109 8.33 -13.54 -2.64
N LEU A 110 8.42 -13.19 -1.36
CA LEU A 110 9.54 -13.65 -0.54
C LEU A 110 9.63 -15.17 -0.63
N ASP A 111 8.47 -15.81 -0.71
CA ASP A 111 8.38 -17.25 -0.82
C ASP A 111 8.86 -17.74 -2.18
N GLU A 112 8.63 -16.92 -3.21
CA GLU A 112 9.01 -17.29 -4.57
C GLU A 112 10.37 -16.72 -4.99
N LYS A 113 11.12 -16.20 -4.03
CA LYS A 113 12.43 -15.62 -4.35
C LYS A 113 13.36 -15.61 -3.13
N LYS A 114 12.80 -15.28 -1.97
CA LYS A 114 13.59 -15.22 -0.73
C LYS A 114 14.45 -13.96 -0.70
N GLU A 115 15.54 -14.01 0.07
CA GLU A 115 16.46 -12.86 0.19
C GLU A 115 15.89 -11.82 1.14
N ASP A 116 16.58 -10.68 1.24
CA ASP A 116 16.16 -9.59 2.12
C ASP A 116 14.74 -9.16 1.80
N THR A 117 14.32 -8.04 2.39
CA THR A 117 12.98 -7.51 2.18
C THR A 117 12.99 -6.35 1.21
N GLY A 118 13.97 -5.45 1.35
CA GLY A 118 14.07 -4.30 0.48
C GLY A 118 13.35 -3.09 1.02
N ILE A 119 12.17 -3.32 1.60
CA ILE A 119 11.37 -2.25 2.17
C ILE A 119 12.07 -1.64 3.38
N LYS A 120 11.98 -0.33 3.49
CA LYS A 120 12.59 0.37 4.61
C LYS A 120 11.76 0.16 5.86
N ASN A 121 10.45 0.30 5.71
CA ASN A 121 9.54 0.15 6.83
C ASN A 121 8.13 -0.31 6.39
N ILE A 122 7.66 -1.41 6.96
CA ILE A 122 6.33 -1.93 6.66
C ILE A 122 5.31 -1.35 7.64
N MET A 123 4.36 -0.59 7.10
CA MET A 123 3.34 0.07 7.94
C MET A 123 1.96 0.09 7.27
N ILE A 124 0.96 0.48 8.03
CA ILE A 124 -0.41 0.61 7.51
C ILE A 124 -0.84 2.08 7.55
N LEU A 125 -1.59 2.48 6.53
CA LEU A 125 -2.04 3.86 6.38
C LEU A 125 -3.13 4.25 7.37
N GLU A 126 -3.01 5.46 7.89
CA GLU A 126 -3.98 6.01 8.82
C GLU A 126 -5.31 6.22 8.13
N ARG A 127 -6.11 5.16 8.04
CA ARG A 127 -7.41 5.26 7.37
C ARG A 127 -7.20 5.67 5.92
N GLY A 128 -6.50 4.81 5.17
CA GLY A 128 -6.21 5.08 3.77
C GLY A 128 -7.44 5.34 2.93
N PHE A 129 -8.17 6.41 3.24
CA PHE A 129 -9.38 6.79 2.52
C PHE A 129 -10.22 5.56 2.14
N ASN A 130 -10.12 4.52 2.95
CA ASN A 130 -10.87 3.28 2.73
C ASN A 130 -12.36 3.53 2.90
N GLY A 131 -12.69 4.37 3.89
CA GLY A 131 -14.07 4.71 4.14
C GLY A 131 -14.65 5.51 3.02
N TRP A 132 -13.84 6.38 2.41
CA TRP A 132 -14.33 7.20 1.31
C TRP A 132 -14.67 6.35 0.10
N GLU A 133 -13.70 5.55 -0.36
CA GLU A 133 -13.91 4.70 -1.52
C GLU A 133 -15.00 3.70 -1.22
N ALA A 134 -14.93 3.15 0.00
CA ALA A 134 -15.90 2.18 0.46
C ALA A 134 -17.28 2.81 0.62
N SER A 135 -17.35 3.96 1.30
CA SER A 135 -18.64 4.60 1.52
C SER A 135 -18.66 6.10 1.20
N GLY A 136 -17.55 6.80 1.41
CA GLY A 136 -17.52 8.23 1.13
C GLY A 136 -18.10 8.57 -0.23
N LYS A 137 -17.59 7.90 -1.25
CA LYS A 137 -18.02 8.08 -2.65
C LYS A 137 -17.10 9.02 -3.46
N PRO A 138 -17.06 10.33 -3.16
CA PRO A 138 -16.24 11.29 -3.91
C PRO A 138 -14.84 10.78 -4.23
N VAL A 139 -14.71 10.10 -5.36
CA VAL A 139 -13.42 9.56 -5.79
C VAL A 139 -12.69 10.57 -6.66
N CYS A 140 -11.35 10.59 -6.59
CA CYS A 140 -10.52 11.53 -7.36
C CYS A 140 -11.35 12.69 -7.95
N ARG A 141 -11.22 12.92 -9.26
CA ARG A 141 -11.94 13.98 -9.95
C ARG A 141 -11.42 14.13 -11.38
N CYS A 142 -11.06 13.00 -11.99
CA CYS A 142 -10.54 12.98 -13.34
C CYS A 142 -10.19 11.56 -13.78
N ALA A 143 -9.12 11.46 -14.57
CA ALA A 143 -8.65 10.18 -15.07
C ALA A 143 -7.37 10.35 -15.88
N GLU A 144 -6.49 11.23 -15.42
CA GLU A 144 -5.24 11.49 -16.10
C GLU A 144 -4.03 11.25 -15.20
N VAL A 145 -2.85 11.32 -15.79
CA VAL A 145 -1.60 11.10 -15.04
C VAL A 145 -1.18 12.38 -14.30
N PRO A 146 -1.24 13.54 -14.96
CA PRO A 146 -0.86 14.82 -14.35
C PRO A 146 -1.44 14.98 -12.95
N CYS A 147 -2.60 14.36 -12.73
CA CYS A 147 -3.27 14.42 -11.43
C CYS A 147 -2.75 13.32 -10.52
N LYS A 148 -2.61 13.63 -9.23
CA LYS A 148 -2.17 12.62 -8.27
C LYS A 148 -3.17 11.48 -8.31
N GLY A 149 -3.12 10.65 -7.31
CA GLY A 149 -4.10 9.62 -7.23
C GLY A 149 -5.45 10.29 -7.07
N ASP A 150 -5.86 10.47 -5.81
CA ASP A 150 -7.09 11.18 -5.49
C ASP A 150 -6.90 11.96 -4.21
N CYS A 151 -6.92 13.27 -4.32
CA CYS A 151 -6.79 14.15 -3.17
C CYS A 151 -6.87 15.61 -3.58
N ALA A 152 -7.74 15.91 -4.53
CA ALA A 152 -7.91 17.27 -5.02
C ALA A 152 -9.36 17.55 -5.39
N MET A 21 -0.93 -2.35 23.79
CA MET A 21 -0.93 -0.92 23.42
C MET A 21 -0.31 -0.69 22.04
N ALA A 22 -0.88 -1.35 21.03
CA ALA A 22 -0.39 -1.22 19.67
C ALA A 22 1.06 -1.70 19.55
N MET A 23 1.36 -2.82 20.20
CA MET A 23 2.71 -3.38 20.17
C MET A 23 2.96 -4.12 18.86
N ALA A 24 4.19 -4.05 18.36
CA ALA A 24 4.55 -4.71 17.11
C ALA A 24 6.03 -4.56 16.82
N ARG A 25 6.55 -5.42 15.95
CA ARG A 25 7.97 -5.36 15.57
C ARG A 25 8.12 -5.29 14.06
N SER A 26 8.86 -4.29 13.59
CA SER A 26 9.08 -4.10 12.16
C SER A 26 7.80 -3.66 11.46
N ILE A 27 6.82 -4.55 11.43
CA ILE A 27 5.54 -4.26 10.79
C ILE A 27 4.61 -3.55 11.76
N SER A 28 4.34 -2.27 11.49
CA SER A 28 3.47 -1.48 12.37
C SER A 28 2.46 -0.65 11.58
N TYR A 29 1.24 -0.59 12.09
CA TYR A 29 0.16 0.18 11.45
C TYR A 29 0.20 1.63 11.91
N ILE A 30 -0.36 2.51 11.09
CA ILE A 30 -0.38 3.92 11.41
C ILE A 30 -1.80 4.45 11.40
N THR A 31 -2.15 5.25 12.41
CA THR A 31 -3.49 5.82 12.54
C THR A 31 -3.64 7.13 11.76
N SER A 32 -4.88 7.61 11.67
CA SER A 32 -5.19 8.86 10.96
C SER A 32 -4.14 9.94 11.23
N THR A 33 -4.23 10.58 12.39
CA THR A 33 -3.27 11.64 12.74
C THR A 33 -1.86 11.07 12.79
N GLN A 34 -1.74 9.83 13.27
CA GLN A 34 -0.45 9.18 13.33
C GLN A 34 0.14 9.15 11.91
N LEU A 35 -0.74 9.29 10.93
CA LEU A 35 -0.35 9.32 9.52
C LEU A 35 0.28 10.67 9.17
N LEU A 36 -0.03 11.72 9.94
CA LEU A 36 0.52 13.05 9.65
C LEU A 36 2.05 13.01 9.65
N PRO A 37 2.67 12.52 10.75
CA PRO A 37 4.11 12.41 10.86
C PRO A 37 4.64 11.06 10.38
N LEU A 38 4.46 10.03 11.21
CA LEU A 38 4.89 8.67 10.88
C LEU A 38 6.31 8.65 10.35
N HIS A 39 7.23 9.11 11.17
CA HIS A 39 8.62 9.15 10.78
C HIS A 39 8.81 10.21 9.70
N ARG A 40 8.78 11.46 10.13
CA ARG A 40 8.93 12.62 9.25
C ARG A 40 9.85 12.31 8.07
N ARG A 41 10.88 11.51 8.34
CA ARG A 41 11.83 11.10 7.32
C ARG A 41 11.10 10.66 6.04
N PRO A 42 11.60 11.05 4.85
CA PRO A 42 10.98 10.69 3.58
C PRO A 42 10.84 9.17 3.41
N ASN A 43 11.16 8.68 2.22
CA ASN A 43 11.07 7.24 1.94
C ASN A 43 9.68 6.71 2.32
N ILE A 44 8.64 7.16 1.62
CA ILE A 44 7.27 6.73 1.95
C ILE A 44 6.45 6.33 0.71
N ALA A 45 5.75 5.20 0.82
CA ALA A 45 4.90 4.69 -0.26
C ALA A 45 3.84 3.74 0.29
N ILE A 46 2.57 4.01 -0.01
CA ILE A 46 1.47 3.18 0.46
C ILE A 46 1.03 2.17 -0.61
N ILE A 47 1.01 0.88 -0.26
CA ILE A 47 0.60 -0.16 -1.21
C ILE A 47 -0.88 -0.53 -1.08
N ASP A 48 -1.50 -0.77 -2.24
CA ASP A 48 -2.90 -1.14 -2.30
C ASP A 48 -3.08 -2.38 -3.17
N VAL A 49 -3.55 -3.47 -2.56
CA VAL A 49 -3.76 -4.72 -3.27
C VAL A 49 -5.11 -4.74 -3.97
N ARG A 50 -5.17 -4.09 -5.13
CA ARG A 50 -6.41 -4.03 -5.90
C ARG A 50 -6.84 -5.44 -6.34
N ASP A 51 -6.81 -5.71 -7.65
CA ASP A 51 -7.20 -7.02 -8.18
C ASP A 51 -7.52 -6.91 -9.67
N GLU A 52 -8.44 -6.00 -9.99
CA GLU A 52 -8.84 -5.78 -11.37
C GLU A 52 -8.92 -4.28 -11.66
N GLU A 53 -8.07 -3.51 -10.98
CA GLU A 53 -8.03 -2.07 -11.16
C GLU A 53 -7.87 -1.70 -12.64
N ARG A 54 -7.34 -2.64 -13.42
CA ARG A 54 -7.14 -2.41 -14.84
C ARG A 54 -8.47 -2.47 -15.58
N ASN A 55 -9.43 -3.20 -15.00
CA ASN A 55 -10.74 -3.34 -15.61
C ASN A 55 -11.64 -2.16 -15.25
N TYR A 56 -11.67 -1.82 -13.96
CA TYR A 56 -12.49 -0.71 -13.48
C TYR A 56 -11.81 0.62 -13.77
N ASP A 57 -10.50 0.68 -13.56
CA ASP A 57 -9.74 1.90 -13.81
C ASP A 57 -10.13 3.02 -12.85
N GLY A 58 -10.71 2.67 -11.71
CA GLY A 58 -11.10 3.66 -10.73
C GLY A 58 -9.93 4.52 -10.29
N HIS A 59 -10.10 5.32 -9.24
CA HIS A 59 -9.03 6.17 -8.77
C HIS A 59 -8.20 5.47 -7.72
N ILE A 60 -8.76 5.36 -6.51
CA ILE A 60 -8.04 4.75 -5.40
C ILE A 60 -6.55 4.98 -5.59
N ALA A 61 -6.22 6.25 -5.84
CA ALA A 61 -4.88 6.64 -6.16
C ALA A 61 -4.03 7.11 -4.99
N GLY A 62 -2.95 6.38 -4.75
CA GLY A 62 -2.00 6.72 -3.70
C GLY A 62 -0.57 6.66 -4.21
N SER A 63 0.25 5.78 -3.61
CA SER A 63 1.64 5.65 -4.03
C SER A 63 1.82 4.46 -4.97
N LEU A 64 1.63 3.25 -4.43
CA LEU A 64 1.77 2.03 -5.22
C LEU A 64 0.50 1.21 -5.23
N HIS A 65 0.04 0.87 -6.43
CA HIS A 65 -1.17 0.07 -6.60
C HIS A 65 -0.86 -1.17 -7.43
N TYR A 66 -1.29 -2.34 -6.95
CA TYR A 66 -1.02 -3.58 -7.68
C TYR A 66 -2.19 -4.55 -7.56
N ALA A 67 -2.26 -5.50 -8.50
CA ALA A 67 -3.34 -6.49 -8.51
C ALA A 67 -2.82 -7.90 -8.64
N SER A 68 -3.75 -8.80 -8.86
CA SER A 68 -3.45 -10.18 -9.11
C SER A 68 -3.11 -10.31 -10.59
N GLY A 69 -3.40 -11.46 -11.16
CA GLY A 69 -3.13 -11.68 -12.57
C GLY A 69 -1.64 -11.59 -12.92
N SER A 70 -0.89 -10.95 -12.03
CA SER A 70 0.54 -10.77 -12.20
C SER A 70 1.18 -10.28 -10.91
N PHE A 71 0.53 -10.58 -9.78
CA PHE A 71 1.01 -10.20 -8.48
C PHE A 71 2.41 -10.79 -8.24
N ASP A 72 2.75 -11.78 -9.07
CA ASP A 72 4.05 -12.42 -8.96
C ASP A 72 5.10 -11.69 -9.81
N ASP A 73 4.75 -10.51 -10.30
CA ASP A 73 5.65 -9.72 -11.12
C ASP A 73 6.21 -8.53 -10.34
N LYS A 74 5.42 -8.03 -9.39
CA LYS A 74 5.84 -6.91 -8.57
C LYS A 74 6.97 -7.32 -7.62
N ILE A 75 7.15 -8.63 -7.47
CA ILE A 75 8.18 -9.17 -6.60
C ILE A 75 9.52 -8.57 -6.95
N SER A 76 9.71 -8.32 -8.23
CA SER A 76 10.97 -7.75 -8.71
C SER A 76 11.08 -6.30 -8.29
N HIS A 77 9.94 -5.69 -8.07
CA HIS A 77 9.87 -4.29 -7.66
C HIS A 77 10.27 -4.08 -6.20
N LEU A 78 9.74 -4.91 -5.30
CA LEU A 78 10.05 -4.75 -3.88
C LEU A 78 11.35 -5.44 -3.57
N VAL A 79 11.47 -6.63 -4.12
CA VAL A 79 12.65 -7.43 -3.95
C VAL A 79 13.88 -6.67 -4.48
N GLN A 80 13.69 -5.91 -5.56
CA GLN A 80 14.77 -5.11 -6.15
C GLN A 80 15.08 -3.91 -5.27
N ASN A 81 14.08 -3.44 -4.54
CA ASN A 81 14.23 -2.30 -3.66
C ASN A 81 14.70 -2.76 -2.29
N VAL A 82 15.59 -3.75 -2.28
CA VAL A 82 16.15 -4.32 -1.06
C VAL A 82 16.68 -3.25 -0.11
N LYS A 83 16.91 -2.03 -0.61
CA LYS A 83 17.44 -0.96 0.22
C LYS A 83 17.71 0.30 -0.58
N ASP A 84 16.67 1.07 -0.82
CA ASP A 84 16.77 2.31 -1.58
C ASP A 84 15.86 3.38 -1.00
N LYS A 85 15.94 3.57 0.31
CA LYS A 85 15.11 4.56 1.00
C LYS A 85 13.65 4.32 0.69
N ASP A 86 13.02 3.47 1.47
CA ASP A 86 11.62 3.16 1.25
C ASP A 86 10.91 2.65 2.50
N THR A 87 9.88 3.38 2.92
CA THR A 87 9.04 2.97 4.03
C THR A 87 7.65 2.83 3.45
N LEU A 88 6.99 1.71 3.67
CA LEU A 88 5.68 1.51 3.04
C LEU A 88 4.58 1.05 3.97
N VAL A 89 3.38 1.59 3.74
CA VAL A 89 2.20 1.21 4.49
C VAL A 89 1.24 0.55 3.50
N PHE A 90 0.86 -0.68 3.74
CA PHE A 90 -0.01 -1.38 2.80
C PHE A 90 -1.20 -2.05 3.47
N HIS A 91 -2.25 -2.23 2.69
CA HIS A 91 -3.47 -2.90 3.18
C HIS A 91 -4.59 -2.82 2.14
N SER A 92 -5.00 -1.60 1.77
CA SER A 92 -6.04 -1.37 0.77
C SER A 92 -7.17 -0.49 1.31
N ALA A 93 -8.30 -1.10 1.70
CA ALA A 93 -9.43 -0.34 2.22
C ALA A 93 -10.18 -1.11 3.33
N LEU A 94 -9.52 -2.13 3.89
CA LEU A 94 -10.12 -2.91 4.95
C LEU A 94 -9.30 -2.78 6.23
N SER A 95 -8.02 -3.09 6.15
CA SER A 95 -7.14 -3.00 7.31
C SER A 95 -7.63 -3.90 8.44
N GLN A 96 -8.58 -4.77 8.14
CA GLN A 96 -9.13 -5.69 9.15
C GLN A 96 -9.40 -7.07 8.56
N VAL A 97 -8.91 -7.33 7.36
CA VAL A 97 -9.10 -8.62 6.71
C VAL A 97 -8.16 -8.79 5.53
N ARG A 98 -8.01 -7.74 4.74
CA ARG A 98 -7.13 -7.78 3.57
C ARG A 98 -5.67 -7.67 3.97
N GLY A 99 -5.40 -7.04 5.12
CA GLY A 99 -4.04 -6.90 5.59
C GLY A 99 -3.24 -8.18 5.39
N PRO A 100 -3.72 -9.31 5.92
CA PRO A 100 -3.03 -10.60 5.77
C PRO A 100 -2.95 -11.01 4.30
N THR A 101 -3.92 -10.60 3.50
CA THR A 101 -3.92 -10.92 2.08
C THR A 101 -2.73 -10.27 1.40
N CYS A 102 -2.53 -8.99 1.68
CA CYS A 102 -1.40 -8.24 1.13
C CYS A 102 -0.11 -8.90 1.58
N ALA A 103 -0.05 -9.21 2.88
CA ALA A 103 1.12 -9.88 3.42
C ALA A 103 1.28 -11.23 2.73
N ARG A 104 0.16 -11.80 2.30
CA ARG A 104 0.16 -13.06 1.60
C ARG A 104 0.95 -12.91 0.31
N ARG A 105 0.85 -11.73 -0.31
CA ARG A 105 1.59 -11.47 -1.53
C ARG A 105 3.07 -11.26 -1.21
N LEU A 106 3.35 -10.53 -0.14
CA LEU A 106 4.73 -10.32 0.28
C LEU A 106 5.33 -11.67 0.63
N VAL A 107 4.46 -12.59 1.05
CA VAL A 107 4.89 -13.93 1.35
C VAL A 107 5.37 -14.56 0.05
N ASN A 108 4.71 -14.22 -1.05
CA ASN A 108 5.10 -14.72 -2.35
C ASN A 108 6.46 -14.10 -2.74
N TYR A 109 6.83 -12.99 -2.07
CA TYR A 109 8.12 -12.35 -2.31
C TYR A 109 9.21 -13.10 -1.60
N LEU A 110 9.14 -13.09 -0.28
CA LEU A 110 10.13 -13.81 0.51
C LEU A 110 10.15 -15.25 0.03
N ASP A 111 9.01 -15.70 -0.51
CA ASP A 111 8.90 -17.04 -1.05
C ASP A 111 9.74 -17.16 -2.31
N GLU A 112 9.88 -16.05 -3.04
CA GLU A 112 10.63 -16.02 -4.27
C GLU A 112 12.14 -15.85 -4.04
N LYS A 113 12.54 -14.84 -3.27
CA LYS A 113 13.95 -14.59 -3.01
C LYS A 113 14.27 -14.47 -1.52
N LYS A 114 13.27 -14.62 -0.67
CA LYS A 114 13.48 -14.53 0.78
C LYS A 114 14.04 -13.15 1.16
N GLU A 115 14.30 -12.96 2.45
CA GLU A 115 14.84 -11.69 2.94
C GLU A 115 13.93 -10.53 2.55
N ASP A 116 12.64 -10.72 2.71
CA ASP A 116 11.66 -9.68 2.36
C ASP A 116 11.66 -8.55 3.37
N THR A 117 12.29 -7.44 2.98
CA THR A 117 12.35 -6.26 3.83
C THR A 117 13.19 -5.18 3.16
N GLY A 118 13.06 -5.07 1.85
CA GLY A 118 13.81 -4.09 1.10
C GLY A 118 13.49 -2.67 1.53
N ILE A 119 12.37 -2.50 2.20
CA ILE A 119 11.95 -1.18 2.65
C ILE A 119 12.50 -0.85 4.03
N LYS A 120 12.90 0.39 4.22
CA LYS A 120 13.43 0.84 5.48
C LYS A 120 12.54 0.38 6.64
N ASN A 121 11.23 0.55 6.48
CA ASN A 121 10.30 0.13 7.51
C ASN A 121 8.92 -0.23 6.96
N ILE A 122 8.49 -1.46 7.25
CA ILE A 122 7.18 -1.98 6.83
C ILE A 122 6.10 -1.56 7.83
N MET A 123 4.99 -1.06 7.30
CA MET A 123 3.87 -0.62 8.14
C MET A 123 2.53 -0.97 7.49
N ILE A 124 1.45 -0.81 8.24
CA ILE A 124 0.11 -1.09 7.72
C ILE A 124 -0.69 0.22 7.60
N LEU A 125 -1.61 0.26 6.63
CA LEU A 125 -2.41 1.46 6.36
C LEU A 125 -3.49 1.70 7.41
N GLU A 126 -3.64 2.97 7.79
CA GLU A 126 -4.64 3.37 8.77
C GLU A 126 -6.05 2.96 8.32
N ARG A 127 -6.65 3.77 7.46
CA ARG A 127 -7.99 3.51 6.96
C ARG A 127 -7.98 3.04 5.51
N GLY A 128 -6.80 3.00 4.90
CA GLY A 128 -6.71 2.56 3.51
C GLY A 128 -7.74 3.26 2.64
N PHE A 129 -7.75 4.59 2.71
CA PHE A 129 -8.69 5.41 1.96
C PHE A 129 -10.14 4.98 2.24
N ASN A 130 -10.36 4.26 3.33
CA ASN A 130 -11.70 3.84 3.70
C ASN A 130 -12.56 5.08 3.85
N GLY A 131 -11.96 6.12 4.42
CA GLY A 131 -12.64 7.39 4.57
C GLY A 131 -12.89 8.01 3.21
N TRP A 132 -11.98 7.76 2.27
CA TRP A 132 -12.12 8.30 0.93
C TRP A 132 -13.44 7.86 0.30
N GLU A 133 -13.65 6.55 0.29
CA GLU A 133 -14.86 5.98 -0.28
C GLU A 133 -16.08 6.34 0.58
N ALA A 134 -15.95 6.09 1.88
CA ALA A 134 -17.03 6.33 2.85
C ALA A 134 -17.34 7.82 3.02
N SER A 135 -16.30 8.66 3.08
CA SER A 135 -16.48 10.11 3.27
C SER A 135 -17.69 10.65 2.51
N GLY A 136 -18.01 10.00 1.41
CA GLY A 136 -19.13 10.44 0.61
C GLY A 136 -18.66 10.95 -0.73
N LYS A 137 -17.42 11.44 -0.77
CA LYS A 137 -16.85 11.93 -2.00
C LYS A 137 -16.70 10.79 -3.00
N PRO A 138 -17.27 10.92 -4.20
CA PRO A 138 -17.19 9.87 -5.22
C PRO A 138 -15.77 9.39 -5.44
N VAL A 139 -15.63 8.27 -6.14
CA VAL A 139 -14.32 7.71 -6.43
C VAL A 139 -13.83 8.27 -7.77
N CYS A 140 -12.51 8.45 -7.91
CA CYS A 140 -11.97 9.05 -9.15
C CYS A 140 -12.87 10.15 -9.71
N ARG A 141 -13.71 9.83 -10.70
CA ARG A 141 -14.57 10.82 -11.31
C ARG A 141 -13.69 11.88 -11.96
N CYS A 142 -13.12 12.75 -11.13
CA CYS A 142 -12.20 13.79 -11.57
C CYS A 142 -12.58 14.37 -12.93
N ALA A 143 -11.62 15.06 -13.55
CA ALA A 143 -11.80 15.68 -14.84
C ALA A 143 -10.54 16.48 -15.16
N GLU A 144 -9.90 16.95 -14.09
CA GLU A 144 -8.68 17.71 -14.21
C GLU A 144 -7.90 17.66 -12.91
N VAL A 145 -7.00 18.62 -12.72
CA VAL A 145 -6.16 18.67 -11.53
C VAL A 145 -5.39 17.37 -11.36
N PRO A 146 -4.38 17.35 -10.48
CA PRO A 146 -3.57 16.15 -10.26
C PRO A 146 -4.37 14.99 -9.67
N CYS A 147 -5.26 14.40 -10.48
CA CYS A 147 -6.11 13.27 -10.06
C CYS A 147 -5.77 12.82 -8.62
N LYS A 148 -4.59 12.25 -8.43
CA LYS A 148 -4.12 11.79 -7.11
C LYS A 148 -2.74 11.19 -7.22
N GLY A 149 -2.33 10.47 -6.18
CA GLY A 149 -1.05 9.81 -6.21
C GLY A 149 -0.99 8.85 -7.38
N ASP A 150 -1.82 7.82 -7.36
CA ASP A 150 -1.87 6.89 -8.49
C ASP A 150 -3.30 6.43 -8.80
N CYS A 151 -3.76 6.79 -9.99
CA CYS A 151 -5.10 6.41 -10.45
C CYS A 151 -5.06 5.07 -11.18
N ALA A 152 -4.00 4.85 -11.95
CA ALA A 152 -3.84 3.61 -12.70
C ALA A 152 -2.46 3.54 -13.34
N MET A 21 1.60 -1.75 23.21
CA MET A 21 0.16 -1.50 23.46
C MET A 21 -0.57 -1.12 22.18
N ALA A 22 -0.24 -1.79 21.09
CA ALA A 22 -0.86 -1.52 19.80
C ALA A 22 -0.60 -0.10 19.35
N MET A 23 0.67 0.24 19.18
CA MET A 23 1.06 1.58 18.75
C MET A 23 2.56 1.65 18.45
N ALA A 24 2.93 2.51 17.51
CA ALA A 24 4.33 2.67 17.13
C ALA A 24 4.89 1.38 16.55
N ARG A 25 6.21 1.28 16.49
CA ARG A 25 6.88 0.09 15.96
C ARG A 25 6.55 -0.10 14.48
N SER A 26 7.29 -0.98 13.83
CA SER A 26 7.08 -1.24 12.41
C SER A 26 6.25 -2.50 12.20
N ILE A 27 6.19 -2.98 10.96
CA ILE A 27 5.41 -4.18 10.62
C ILE A 27 4.04 -4.14 11.28
N SER A 28 3.48 -2.93 11.43
CA SER A 28 2.19 -2.77 12.06
C SER A 28 1.39 -1.62 11.48
N TYR A 29 0.12 -1.55 11.89
CA TYR A 29 -0.80 -0.51 11.42
C TYR A 29 -0.67 0.76 12.26
N ILE A 30 -1.06 1.89 11.67
CA ILE A 30 -0.96 3.17 12.37
C ILE A 30 -2.31 3.87 12.43
N THR A 31 -2.63 4.40 13.62
CA THR A 31 -3.89 5.09 13.85
C THR A 31 -3.84 6.52 13.32
N SER A 32 -5.01 7.17 13.31
CA SER A 32 -5.12 8.55 12.83
C SER A 32 -3.94 9.41 13.26
N THR A 33 -3.65 9.41 14.56
CA THR A 33 -2.52 10.19 15.08
C THR A 33 -1.20 9.54 14.68
N GLN A 34 -1.17 8.21 14.68
CA GLN A 34 0.04 7.50 14.30
C GLN A 34 0.44 7.92 12.90
N LEU A 35 -0.55 8.34 12.13
CA LEU A 35 -0.34 8.82 10.78
C LEU A 35 0.28 10.22 10.78
N LEU A 36 0.08 10.96 11.87
CA LEU A 36 0.61 12.33 11.96
C LEU A 36 2.13 12.34 11.77
N PRO A 37 2.88 11.54 12.54
CA PRO A 37 4.35 11.49 12.42
C PRO A 37 4.79 10.77 11.14
N LEU A 38 4.03 9.73 10.77
CA LEU A 38 4.30 8.92 9.58
C LEU A 38 5.80 8.69 9.35
N HIS A 39 6.57 8.71 10.45
CA HIS A 39 8.01 8.49 10.37
C HIS A 39 8.76 9.67 9.77
N ARG A 40 8.03 10.56 9.07
CA ARG A 40 8.63 11.73 8.46
C ARG A 40 9.84 11.33 7.61
N ARG A 41 9.65 10.36 6.72
CA ARG A 41 10.73 9.89 5.86
C ARG A 41 10.31 9.90 4.39
N PRO A 42 11.22 10.34 3.48
CA PRO A 42 10.93 10.40 2.05
C PRO A 42 10.83 9.00 1.42
N ASN A 43 11.20 7.99 2.19
CA ASN A 43 11.16 6.60 1.71
C ASN A 43 9.79 5.96 1.95
N ILE A 44 8.75 6.79 2.07
CA ILE A 44 7.41 6.26 2.35
C ILE A 44 6.53 6.19 1.11
N ALA A 45 5.90 5.03 0.93
CA ALA A 45 4.97 4.80 -0.18
C ALA A 45 4.02 3.67 0.16
N ILE A 46 2.72 3.94 0.05
CA ILE A 46 1.70 2.96 0.37
C ILE A 46 1.34 2.10 -0.85
N ILE A 47 1.46 0.78 -0.71
CA ILE A 47 1.14 -0.15 -1.78
C ILE A 47 -0.29 -0.66 -1.63
N ASP A 48 -1.00 -0.77 -2.74
CA ASP A 48 -2.38 -1.26 -2.72
C ASP A 48 -2.66 -2.24 -3.86
N VAL A 49 -3.29 -3.36 -3.52
CA VAL A 49 -3.64 -4.39 -4.50
C VAL A 49 -5.00 -4.11 -5.12
N ARG A 50 -5.11 -4.30 -6.43
CA ARG A 50 -6.37 -4.08 -7.13
C ARG A 50 -6.72 -5.24 -8.06
N ASP A 51 -6.22 -5.20 -9.29
CA ASP A 51 -6.48 -6.24 -10.29
C ASP A 51 -6.17 -5.72 -11.69
N GLU A 52 -6.99 -4.76 -12.13
CA GLU A 52 -6.84 -4.16 -13.45
C GLU A 52 -7.99 -3.20 -13.72
N GLU A 53 -9.16 -3.56 -13.23
CA GLU A 53 -10.36 -2.72 -13.41
C GLU A 53 -10.42 -1.63 -12.35
N ARG A 54 -10.21 -2.04 -11.09
CA ARG A 54 -10.26 -1.10 -9.97
C ARG A 54 -8.92 -0.39 -9.81
N ASN A 55 -7.89 -0.87 -10.49
CA ASN A 55 -6.57 -0.26 -10.39
C ASN A 55 -6.44 0.93 -11.34
N TYR A 56 -7.02 0.80 -12.52
CA TYR A 56 -6.97 1.86 -13.53
C TYR A 56 -8.06 2.90 -13.31
N ASP A 57 -9.18 2.48 -12.72
CA ASP A 57 -10.31 3.38 -12.48
C ASP A 57 -9.85 4.68 -11.80
N GLY A 58 -8.99 4.54 -10.80
CA GLY A 58 -8.49 5.70 -10.09
C GLY A 58 -8.91 5.71 -8.62
N HIS A 59 -8.90 6.87 -8.00
CA HIS A 59 -9.30 6.99 -6.60
C HIS A 59 -8.34 6.23 -5.68
N ILE A 60 -7.16 5.86 -6.21
CA ILE A 60 -6.16 5.13 -5.43
C ILE A 60 -4.74 5.45 -5.92
N ALA A 61 -4.60 6.57 -6.59
CA ALA A 61 -3.36 7.04 -7.13
C ALA A 61 -2.73 8.05 -6.19
N GLY A 62 -1.51 7.74 -5.71
CA GLY A 62 -0.82 8.64 -4.82
C GLY A 62 0.63 8.21 -4.56
N SER A 63 0.83 7.02 -4.00
CA SER A 63 2.17 6.53 -3.70
C SER A 63 2.51 5.28 -4.50
N LEU A 64 2.07 4.11 -4.01
CA LEU A 64 2.34 2.85 -4.68
C LEU A 64 1.07 2.07 -5.00
N HIS A 65 0.93 1.72 -6.27
CA HIS A 65 -0.22 0.97 -6.76
C HIS A 65 0.24 -0.31 -7.45
N TYR A 66 -0.55 -1.37 -7.34
CA TYR A 66 -0.20 -2.63 -7.99
C TYR A 66 -1.41 -3.58 -8.04
N ALA A 67 -1.36 -4.53 -8.97
CA ALA A 67 -2.44 -5.49 -9.15
C ALA A 67 -2.04 -6.87 -8.62
N SER A 68 -2.80 -7.89 -9.00
CA SER A 68 -2.51 -9.25 -8.57
C SER A 68 -2.25 -10.16 -9.76
N GLY A 69 -1.81 -9.58 -10.87
CA GLY A 69 -1.50 -10.37 -12.04
C GLY A 69 -0.39 -11.35 -11.76
N SER A 70 0.41 -11.03 -10.75
CA SER A 70 1.52 -11.88 -10.34
C SER A 70 1.68 -11.89 -8.83
N PHE A 71 1.42 -10.73 -8.20
CA PHE A 71 1.54 -10.58 -6.75
C PHE A 71 2.87 -11.09 -6.26
N ASP A 72 3.80 -11.18 -7.19
CA ASP A 72 5.14 -11.64 -6.88
C ASP A 72 6.16 -10.95 -7.79
N ASP A 73 5.78 -10.76 -9.04
CA ASP A 73 6.66 -10.12 -10.00
C ASP A 73 6.70 -8.60 -9.78
N LYS A 74 5.99 -8.11 -8.75
CA LYS A 74 5.98 -6.67 -8.48
C LYS A 74 6.71 -6.30 -7.19
N ILE A 75 7.20 -7.29 -6.46
CA ILE A 75 7.90 -7.03 -5.21
C ILE A 75 9.43 -7.07 -5.38
N SER A 76 9.91 -7.86 -6.33
CA SER A 76 11.35 -7.94 -6.62
C SER A 76 11.68 -6.84 -7.56
N HIS A 77 10.70 -6.62 -8.38
CA HIS A 77 10.68 -5.61 -9.38
C HIS A 77 10.64 -4.25 -8.71
N LEU A 78 9.84 -4.16 -7.65
CA LEU A 78 9.72 -2.94 -6.89
C LEU A 78 10.94 -2.84 -5.97
N VAL A 79 11.35 -3.99 -5.45
CA VAL A 79 12.52 -4.04 -4.58
C VAL A 79 13.74 -3.52 -5.31
N GLN A 80 13.80 -3.80 -6.61
CA GLN A 80 14.90 -3.37 -7.45
C GLN A 80 14.72 -1.92 -7.91
N ASN A 81 13.51 -1.39 -7.78
CA ASN A 81 13.23 -0.03 -8.21
C ASN A 81 12.95 0.90 -7.02
N VAL A 82 13.72 0.75 -5.94
CA VAL A 82 13.54 1.58 -4.76
C VAL A 82 14.83 2.32 -4.40
N LYS A 83 15.94 1.58 -4.32
CA LYS A 83 17.25 2.16 -3.98
C LYS A 83 17.43 2.33 -2.48
N ASP A 84 17.53 1.20 -1.76
CA ASP A 84 17.74 1.21 -0.32
C ASP A 84 16.61 1.90 0.43
N LYS A 85 16.45 3.19 0.18
CA LYS A 85 15.41 3.97 0.83
C LYS A 85 14.04 3.38 0.54
N ASP A 86 13.48 2.69 1.52
CA ASP A 86 12.17 2.08 1.32
C ASP A 86 11.38 1.90 2.61
N THR A 87 10.25 2.60 2.64
CA THR A 87 9.28 2.47 3.71
C THR A 87 7.98 2.09 3.01
N LEU A 88 7.31 1.05 3.46
CA LEU A 88 6.10 0.64 2.75
C LEU A 88 4.93 0.39 3.66
N VAL A 89 3.79 0.94 3.29
CA VAL A 89 2.58 0.72 4.02
C VAL A 89 1.57 0.13 3.06
N PHE A 90 1.05 -1.05 3.36
CA PHE A 90 0.09 -1.65 2.45
C PHE A 90 -1.30 -1.43 2.96
N HIS A 91 -2.25 -1.38 2.04
CA HIS A 91 -3.63 -1.14 2.39
C HIS A 91 -4.57 -1.91 1.47
N SER A 92 -5.85 -1.60 1.56
CA SER A 92 -6.90 -2.24 0.76
C SER A 92 -8.10 -2.56 1.64
N ALA A 93 -7.96 -3.57 2.49
CA ALA A 93 -9.03 -3.96 3.38
C ALA A 93 -8.49 -4.64 4.64
N LEU A 94 -7.17 -4.61 4.86
CA LEU A 94 -6.57 -5.23 6.05
C LEU A 94 -7.35 -4.80 7.27
N SER A 95 -7.88 -3.59 7.20
CA SER A 95 -8.69 -3.04 8.28
C SER A 95 -9.63 -4.09 8.85
N GLN A 96 -10.10 -5.02 7.99
CA GLN A 96 -11.02 -6.07 8.46
C GLN A 96 -11.48 -7.02 7.35
N VAL A 97 -10.54 -7.66 6.63
CA VAL A 97 -10.92 -8.61 5.58
C VAL A 97 -9.70 -9.14 4.80
N ARG A 98 -9.29 -8.40 3.76
CA ARG A 98 -8.16 -8.80 2.92
C ARG A 98 -6.84 -8.80 3.65
N GLY A 99 -6.75 -8.02 4.73
CA GLY A 99 -5.51 -7.94 5.49
C GLY A 99 -4.65 -9.19 5.39
N PRO A 100 -5.16 -10.34 5.86
CA PRO A 100 -4.44 -11.61 5.78
C PRO A 100 -4.03 -11.93 4.34
N THR A 101 -4.88 -11.55 3.38
CA THR A 101 -4.60 -11.78 1.97
C THR A 101 -3.38 -10.97 1.53
N CYS A 102 -3.38 -9.68 1.86
CA CYS A 102 -2.26 -8.81 1.49
C CYS A 102 -0.98 -9.34 2.10
N ALA A 103 -1.03 -9.66 3.39
CA ALA A 103 0.12 -10.22 4.06
C ALA A 103 0.48 -11.54 3.42
N ARG A 104 -0.53 -12.24 2.91
CA ARG A 104 -0.31 -13.50 2.22
C ARG A 104 0.58 -13.23 1.01
N ARG A 105 0.37 -12.05 0.42
CA ARG A 105 1.16 -11.62 -0.72
C ARG A 105 2.62 -11.49 -0.29
N LEU A 106 2.82 -10.93 0.90
CA LEU A 106 4.17 -10.80 1.43
C LEU A 106 4.79 -12.19 1.52
N VAL A 107 3.96 -13.16 1.90
CA VAL A 107 4.38 -14.54 2.00
C VAL A 107 4.70 -15.13 0.62
N ASN A 108 3.90 -14.79 -0.40
CA ASN A 108 4.12 -15.34 -1.74
C ASN A 108 5.47 -14.93 -2.31
N TYR A 109 5.75 -13.63 -2.31
CA TYR A 109 7.04 -13.16 -2.85
C TYR A 109 8.17 -13.66 -1.96
N LEU A 110 8.00 -13.51 -0.66
CA LEU A 110 9.00 -13.98 0.28
C LEU A 110 9.28 -15.45 0.02
N ASP A 111 8.23 -16.17 -0.38
CA ASP A 111 8.34 -17.59 -0.69
C ASP A 111 9.16 -17.78 -1.98
N GLU A 112 9.04 -16.81 -2.88
CA GLU A 112 9.74 -16.87 -4.16
C GLU A 112 11.25 -16.63 -3.99
N LYS A 113 11.60 -15.48 -3.43
CA LYS A 113 13.00 -15.13 -3.25
C LYS A 113 13.46 -15.31 -1.81
N LYS A 114 12.62 -14.91 -0.86
CA LYS A 114 12.94 -15.01 0.56
C LYS A 114 13.91 -13.91 0.98
N GLU A 115 13.83 -12.77 0.30
CA GLU A 115 14.70 -11.64 0.60
C GLU A 115 13.89 -10.49 1.17
N ASP A 116 12.81 -10.82 1.87
CA ASP A 116 11.93 -9.82 2.46
C ASP A 116 11.37 -8.90 1.38
N THR A 117 10.33 -8.15 1.73
CA THR A 117 9.70 -7.23 0.79
C THR A 117 10.68 -6.14 0.35
N GLY A 118 11.78 -5.99 1.08
CA GLY A 118 12.77 -4.98 0.73
C GLY A 118 12.58 -3.70 1.51
N ILE A 119 11.37 -3.50 2.01
CA ILE A 119 11.04 -2.31 2.78
C ILE A 119 11.79 -2.25 4.10
N LYS A 120 12.23 -1.07 4.46
CA LYS A 120 12.91 -0.87 5.73
C LYS A 120 11.90 -1.00 6.87
N ASN A 121 10.66 -0.62 6.59
CA ASN A 121 9.58 -0.69 7.57
C ASN A 121 8.21 -0.84 6.90
N ILE A 122 7.49 -1.90 7.27
CA ILE A 122 6.16 -2.16 6.71
C ILE A 122 5.04 -1.80 7.69
N MET A 123 4.00 -1.13 7.20
CA MET A 123 2.88 -0.73 8.04
C MET A 123 1.53 -1.00 7.34
N ILE A 124 0.44 -0.94 8.10
CA ILE A 124 -0.90 -1.19 7.54
C ILE A 124 -1.91 -0.12 7.98
N LEU A 125 -2.98 0.06 7.17
CA LEU A 125 -4.00 1.08 7.42
C LEU A 125 -4.92 0.79 8.61
N GLU A 126 -5.21 1.83 9.38
CA GLU A 126 -6.14 1.73 10.49
C GLU A 126 -7.56 1.89 9.94
N ARG A 127 -7.68 2.78 8.96
CA ARG A 127 -8.95 3.05 8.28
C ARG A 127 -8.81 2.68 6.81
N GLY A 128 -7.65 3.00 6.25
CA GLY A 128 -7.38 2.67 4.87
C GLY A 128 -8.05 3.56 3.87
N PHE A 129 -9.15 3.07 3.32
CA PHE A 129 -9.87 3.82 2.30
C PHE A 129 -11.36 3.49 2.28
N ASN A 130 -11.82 2.66 3.21
CA ASN A 130 -13.23 2.29 3.26
C ASN A 130 -14.09 3.50 3.60
N GLY A 131 -13.73 4.18 4.68
CA GLY A 131 -14.46 5.35 5.10
C GLY A 131 -14.31 6.50 4.12
N TRP A 132 -13.12 6.61 3.53
CA TRP A 132 -12.83 7.68 2.58
C TRP A 132 -13.66 7.52 1.31
N GLU A 133 -13.59 6.36 0.68
CA GLU A 133 -14.35 6.14 -0.54
C GLU A 133 -15.85 6.09 -0.25
N ALA A 134 -16.19 5.27 0.74
CA ALA A 134 -17.58 5.03 1.13
C ALA A 134 -18.29 6.22 1.78
N SER A 135 -17.66 6.82 2.78
CA SER A 135 -18.31 7.89 3.52
C SER A 135 -18.18 9.28 2.92
N GLY A 136 -16.95 9.70 2.70
CA GLY A 136 -16.75 11.03 2.16
C GLY A 136 -16.42 11.03 0.69
N LYS A 137 -15.98 9.88 0.23
CA LYS A 137 -15.60 9.70 -1.17
C LYS A 137 -14.48 10.66 -1.64
N PRO A 138 -13.69 11.33 -0.75
CA PRO A 138 -12.61 12.24 -1.21
C PRO A 138 -11.52 11.49 -1.95
N VAL A 139 -11.81 11.11 -3.19
CA VAL A 139 -10.85 10.37 -4.00
C VAL A 139 -9.99 11.33 -4.82
N CYS A 140 -8.74 10.91 -5.08
CA CYS A 140 -7.79 11.72 -5.86
C CYS A 140 -8.50 12.79 -6.68
N ARG A 141 -8.07 14.05 -6.54
CA ARG A 141 -8.67 15.15 -7.28
C ARG A 141 -8.77 14.80 -8.76
N CYS A 142 -9.85 14.14 -9.13
CA CYS A 142 -10.04 13.72 -10.52
C CYS A 142 -11.07 14.57 -11.24
N ALA A 143 -11.32 14.21 -12.49
CA ALA A 143 -12.27 14.90 -13.33
C ALA A 143 -12.59 14.04 -14.54
N GLU A 144 -11.61 13.25 -14.98
CA GLU A 144 -11.80 12.40 -16.12
C GLU A 144 -10.68 11.35 -16.27
N VAL A 145 -9.81 11.56 -17.25
CA VAL A 145 -8.70 10.64 -17.53
C VAL A 145 -7.50 10.87 -16.62
N PRO A 146 -7.27 12.10 -16.12
CA PRO A 146 -6.13 12.38 -15.24
C PRO A 146 -6.41 12.00 -13.79
N CYS A 147 -7.47 11.24 -13.57
CA CYS A 147 -7.86 10.80 -12.23
C CYS A 147 -6.78 9.94 -11.60
N LYS A 148 -5.70 10.56 -11.09
CA LYS A 148 -4.65 9.79 -10.44
C LYS A 148 -3.36 10.59 -10.19
N GLY A 149 -2.90 10.56 -8.95
CA GLY A 149 -1.63 11.15 -8.62
C GLY A 149 -0.59 10.16 -9.04
N ASP A 150 -0.84 8.93 -8.60
CA ASP A 150 -0.03 7.77 -8.93
C ASP A 150 -0.95 6.55 -9.12
N CYS A 151 -0.93 6.00 -10.32
CA CYS A 151 -1.74 4.83 -10.66
C CYS A 151 -1.47 4.39 -12.10
N ALA A 152 -1.19 5.36 -12.97
CA ALA A 152 -0.91 5.08 -14.36
C ALA A 152 0.55 5.36 -14.71
N MET A 21 -0.69 -1.22 21.84
CA MET A 21 -0.79 0.18 21.36
C MET A 21 0.55 0.90 21.45
N ALA A 22 1.63 0.17 21.22
CA ALA A 22 2.97 0.74 21.29
C ALA A 22 4.03 -0.25 20.83
N MET A 23 5.25 0.24 20.65
CA MET A 23 6.35 -0.61 20.21
C MET A 23 6.08 -1.20 18.84
N ALA A 24 6.81 -0.72 17.84
CA ALA A 24 6.64 -1.21 16.47
C ALA A 24 7.63 -2.35 16.17
N ARG A 25 7.09 -3.48 15.74
CA ARG A 25 7.93 -4.64 15.42
C ARG A 25 7.72 -5.06 13.96
N SER A 26 8.76 -4.90 13.16
CA SER A 26 8.69 -5.26 11.74
C SER A 26 7.64 -4.43 11.02
N ILE A 27 6.39 -4.88 11.08
CA ILE A 27 5.28 -4.17 10.43
C ILE A 27 4.57 -3.28 11.43
N SER A 28 4.10 -2.13 10.97
CA SER A 28 3.39 -1.20 11.84
C SER A 28 2.27 -0.48 11.12
N TYR A 29 1.14 -0.35 11.79
CA TYR A 29 -0.02 0.33 11.24
C TYR A 29 -0.06 1.76 11.76
N ILE A 30 -0.30 2.73 10.88
CA ILE A 30 -0.34 4.13 11.32
C ILE A 30 -1.64 4.81 10.93
N THR A 31 -2.22 5.55 11.87
CA THR A 31 -3.46 6.27 11.63
C THR A 31 -3.15 7.71 11.21
N SER A 32 -4.19 8.43 10.77
CA SER A 32 -4.04 9.82 10.32
C SER A 32 -3.10 10.62 11.23
N THR A 33 -3.57 10.91 12.44
CA THR A 33 -2.77 11.67 13.40
C THR A 33 -1.50 10.94 13.77
N GLN A 34 -1.56 9.61 13.85
CA GLN A 34 -0.38 8.84 14.19
C GLN A 34 0.75 9.14 13.22
N LEU A 35 0.40 9.76 12.10
CA LEU A 35 1.40 10.15 11.12
C LEU A 35 2.17 11.37 11.62
N LEU A 36 1.52 12.20 12.45
CA LEU A 36 2.17 13.40 12.98
C LEU A 36 3.33 13.07 13.95
N PRO A 37 3.08 12.24 14.97
CA PRO A 37 4.10 11.87 15.98
C PRO A 37 5.45 11.51 15.39
N LEU A 38 5.47 10.82 14.25
CA LEU A 38 6.73 10.43 13.62
C LEU A 38 7.27 11.52 12.71
N HIS A 39 6.75 12.73 12.85
CA HIS A 39 7.21 13.86 12.04
C HIS A 39 6.98 13.61 10.55
N ARG A 40 6.11 12.65 10.23
CA ARG A 40 5.81 12.33 8.83
C ARG A 40 7.09 11.98 8.07
N ARG A 41 7.81 10.96 8.57
CA ARG A 41 9.06 10.54 7.94
C ARG A 41 8.88 10.31 6.44
N PRO A 42 9.87 10.72 5.63
CA PRO A 42 9.83 10.54 4.18
C PRO A 42 10.06 9.09 3.79
N ASN A 43 10.58 8.87 2.58
CA ASN A 43 10.85 7.52 2.12
C ASN A 43 9.58 6.68 2.11
N ILE A 44 8.42 7.34 2.06
CA ILE A 44 7.14 6.64 2.11
C ILE A 44 6.39 6.57 0.78
N ALA A 45 5.72 5.45 0.58
CA ALA A 45 4.89 5.19 -0.61
C ALA A 45 3.88 4.11 -0.25
N ILE A 46 2.68 4.18 -0.82
CA ILE A 46 1.65 3.20 -0.51
C ILE A 46 1.44 2.14 -1.60
N ILE A 47 1.48 0.87 -1.19
CA ILE A 47 1.29 -0.25 -2.11
C ILE A 47 -0.16 -0.73 -2.11
N ASP A 48 -0.69 -0.97 -3.30
CA ASP A 48 -2.05 -1.47 -3.45
C ASP A 48 -2.10 -2.56 -4.53
N VAL A 49 -2.85 -3.62 -4.25
CA VAL A 49 -2.98 -4.72 -5.19
C VAL A 49 -4.32 -5.45 -5.01
N ARG A 50 -4.86 -5.98 -6.10
CA ARG A 50 -6.14 -6.69 -6.03
C ARG A 50 -6.28 -7.67 -7.18
N ASP A 51 -6.49 -7.15 -8.39
CA ASP A 51 -6.65 -7.98 -9.58
C ASP A 51 -7.33 -7.18 -10.69
N GLU A 52 -8.64 -6.99 -10.56
CA GLU A 52 -9.40 -6.23 -11.55
C GLU A 52 -9.95 -4.95 -10.94
N GLU A 53 -9.23 -4.42 -9.95
CA GLU A 53 -9.64 -3.20 -9.27
C GLU A 53 -9.53 -1.99 -10.20
N ARG A 54 -8.87 -2.16 -11.34
CA ARG A 54 -8.72 -1.09 -12.30
C ARG A 54 -10.08 -0.62 -12.78
N ASN A 55 -11.07 -1.50 -12.65
CA ASN A 55 -12.42 -1.18 -13.06
C ASN A 55 -13.03 -0.15 -12.10
N TYR A 56 -12.69 -0.28 -10.83
CA TYR A 56 -13.19 0.64 -9.81
C TYR A 56 -12.31 1.88 -9.75
N ASP A 57 -11.03 1.71 -10.05
CA ASP A 57 -10.07 2.82 -10.05
C ASP A 57 -9.73 3.26 -8.63
N GLY A 58 -10.08 2.44 -7.64
CA GLY A 58 -9.79 2.79 -6.25
C GLY A 58 -8.36 3.23 -6.04
N HIS A 59 -8.13 4.55 -6.11
CA HIS A 59 -6.79 5.11 -5.92
C HIS A 59 -6.74 6.59 -6.27
N ILE A 60 -7.53 7.42 -5.58
CA ILE A 60 -7.53 8.85 -5.85
C ILE A 60 -6.12 9.41 -5.64
N ALA A 61 -5.56 9.14 -4.47
CA ALA A 61 -4.21 9.58 -4.13
C ALA A 61 -3.18 8.49 -4.40
N GLY A 62 -2.24 8.76 -5.30
CA GLY A 62 -1.18 7.84 -5.63
C GLY A 62 -1.49 6.38 -5.36
N SER A 63 -0.64 5.76 -4.55
CA SER A 63 -0.80 4.36 -4.20
C SER A 63 -0.72 3.49 -5.45
N LEU A 64 0.35 2.71 -5.57
CA LEU A 64 0.53 1.85 -6.74
C LEU A 64 -0.46 0.69 -6.72
N HIS A 65 -1.41 0.72 -7.65
CA HIS A 65 -2.42 -0.34 -7.74
C HIS A 65 -2.11 -1.28 -8.91
N TYR A 66 -2.27 -2.58 -8.68
CA TYR A 66 -2.01 -3.55 -9.73
C TYR A 66 -2.68 -4.90 -9.43
N ALA A 67 -2.75 -5.74 -10.46
CA ALA A 67 -3.38 -7.05 -10.36
C ALA A 67 -2.37 -8.13 -9.99
N SER A 68 -2.77 -9.39 -10.16
CA SER A 68 -1.91 -10.52 -9.85
C SER A 68 -1.34 -11.11 -11.15
N GLY A 69 -1.35 -10.31 -12.20
CA GLY A 69 -0.82 -10.74 -13.47
C GLY A 69 0.66 -10.46 -13.56
N SER A 70 1.08 -9.38 -12.90
CA SER A 70 2.47 -8.99 -12.87
C SER A 70 3.05 -9.15 -11.47
N PHE A 71 2.28 -9.79 -10.59
CA PHE A 71 2.74 -10.02 -9.23
C PHE A 71 3.96 -10.93 -9.23
N ASP A 72 4.26 -11.51 -10.39
CA ASP A 72 5.40 -12.39 -10.51
C ASP A 72 6.55 -11.68 -11.22
N ASP A 73 6.55 -10.35 -11.16
CA ASP A 73 7.59 -9.56 -11.80
C ASP A 73 8.10 -8.44 -10.90
N LYS A 74 7.46 -8.21 -9.75
CA LYS A 74 7.90 -7.15 -8.84
C LYS A 74 8.33 -7.71 -7.49
N ILE A 75 8.53 -9.02 -7.45
CA ILE A 75 8.95 -9.69 -6.24
C ILE A 75 10.45 -9.54 -6.06
N SER A 76 11.17 -10.00 -7.06
CA SER A 76 12.62 -9.89 -7.07
C SER A 76 13.02 -8.42 -7.15
N HIS A 77 12.02 -7.61 -7.44
CA HIS A 77 12.18 -6.19 -7.54
C HIS A 77 12.36 -5.59 -6.17
N LEU A 78 11.44 -5.93 -5.27
CA LEU A 78 11.53 -5.45 -3.91
C LEU A 78 12.79 -5.99 -3.27
N VAL A 79 13.18 -7.18 -3.75
CA VAL A 79 14.40 -7.82 -3.29
C VAL A 79 15.62 -7.07 -3.82
N GLN A 80 15.51 -6.58 -5.06
CA GLN A 80 16.60 -5.87 -5.71
C GLN A 80 16.34 -4.37 -5.82
N ASN A 81 15.47 -3.84 -4.97
CA ASN A 81 15.16 -2.42 -5.02
C ASN A 81 14.95 -1.82 -3.63
N VAL A 82 15.81 -2.20 -2.69
CA VAL A 82 15.73 -1.66 -1.32
C VAL A 82 16.01 -0.16 -1.34
N LYS A 83 17.06 0.23 -2.06
CA LYS A 83 17.44 1.63 -2.18
C LYS A 83 17.60 2.32 -0.83
N ASP A 84 17.71 1.54 0.24
CA ASP A 84 17.87 2.11 1.57
C ASP A 84 16.64 2.91 1.97
N LYS A 85 16.43 4.03 1.29
CA LYS A 85 15.29 4.90 1.56
C LYS A 85 14.03 4.36 0.91
N ASP A 86 13.33 3.53 1.64
CA ASP A 86 12.08 2.97 1.15
C ASP A 86 11.15 2.53 2.28
N THR A 87 10.00 3.18 2.33
CA THR A 87 8.96 2.86 3.29
C THR A 87 7.70 2.54 2.52
N LEU A 88 7.05 1.43 2.81
CA LEU A 88 5.84 1.09 2.07
C LEU A 88 4.67 0.77 2.97
N VAL A 89 3.53 1.40 2.70
CA VAL A 89 2.33 1.15 3.46
C VAL A 89 1.28 0.60 2.52
N PHE A 90 0.71 -0.55 2.83
CA PHE A 90 -0.28 -1.11 1.91
C PHE A 90 -1.69 -0.86 2.38
N HIS A 91 -2.61 -0.85 1.41
CA HIS A 91 -4.04 -0.61 1.64
C HIS A 91 -4.60 0.22 0.46
N SER A 92 -5.40 1.26 0.72
CA SER A 92 -5.95 2.09 -0.35
C SER A 92 -6.86 1.27 -1.27
N ALA A 93 -7.25 0.08 -0.83
CA ALA A 93 -8.12 -0.77 -1.62
C ALA A 93 -8.42 -2.07 -0.88
N LEU A 94 -8.51 -1.98 0.44
CA LEU A 94 -8.79 -3.15 1.26
C LEU A 94 -9.92 -2.84 2.24
N SER A 95 -9.57 -2.27 3.40
CA SER A 95 -10.55 -1.90 4.43
C SER A 95 -9.98 -2.03 5.85
N GLN A 96 -8.65 -2.01 5.98
CA GLN A 96 -8.00 -2.13 7.28
C GLN A 96 -8.00 -3.59 7.77
N VAL A 97 -8.94 -4.38 7.27
CA VAL A 97 -9.03 -5.79 7.64
C VAL A 97 -8.44 -6.66 6.55
N ARG A 98 -8.60 -6.23 5.31
CA ARG A 98 -8.07 -6.93 4.15
C ARG A 98 -6.58 -6.66 3.99
N GLY A 99 -6.11 -5.53 4.53
CA GLY A 99 -4.70 -5.18 4.45
C GLY A 99 -3.81 -6.41 4.60
N PRO A 100 -4.05 -7.23 5.63
CA PRO A 100 -3.30 -8.46 5.85
C PRO A 100 -3.34 -9.32 4.59
N THR A 101 -4.48 -9.28 3.90
CA THR A 101 -4.63 -10.01 2.65
C THR A 101 -3.58 -9.50 1.68
N CYS A 102 -3.29 -8.20 1.77
CA CYS A 102 -2.26 -7.59 0.94
C CYS A 102 -0.94 -8.27 1.31
N ALA A 103 -0.79 -8.53 2.61
CA ALA A 103 0.38 -9.24 3.10
C ALA A 103 0.40 -10.61 2.46
N ARG A 104 -0.80 -11.15 2.22
CA ARG A 104 -0.94 -12.43 1.56
C ARG A 104 -0.23 -12.33 0.21
N ARG A 105 -0.29 -11.14 -0.39
CA ARG A 105 0.39 -10.90 -1.64
C ARG A 105 1.86 -11.14 -1.43
N LEU A 106 2.40 -10.63 -0.31
CA LEU A 106 3.80 -10.86 0.01
C LEU A 106 4.02 -12.38 0.12
N VAL A 107 2.95 -13.12 0.42
CA VAL A 107 3.05 -14.56 0.47
C VAL A 107 3.37 -15.02 -0.95
N ASN A 108 2.79 -14.33 -1.93
CA ASN A 108 3.08 -14.62 -3.33
C ASN A 108 4.56 -14.35 -3.57
N TYR A 109 5.11 -13.44 -2.76
CA TYR A 109 6.52 -13.05 -2.84
C TYR A 109 7.40 -14.23 -2.42
N LEU A 110 7.23 -14.66 -1.17
CA LEU A 110 7.97 -15.81 -0.67
C LEU A 110 7.72 -16.99 -1.60
N ASP A 111 6.52 -16.99 -2.17
CA ASP A 111 6.12 -18.02 -3.10
C ASP A 111 6.91 -17.87 -4.39
N GLU A 112 7.20 -16.62 -4.77
CA GLU A 112 7.98 -16.37 -5.97
C GLU A 112 9.31 -17.09 -5.87
N LYS A 113 10.07 -16.80 -4.81
CA LYS A 113 11.37 -17.46 -4.62
C LYS A 113 12.21 -16.80 -3.53
N LYS A 114 11.60 -16.26 -2.49
CA LYS A 114 12.37 -15.63 -1.41
C LYS A 114 11.47 -14.92 -0.40
N GLU A 115 11.72 -15.18 0.88
CA GLU A 115 10.97 -14.56 1.96
C GLU A 115 11.71 -13.33 2.47
N ASP A 116 11.12 -12.16 2.26
CA ASP A 116 11.72 -10.92 2.71
C ASP A 116 10.77 -9.74 2.52
N THR A 117 11.25 -8.54 2.80
CA THR A 117 10.44 -7.34 2.68
C THR A 117 11.08 -6.36 1.68
N GLY A 118 12.32 -5.98 1.96
CA GLY A 118 13.01 -5.06 1.08
C GLY A 118 12.84 -3.61 1.52
N ILE A 119 11.64 -3.29 1.97
CA ILE A 119 11.33 -1.93 2.42
C ILE A 119 12.09 -1.59 3.70
N LYS A 120 12.57 -0.36 3.78
CA LYS A 120 13.25 0.08 4.97
C LYS A 120 12.31 -0.04 6.15
N ASN A 121 11.01 0.16 5.88
CA ASN A 121 9.98 0.05 6.90
C ASN A 121 8.62 -0.31 6.30
N ILE A 122 8.05 -1.41 6.78
CA ILE A 122 6.75 -1.89 6.32
C ILE A 122 5.65 -1.39 7.26
N MET A 123 4.67 -0.67 6.72
CA MET A 123 3.58 -0.11 7.51
C MET A 123 2.24 -0.19 6.79
N ILE A 124 1.17 0.17 7.49
CA ILE A 124 -0.17 0.15 6.90
C ILE A 124 -0.69 1.58 6.71
N LEU A 125 -1.54 1.73 5.69
CA LEU A 125 -2.09 3.04 5.32
C LEU A 125 -3.13 3.55 6.31
N GLU A 126 -2.83 4.72 6.89
CA GLU A 126 -3.72 5.40 7.85
C GLU A 126 -5.17 5.44 7.35
N ARG A 127 -5.71 6.65 7.17
CA ARG A 127 -7.09 6.81 6.72
C ARG A 127 -7.37 5.90 5.52
N GLY A 128 -6.40 5.81 4.61
CA GLY A 128 -6.56 4.99 3.43
C GLY A 128 -7.93 5.12 2.81
N PHE A 129 -8.55 6.27 3.01
CA PHE A 129 -9.88 6.54 2.48
C PHE A 129 -10.88 5.48 2.96
N ASN A 130 -10.76 5.11 4.23
CA ASN A 130 -11.66 4.12 4.81
C ASN A 130 -13.09 4.65 4.88
N GLY A 131 -13.23 5.84 5.45
CA GLY A 131 -14.52 6.47 5.56
C GLY A 131 -15.06 6.87 4.21
N TRP A 132 -14.16 7.30 3.32
CA TRP A 132 -14.55 7.74 1.98
C TRP A 132 -15.08 6.57 1.16
N GLU A 133 -14.31 5.50 1.09
CA GLU A 133 -14.70 4.32 0.35
C GLU A 133 -15.91 3.68 1.03
N ALA A 134 -15.77 3.47 2.33
CA ALA A 134 -16.84 2.88 3.13
C ALA A 134 -18.08 3.77 3.09
N SER A 135 -17.86 5.08 3.12
CA SER A 135 -18.96 6.05 3.07
C SER A 135 -20.02 5.64 2.06
N GLY A 136 -19.60 4.92 1.02
CA GLY A 136 -20.52 4.49 -0.01
C GLY A 136 -20.24 5.19 -1.31
N LYS A 137 -19.62 6.36 -1.23
CA LYS A 137 -19.30 7.15 -2.42
C LYS A 137 -18.08 6.56 -3.13
N PRO A 138 -17.96 6.80 -4.45
CA PRO A 138 -16.84 6.28 -5.25
C PRO A 138 -15.49 6.77 -4.75
N VAL A 139 -14.42 6.30 -5.41
CA VAL A 139 -13.06 6.67 -5.04
C VAL A 139 -12.22 6.93 -6.30
N CYS A 140 -11.26 7.85 -6.20
CA CYS A 140 -10.41 8.17 -7.34
C CYS A 140 -11.22 8.60 -8.56
N ARG A 141 -11.68 7.63 -9.36
CA ARG A 141 -12.44 7.91 -10.57
C ARG A 141 -11.55 8.58 -11.61
N CYS A 142 -10.27 8.19 -11.61
CA CYS A 142 -9.31 8.75 -12.55
C CYS A 142 -9.25 7.95 -13.85
N ALA A 143 -8.15 8.12 -14.55
CA ALA A 143 -7.89 7.43 -15.81
C ALA A 143 -6.75 8.09 -16.56
N GLU A 144 -5.79 8.66 -15.83
CA GLU A 144 -4.65 9.33 -16.45
C GLU A 144 -3.77 10.01 -15.41
N VAL A 145 -2.84 10.84 -15.88
CA VAL A 145 -1.91 11.57 -15.02
C VAL A 145 -2.60 12.15 -13.77
N PRO A 146 -3.78 12.80 -13.94
CA PRO A 146 -4.52 13.42 -12.83
C PRO A 146 -4.45 12.62 -11.53
N CYS A 147 -4.26 11.30 -11.63
CA CYS A 147 -4.17 10.46 -10.43
C CYS A 147 -2.97 10.87 -9.57
N LYS A 148 -3.17 11.93 -8.79
CA LYS A 148 -2.14 12.47 -7.91
C LYS A 148 -1.91 11.57 -6.74
N GLY A 149 -0.81 11.84 -6.06
CA GLY A 149 -0.58 11.21 -4.77
C GLY A 149 -1.40 12.08 -3.86
N ASP A 150 -2.67 12.15 -4.24
CA ASP A 150 -3.63 13.06 -3.64
C ASP A 150 -5.01 12.46 -3.44
N CYS A 151 -5.59 12.92 -2.37
CA CYS A 151 -6.92 12.52 -1.95
C CYS A 151 -7.99 13.22 -2.78
N ALA A 152 -7.68 14.43 -3.24
CA ALA A 152 -8.61 15.20 -4.05
C ALA A 152 -9.93 15.41 -3.30
N MET A 21 -1.51 0.97 24.01
CA MET A 21 -0.06 0.69 24.25
C MET A 21 0.68 0.44 22.94
N ALA A 22 2.00 0.37 23.02
CA ALA A 22 2.82 0.14 21.83
C ALA A 22 4.28 -0.04 22.20
N MET A 23 5.02 -0.75 21.35
CA MET A 23 6.44 -1.00 21.57
C MET A 23 7.12 -1.40 20.26
N ALA A 24 8.22 -0.73 19.94
CA ALA A 24 8.95 -1.01 18.71
C ALA A 24 8.10 -0.69 17.50
N ARG A 25 8.65 0.10 16.57
CA ARG A 25 7.91 0.48 15.37
C ARG A 25 8.61 0.01 14.10
N SER A 26 8.58 -1.30 13.87
CA SER A 26 9.18 -1.89 12.68
C SER A 26 8.08 -2.28 11.70
N ILE A 27 7.45 -3.41 11.96
CA ILE A 27 6.35 -3.89 11.14
C ILE A 27 5.05 -3.75 11.93
N SER A 28 4.40 -2.61 11.76
CA SER A 28 3.18 -2.32 12.49
C SER A 28 2.23 -1.45 11.69
N TYR A 29 1.02 -1.28 12.19
CA TYR A 29 0.03 -0.48 11.50
C TYR A 29 -0.33 0.76 12.29
N ILE A 30 -0.80 1.80 11.61
CA ILE A 30 -1.12 3.05 12.29
C ILE A 30 -2.37 3.73 11.73
N THR A 31 -2.94 4.63 12.54
CA THR A 31 -4.14 5.37 12.15
C THR A 31 -3.77 6.66 11.41
N SER A 32 -4.77 7.33 10.83
CA SER A 32 -4.55 8.57 10.09
C SER A 32 -3.49 9.46 10.74
N THR A 33 -3.90 10.15 11.81
CA THR A 33 -2.98 11.05 12.52
C THR A 33 -1.80 10.30 13.09
N GLN A 34 -2.03 9.08 13.57
CA GLN A 34 -0.93 8.29 14.13
C GLN A 34 0.16 8.13 13.07
N LEU A 35 -0.23 8.31 11.81
CA LEU A 35 0.69 8.23 10.70
C LEU A 35 1.56 9.48 10.61
N LEU A 36 1.08 10.61 11.17
CA LEU A 36 1.86 11.85 11.10
C LEU A 36 3.23 11.68 11.75
N PRO A 37 3.28 11.22 13.02
CA PRO A 37 4.55 11.01 13.73
C PRO A 37 5.28 9.76 13.26
N LEU A 38 4.53 8.69 13.04
CA LEU A 38 5.11 7.42 12.59
C LEU A 38 5.55 7.49 11.13
N HIS A 39 5.08 8.51 10.42
CA HIS A 39 5.42 8.69 9.01
C HIS A 39 6.88 8.34 8.74
N ARG A 40 7.74 8.74 9.66
CA ARG A 40 9.17 8.46 9.54
C ARG A 40 9.72 9.00 8.22
N ARG A 41 9.57 10.29 8.01
CA ARG A 41 10.06 10.93 6.79
C ARG A 41 9.35 10.33 5.57
N PRO A 42 9.70 10.77 4.35
CA PRO A 42 9.08 10.27 3.12
C PRO A 42 9.23 8.76 2.98
N ASN A 43 9.71 8.28 1.84
CA ASN A 43 9.89 6.85 1.60
C ASN A 43 8.62 6.07 1.97
N ILE A 44 7.45 6.73 1.94
CA ILE A 44 6.20 6.06 2.29
C ILE A 44 5.22 5.97 1.13
N ALA A 45 4.61 4.79 1.00
CA ALA A 45 3.61 4.53 -0.03
C ALA A 45 2.72 3.37 0.38
N ILE A 46 1.47 3.37 -0.08
CA ILE A 46 0.53 2.32 0.27
C ILE A 46 0.29 1.33 -0.89
N ILE A 47 0.32 0.05 -0.55
CA ILE A 47 0.10 -1.02 -1.53
C ILE A 47 -1.37 -1.44 -1.54
N ASP A 48 -1.88 -1.73 -2.73
CA ASP A 48 -3.27 -2.16 -2.89
C ASP A 48 -3.34 -3.39 -3.80
N VAL A 49 -4.14 -4.37 -3.38
CA VAL A 49 -4.28 -5.61 -4.16
C VAL A 49 -5.65 -5.69 -4.82
N ARG A 50 -5.76 -5.13 -6.03
CA ARG A 50 -7.01 -5.14 -6.76
C ARG A 50 -6.90 -6.02 -8.02
N ASP A 51 -6.60 -5.39 -9.16
CA ASP A 51 -6.47 -6.10 -10.43
C ASP A 51 -6.62 -5.13 -11.60
N GLU A 52 -7.84 -4.65 -11.80
CA GLU A 52 -8.14 -3.72 -12.87
C GLU A 52 -8.74 -2.43 -12.31
N GLU A 53 -8.34 -2.07 -11.09
CA GLU A 53 -8.82 -0.86 -10.45
C GLU A 53 -8.55 0.36 -11.32
N ARG A 54 -7.64 0.22 -12.27
CA ARG A 54 -7.32 1.31 -13.18
C ARG A 54 -8.57 1.68 -13.97
N ASN A 55 -9.42 0.69 -14.19
CA ASN A 55 -10.66 0.90 -14.91
C ASN A 55 -11.74 1.39 -13.95
N TYR A 56 -11.63 0.98 -12.69
CA TYR A 56 -12.59 1.39 -11.66
C TYR A 56 -12.58 2.90 -11.49
N ASP A 57 -11.44 3.52 -11.83
CA ASP A 57 -11.24 4.97 -11.75
C ASP A 57 -10.51 5.37 -10.47
N GLY A 58 -10.43 4.45 -9.51
CA GLY A 58 -9.76 4.74 -8.26
C GLY A 58 -8.32 5.20 -8.46
N HIS A 59 -8.06 6.47 -8.16
CA HIS A 59 -6.71 7.02 -8.31
C HIS A 59 -6.46 8.32 -7.52
N ILE A 60 -7.38 8.74 -6.65
CA ILE A 60 -7.14 9.95 -5.85
C ILE A 60 -6.25 9.57 -4.67
N ALA A 61 -5.43 8.58 -4.94
CA ALA A 61 -4.46 8.00 -4.02
C ALA A 61 -3.17 7.66 -4.76
N GLY A 62 -2.04 7.81 -4.09
CA GLY A 62 -0.77 7.51 -4.72
C GLY A 62 -0.45 6.03 -4.69
N SER A 63 -1.07 5.29 -3.77
CA SER A 63 -0.87 3.85 -3.63
C SER A 63 -0.82 3.16 -4.99
N LEU A 64 -0.36 1.91 -4.99
CA LEU A 64 -0.28 1.13 -6.22
C LEU A 64 -1.15 -0.11 -6.17
N HIS A 65 -2.13 -0.17 -7.08
CA HIS A 65 -3.05 -1.31 -7.13
C HIS A 65 -2.59 -2.33 -8.15
N TYR A 66 -2.83 -3.62 -7.86
CA TYR A 66 -2.44 -4.69 -8.76
C TYR A 66 -3.12 -6.01 -8.39
N ALA A 67 -2.80 -7.07 -9.13
CA ALA A 67 -3.39 -8.39 -8.89
C ALA A 67 -2.47 -9.26 -8.03
N SER A 68 -2.77 -10.55 -7.99
CA SER A 68 -1.99 -11.50 -7.21
C SER A 68 -1.54 -12.67 -8.07
N GLY A 69 -1.39 -12.43 -9.36
CA GLY A 69 -0.94 -13.46 -10.28
C GLY A 69 0.56 -13.41 -10.43
N SER A 70 1.10 -12.22 -10.28
CA SER A 70 2.53 -11.99 -10.37
C SER A 70 2.98 -11.12 -9.20
N PHE A 71 2.23 -11.21 -8.11
CA PHE A 71 2.52 -10.44 -6.90
C PHE A 71 3.91 -10.76 -6.38
N ASP A 72 4.50 -11.85 -6.86
CA ASP A 72 5.84 -12.21 -6.44
C ASP A 72 6.86 -11.71 -7.44
N ASP A 73 6.42 -10.86 -8.35
CA ASP A 73 7.29 -10.28 -9.37
C ASP A 73 7.37 -8.77 -9.21
N LYS A 74 6.65 -8.24 -8.21
CA LYS A 74 6.64 -6.80 -7.96
C LYS A 74 7.66 -6.45 -6.88
N ILE A 75 8.01 -7.45 -6.06
CA ILE A 75 8.97 -7.27 -4.99
C ILE A 75 10.40 -7.51 -5.48
N SER A 76 10.52 -8.19 -6.62
CA SER A 76 11.82 -8.46 -7.25
C SER A 76 12.15 -7.28 -8.10
N HIS A 77 11.07 -6.68 -8.48
CA HIS A 77 11.04 -5.49 -9.28
C HIS A 77 11.48 -4.31 -8.42
N LEU A 78 11.01 -4.33 -7.18
CA LEU A 78 11.37 -3.31 -6.21
C LEU A 78 12.75 -3.63 -5.68
N VAL A 79 13.03 -4.92 -5.57
CA VAL A 79 14.33 -5.39 -5.12
C VAL A 79 15.37 -4.98 -6.17
N GLN A 80 14.96 -5.02 -7.43
CA GLN A 80 15.81 -4.66 -8.55
C GLN A 80 16.15 -3.18 -8.48
N ASN A 81 15.23 -2.40 -7.96
CA ASN A 81 15.43 -0.95 -7.87
C ASN A 81 16.30 -0.60 -6.66
N VAL A 82 16.13 -1.32 -5.55
CA VAL A 82 16.91 -1.09 -4.33
C VAL A 82 17.02 0.39 -4.03
N LYS A 83 15.88 1.06 -3.99
CA LYS A 83 15.82 2.49 -3.70
C LYS A 83 16.22 2.80 -2.26
N ASP A 84 16.38 1.75 -1.45
CA ASP A 84 16.77 1.93 -0.05
C ASP A 84 15.60 2.52 0.75
N LYS A 85 15.25 3.76 0.43
CA LYS A 85 14.16 4.44 1.11
C LYS A 85 12.83 3.90 0.61
N ASP A 86 12.21 3.07 1.41
CA ASP A 86 10.92 2.50 1.04
C ASP A 86 10.11 2.04 2.25
N THR A 87 8.95 2.67 2.41
CA THR A 87 8.01 2.31 3.46
C THR A 87 6.70 1.92 2.78
N LEU A 88 6.14 0.78 3.12
CA LEU A 88 4.92 0.34 2.47
C LEU A 88 3.85 -0.10 3.45
N VAL A 89 2.64 0.43 3.25
CA VAL A 89 1.51 0.05 4.08
C VAL A 89 0.43 -0.47 3.15
N PHE A 90 -0.01 -1.70 3.32
CA PHE A 90 -0.99 -2.27 2.41
C PHE A 90 -2.40 -2.29 2.98
N HIS A 91 -3.37 -2.28 2.06
CA HIS A 91 -4.80 -2.32 2.38
C HIS A 91 -5.61 -1.58 1.30
N SER A 92 -5.78 -0.26 1.47
CA SER A 92 -6.53 0.58 0.54
C SER A 92 -7.20 -0.22 -0.57
N ALA A 93 -8.23 -0.97 -0.20
CA ALA A 93 -8.96 -1.78 -1.18
C ALA A 93 -10.16 -2.45 -0.53
N LEU A 94 -9.98 -2.99 0.68
CA LEU A 94 -11.07 -3.64 1.39
C LEU A 94 -11.12 -3.19 2.85
N SER A 95 -9.96 -3.01 3.48
CA SER A 95 -9.92 -2.58 4.88
C SER A 95 -10.84 -3.41 5.76
N GLN A 96 -11.06 -4.67 5.38
CA GLN A 96 -11.95 -5.55 6.14
C GLN A 96 -11.18 -6.74 6.72
N VAL A 97 -10.22 -7.28 5.96
CA VAL A 97 -9.45 -8.42 6.43
C VAL A 97 -8.38 -8.87 5.41
N ARG A 98 -8.54 -8.50 4.14
CA ARG A 98 -7.59 -8.89 3.11
C ARG A 98 -6.25 -8.19 3.27
N GLY A 99 -6.25 -7.02 3.91
CA GLY A 99 -5.00 -6.29 4.12
C GLY A 99 -3.85 -7.22 4.49
N PRO A 100 -3.99 -7.96 5.62
CA PRO A 100 -2.97 -8.90 6.07
C PRO A 100 -2.70 -9.92 4.97
N THR A 101 -3.74 -10.27 4.21
CA THR A 101 -3.58 -11.20 3.10
C THR A 101 -2.58 -10.62 2.13
N CYS A 102 -2.61 -9.30 1.99
CA CYS A 102 -1.67 -8.60 1.11
C CYS A 102 -0.27 -8.87 1.63
N ALA A 103 -0.13 -8.85 2.95
CA ALA A 103 1.15 -9.12 3.58
C ALA A 103 1.55 -10.56 3.29
N ARG A 104 0.56 -11.43 3.22
CA ARG A 104 0.81 -12.83 2.90
C ARG A 104 1.44 -12.90 1.53
N ARG A 105 1.02 -11.97 0.66
CA ARG A 105 1.57 -11.88 -0.69
C ARG A 105 3.05 -11.56 -0.60
N LEU A 106 3.40 -10.64 0.30
CA LEU A 106 4.81 -10.29 0.49
C LEU A 106 5.56 -11.56 0.87
N VAL A 107 4.91 -12.36 1.69
CA VAL A 107 5.45 -13.64 2.12
C VAL A 107 5.57 -14.57 0.92
N ASN A 108 4.62 -14.46 0.00
CA ASN A 108 4.62 -15.28 -1.21
C ASN A 108 5.90 -15.06 -2.00
N TYR A 109 6.26 -13.80 -2.21
CA TYR A 109 7.48 -13.48 -2.94
C TYR A 109 8.68 -14.04 -2.20
N LEU A 110 8.71 -13.82 -0.87
CA LEU A 110 9.79 -14.33 -0.04
C LEU A 110 9.91 -15.83 -0.26
N ASP A 111 8.76 -16.47 -0.35
CA ASP A 111 8.68 -17.90 -0.60
C ASP A 111 9.14 -18.20 -2.03
N GLU A 112 8.91 -17.24 -2.91
CA GLU A 112 9.29 -17.37 -4.30
C GLU A 112 10.80 -17.59 -4.45
N LYS A 113 11.59 -16.61 -4.03
CA LYS A 113 13.05 -16.72 -4.14
C LYS A 113 13.78 -15.57 -3.47
N LYS A 114 13.40 -15.24 -2.23
CA LYS A 114 14.06 -14.16 -1.51
C LYS A 114 13.44 -13.97 -0.12
N GLU A 115 13.74 -12.83 0.50
CA GLU A 115 13.21 -12.53 1.83
C GLU A 115 12.95 -11.02 1.96
N ASP A 116 12.80 -10.55 3.19
CA ASP A 116 12.55 -9.13 3.45
C ASP A 116 13.58 -8.26 2.73
N THR A 117 13.14 -7.57 1.68
CA THR A 117 14.02 -6.71 0.91
C THR A 117 13.24 -5.61 0.20
N GLY A 118 13.96 -4.62 -0.32
CA GLY A 118 13.32 -3.53 -1.02
C GLY A 118 12.50 -2.64 -0.11
N ILE A 119 11.76 -3.26 0.80
CA ILE A 119 10.94 -2.52 1.75
C ILE A 119 11.72 -2.21 3.01
N LYS A 120 11.52 -1.01 3.53
CA LYS A 120 12.19 -0.58 4.74
C LYS A 120 11.31 -0.82 5.97
N ASN A 121 10.00 -0.63 5.81
CA ASN A 121 9.07 -0.82 6.91
C ASN A 121 7.67 -1.20 6.40
N ILE A 122 7.16 -2.34 6.89
CA ILE A 122 5.84 -2.82 6.50
C ILE A 122 4.79 -2.42 7.54
N MET A 123 3.68 -1.84 7.09
CA MET A 123 2.63 -1.41 7.99
C MET A 123 1.24 -1.64 7.40
N ILE A 124 0.21 -1.55 8.25
CA ILE A 124 -1.17 -1.72 7.78
C ILE A 124 -1.96 -0.43 7.97
N LEU A 125 -2.67 -0.04 6.91
CA LEU A 125 -3.48 1.17 6.90
C LEU A 125 -4.95 0.84 7.17
N GLU A 126 -5.42 1.24 8.34
CA GLU A 126 -6.80 0.98 8.74
C GLU A 126 -7.76 1.95 8.04
N ARG A 127 -7.50 3.25 8.16
CA ARG A 127 -8.35 4.26 7.53
C ARG A 127 -7.89 4.52 6.10
N GLY A 128 -7.63 3.45 5.35
CA GLY A 128 -7.17 3.59 3.99
C GLY A 128 -8.20 4.21 3.06
N PHE A 129 -9.32 3.50 2.84
CA PHE A 129 -10.34 4.01 1.93
C PHE A 129 -11.75 3.88 2.50
N ASN A 130 -11.89 3.38 3.73
CA ASN A 130 -13.21 3.24 4.34
C ASN A 130 -13.82 4.62 4.58
N GLY A 131 -13.05 5.48 5.25
CA GLY A 131 -13.50 6.83 5.52
C GLY A 131 -13.58 7.65 4.26
N TRP A 132 -12.71 7.34 3.31
CA TRP A 132 -12.64 8.06 2.04
C TRP A 132 -13.90 7.83 1.22
N GLU A 133 -14.28 6.57 1.01
CA GLU A 133 -15.47 6.26 0.26
C GLU A 133 -16.72 6.69 1.03
N ALA A 134 -16.79 6.27 2.29
CA ALA A 134 -17.92 6.59 3.16
C ALA A 134 -18.01 8.07 3.52
N SER A 135 -16.90 8.66 3.97
CA SER A 135 -16.91 10.07 4.38
C SER A 135 -16.17 10.98 3.40
N GLY A 136 -15.23 10.43 2.65
CA GLY A 136 -14.47 11.25 1.71
C GLY A 136 -15.13 11.36 0.35
N LYS A 137 -16.45 11.13 0.30
CA LYS A 137 -17.19 11.22 -0.96
C LYS A 137 -16.53 10.34 -2.02
N PRO A 138 -17.03 10.37 -3.28
CA PRO A 138 -16.48 9.55 -4.37
C PRO A 138 -14.94 9.54 -4.40
N VAL A 139 -14.39 8.62 -5.17
CA VAL A 139 -12.95 8.46 -5.30
C VAL A 139 -12.48 8.92 -6.69
N CYS A 140 -11.26 9.46 -6.76
CA CYS A 140 -10.67 9.96 -8.02
C CYS A 140 -11.71 10.59 -8.96
N ARG A 141 -12.35 9.74 -9.78
CA ARG A 141 -13.36 10.16 -10.77
C ARG A 141 -12.71 10.24 -12.16
N CYS A 142 -11.45 10.66 -12.18
CA CYS A 142 -10.67 10.77 -13.41
C CYS A 142 -11.16 11.93 -14.29
N ALA A 143 -10.59 12.00 -15.48
CA ALA A 143 -10.93 13.03 -16.44
C ALA A 143 -10.11 12.72 -17.68
N GLU A 144 -8.86 12.32 -17.43
CA GLU A 144 -7.92 11.93 -18.46
C GLU A 144 -6.49 12.09 -17.99
N VAL A 145 -6.16 13.26 -17.45
CA VAL A 145 -4.81 13.49 -16.94
C VAL A 145 -4.37 12.29 -16.13
N PRO A 146 -3.05 12.11 -15.91
CA PRO A 146 -2.54 10.96 -15.15
C PRO A 146 -3.09 10.92 -13.73
N CYS A 147 -4.42 10.77 -13.61
CA CYS A 147 -5.09 10.72 -12.31
C CYS A 147 -4.33 11.50 -11.23
N LYS A 148 -3.76 10.81 -10.23
CA LYS A 148 -2.99 11.51 -9.19
C LYS A 148 -1.72 10.80 -8.80
N GLY A 149 -1.83 9.54 -8.37
CA GLY A 149 -0.65 8.89 -7.84
C GLY A 149 -0.35 9.70 -6.61
N ASP A 150 -1.46 10.22 -6.09
CA ASP A 150 -1.51 11.06 -4.94
C ASP A 150 -2.74 10.72 -4.12
N CYS A 151 -2.60 10.82 -2.82
CA CYS A 151 -3.66 10.54 -1.88
C CYS A 151 -3.92 11.74 -0.97
N ALA A 152 -4.60 12.74 -1.52
CA ALA A 152 -4.91 13.95 -0.76
C ALA A 152 -6.00 13.68 0.27
#